data_8SEW
#
_entry.id   8SEW
#
loop_
_entity.id
_entity.type
_entity.pdbx_description
1 polymer 'Ryanodine receptor 1'
2 non-polymer "ADENOSINE-5'-DIPHOSPHATE"
3 non-polymer 'ZINC ION'
#
_entity_poly.entity_id   1
_entity_poly.type   'polypeptide(L)'
_entity_poly.pdbx_seq_one_letter_code
;MGDGGEGEDEVQFLRTDDEVVLQCSATVLKEQLKLCLAAEGFGNRLCFLEPTSNAQNVPPDLAICCFTLEQSLSVRALQE
MLANTVEAGVESSQGGGHRTLLYGHAILLRHAHSRMYLSCLTTSRSMTDKLAFDVGLQEDATGEACWWTMHPASKQRSEG
EKVRVGDDLILVSVSSERYLHLSTASGELQVDASFMQTLWNMNPICSCCEEGYVTGGHVLRLFHGHMDECLTISAADSDD
QRRLVYYEGGAVCTHARSLWRLEPLRISWSGSHLRWGQPLRIRHVTTGRYLALTEDQGLVVVDACKAHTKATSFCFRVSK
EKLDTAPKRDVEGMGPPEIKYGESLCFVQHVASGLWLTYAAPDPKALRLGVLKKKAILHQEGHMDDALFLTRCQQEESQA
ARMIHSTAGLYNQFIKGLDSFSGKPRGSGPPAGPALPIEAVILSLQDLIGYFEPPSEELQHEEKQSKLRSLRNRQSLFQE
EGMLSLVLNCIDRLNVYTTAAHFAEYAGEEAAESWKEIVNLLYELLASLIRGNRANCALFSTNLDWVVSKLDRLEASSGI
LEVLYCVLIESPEVLNIIQENHIKSIISLLDKHGRNHKVLDVLCSLCVCNGVAVRSNQDLITENLLPGRELLLQTNLINY
VTSIRPNIFVGRAEGSTQYGKWYFEVMVDEVVPFLTAQATHLRVGWALTEGYSPYPGGGEGWGGNGVGDDLYSYGFDGLH
LWTGHVARPVTSPGQHLLAPEDVVSCCLDLSVPSISFRINGCPVQGVFEAFNLDGLFFPVVSFSAGVKVRFLLGGRHGEF
KFLPPPGYAPCHEAVLPRERLRLEPIKEYRREGPRGPHLVGPSRCLSHTDFVPCPVDTVQIVLPPHLERIREKLAENIHE
LWALTRIEQGWTYGPVRDDNKRLHPCLVNFHSLPEPERNYNLQMSGETLKTLLALGCHVGMADEKAEDNLKKTKLPKTYM
MSNGYKPAPLDLSHVRLTPAQTTLVDRLAENGHNVWARDRVAQGWSYSAVQDIPARRNPRLVPYRLLDEATKRSNRDSLC
QAVRTLLGYGYNIEPPDQEPSQVENQSRWDRVRIFRAEKSYTVQSGRWYFEFEAVTTGEMRVGWARPELRPDVELGADEL
AYVFNGHRGQRWHLGSEPFGRPWQSGDVVGCMIDLTENTIIFTLNGEVLMSDSGSETAFREIEIGDGFLPVCSLGPGQVG
HLNLGQDVSSLRFFAICGLQEGFEPFAINMQRPVTTWFSKSLPQFEPVPPEHPHYEVARMDGTVDTPPCLRLAHRTWGSQ
NSLVEMLFLRLSLPVQFHQHFRCTAGATPLAPPGLQPPAEDEARAAEPDPDYENLRRSAGGWGEAEGGKEGTAKEGTPGG
TPQPGVEAQPVRAENEKDATTEKNKKRGFLFKAKKAAMMTQPPATPALPRLPHDVVPADNRDDPEIILNTTTYYYSVRVF
AGQEPSCVWVGWVTPDYHQHDMNFDLSKVRAVTVTMGDEQGNVHSSLKCSNCYMVWGGDFVSPGQQGRISHTDLVIGCLV
DLATGLMTFTANGKESNTFFQVEPNTKLFPAVFVLPTHQNVIQFELGKQKNIMPLSAAMFLSERKNPAPQCPPRLEVQML
MPVSWSRMPNHFLQVETRRAGERLGWAVQCQDPLTMMALHIPEENRCMDILELSERLDLQRFHSHTLRLYRAVCALGNNR
VAHALCSHVDQAQLLHALEDAHLPGPLRAGYYDLLISIHLESACRSRRSMLSEYIVPLTPETRAITLFPPGRKGGNARRH
GLPGVGVTTSLRPPHHFSPPCFVAALPAAGVAEAPARLSPAIPLEALRDKALRMLGEAVRDGGQHARDPVGGSVEFQFVP
VLKLVSTLLVMGIFGDEDVKQILKMIEPEVFTEEEEEEEEEEEEEEEEEEDEEEKEEDEEEEEKEDAEKEEEEAPEGEKE
DLEEGLLQMKLPESVKLQMCNLLEYFCDQELQHRVESLAAFAERYVDKLQANQRSRYALLMRAFTMSAAETARRTREFRS
PPQEQINMLLHFKDEADEEDCPLPEDIRQDLQDFHQDLLAHCGIQLEGEEEEPEEETSLSSRLRSLLETVRLVKKKEEKP
EEELPAEEKKPQSLQELVSHMVVRWAQEDYVQSPELVRAMFSLLHRQYDGLGELLRALPRAYTISPSSVEDTMSLLECLG
QIRSLLIVQMGPQEENLMIQSIGNIMNNKVFYQHPNLMRALGMHETVMEVMVNVLGGGETKEIRFPKMVTSCCRFLCYFC
RISRQNQRSMFDHLSYLLENSGIGLGMQGSTPLDVAAASVIDNNELALALQEQDLEKVVSYLAGCGLQSCPMLLAKGYPD
IGWNPCGGERYLDFLRFAVFVNGESVEENANVVVRLLIRKPECFGPALRGEGGSGLLAAIEEAIRISEDPARDGPGVRRD
RRREHFGEEPPEENRVHLGHAIMSFYAALIDLLGRCAPEMHLIQAGKGEALRIRAILRSLVPLDDLVGIISLPLQIPTLG
KDGALVQPKMSASFVPDHKASMVLFLDRVYGIENQDFLLHVLDVGFLPDMRAAASLDTATFSTTEMALALNRYLCLAVLP
LITKCAPLFAGTEHRAIMVDSMLHTVYRLSRGRSLTKAQRDVIEDCLMALCRYIRPSMLQHLLRRLVFDVPILNEFAKMP
LKLLTNHYERCWKYYCLPTGWANFGVTSEEELHLTRKLFWGIFDSLAHKKYDQELYRMAMPCLCAIAGALPPDYVDASYS
SKAEKKATVDAEGNFDPRPVETLNVIIPEKLDSFINKFAEYTHEKWAFDKIQNNWSYGENVDEELKTHPMLRPYKTFSEK
DKEIYRWPIKESLKAMIAWEWTIEKAREGEEERTEKKKTRKISQTAQTYDPREGYNPQPPDLSGVTLSRELQAMAEQLAE
NYHNTWGRKKKQELEAKGGGTHPLLVPYDTLTAKEKARDREKAQELLKFLQMNGYAVTRGLKDMELDTSSIEKRFAFGFL
QQLLRWMDISQEFIAHLEAVVSSGRVEKSPHEQEIKFFAKILLPLINQYFTNHCLYFLSTPAKVLGSGGHASNKEKEMIT
SLFCKLAALVRHRVSLFGTDAPAVVNCLHILARSLDARTVMKSGPEIVKAGLRSFFESASEDIEKMVENLRLGKVSQART
QVKGVGQNLTYTTVALLPVLTTLFQHIAQHQFGDDVILDDVQVSCYRTLCSIYSLGTTKNTYVEKLRPALGECLARLAAA
MPVAFLEPQLNEYNACSVYTTKSPRERAILGLPNSVEEMCPDIPVLDRLMADIGGLAESGARYTEMPHVIEITLPMLCSY
LPRWWERGPEAPPPALPAGAPPPCTAVTSDHLNSLLGNILRIIVNNLGIDEATWMKRLAVFAQPIVSRARPELLHSHFIP
TIGRLRKRAGKVVAEEEQLRLEAKAEAEEGELLVRDEFSVLCRDLYALYPLLIRYVDNNRAHWLTEPNANAEELFRMVGE
IFIYWSKSHNFKREEQNFVVQNEINNMSFLTADSKSKMAKAGDAQSGGSDQERTKKKRRGDRYSVQTSLIVATLKKMLPI
GLNMCAPTDQDLIMLAKTRYALKDTDEEVREFLQNNLHLQGKVEGSPSLRWQMALYRGLPGREEDADDPEKIVRRVQEVS
AVLYHLEQTEHPYKSKKAVWHKLLSKQRRRAVVACFRMTPLYNLPTHRACNMFLESYKAAWILTEDHSFEDRMIDDLSKA
GEQEEEEEEVEEKKPDPLHQLVLHFSRTALTEKSKLDEDYLYMAYADIMAKSCHLEEGGENGEAEEEEVEVSFEEKEMEK
QRLLYQQSRLHTRGAAEMVLQMISACKGETGAMVSSTLKLGISILNGGNAEVQQKMLDYLKDKKEVGFFQSIQALMQTCS
VLDLNAFERQNKAEGLGMVNEDGTVINRQNGEKVMADDEFTQDLFRFLQLLCEGHNNDFQNYLRTQTGNTTTINIIICTV
DYLLRLQESISDFYWYYSGKDVIEEQGKRNFSKAMSVAKQVFNSLTEYIQGPCTGNQQSLAHSRLWDAVVGFLHVFAHMM
MKLAQDSSQIELLKELLDLQKDMVVMLLSLLEGNVVNGMIARQMVDMLVESSSNVEMILKFFDMFLKLKDIVGSEAFQDY
VTDPRGLISKKDFQKAMDSQKQFTGPEIQFLLSCSEADENEMINFEEFANRFQEPARDIGFNVAVLLTNLSEHVPHDPRL
RNFLELAESILEYFRPYLGRIEIMGASRRIERIYFEISETNRAQWEMPQVKESKRQFIFDVVNEGGEAEKMELFVSFCED
TIFEMQIAAQISEPEGEPEADEDEGMGEAAAEGAEEGAAGAEGAAGTVAAGATARLAAAAARALRGLSYRSLRRRVRRLR
RLTAREAATALAALLWAVVARAGAAGAGAAAGALRLLWGSLFGGGLVEGAKKVTVTELLAGMPDPTSDEVHGEQPAGPGG
DADGAGEGEGEGDAAEGDGDEEVAGHEAGPGGAEGVVAVADGGPFRPEGAGGLGDMGDTTPAEPPTPEGSPILKRKLGVD
GEEEELVPEPEPEPEPEPEKADEENGEKEEVPEAPPEPPKKAPPSPPAKKEEAGGAGMEFWGELEVQRVKFLNYLSRNFY
TLRFLALFLAFAINFILLFYKVSDSPPGEDDMEGSAAGDLAGAGSGGGSGWGSGAGEEAEGDEDENMVYYFLEESTGYME
PALWCLSLLHTLVAFLCIIGYNCLKVPLVIFKREKELARKLEFDGLYITEQPGDDDVKGQWDRLVLNTPSFPSNYWDKFV
KRKVLDKHGDIFGRERIAELLGMDLASLEITAHNERKPDPPPGLLTWLMSIDVKYQIWKFGVIFTDNSFLYLGWYMVMSL
LGHYNNFFFAAHLLDIAMGVKTLRTILSSVTHNGKQLVMTVGLLAVVVYLYTVVAFNFFRKFYNKSEDEDEPDMKCDDMM
TCYLFHMYVGVRAGGGIGDEIEDPAGDEYELYRVVFDITFFFFVIVILLAIIQGLIIDAFGELRDQQEQVKEDMETKCFI
CGIGSDYFDTTPHGFETHTLEEHNLANYMFFLMYLINKDETEHTGQESYVWKMYQERCWDFFPAGDCFRKQYEDQLS
;
_entity_poly.pdbx_strand_id   A,B,C,D
#
# COMPACT_ATOMS: atom_id res chain seq x y z
N ASN A 3950 32.16 -51.04 -50.74
CA ASN A 3950 33.12 -51.30 -49.67
C ASN A 3950 32.56 -50.87 -48.32
N PHE A 3951 33.01 -49.72 -47.82
CA PHE A 3951 32.50 -49.22 -46.55
C PHE A 3951 31.09 -48.66 -46.68
N SER A 3952 30.64 -48.34 -47.90
CA SER A 3952 29.29 -47.80 -48.08
C SER A 3952 28.24 -48.80 -47.63
N LYS A 3953 28.41 -50.08 -47.98
CA LYS A 3953 27.45 -51.09 -47.55
C LYS A 3953 27.62 -51.43 -46.08
N ALA A 3954 28.84 -51.38 -45.55
CA ALA A 3954 29.07 -51.67 -44.15
C ALA A 3954 28.49 -50.58 -43.25
N MET A 3955 28.64 -49.31 -43.64
CA MET A 3955 28.10 -48.23 -42.84
C MET A 3955 26.57 -48.22 -42.88
N SER A 3956 25.97 -48.64 -43.99
CA SER A 3956 24.51 -48.72 -44.06
C SER A 3956 23.97 -49.72 -43.05
N VAL A 3957 24.64 -50.86 -42.90
CA VAL A 3957 24.24 -51.84 -41.89
C VAL A 3957 24.47 -51.28 -40.48
N ALA A 3958 25.58 -50.55 -40.30
CA ALA A 3958 25.89 -50.00 -38.98
C ALA A 3958 24.85 -49.00 -38.50
N LYS A 3959 24.27 -48.23 -39.43
CA LYS A 3959 23.21 -47.30 -39.05
C LYS A 3959 22.01 -48.04 -38.49
N GLN A 3960 21.59 -49.13 -39.14
CA GLN A 3960 20.43 -49.88 -38.66
C GLN A 3960 20.68 -50.52 -37.31
N VAL A 3961 21.92 -50.92 -37.03
CA VAL A 3961 22.24 -51.46 -35.72
C VAL A 3961 22.03 -50.40 -34.65
N PHE A 3962 22.45 -49.17 -34.92
CA PHE A 3962 22.22 -48.07 -33.99
C PHE A 3962 20.75 -47.66 -33.94
N ASN A 3963 20.06 -47.67 -35.08
CA ASN A 3963 18.66 -47.28 -35.10
C ASN A 3963 17.81 -48.26 -34.30
N SER A 3964 18.10 -49.57 -34.42
CA SER A 3964 17.39 -50.55 -33.61
C SER A 3964 17.68 -50.34 -32.14
N LEU A 3965 18.93 -50.05 -31.79
CA LEU A 3965 19.27 -49.75 -30.41
C LEU A 3965 18.57 -48.47 -29.94
N THR A 3966 18.47 -47.48 -30.83
CA THR A 3966 17.73 -46.27 -30.49
C THR A 3966 16.26 -46.58 -30.23
N GLU A 3967 15.67 -47.48 -31.03
CA GLU A 3967 14.24 -47.75 -30.91
C GLU A 3967 13.91 -48.49 -29.63
N TYR A 3968 14.86 -49.29 -29.11
CA TYR A 3968 14.58 -50.05 -27.91
C TYR A 3968 14.39 -49.14 -26.69
N ILE A 3969 15.17 -48.07 -26.61
CA ILE A 3969 15.15 -47.23 -25.42
C ILE A 3969 14.26 -46.00 -25.55
N GLN A 3970 13.93 -45.58 -26.76
CA GLN A 3970 12.98 -44.48 -26.94
C GLN A 3970 11.62 -44.88 -26.38
N GLY A 3971 10.92 -43.90 -25.82
CA GLY A 3971 9.76 -44.21 -25.03
C GLY A 3971 10.23 -44.86 -23.75
N PRO A 3972 10.83 -44.04 -22.86
CA PRO A 3972 11.83 -44.56 -21.91
C PRO A 3972 11.43 -45.85 -21.21
N CYS A 3973 12.22 -46.90 -21.49
CA CYS A 3973 12.04 -48.19 -20.86
C CYS A 3973 13.19 -48.36 -19.86
N THR A 3974 12.84 -48.46 -18.58
CA THR A 3974 13.85 -48.56 -17.54
C THR A 3974 14.67 -49.83 -17.71
N GLY A 3975 14.02 -50.95 -18.06
CA GLY A 3975 14.73 -52.21 -18.17
C GLY A 3975 15.77 -52.20 -19.28
N ASN A 3976 15.39 -51.70 -20.46
CA ASN A 3976 16.30 -51.73 -21.60
C ASN A 3976 17.48 -50.80 -21.40
N GLN A 3977 17.25 -49.62 -20.81
CA GLN A 3977 18.34 -48.70 -20.56
C GLN A 3977 19.35 -49.30 -19.57
N GLN A 3978 18.85 -49.95 -18.51
CA GLN A 3978 19.74 -50.59 -17.56
C GLN A 3978 20.52 -51.73 -18.21
N SER A 3979 19.85 -52.50 -19.08
CA SER A 3979 20.52 -53.61 -19.74
C SER A 3979 21.63 -53.11 -20.66
N LEU A 3980 21.34 -52.05 -21.43
CA LEU A 3980 22.36 -51.51 -22.33
C LEU A 3980 23.49 -50.85 -21.57
N ALA A 3981 23.21 -50.28 -20.41
CA ALA A 3981 24.27 -49.70 -19.58
C ALA A 3981 25.22 -50.79 -19.09
N HIS A 3982 24.69 -51.94 -18.69
CA HIS A 3982 25.50 -53.06 -18.24
C HIS A 3982 25.83 -53.98 -19.42
N SER A 3983 26.46 -53.39 -20.43
CA SER A 3983 26.79 -54.11 -21.66
C SER A 3983 28.10 -53.56 -22.21
N ARG A 3984 28.64 -54.29 -23.19
CA ARG A 3984 29.87 -53.90 -23.87
C ARG A 3984 29.65 -52.84 -24.93
N LEU A 3985 28.52 -52.13 -24.87
CA LEU A 3985 28.24 -51.07 -25.84
C LEU A 3985 29.25 -49.94 -25.73
N TRP A 3986 29.73 -49.66 -24.52
CA TRP A 3986 30.60 -48.51 -24.32
C TRP A 3986 31.90 -48.67 -25.09
N ASP A 3987 32.51 -49.85 -25.03
CA ASP A 3987 33.73 -50.10 -25.80
C ASP A 3987 33.43 -50.12 -27.30
N ALA A 3988 32.23 -50.58 -27.67
CA ALA A 3988 31.82 -50.52 -29.07
C ALA A 3988 31.71 -49.09 -29.55
N VAL A 3989 31.21 -48.20 -28.69
CA VAL A 3989 31.16 -46.77 -29.04
C VAL A 3989 32.57 -46.21 -29.16
N VAL A 3990 33.46 -46.58 -28.24
CA VAL A 3990 34.82 -46.02 -28.24
C VAL A 3990 35.54 -46.37 -29.53
N GLY A 3991 35.43 -47.63 -29.97
CA GLY A 3991 36.04 -48.01 -31.23
C GLY A 3991 35.45 -47.25 -32.40
N PHE A 3992 34.13 -47.09 -32.42
CA PHE A 3992 33.49 -46.31 -33.48
C PHE A 3992 33.91 -44.86 -33.42
N LEU A 3993 34.04 -44.30 -32.21
CA LEU A 3993 34.54 -42.94 -32.07
C LEU A 3993 35.97 -42.82 -32.57
N HIS A 3994 36.79 -43.83 -32.28
CA HIS A 3994 38.17 -43.84 -32.78
C HIS A 3994 38.20 -43.88 -34.30
N VAL A 3995 37.35 -44.70 -34.90
CA VAL A 3995 37.26 -44.74 -36.36
C VAL A 3995 36.73 -43.42 -36.90
N PHE A 3996 35.73 -42.85 -36.23
CA PHE A 3996 35.16 -41.59 -36.69
C PHE A 3996 36.21 -40.48 -36.69
N ALA A 3997 37.08 -40.44 -35.68
CA ALA A 3997 38.07 -39.38 -35.55
C ALA A 3997 39.06 -39.38 -36.72
N HIS A 3998 39.80 -40.49 -36.89
CA HIS A 3998 40.88 -40.50 -37.87
C HIS A 3998 40.34 -40.51 -39.30
N MET A 3999 39.25 -41.22 -39.54
CA MET A 3999 38.75 -41.35 -40.92
C MET A 3999 38.22 -40.03 -41.45
N MET A 4000 37.64 -39.18 -40.59
CA MET A 4000 37.20 -37.86 -41.03
C MET A 4000 38.37 -37.02 -41.51
N MET A 4001 39.50 -37.10 -40.79
CA MET A 4001 40.69 -36.36 -41.21
C MET A 4001 41.21 -36.86 -42.56
N LYS A 4002 41.24 -38.19 -42.74
CA LYS A 4002 41.80 -38.74 -43.97
C LYS A 4002 40.87 -38.49 -45.16
N LEU A 4003 39.56 -38.71 -44.98
CA LEU A 4003 38.63 -38.57 -46.08
C LEU A 4003 38.45 -37.12 -46.53
N ALA A 4004 38.72 -36.16 -45.65
CA ALA A 4004 38.53 -34.76 -46.00
C ALA A 4004 39.56 -34.29 -47.04
N GLN A 4005 40.73 -34.92 -47.07
CA GLN A 4005 41.78 -34.50 -48.00
C GLN A 4005 41.37 -34.74 -49.44
N ASP A 4006 40.74 -35.88 -49.72
CA ASP A 4006 40.42 -36.28 -51.09
C ASP A 4006 39.07 -35.72 -51.49
N SER A 4007 39.04 -35.01 -52.63
CA SER A 4007 37.80 -34.44 -53.12
C SER A 4007 36.90 -35.47 -53.77
N SER A 4008 37.47 -36.56 -54.30
CA SER A 4008 36.67 -37.59 -54.94
C SER A 4008 36.02 -38.55 -53.94
N GLN A 4009 36.45 -38.53 -52.68
CA GLN A 4009 35.91 -39.42 -51.66
C GLN A 4009 34.95 -38.68 -50.72
N ILE A 4010 34.38 -37.56 -51.15
CA ILE A 4010 33.48 -36.80 -50.29
C ILE A 4010 32.20 -37.60 -50.00
N GLU A 4011 31.73 -38.38 -50.99
CA GLU A 4011 30.49 -39.13 -50.79
C GLU A 4011 30.62 -40.13 -49.66
N LEU A 4012 31.81 -40.70 -49.46
CA LEU A 4012 32.02 -41.60 -48.33
C LEU A 4012 31.95 -40.84 -47.01
N LEU A 4013 32.49 -39.61 -46.99
CA LEU A 4013 32.45 -38.81 -45.76
C LEU A 4013 31.01 -38.45 -45.39
N LYS A 4014 30.19 -38.12 -46.38
CA LYS A 4014 28.80 -37.79 -46.10
C LYS A 4014 28.07 -38.97 -45.47
N GLU A 4015 28.30 -40.18 -46.01
CA GLU A 4015 27.73 -41.38 -45.40
C GLU A 4015 28.30 -41.62 -44.02
N LEU A 4016 29.59 -41.32 -43.82
CA LEU A 4016 30.20 -41.45 -42.51
C LEU A 4016 29.58 -40.46 -41.52
N LEU A 4017 29.31 -39.24 -41.98
CA LEU A 4017 28.80 -38.21 -41.07
C LEU A 4017 27.43 -38.56 -40.52
N ASP A 4018 26.52 -39.01 -41.40
CA ASP A 4018 25.18 -39.35 -40.92
C ASP A 4018 25.20 -40.60 -40.03
N LEU A 4019 26.19 -41.47 -40.20
CA LEU A 4019 26.35 -42.58 -39.28
C LEU A 4019 26.65 -42.09 -37.88
N GLN A 4020 27.50 -41.06 -37.75
CA GLN A 4020 27.79 -40.49 -36.44
C GLN A 4020 26.58 -39.81 -35.84
N LYS A 4021 25.71 -39.23 -36.68
CA LYS A 4021 24.46 -38.67 -36.19
C LYS A 4021 23.56 -39.75 -35.62
N ASP A 4022 23.58 -40.95 -36.20
CA ASP A 4022 22.78 -42.04 -35.66
C ASP A 4022 23.31 -42.53 -34.33
N MET A 4023 24.62 -42.41 -34.09
CA MET A 4023 25.17 -42.81 -32.79
C MET A 4023 24.77 -41.84 -31.70
N VAL A 4024 24.90 -40.53 -31.95
CA VAL A 4024 24.66 -39.56 -30.89
C VAL A 4024 23.20 -39.57 -30.47
N VAL A 4025 22.29 -39.87 -31.39
CA VAL A 4025 20.88 -40.03 -31.02
C VAL A 4025 20.72 -41.18 -30.05
N MET A 4026 21.41 -42.28 -30.28
CA MET A 4026 21.36 -43.42 -29.37
C MET A 4026 21.89 -43.04 -28.00
N LEU A 4027 22.95 -42.22 -27.96
CA LEU A 4027 23.45 -41.73 -26.68
C LEU A 4027 22.48 -40.77 -26.03
N LEU A 4028 21.84 -39.90 -26.83
CA LEU A 4028 20.85 -38.98 -26.28
C LEU A 4028 19.59 -39.70 -25.80
N SER A 4029 19.32 -40.90 -26.31
CA SER A 4029 18.19 -41.70 -25.84
C SER A 4029 18.47 -42.39 -24.51
N LEU A 4030 19.72 -42.75 -24.25
CA LEU A 4030 20.07 -43.33 -22.97
C LEU A 4030 19.95 -42.33 -21.82
N LEU A 4031 19.86 -41.04 -22.13
CA LEU A 4031 19.71 -40.01 -21.11
C LEU A 4031 18.25 -39.68 -20.83
N GLU A 4032 17.31 -40.38 -21.45
CA GLU A 4032 15.90 -40.19 -21.10
C GLU A 4032 15.62 -40.77 -19.72
N GLY A 4033 14.93 -40.00 -18.90
CA GLY A 4033 14.75 -40.40 -17.52
C GLY A 4033 16.00 -40.28 -16.68
N ASN A 4034 16.95 -39.46 -17.09
CA ASN A 4034 18.22 -39.32 -16.38
C ASN A 4034 17.99 -38.66 -15.02
N VAL A 4035 18.76 -39.10 -14.03
CA VAL A 4035 18.74 -38.51 -12.70
C VAL A 4035 20.16 -38.10 -12.35
N VAL A 4036 20.25 -37.19 -11.37
CA VAL A 4036 21.56 -36.71 -10.91
C VAL A 4036 22.36 -37.88 -10.39
N ASN A 4037 23.63 -37.96 -10.82
CA ASN A 4037 24.52 -39.05 -10.46
C ASN A 4037 23.91 -40.40 -10.83
N GLY A 4038 23.24 -40.43 -11.98
CA GLY A 4038 22.63 -41.66 -12.45
C GLY A 4038 23.68 -42.66 -12.91
N MET A 4039 23.33 -43.94 -12.80
CA MET A 4039 24.25 -45.00 -13.20
C MET A 4039 24.56 -44.91 -14.68
N ILE A 4040 23.53 -44.76 -15.52
CA ILE A 4040 23.75 -44.69 -16.96
C ILE A 4040 24.51 -43.42 -17.33
N ALA A 4041 24.21 -42.31 -16.64
CA ALA A 4041 24.92 -41.07 -16.89
C ALA A 4041 26.39 -41.17 -16.51
N ARG A 4042 26.67 -41.74 -15.32
CA ARG A 4042 28.05 -41.85 -14.87
C ARG A 4042 28.86 -42.78 -15.77
N GLN A 4043 28.27 -43.91 -16.18
CA GLN A 4043 28.98 -44.85 -17.05
C GLN A 4043 29.31 -44.21 -18.40
N MET A 4044 28.48 -43.30 -18.87
CA MET A 4044 28.79 -42.60 -20.11
C MET A 4044 29.92 -41.62 -19.94
N VAL A 4045 30.06 -41.04 -18.74
CA VAL A 4045 31.17 -40.12 -18.47
C VAL A 4045 32.50 -40.84 -18.57
N ASP A 4046 32.58 -42.05 -18.02
CA ASP A 4046 33.80 -42.83 -18.13
C ASP A 4046 34.14 -43.13 -19.58
N MET A 4047 33.12 -43.44 -20.39
CA MET A 4047 33.36 -43.76 -21.80
C MET A 4047 33.91 -42.54 -22.54
N LEU A 4048 33.39 -41.35 -22.24
CA LEU A 4048 33.91 -40.14 -22.87
C LEU A 4048 35.33 -39.86 -22.42
N VAL A 4049 35.62 -40.08 -21.13
CA VAL A 4049 36.97 -39.83 -20.61
C VAL A 4049 37.98 -40.73 -21.29
N GLU A 4050 37.64 -42.02 -21.46
CA GLU A 4050 38.58 -42.97 -22.06
C GLU A 4050 38.89 -42.58 -23.50
N SER A 4051 37.89 -42.15 -24.26
CA SER A 4051 38.06 -41.74 -25.64
C SER A 4051 38.12 -40.23 -25.79
N SER A 4052 38.66 -39.54 -24.77
CA SER A 4052 38.71 -38.08 -24.81
C SER A 4052 39.58 -37.56 -25.94
N SER A 4053 40.59 -38.35 -26.34
CA SER A 4053 41.47 -37.92 -27.43
C SER A 4053 40.72 -37.83 -28.75
N ASN A 4054 39.84 -38.79 -29.03
CA ASN A 4054 39.13 -38.79 -30.30
C ASN A 4054 38.04 -37.71 -30.33
N VAL A 4055 37.41 -37.44 -29.19
CA VAL A 4055 36.35 -36.44 -29.14
C VAL A 4055 36.90 -35.06 -29.48
N GLU A 4056 38.11 -34.75 -29.00
CA GLU A 4056 38.70 -33.45 -29.26
C GLU A 4056 38.87 -33.21 -30.75
N MET A 4057 39.31 -34.23 -31.49
CA MET A 4057 39.41 -34.10 -32.94
C MET A 4057 38.04 -33.95 -33.58
N ILE A 4058 37.04 -34.64 -33.03
CA ILE A 4058 35.68 -34.54 -33.58
C ILE A 4058 35.17 -33.11 -33.46
N LEU A 4059 35.36 -32.50 -32.28
CA LEU A 4059 34.95 -31.12 -32.12
C LEU A 4059 35.76 -30.20 -33.01
N LYS A 4060 37.03 -30.52 -33.22
CA LYS A 4060 37.90 -29.74 -34.11
C LYS A 4060 37.53 -29.98 -35.57
N PRO A 4176 22.95 -20.80 -26.69
CA PRO A 4176 22.19 -19.85 -27.51
C PRO A 4176 21.08 -20.52 -28.30
N TYR A 4177 21.44 -21.45 -29.17
CA TYR A 4177 20.48 -22.25 -29.91
C TYR A 4177 19.99 -23.45 -29.13
N LEU A 4178 20.54 -23.67 -27.94
CA LEU A 4178 20.22 -24.84 -27.12
C LEU A 4178 19.26 -24.40 -26.02
N GLY A 4179 18.01 -24.82 -26.13
CA GLY A 4179 16.98 -24.49 -25.16
C GLY A 4179 16.71 -25.69 -24.26
N ARG A 4180 16.43 -25.42 -23.00
CA ARG A 4180 16.13 -26.46 -22.02
C ARG A 4180 14.91 -26.06 -21.22
N ILE A 4181 14.05 -27.04 -20.94
CA ILE A 4181 12.87 -26.85 -20.11
C ILE A 4181 12.82 -27.98 -19.10
N GLU A 4182 11.98 -27.81 -18.09
CA GLU A 4182 11.71 -28.83 -17.10
C GLU A 4182 10.25 -29.20 -17.13
N ILE A 4183 9.96 -30.50 -17.22
CA ILE A 4183 8.60 -31.02 -17.24
C ILE A 4183 8.49 -32.11 -16.19
N MET A 4184 7.26 -32.38 -15.76
CA MET A 4184 7.01 -33.55 -14.94
C MET A 4184 6.63 -34.72 -15.83
N GLY A 4185 7.51 -35.71 -15.90
CA GLY A 4185 7.40 -36.78 -16.85
C GLY A 4185 6.62 -37.97 -16.35
N ALA A 4186 6.63 -39.03 -17.16
CA ALA A 4186 5.91 -40.26 -16.82
C ALA A 4186 6.50 -40.94 -15.60
N SER A 4187 7.74 -40.62 -15.24
CA SER A 4187 8.36 -41.19 -14.04
C SER A 4187 7.94 -40.48 -12.77
N ARG A 4188 7.00 -39.53 -12.86
CA ARG A 4188 6.46 -38.75 -11.75
C ARG A 4188 7.50 -37.87 -11.08
N ARG A 4189 8.57 -37.51 -11.79
CA ARG A 4189 9.60 -36.62 -11.27
C ARG A 4189 9.99 -35.62 -12.34
N ILE A 4190 10.50 -34.47 -11.89
CA ILE A 4190 10.88 -33.40 -12.80
C ILE A 4190 12.02 -33.88 -13.71
N GLU A 4191 11.91 -33.55 -15.00
CA GLU A 4191 12.88 -33.98 -15.99
C GLU A 4191 13.30 -32.78 -16.84
N ARG A 4192 14.51 -32.86 -17.39
CA ARG A 4192 15.06 -31.83 -18.25
C ARG A 4192 14.95 -32.27 -19.70
N ILE A 4193 14.40 -31.42 -20.55
CA ILE A 4193 14.26 -31.67 -21.98
C ILE A 4193 15.13 -30.66 -22.72
N TYR A 4194 15.96 -31.15 -23.63
CA TYR A 4194 16.85 -30.32 -24.42
C TYR A 4194 16.42 -30.38 -25.88
N PHE A 4195 16.36 -29.22 -26.52
CA PHE A 4195 15.92 -29.11 -27.90
C PHE A 4195 16.58 -27.90 -28.52
N GLU A 4196 16.59 -27.86 -29.86
CA GLU A 4196 17.28 -26.81 -30.59
C GLU A 4196 16.29 -25.71 -30.96
N ILE A 4197 16.71 -24.47 -30.77
CA ILE A 4197 15.91 -23.29 -31.10
C ILE A 4197 16.47 -22.66 -32.36
N SER A 4198 15.61 -22.40 -33.34
CA SER A 4198 16.06 -21.77 -34.57
C SER A 4198 16.30 -20.28 -34.36
N GLU A 4199 17.29 -19.76 -35.09
CA GLU A 4199 17.63 -18.34 -34.98
C GLU A 4199 16.49 -17.46 -35.46
N THR A 4200 15.79 -17.89 -36.51
CA THR A 4200 14.63 -17.14 -36.98
C THR A 4200 13.57 -17.03 -35.90
N ASN A 4201 13.28 -18.13 -35.22
CA ASN A 4201 12.30 -18.11 -34.15
C ASN A 4201 12.76 -17.22 -32.99
N ARG A 4202 14.04 -17.28 -32.65
CA ARG A 4202 14.54 -16.43 -31.58
C ARG A 4202 14.43 -14.95 -31.93
N ALA A 4203 14.75 -14.59 -33.18
CA ALA A 4203 14.61 -13.21 -33.61
C ALA A 4203 13.15 -12.77 -33.60
N GLN A 4204 12.25 -13.64 -34.05
CA GLN A 4204 10.83 -13.32 -34.00
C GLN A 4204 10.37 -13.10 -32.58
N TRP A 4205 10.88 -13.89 -31.63
CA TRP A 4205 10.56 -13.68 -30.22
C TRP A 4205 11.09 -12.34 -29.74
N GLU A 4206 12.30 -11.97 -30.14
CA GLU A 4206 12.89 -10.71 -29.70
C GLU A 4206 12.28 -9.49 -30.36
N MET A 4207 11.48 -9.67 -31.41
CA MET A 4207 10.86 -8.53 -32.08
C MET A 4207 10.03 -7.70 -31.10
N PRO A 4208 10.05 -6.37 -31.22
CA PRO A 4208 9.36 -5.52 -30.22
C PRO A 4208 7.87 -5.73 -30.14
N GLN A 4209 7.20 -6.01 -31.27
CA GLN A 4209 5.76 -6.25 -31.22
C GLN A 4209 5.46 -7.53 -30.43
N VAL A 4210 6.25 -8.57 -30.63
CA VAL A 4210 6.08 -9.80 -29.87
C VAL A 4210 6.36 -9.56 -28.40
N LYS A 4211 7.37 -8.73 -28.10
CA LYS A 4211 7.65 -8.39 -26.71
C LYS A 4211 6.46 -7.68 -26.07
N GLU A 4212 5.85 -6.73 -26.79
CA GLU A 4212 4.70 -6.03 -26.24
C GLU A 4212 3.52 -6.96 -26.02
N SER A 4213 3.29 -7.88 -26.96
CA SER A 4213 2.21 -8.84 -26.79
C SER A 4213 2.46 -9.72 -25.57
N LYS A 4214 3.71 -10.15 -25.37
CA LYS A 4214 4.05 -10.94 -24.20
C LYS A 4214 3.80 -10.16 -22.91
N ARG A 4215 4.21 -8.88 -22.88
CA ARG A 4215 3.99 -8.08 -21.68
C ARG A 4215 2.50 -7.90 -21.39
N GLN A 4216 1.71 -7.68 -22.44
CA GLN A 4216 0.27 -7.55 -22.26
C GLN A 4216 -0.33 -8.84 -21.71
N PHE A 4217 0.08 -9.98 -22.25
CA PHE A 4217 -0.40 -11.26 -21.73
C PHE A 4217 -0.04 -11.43 -20.27
N ILE A 4218 1.21 -11.12 -19.91
CA ILE A 4218 1.65 -11.28 -18.52
C ILE A 4218 0.83 -10.41 -17.60
N PHE A 4219 0.62 -9.14 -17.98
CA PHE A 4219 -0.17 -8.25 -17.14
C PHE A 4219 -1.60 -8.75 -16.99
N ASP A 4220 -2.22 -9.16 -18.09
CA ASP A 4220 -3.61 -9.60 -18.04
C ASP A 4220 -3.76 -10.82 -17.14
N VAL A 4221 -2.87 -11.81 -17.29
CA VAL A 4221 -2.97 -13.03 -16.52
C VAL A 4221 -2.73 -12.74 -15.03
N VAL A 4222 -1.70 -11.96 -14.73
CA VAL A 4222 -1.39 -11.71 -13.32
C VAL A 4222 -2.50 -10.88 -12.67
N ASN A 4223 -3.09 -9.95 -13.41
CA ASN A 4223 -4.10 -9.07 -12.83
C ASN A 4223 -5.42 -9.78 -12.63
N GLU A 4224 -5.87 -10.56 -13.61
CA GLU A 4224 -7.20 -11.17 -13.54
C GLU A 4224 -7.15 -12.65 -13.93
N GLY A 4225 -6.23 -13.40 -13.32
CA GLY A 4225 -6.15 -14.82 -13.57
C GLY A 4225 -5.85 -15.58 -12.29
N GLY A 4226 -6.10 -16.89 -12.35
CA GLY A 4226 -5.85 -17.77 -11.23
C GLY A 4226 -5.10 -19.02 -11.67
N GLU A 4227 -4.68 -19.80 -10.68
CA GLU A 4227 -3.89 -21.00 -10.95
C GLU A 4227 -4.69 -22.06 -11.70
N ALA A 4228 -6.02 -22.02 -11.62
CA ALA A 4228 -6.84 -23.07 -12.21
C ALA A 4228 -6.67 -23.11 -13.73
N GLU A 4229 -6.62 -21.95 -14.37
CA GLU A 4229 -6.59 -21.87 -15.82
C GLU A 4229 -5.36 -21.16 -16.36
N LYS A 4230 -4.39 -20.84 -15.51
CA LYS A 4230 -3.25 -20.05 -15.96
C LYS A 4230 -2.46 -20.79 -17.05
N MET A 4231 -2.28 -22.10 -16.89
CA MET A 4231 -1.54 -22.84 -17.91
C MET A 4231 -2.34 -22.98 -19.21
N GLU A 4232 -3.65 -23.10 -19.11
CA GLU A 4232 -4.48 -23.11 -20.32
C GLU A 4232 -4.33 -21.79 -21.09
N LEU A 4233 -4.39 -20.67 -20.35
CA LEU A 4233 -4.22 -19.36 -20.98
C LEU A 4233 -2.82 -19.22 -21.56
N PHE A 4234 -1.81 -19.72 -20.85
CA PHE A 4234 -0.44 -19.63 -21.33
C PHE A 4234 -0.24 -20.43 -22.61
N VAL A 4235 -0.82 -21.63 -22.67
CA VAL A 4235 -0.72 -22.44 -23.89
C VAL A 4235 -1.42 -21.75 -25.05
N SER A 4236 -2.60 -21.18 -24.80
CA SER A 4236 -3.30 -20.48 -25.88
C SER A 4236 -2.48 -19.29 -26.38
N PHE A 4237 -1.87 -18.55 -25.46
CA PHE A 4237 -1.00 -17.44 -25.84
C PHE A 4237 0.19 -17.92 -26.66
N CYS A 4238 0.79 -19.04 -26.27
CA CYS A 4238 1.90 -19.59 -27.04
C CYS A 4238 1.45 -19.96 -28.45
N GLU A 4239 0.27 -20.55 -28.59
CA GLU A 4239 -0.23 -20.91 -29.91
C GLU A 4239 -0.43 -19.68 -30.78
N ASP A 4240 -1.03 -18.62 -30.21
CA ASP A 4240 -1.21 -17.38 -30.95
C ASP A 4240 0.13 -16.80 -31.39
N THR A 4241 1.12 -16.84 -30.51
CA THR A 4241 2.44 -16.33 -30.85
C THR A 4241 3.08 -17.14 -31.97
N ILE A 4242 2.93 -18.47 -31.93
CA ILE A 4242 3.49 -19.32 -32.97
C ILE A 4242 2.85 -18.99 -34.33
N PHE A 4243 1.53 -18.82 -34.34
CA PHE A 4243 0.87 -18.49 -35.60
C PHE A 4243 1.33 -17.13 -36.12
N GLU A 4244 1.49 -16.15 -35.21
CA GLU A 4244 1.99 -14.85 -35.63
C GLU A 4244 3.38 -14.95 -36.20
N MET A 4245 4.24 -15.77 -35.60
CA MET A 4245 5.59 -15.96 -36.12
C MET A 4245 5.55 -16.58 -37.52
N GLN A 4246 4.64 -17.53 -37.74
CA GLN A 4246 4.49 -18.11 -39.07
C GLN A 4246 4.05 -17.05 -40.09
N ILE A 4247 3.12 -16.18 -39.70
CA ILE A 4247 2.68 -15.11 -40.60
C ILE A 4247 3.83 -14.18 -40.94
N ALA A 4248 4.61 -13.79 -39.93
CA ALA A 4248 5.74 -12.89 -40.17
C ALA A 4248 6.76 -13.54 -41.08
N ALA A 4249 7.04 -14.84 -40.87
CA ALA A 4249 7.97 -15.54 -41.74
C ALA A 4249 7.47 -15.60 -43.17
N GLN A 4250 6.17 -15.84 -43.35
CA GLN A 4250 5.61 -15.89 -44.69
C GLN A 4250 5.73 -14.54 -45.39
N ILE A 4251 5.43 -13.45 -44.68
CA ILE A 4251 5.45 -12.13 -45.33
C ILE A 4251 6.85 -11.56 -45.46
N SER A 4252 7.83 -12.10 -44.75
CA SER A 4252 9.20 -11.60 -44.88
C SER A 4252 9.73 -11.84 -46.30
N GLU A 4253 10.32 -10.79 -46.88
CA GLU A 4253 10.78 -10.85 -48.26
C GLU A 4253 12.22 -11.33 -48.32
N PRO A 4254 12.51 -12.41 -49.07
CA PRO A 4254 13.87 -12.95 -49.23
C PRO A 4254 14.84 -11.93 -49.81
N PHE A 4540 0.36 -15.60 -68.51
CA PHE A 4540 0.51 -14.26 -67.95
C PHE A 4540 0.00 -14.21 -66.52
N TRP A 4541 -0.82 -15.20 -66.14
CA TRP A 4541 -1.36 -15.23 -64.79
C TRP A 4541 -0.28 -15.36 -63.73
N GLY A 4542 0.80 -16.07 -64.05
CA GLY A 4542 1.87 -16.23 -63.08
C GLY A 4542 2.52 -14.91 -62.71
N GLU A 4543 2.79 -14.06 -63.71
CA GLU A 4543 3.42 -12.77 -63.44
C GLU A 4543 2.53 -11.89 -62.57
N LEU A 4544 1.23 -11.83 -62.90
CA LEU A 4544 0.33 -11.00 -62.10
C LEU A 4544 0.13 -11.56 -60.71
N GLU A 4545 0.14 -12.89 -60.56
CA GLU A 4545 0.04 -13.47 -59.23
C GLU A 4545 1.28 -13.16 -58.39
N VAL A 4546 2.46 -13.21 -59.00
CA VAL A 4546 3.68 -12.86 -58.28
C VAL A 4546 3.63 -11.39 -57.87
N GLN A 4547 3.19 -10.52 -58.79
CA GLN A 4547 3.06 -9.10 -58.45
C GLN A 4547 2.07 -8.91 -57.30
N ARG A 4548 0.94 -9.60 -57.35
CA ARG A 4548 -0.07 -9.46 -56.31
C ARG A 4548 0.44 -9.91 -54.96
N VAL A 4549 1.10 -11.06 -54.91
CA VAL A 4549 1.58 -11.58 -53.62
C VAL A 4549 2.70 -10.71 -53.09
N LYS A 4550 3.58 -10.22 -53.96
CA LYS A 4550 4.63 -9.31 -53.50
C LYS A 4550 4.05 -8.02 -52.94
N PHE A 4551 3.05 -7.47 -53.62
CA PHE A 4551 2.39 -6.26 -53.15
C PHE A 4551 1.72 -6.48 -51.80
N LEU A 4552 1.01 -7.60 -51.66
CA LEU A 4552 0.34 -7.90 -50.40
C LEU A 4552 1.33 -8.12 -49.28
N ASN A 4553 2.47 -8.78 -49.56
CA ASN A 4553 3.49 -8.95 -48.55
C ASN A 4553 4.09 -7.61 -48.14
N TYR A 4554 4.30 -6.70 -49.10
CA TYR A 4554 4.79 -5.38 -48.76
C TYR A 4554 3.81 -4.65 -47.85
N LEU A 4555 2.51 -4.73 -48.17
CA LEU A 4555 1.50 -4.09 -47.34
C LEU A 4555 1.48 -4.67 -45.94
N SER A 4556 1.57 -6.01 -45.84
CA SER A 4556 1.56 -6.65 -44.53
C SER A 4556 2.79 -6.25 -43.71
N ARG A 4557 3.94 -6.13 -44.37
CA ARG A 4557 5.14 -5.70 -43.66
C ARG A 4557 5.01 -4.26 -43.16
N ASN A 4558 4.45 -3.38 -43.97
CA ASN A 4558 4.45 -1.95 -43.67
C ASN A 4558 3.09 -1.44 -43.19
N PHE A 4559 2.24 -2.31 -42.66
CA PHE A 4559 0.97 -1.87 -42.09
C PHE A 4559 1.15 -0.75 -41.07
N TYR A 4560 2.07 -0.90 -40.12
CA TYR A 4560 2.21 0.10 -39.07
C TYR A 4560 2.76 1.40 -39.60
N THR A 4561 3.69 1.34 -40.56
CA THR A 4561 4.19 2.55 -41.18
C THR A 4561 3.09 3.25 -41.96
N LEU A 4562 2.20 2.48 -42.60
CA LEU A 4562 1.07 3.07 -43.31
C LEU A 4562 0.09 3.73 -42.34
N ARG A 4563 -0.13 3.12 -41.17
CA ARG A 4563 -0.99 3.75 -40.17
C ARG A 4563 -0.39 5.06 -39.67
N PHE A 4564 0.92 5.07 -39.43
CA PHE A 4564 1.57 6.32 -39.04
C PHE A 4564 1.49 7.35 -40.15
N LEU A 4565 1.62 6.90 -41.40
CA LEU A 4565 1.50 7.82 -42.53
C LEU A 4565 0.10 8.41 -42.63
N ALA A 4566 -0.92 7.60 -42.36
CA ALA A 4566 -2.28 8.11 -42.37
C ALA A 4566 -2.51 9.12 -41.27
N LEU A 4567 -1.94 8.87 -40.08
CA LEU A 4567 -2.04 9.86 -39.01
C LEU A 4567 -1.34 11.17 -39.40
N PHE A 4568 -0.17 11.07 -40.02
CA PHE A 4568 0.53 12.28 -40.46
C PHE A 4568 -0.29 13.03 -41.51
N LEU A 4569 -0.91 12.30 -42.44
CA LEU A 4569 -1.71 12.95 -43.46
C LEU A 4569 -2.94 13.60 -42.86
N ALA A 4570 -3.55 12.99 -41.85
CA ALA A 4570 -4.65 13.64 -41.16
C ALA A 4570 -4.19 14.94 -40.52
N PHE A 4571 -3.03 14.94 -39.88
CA PHE A 4571 -2.54 16.17 -39.27
C PHE A 4571 -2.23 17.23 -40.32
N ALA A 4572 -1.67 16.83 -41.46
CA ALA A 4572 -1.39 17.78 -42.52
C ALA A 4572 -2.67 18.39 -43.09
N ILE A 4573 -3.68 17.56 -43.33
CA ILE A 4573 -4.94 18.06 -43.86
C ILE A 4573 -5.62 18.98 -42.87
N ASN A 4574 -5.61 18.62 -41.59
CA ASN A 4574 -6.26 19.46 -40.60
C ASN A 4574 -5.50 20.74 -40.34
N PHE A 4575 -4.18 20.75 -40.58
CA PHE A 4575 -3.45 22.00 -40.55
C PHE A 4575 -3.82 22.88 -41.74
N ILE A 4576 -3.96 22.29 -42.92
CA ILE A 4576 -4.41 23.06 -44.08
C ILE A 4576 -5.80 23.62 -43.88
N LEU A 4577 -6.68 22.90 -43.21
CA LEU A 4577 -8.06 23.32 -42.99
C LEU A 4577 -8.17 24.49 -42.02
N LEU A 4578 -7.08 24.86 -41.36
CA LEU A 4578 -7.05 26.03 -40.49
C LEU A 4578 -6.99 27.34 -41.26
N PHE A 4579 -6.84 27.29 -42.58
CA PHE A 4579 -6.87 28.47 -43.43
C PHE A 4579 -8.19 28.63 -44.15
N TYR A 4580 -9.22 27.90 -43.71
CA TYR A 4580 -10.53 27.97 -44.30
C TYR A 4580 -11.28 29.20 -43.81
N LYS A 4581 -12.24 29.65 -44.63
CA LYS A 4581 -13.10 30.78 -44.30
C LYS A 4581 -14.45 30.55 -44.93
N VAL A 4582 -15.38 31.45 -44.64
CA VAL A 4582 -16.72 31.42 -45.21
C VAL A 4582 -17.04 32.82 -45.71
N SER A 4583 -17.69 32.90 -46.87
CA SER A 4583 -18.01 34.18 -47.47
C SER A 4583 -19.43 34.14 -48.01
N ASP A 4584 -20.17 35.24 -47.81
CA ASP A 4584 -21.48 35.36 -48.43
C ASP A 4584 -21.37 35.54 -49.93
N SER A 4585 -20.42 36.36 -50.38
CA SER A 4585 -20.15 36.51 -51.80
C SER A 4585 -19.13 35.45 -52.25
N PRO A 4586 -19.23 34.98 -53.49
CA PRO A 4586 -18.26 33.98 -53.97
C PRO A 4586 -16.88 34.57 -54.05
N PRO A 4587 -15.82 33.75 -53.92
CA PRO A 4587 -14.44 34.22 -54.01
C PRO A 4587 -14.06 34.65 -55.43
N ASN A 4626 -28.79 34.18 -50.40
CA ASN A 4626 -28.14 34.44 -49.12
C ASN A 4626 -27.21 33.29 -48.74
N MET A 4627 -26.93 32.42 -49.71
CA MET A 4627 -26.07 31.28 -49.47
C MET A 4627 -24.63 31.73 -49.22
N VAL A 4628 -23.92 30.96 -48.39
CA VAL A 4628 -22.56 31.26 -48.00
C VAL A 4628 -21.61 30.35 -48.78
N TYR A 4629 -20.44 30.87 -49.12
CA TYR A 4629 -19.43 30.14 -49.87
C TYR A 4629 -18.22 29.87 -48.98
N TYR A 4630 -17.80 28.61 -48.93
CA TYR A 4630 -16.63 28.21 -48.15
C TYR A 4630 -15.44 28.09 -49.09
N PHE A 4631 -14.41 28.89 -48.84
CA PHE A 4631 -13.22 28.87 -49.68
C PHE A 4631 -11.99 28.90 -48.80
N LEU A 4632 -10.97 28.15 -49.19
CA LEU A 4632 -9.72 28.13 -48.45
C LEU A 4632 -8.85 29.29 -48.91
N GLU A 4633 -8.53 30.19 -47.99
CA GLU A 4633 -7.81 31.42 -48.30
C GLU A 4633 -6.35 31.24 -47.88
N GLU A 4634 -5.43 31.45 -48.82
CA GLU A 4634 -4.01 31.40 -48.52
C GLU A 4634 -3.25 32.22 -49.55
N SER A 4635 -2.23 32.94 -49.08
CA SER A 4635 -1.54 33.89 -49.95
C SER A 4635 -0.77 33.16 -51.06
N THR A 4636 0.01 32.14 -50.70
CA THR A 4636 0.85 31.47 -51.68
C THR A 4636 0.02 30.78 -52.75
N GLY A 4637 -1.05 30.09 -52.35
CA GLY A 4637 -1.92 29.40 -53.27
C GLY A 4637 -1.55 27.96 -53.57
N TYR A 4638 -0.38 27.51 -53.13
CA TYR A 4638 -0.01 26.10 -53.31
C TYR A 4638 -0.81 25.19 -52.40
N MET A 4639 -1.47 25.75 -51.37
CA MET A 4639 -2.17 24.94 -50.39
C MET A 4639 -3.39 24.26 -50.98
N GLU A 4640 -4.05 24.87 -51.96
CA GLU A 4640 -5.20 24.20 -52.58
C GLU A 4640 -4.78 22.92 -53.32
N PRO A 4641 -3.79 22.94 -54.24
CA PRO A 4641 -3.33 21.67 -54.82
C PRO A 4641 -2.75 20.72 -53.78
N ALA A 4642 -2.05 21.26 -52.79
CA ALA A 4642 -1.53 20.39 -51.73
C ALA A 4642 -2.66 19.66 -51.02
N LEU A 4643 -3.75 20.35 -50.71
CA LEU A 4643 -4.88 19.73 -50.04
C LEU A 4643 -5.55 18.70 -50.92
N TRP A 4644 -5.73 19.01 -52.21
CA TRP A 4644 -6.36 18.04 -53.11
C TRP A 4644 -5.55 16.74 -53.17
N CYS A 4645 -4.24 16.87 -53.41
CA CYS A 4645 -3.40 15.69 -53.52
C CYS A 4645 -3.29 14.96 -52.19
N LEU A 4646 -3.28 15.70 -51.08
CA LEU A 4646 -3.21 15.05 -49.77
C LEU A 4646 -4.48 14.26 -49.47
N SER A 4647 -5.64 14.78 -49.86
CA SER A 4647 -6.87 14.02 -49.68
C SER A 4647 -6.87 12.74 -50.52
N LEU A 4648 -6.44 12.84 -51.78
CA LEU A 4648 -6.37 11.63 -52.61
C LEU A 4648 -5.41 10.62 -52.00
N LEU A 4649 -4.22 11.07 -51.61
CA LEU A 4649 -3.22 10.19 -51.05
C LEU A 4649 -3.68 9.59 -49.73
N HIS A 4650 -4.42 10.36 -48.93
CA HIS A 4650 -4.93 9.85 -47.66
C HIS A 4650 -5.96 8.76 -47.88
N THR A 4651 -6.88 8.95 -48.83
CA THR A 4651 -7.84 7.88 -49.12
C THR A 4651 -7.13 6.63 -49.60
N LEU A 4652 -6.14 6.79 -50.48
CA LEU A 4652 -5.37 5.64 -50.96
C LEU A 4652 -4.69 4.92 -49.81
N VAL A 4653 -4.05 5.67 -48.91
CA VAL A 4653 -3.33 5.06 -47.80
C VAL A 4653 -4.29 4.37 -46.85
N ALA A 4654 -5.50 4.92 -46.65
CA ALA A 4654 -6.48 4.25 -45.80
C ALA A 4654 -6.91 2.91 -46.41
N PHE A 4655 -7.14 2.89 -47.74
CA PHE A 4655 -7.49 1.64 -48.38
C PHE A 4655 -6.34 0.63 -48.28
N LEU A 4656 -5.11 1.09 -48.46
CA LEU A 4656 -3.96 0.21 -48.31
C LEU A 4656 -3.84 -0.31 -46.88
N CYS A 4657 -4.20 0.51 -45.89
CA CYS A 4657 -4.22 0.05 -44.50
C CYS A 4657 -5.25 -1.05 -44.30
N ILE A 4658 -6.42 -0.89 -44.91
CA ILE A 4658 -7.44 -1.93 -44.80
C ILE A 4658 -6.93 -3.25 -45.39
N ILE A 4659 -6.31 -3.17 -46.57
CA ILE A 4659 -5.81 -4.39 -47.21
C ILE A 4659 -4.69 -5.02 -46.39
N GLY A 4660 -3.76 -4.20 -45.89
CA GLY A 4660 -2.68 -4.73 -45.06
C GLY A 4660 -3.19 -5.37 -43.79
N TYR A 4661 -4.22 -4.79 -43.18
CA TYR A 4661 -4.85 -5.44 -42.04
C TYR A 4661 -5.44 -6.78 -42.43
N ASN A 4662 -6.17 -6.82 -43.54
CA ASN A 4662 -6.79 -8.07 -43.97
C ASN A 4662 -5.75 -9.15 -44.23
N CYS A 4663 -4.55 -8.76 -44.68
CA CYS A 4663 -3.53 -9.75 -44.98
C CYS A 4663 -2.64 -10.08 -43.78
N LEU A 4664 -2.66 -9.26 -42.73
CA LEU A 4664 -1.76 -9.45 -41.60
C LEU A 4664 -2.47 -9.90 -40.32
N LYS A 4665 -3.52 -9.21 -39.91
CA LYS A 4665 -4.15 -9.43 -38.62
C LYS A 4665 -5.38 -10.32 -38.68
N VAL A 4666 -6.06 -10.38 -39.82
CA VAL A 4666 -7.24 -11.23 -40.00
C VAL A 4666 -6.90 -12.72 -39.84
N PRO A 4667 -5.79 -13.23 -40.38
CA PRO A 4667 -5.49 -14.66 -40.19
C PRO A 4667 -5.44 -15.07 -38.74
N LEU A 4668 -4.96 -14.21 -37.84
CA LEU A 4668 -4.94 -14.57 -36.43
C LEU A 4668 -6.36 -14.65 -35.86
N VAL A 4669 -7.24 -13.75 -36.29
CA VAL A 4669 -8.63 -13.80 -35.83
C VAL A 4669 -9.28 -15.11 -36.28
N ILE A 4670 -9.08 -15.48 -37.54
CA ILE A 4670 -9.67 -16.71 -38.06
C ILE A 4670 -9.06 -17.93 -37.37
N PHE A 4671 -7.75 -17.89 -37.12
CA PHE A 4671 -7.08 -18.98 -36.42
C PHE A 4671 -7.64 -19.16 -35.01
N LYS A 4672 -7.79 -18.06 -34.28
CA LYS A 4672 -8.34 -18.16 -32.93
C LYS A 4672 -9.76 -18.67 -32.94
N ARG A 4673 -10.56 -18.21 -33.91
CA ARG A 4673 -11.95 -18.66 -34.01
C ARG A 4673 -12.01 -20.16 -34.26
N GLU A 4674 -11.25 -20.64 -35.25
CA GLU A 4674 -11.26 -22.06 -35.58
C GLU A 4674 -10.72 -22.90 -34.43
N LYS A 4675 -9.66 -22.42 -33.77
CA LYS A 4675 -9.09 -23.15 -32.65
C LYS A 4675 -10.10 -23.30 -31.52
N GLU A 4676 -10.75 -22.19 -31.17
CA GLU A 4676 -11.73 -22.24 -30.08
C GLU A 4676 -12.91 -23.12 -30.44
N LEU A 4677 -13.39 -23.03 -31.69
CA LEU A 4677 -14.49 -23.88 -32.11
C LEU A 4677 -14.11 -25.35 -32.05
N ALA A 4678 -12.91 -25.70 -32.53
CA ALA A 4678 -12.49 -27.09 -32.50
C ALA A 4678 -12.38 -27.60 -31.07
N ARG A 4679 -11.82 -26.79 -30.17
CA ARG A 4679 -11.69 -27.23 -28.78
C ARG A 4679 -13.05 -27.42 -28.13
N LYS A 4680 -13.96 -26.47 -28.32
CA LYS A 4680 -15.27 -26.58 -27.67
C LYS A 4680 -16.20 -27.55 -28.38
N LEU A 4681 -15.85 -27.99 -29.58
CA LEU A 4681 -16.63 -29.04 -30.25
C LEU A 4681 -16.12 -30.43 -29.91
N GLU A 4682 -14.81 -30.59 -29.74
CA GLU A 4682 -14.22 -31.87 -29.42
C GLU A 4682 -14.24 -32.19 -27.93
N PHE A 4683 -14.08 -31.19 -27.06
CA PHE A 4683 -14.01 -31.42 -25.63
C PHE A 4683 -15.26 -31.03 -24.87
N ASP A 4684 -16.20 -30.32 -25.51
CA ASP A 4684 -17.45 -29.97 -24.87
C ASP A 4684 -18.69 -30.48 -25.59
N GLY A 4685 -18.54 -31.00 -26.81
CA GLY A 4685 -19.69 -31.45 -27.57
C GLY A 4685 -20.67 -30.33 -27.83
N LEU A 4686 -20.16 -29.20 -28.32
CA LEU A 4686 -20.98 -27.99 -28.41
C LEU A 4686 -22.18 -28.18 -29.35
N TYR A 4687 -21.98 -28.84 -30.49
CA TYR A 4687 -23.06 -29.07 -31.43
C TYR A 4687 -23.44 -30.54 -31.53
N ILE A 4688 -23.03 -31.35 -30.55
CA ILE A 4688 -23.34 -32.76 -30.52
C ILE A 4688 -24.18 -33.14 -29.31
N THR A 4689 -23.86 -32.58 -28.15
CA THR A 4689 -24.62 -32.84 -26.93
C THR A 4689 -25.25 -31.59 -26.35
N GLU A 4690 -24.46 -30.53 -26.14
CA GLU A 4690 -24.95 -29.36 -25.42
C GLU A 4690 -25.91 -28.52 -26.26
N GLN A 4691 -25.58 -28.30 -27.53
CA GLN A 4691 -26.28 -27.40 -28.45
C GLN A 4691 -26.09 -25.95 -28.01
N PRO A 4692 -25.98 -25.01 -28.95
CA PRO A 4692 -25.83 -23.60 -28.57
C PRO A 4692 -27.11 -23.06 -27.95
N GLY A 4693 -26.95 -22.00 -27.17
CA GLY A 4693 -28.04 -21.44 -26.41
C GLY A 4693 -29.02 -20.58 -27.17
N ASP A 4694 -28.80 -20.39 -28.48
CA ASP A 4694 -29.69 -19.63 -29.37
C ASP A 4694 -29.61 -18.14 -29.07
N ASP A 4695 -28.92 -17.76 -28.01
CA ASP A 4695 -28.60 -16.37 -27.72
C ASP A 4695 -27.13 -16.04 -27.97
N ASP A 4696 -26.33 -17.04 -28.32
CA ASP A 4696 -24.92 -16.84 -28.64
C ASP A 4696 -24.80 -16.71 -30.15
N VAL A 4697 -24.76 -15.47 -30.64
CA VAL A 4697 -24.61 -15.24 -32.06
C VAL A 4697 -23.30 -15.84 -32.57
N LYS A 4698 -22.27 -15.84 -31.73
CA LYS A 4698 -20.99 -16.44 -32.10
C LYS A 4698 -21.16 -17.91 -32.44
N GLY A 4699 -21.77 -18.68 -31.54
CA GLY A 4699 -21.99 -20.09 -31.80
C GLY A 4699 -22.96 -20.34 -32.95
N GLN A 4700 -24.02 -19.53 -33.03
CA GLN A 4700 -25.00 -19.72 -34.09
C GLN A 4700 -24.38 -19.49 -35.47
N TRP A 4701 -23.50 -18.48 -35.59
CA TRP A 4701 -22.82 -18.26 -36.85
C TRP A 4701 -21.74 -19.30 -37.11
N ASP A 4702 -21.07 -19.78 -36.05
CA ASP A 4702 -20.11 -20.86 -36.22
C ASP A 4702 -20.78 -22.15 -36.66
N ARG A 4703 -22.10 -22.27 -36.46
CA ARG A 4703 -22.83 -23.44 -36.97
C ARG A 4703 -22.71 -23.58 -38.48
N LEU A 4704 -22.40 -22.50 -39.19
CA LEU A 4704 -22.35 -22.51 -40.65
C LEU A 4704 -21.09 -23.16 -41.21
N VAL A 4705 -20.05 -23.37 -40.39
CA VAL A 4705 -18.76 -23.79 -40.92
C VAL A 4705 -18.46 -25.26 -40.67
N LEU A 4706 -19.27 -25.95 -39.87
CA LEU A 4706 -18.99 -27.36 -39.57
C LEU A 4706 -19.05 -28.21 -40.82
N ASN A 4707 -20.05 -27.99 -41.68
CA ASN A 4707 -20.23 -28.82 -42.85
C ASN A 4707 -19.20 -28.54 -43.94
N THR A 4708 -18.48 -27.43 -43.84
CA THR A 4708 -17.60 -27.01 -44.92
C THR A 4708 -16.45 -27.99 -45.11
N PRO A 4709 -16.04 -28.25 -46.35
CA PRO A 4709 -14.91 -29.17 -46.59
C PRO A 4709 -13.59 -28.67 -46.06
N SER A 4710 -13.46 -27.38 -45.77
CA SER A 4710 -12.20 -26.78 -45.33
C SER A 4710 -12.40 -25.99 -44.06
N PHE A 4711 -13.03 -26.62 -43.06
CA PHE A 4711 -13.28 -25.93 -41.79
C PHE A 4711 -12.00 -25.45 -41.13
N PRO A 4712 -10.96 -26.27 -40.92
CA PRO A 4712 -9.69 -25.71 -40.45
C PRO A 4712 -8.81 -25.27 -41.60
N SER A 4713 -8.54 -23.98 -41.71
CA SER A 4713 -7.66 -23.46 -42.74
C SER A 4713 -6.45 -22.71 -42.19
N ASN A 4714 -6.60 -22.01 -41.09
CA ASN A 4714 -5.46 -21.47 -40.36
C ASN A 4714 -5.06 -22.35 -39.18
N TYR A 4715 -6.03 -22.96 -38.51
CA TYR A 4715 -5.73 -23.89 -37.44
C TYR A 4715 -4.95 -25.08 -37.98
N TRP A 4716 -3.91 -25.49 -37.26
CA TRP A 4716 -3.03 -26.55 -37.73
C TRP A 4716 -3.48 -27.94 -37.32
N ASP A 4717 -4.63 -28.07 -36.65
CA ASP A 4717 -5.16 -29.37 -36.25
C ASP A 4717 -5.99 -29.92 -37.40
N LYS A 4718 -5.35 -30.70 -38.27
CA LYS A 4718 -6.03 -31.19 -39.46
C LYS A 4718 -7.02 -32.31 -39.14
N PHE A 4719 -6.76 -33.09 -38.09
CA PHE A 4719 -7.59 -34.23 -37.75
C PHE A 4719 -8.66 -33.90 -36.72
N VAL A 4720 -9.13 -32.65 -36.68
CA VAL A 4720 -10.11 -32.26 -35.66
C VAL A 4720 -11.42 -33.01 -35.88
N LYS A 4721 -11.86 -33.11 -37.14
CA LYS A 4721 -13.10 -33.81 -37.43
C LYS A 4721 -13.00 -35.28 -37.08
N ARG A 4722 -11.88 -35.92 -37.43
CA ARG A 4722 -11.71 -37.33 -37.11
C ARG A 4722 -11.67 -37.55 -35.60
N LYS A 4723 -10.99 -36.66 -34.87
CA LYS A 4723 -10.91 -36.80 -33.41
C LYS A 4723 -12.28 -36.64 -32.76
N VAL A 4724 -13.05 -35.63 -33.19
CA VAL A 4724 -14.37 -35.44 -32.58
C VAL A 4724 -15.30 -36.58 -32.97
N LEU A 4725 -15.17 -37.12 -34.18
CA LEU A 4725 -15.95 -38.28 -34.56
C LEU A 4725 -15.61 -39.48 -33.68
N ASP A 4726 -14.32 -39.75 -33.49
CA ASP A 4726 -13.93 -40.86 -32.63
C ASP A 4726 -14.40 -40.66 -31.20
N LYS A 4727 -14.48 -39.41 -30.75
CA LYS A 4727 -14.89 -39.16 -29.37
C LYS A 4727 -16.40 -39.30 -29.19
N HIS A 4728 -17.20 -38.86 -30.16
CA HIS A 4728 -18.64 -38.77 -29.96
C HIS A 4728 -19.49 -39.76 -30.76
N GLY A 4729 -18.88 -40.56 -31.64
CA GLY A 4729 -19.67 -41.44 -32.49
C GLY A 4729 -20.37 -42.54 -31.72
N ASP A 4730 -19.64 -43.23 -30.85
CA ASP A 4730 -20.19 -44.40 -30.18
C ASP A 4730 -21.41 -44.05 -29.34
N ILE A 4731 -21.59 -42.78 -29.00
CA ILE A 4731 -22.76 -42.36 -28.24
C ILE A 4731 -23.80 -41.72 -29.15
N PHE A 4732 -23.40 -40.86 -30.08
CA PHE A 4732 -24.34 -40.03 -30.82
C PHE A 4732 -24.50 -40.45 -32.27
N GLY A 4733 -24.15 -41.68 -32.61
CA GLY A 4733 -24.24 -42.12 -33.98
C GLY A 4733 -23.03 -41.69 -34.78
N ARG A 4734 -22.89 -42.29 -35.97
CA ARG A 4734 -21.81 -41.94 -36.88
C ARG A 4734 -22.28 -41.24 -38.14
N GLU A 4735 -23.41 -41.67 -38.72
CA GLU A 4735 -23.92 -40.97 -39.89
C GLU A 4735 -24.36 -39.55 -39.52
N ARG A 4736 -24.95 -39.37 -38.34
CA ARG A 4736 -25.35 -38.05 -37.90
C ARG A 4736 -24.13 -37.13 -37.73
N ILE A 4737 -23.06 -37.65 -37.13
CA ILE A 4737 -21.85 -36.85 -36.96
C ILE A 4737 -21.23 -36.55 -38.33
N ALA A 4738 -21.25 -37.52 -39.23
CA ALA A 4738 -20.68 -37.31 -40.56
C ALA A 4738 -21.43 -36.24 -41.32
N GLU A 4739 -22.77 -36.25 -41.24
CA GLU A 4739 -23.53 -35.21 -41.94
C GLU A 4739 -23.40 -33.86 -41.25
N LEU A 4740 -23.25 -33.84 -39.93
CA LEU A 4740 -23.03 -32.58 -39.23
C LEU A 4740 -21.70 -31.96 -39.64
N LEU A 4741 -20.65 -32.78 -39.77
CA LEU A 4741 -19.32 -32.30 -40.11
C LEU A 4741 -19.05 -32.30 -41.60
N GLY A 4742 -20.02 -32.67 -42.43
CA GLY A 4742 -19.79 -32.70 -43.87
C GLY A 4742 -18.71 -33.67 -44.28
N MET A 4743 -18.71 -34.86 -43.70
CA MET A 4743 -17.69 -35.86 -43.94
C MET A 4743 -18.32 -37.12 -44.51
N ASP A 4744 -17.65 -37.71 -45.50
CA ASP A 4744 -18.10 -38.96 -46.11
C ASP A 4744 -17.44 -40.13 -45.39
N LEU A 4745 -18.25 -40.95 -44.73
CA LEU A 4745 -17.71 -42.09 -44.01
C LEU A 4745 -17.07 -43.11 -44.94
N ALA A 4746 -17.61 -43.28 -46.14
CA ALA A 4746 -17.08 -44.28 -47.08
C ALA A 4746 -15.64 -43.96 -47.47
N SER A 4747 -15.34 -42.68 -47.72
CA SER A 4747 -14.00 -42.29 -48.13
C SER A 4747 -13.03 -42.23 -46.97
N LEU A 4748 -13.49 -42.35 -45.73
CA LEU A 4748 -12.59 -42.31 -44.59
C LEU A 4748 -11.67 -43.52 -44.55
N GLU A 4749 -12.19 -44.70 -44.88
CA GLU A 4749 -11.38 -45.92 -44.77
C GLU A 4749 -10.45 -46.08 -45.96
N ILE A 4750 -11.02 -46.19 -47.16
CA ILE A 4750 -10.21 -46.46 -48.36
C ILE A 4750 -9.81 -45.16 -49.04
N ASP A 4772 -15.19 -22.74 -52.00
CA ASP A 4772 -15.98 -23.04 -50.82
C ASP A 4772 -16.75 -21.80 -50.37
N VAL A 4773 -17.89 -21.56 -51.02
CA VAL A 4773 -18.62 -20.33 -50.80
C VAL A 4773 -19.15 -20.26 -49.37
N LYS A 4774 -19.55 -21.39 -48.81
CA LYS A 4774 -20.07 -21.39 -47.44
C LYS A 4774 -18.98 -20.99 -46.44
N TYR A 4775 -17.78 -21.56 -46.59
CA TYR A 4775 -16.67 -21.19 -45.73
C TYR A 4775 -16.30 -19.72 -45.91
N GLN A 4776 -16.32 -19.24 -47.15
CA GLN A 4776 -16.01 -17.84 -47.40
C GLN A 4776 -17.03 -16.92 -46.74
N ILE A 4777 -18.32 -17.29 -46.79
CA ILE A 4777 -19.34 -16.50 -46.14
C ILE A 4777 -19.12 -16.47 -44.63
N TRP A 4778 -18.81 -17.64 -44.04
CA TRP A 4778 -18.56 -17.67 -42.60
C TRP A 4778 -17.36 -16.80 -42.24
N LYS A 4779 -16.27 -16.90 -43.00
CA LYS A 4779 -15.09 -16.11 -42.71
C LYS A 4779 -15.39 -14.62 -42.84
N PHE A 4780 -16.15 -14.23 -43.86
CA PHE A 4780 -16.48 -12.82 -44.03
C PHE A 4780 -17.34 -12.31 -42.87
N GLY A 4781 -18.28 -13.13 -42.40
CA GLY A 4781 -19.03 -12.74 -41.22
C GLY A 4781 -18.14 -12.54 -40.00
N VAL A 4782 -17.21 -13.47 -39.79
CA VAL A 4782 -16.29 -13.37 -38.65
C VAL A 4782 -15.43 -12.11 -38.78
N ILE A 4783 -14.95 -11.82 -39.99
CA ILE A 4783 -14.13 -10.63 -40.20
C ILE A 4783 -14.94 -9.36 -39.96
N PHE A 4784 -16.15 -9.30 -40.51
CA PHE A 4784 -16.99 -8.12 -40.37
C PHE A 4784 -17.51 -7.94 -38.94
N THR A 4785 -17.42 -8.97 -38.10
CA THR A 4785 -17.71 -8.79 -36.69
C THR A 4785 -16.50 -8.38 -35.87
N ASP A 4786 -15.38 -8.03 -36.52
CA ASP A 4786 -14.14 -7.73 -35.83
C ASP A 4786 -13.98 -6.23 -35.63
N ASN A 4787 -13.65 -5.84 -34.40
CA ASN A 4787 -13.68 -4.43 -34.02
C ASN A 4787 -12.60 -3.61 -34.75
N SER A 4788 -11.39 -4.15 -34.85
CA SER A 4788 -10.33 -3.40 -35.51
C SER A 4788 -10.61 -3.23 -36.99
N PHE A 4789 -11.14 -4.28 -37.64
CA PHE A 4789 -11.52 -4.16 -39.04
C PHE A 4789 -12.64 -3.15 -39.21
N LEU A 4790 -13.61 -3.13 -38.28
CA LEU A 4790 -14.69 -2.16 -38.38
C LEU A 4790 -14.18 -0.73 -38.18
N TYR A 4791 -13.22 -0.55 -37.28
CA TYR A 4791 -12.64 0.77 -37.09
C TYR A 4791 -11.89 1.23 -38.35
N LEU A 4792 -11.16 0.32 -38.99
CA LEU A 4792 -10.46 0.70 -40.21
C LEU A 4792 -11.44 0.98 -41.34
N GLY A 4793 -12.56 0.25 -41.38
CA GLY A 4793 -13.59 0.56 -42.35
C GLY A 4793 -14.24 1.91 -42.11
N TRP A 4794 -14.44 2.27 -40.85
CA TRP A 4794 -14.94 3.60 -40.52
C TRP A 4794 -13.95 4.68 -40.93
N TYR A 4795 -12.66 4.42 -40.72
CA TYR A 4795 -11.62 5.35 -41.18
C TYR A 4795 -11.71 5.53 -42.69
N MET A 4796 -11.87 4.44 -43.42
CA MET A 4796 -11.99 4.52 -44.88
C MET A 4796 -13.26 5.26 -45.30
N VAL A 4797 -14.35 5.07 -44.57
CA VAL A 4797 -15.61 5.75 -44.90
C VAL A 4797 -15.48 7.24 -44.69
N MET A 4798 -14.91 7.67 -43.56
CA MET A 4798 -14.72 9.11 -43.35
C MET A 4798 -13.71 9.68 -44.33
N SER A 4799 -12.73 8.89 -44.75
CA SER A 4799 -11.81 9.35 -45.76
C SER A 4799 -12.52 9.54 -47.10
N LEU A 4800 -13.49 8.68 -47.42
CA LEU A 4800 -14.31 8.90 -48.59
C LEU A 4800 -15.14 10.17 -48.47
N LEU A 4801 -15.76 10.38 -47.31
CA LEU A 4801 -16.60 11.55 -47.11
C LEU A 4801 -15.80 12.84 -47.06
N GLY A 4802 -14.50 12.76 -46.80
CA GLY A 4802 -13.67 13.95 -46.89
C GLY A 4802 -13.68 14.61 -48.26
N HIS A 4803 -13.76 13.80 -49.33
CA HIS A 4803 -13.87 14.37 -50.67
C HIS A 4803 -15.20 15.09 -50.86
N TYR A 4804 -16.27 14.59 -50.24
CA TYR A 4804 -17.55 15.28 -50.30
C TYR A 4804 -17.52 16.58 -49.51
N ASN A 4805 -16.91 16.57 -48.32
CA ASN A 4805 -16.78 17.76 -47.49
C ASN A 4805 -15.50 17.63 -46.67
N ASN A 4806 -14.44 18.30 -47.13
CA ASN A 4806 -13.11 18.24 -46.51
C ASN A 4806 -13.12 18.22 -44.99
N PHE A 4807 -14.07 18.87 -44.35
CA PHE A 4807 -14.04 18.94 -42.89
C PHE A 4807 -14.36 17.61 -42.21
N PHE A 4808 -14.79 16.59 -42.97
CA PHE A 4808 -14.89 15.26 -42.38
C PHE A 4808 -13.54 14.68 -42.04
N PHE A 4809 -12.45 15.26 -42.54
CA PHE A 4809 -11.11 14.81 -42.22
C PHE A 4809 -10.71 15.15 -40.79
N ALA A 4810 -11.51 15.94 -40.07
CA ALA A 4810 -11.24 16.19 -38.67
C ALA A 4810 -11.64 15.03 -37.77
N ALA A 4811 -12.44 14.10 -38.27
CA ALA A 4811 -12.79 12.91 -37.51
C ALA A 4811 -11.64 11.91 -37.47
N HIS A 4812 -10.60 12.11 -38.25
CA HIS A 4812 -9.41 11.28 -38.21
C HIS A 4812 -8.43 11.71 -37.14
N LEU A 4813 -8.60 12.91 -36.56
CA LEU A 4813 -7.77 13.32 -35.45
C LEU A 4813 -8.03 12.46 -34.21
N LEU A 4814 -9.23 11.90 -34.10
CA LEU A 4814 -9.55 11.00 -33.01
C LEU A 4814 -8.70 9.74 -33.03
N ASP A 4815 -8.03 9.46 -34.15
CA ASP A 4815 -7.14 8.31 -34.25
C ASP A 4815 -5.92 8.44 -33.35
N ILE A 4816 -5.64 9.62 -32.80
CA ILE A 4816 -4.51 9.76 -31.90
C ILE A 4816 -4.72 8.93 -30.63
N ALA A 4817 -5.96 8.83 -30.16
CA ALA A 4817 -6.25 8.02 -28.99
C ALA A 4817 -5.92 6.55 -29.23
N MET A 4818 -6.27 6.03 -30.41
CA MET A 4818 -5.96 4.64 -30.74
C MET A 4818 -4.49 4.45 -31.09
N GLY A 4819 -3.82 5.49 -31.57
CA GLY A 4819 -2.44 5.37 -32.00
C GLY A 4819 -1.41 5.54 -30.90
N VAL A 4820 -1.43 6.67 -30.21
CA VAL A 4820 -0.39 7.00 -29.24
C VAL A 4820 -0.66 6.26 -27.94
N LYS A 4821 0.34 5.49 -27.49
CA LYS A 4821 0.18 4.72 -26.26
C LYS A 4821 0.08 5.63 -25.04
N THR A 4822 0.80 6.76 -25.05
CA THR A 4822 0.69 7.70 -23.94
C THR A 4822 -0.73 8.26 -23.83
N LEU A 4823 -1.31 8.66 -24.96
CA LEU A 4823 -2.67 9.17 -24.95
C LEU A 4823 -3.66 8.09 -24.52
N ARG A 4824 -3.47 6.86 -25.00
CA ARG A 4824 -4.38 5.80 -24.61
C ARG A 4824 -4.29 5.51 -23.11
N THR A 4825 -3.08 5.54 -22.56
CA THR A 4825 -2.91 5.33 -21.12
C THR A 4825 -3.54 6.46 -20.32
N ILE A 4826 -3.42 7.70 -20.79
CA ILE A 4826 -4.07 8.82 -20.10
C ILE A 4826 -5.59 8.67 -20.14
N LEU A 4827 -6.14 8.30 -21.30
CA LEU A 4827 -7.59 8.14 -21.43
C LEU A 4827 -8.12 6.93 -20.69
N SER A 4828 -7.24 5.96 -20.37
CA SER A 4828 -7.66 4.85 -19.53
C SER A 4828 -8.10 5.32 -18.14
N SER A 4829 -7.54 6.43 -17.66
CA SER A 4829 -8.01 6.98 -16.39
C SER A 4829 -9.47 7.41 -16.48
N VAL A 4830 -9.85 8.00 -17.62
CA VAL A 4830 -11.25 8.39 -17.81
C VAL A 4830 -12.13 7.16 -17.97
N THR A 4831 -11.68 6.16 -18.75
CA THR A 4831 -12.54 5.03 -19.07
C THR A 4831 -12.57 3.95 -17.99
N HIS A 4832 -11.66 3.98 -17.01
CA HIS A 4832 -11.62 2.95 -15.99
C HIS A 4832 -12.87 2.98 -15.12
N ASN A 4833 -13.33 4.17 -14.76
CA ASN A 4833 -14.55 4.37 -13.97
C ASN A 4833 -15.66 4.97 -14.81
N GLY A 4834 -15.78 4.50 -16.06
CA GLY A 4834 -16.75 5.10 -16.96
C GLY A 4834 -18.19 4.92 -16.50
N LYS A 4835 -18.54 3.72 -16.03
CA LYS A 4835 -19.90 3.49 -15.56
C LYS A 4835 -20.20 4.33 -14.32
N GLN A 4836 -19.21 4.49 -13.44
CA GLN A 4836 -19.39 5.36 -12.28
C GLN A 4836 -19.59 6.80 -12.70
N LEU A 4837 -18.85 7.25 -13.72
CA LEU A 4837 -19.04 8.62 -14.22
C LEU A 4837 -20.44 8.80 -14.79
N VAL A 4838 -20.92 7.83 -15.57
CA VAL A 4838 -22.26 7.92 -16.15
C VAL A 4838 -23.31 7.95 -15.05
N MET A 4839 -23.17 7.09 -14.04
CA MET A 4839 -24.13 7.08 -12.94
C MET A 4839 -24.08 8.38 -12.15
N THR A 4840 -22.89 8.97 -11.99
CA THR A 4840 -22.79 10.24 -11.29
C THR A 4840 -23.45 11.36 -12.07
N VAL A 4841 -23.34 11.34 -13.40
CA VAL A 4841 -24.05 12.32 -14.21
C VAL A 4841 -25.56 12.13 -14.09
N GLY A 4842 -26.02 10.89 -14.08
CA GLY A 4842 -27.45 10.64 -13.88
C GLY A 4842 -27.93 11.10 -12.52
N LEU A 4843 -27.10 10.91 -11.48
CA LEU A 4843 -27.43 11.39 -10.16
C LEU A 4843 -27.51 12.91 -10.13
N LEU A 4844 -26.58 13.57 -10.81
CA LEU A 4844 -26.65 15.03 -10.92
C LEU A 4844 -27.93 15.46 -11.63
N ALA A 4845 -28.31 14.76 -12.69
CA ALA A 4845 -29.57 15.06 -13.38
C ALA A 4845 -30.78 14.90 -12.47
N VAL A 4846 -30.79 13.85 -11.65
CA VAL A 4846 -31.91 13.63 -10.73
C VAL A 4846 -31.97 14.75 -9.68
N VAL A 4847 -30.83 15.10 -9.09
CA VAL A 4847 -30.88 16.12 -8.04
C VAL A 4847 -31.21 17.49 -8.62
N VAL A 4848 -30.76 17.78 -9.84
CA VAL A 4848 -31.17 19.02 -10.48
C VAL A 4848 -32.64 19.00 -10.81
N TYR A 4849 -33.21 17.84 -11.13
CA TYR A 4849 -34.66 17.76 -11.30
C TYR A 4849 -35.39 18.08 -9.99
N LEU A 4850 -34.85 17.59 -8.87
CA LEU A 4850 -35.48 17.90 -7.58
C LEU A 4850 -35.45 19.40 -7.30
N TYR A 4851 -34.30 20.03 -7.52
CA TYR A 4851 -34.22 21.48 -7.34
C TYR A 4851 -35.13 22.21 -8.30
N THR A 4852 -35.25 21.70 -9.54
CA THR A 4852 -36.16 22.30 -10.51
C THR A 4852 -37.60 22.25 -10.03
N VAL A 4853 -38.01 21.12 -9.45
CA VAL A 4853 -39.37 21.00 -8.94
C VAL A 4853 -39.61 22.02 -7.83
N VAL A 4854 -38.65 22.13 -6.92
CA VAL A 4854 -38.80 23.09 -5.82
C VAL A 4854 -38.89 24.51 -6.35
N ALA A 4855 -38.06 24.84 -7.35
CA ALA A 4855 -38.13 26.17 -7.94
C ALA A 4855 -39.45 26.42 -8.64
N PHE A 4856 -39.90 25.47 -9.45
CA PHE A 4856 -41.14 25.64 -10.20
C PHE A 4856 -42.33 25.82 -9.27
N ASN A 4857 -42.26 25.25 -8.06
CA ASN A 4857 -43.38 25.41 -7.14
C ASN A 4857 -43.25 26.61 -6.22
N PHE A 4858 -42.04 27.13 -5.96
CA PHE A 4858 -41.92 28.18 -4.95
C PHE A 4858 -41.16 29.44 -5.36
N PHE A 4859 -40.42 29.44 -6.47
CA PHE A 4859 -39.51 30.53 -6.80
C PHE A 4859 -39.66 30.93 -8.25
N ARG A 4860 -40.89 30.91 -8.76
CA ARG A 4860 -41.11 31.20 -10.18
C ARG A 4860 -40.76 32.65 -10.53
N LYS A 4861 -40.92 33.56 -9.56
CA LYS A 4861 -40.76 34.98 -9.86
C LYS A 4861 -39.31 35.33 -10.15
N PHE A 4862 -38.36 34.67 -9.50
CA PHE A 4862 -36.97 35.09 -9.57
C PHE A 4862 -36.30 34.73 -10.89
N TYR A 4863 -36.92 33.90 -11.72
CA TYR A 4863 -36.27 33.34 -12.91
C TYR A 4863 -36.55 34.16 -14.16
N ASN A 4864 -36.70 35.47 -14.05
CA ASN A 4864 -36.93 36.33 -15.20
C ASN A 4864 -35.58 36.80 -15.74
N LYS A 4865 -35.28 36.44 -16.98
CA LYS A 4865 -33.98 36.73 -17.58
C LYS A 4865 -34.05 37.82 -18.65
N SER A 4866 -34.98 38.77 -18.48
CA SER A 4866 -35.13 39.89 -19.40
C SER A 4866 -35.01 41.19 -18.63
N GLU A 4867 -34.03 42.01 -19.01
CA GLU A 4867 -33.91 43.34 -18.41
C GLU A 4867 -35.06 44.24 -18.85
N ASP A 4868 -35.52 44.08 -20.08
CA ASP A 4868 -36.59 44.92 -20.61
C ASP A 4868 -37.92 44.57 -19.95
N GLU A 4869 -38.61 45.58 -19.45
CA GLU A 4869 -39.93 45.38 -18.87
C GLU A 4869 -41.02 45.27 -19.93
N ASP A 4870 -40.69 45.50 -21.20
CA ASP A 4870 -41.68 45.39 -22.26
C ASP A 4870 -42.18 43.95 -22.37
N GLU A 4871 -41.29 42.98 -22.28
CA GLU A 4871 -41.66 41.57 -22.30
C GLU A 4871 -40.91 40.83 -21.20
N PRO A 4872 -41.60 40.10 -20.33
CA PRO A 4872 -40.90 39.26 -19.35
C PRO A 4872 -40.44 37.96 -20.00
N ASP A 4873 -39.33 37.43 -19.50
CA ASP A 4873 -38.76 36.18 -20.00
C ASP A 4873 -38.54 35.20 -18.86
N MET A 4874 -39.55 35.03 -18.01
CA MET A 4874 -39.47 34.09 -16.90
C MET A 4874 -39.15 32.69 -17.40
N LYS A 4875 -38.12 32.08 -16.83
CA LYS A 4875 -37.62 30.80 -17.31
C LYS A 4875 -37.95 29.65 -16.36
N CYS A 4876 -38.98 29.80 -15.53
CA CYS A 4876 -39.41 28.69 -14.69
C CYS A 4876 -40.93 28.61 -14.61
N ASP A 4877 -41.63 29.13 -15.62
CA ASP A 4877 -43.08 28.97 -15.70
C ASP A 4877 -43.48 27.64 -16.32
N ASP A 4878 -42.51 26.85 -16.76
CA ASP A 4878 -42.75 25.51 -17.27
C ASP A 4878 -41.69 24.59 -16.68
N MET A 4879 -42.10 23.36 -16.37
CA MET A 4879 -41.16 22.40 -15.80
C MET A 4879 -40.07 22.07 -16.79
N MET A 4880 -40.41 21.92 -18.07
CA MET A 4880 -39.41 21.57 -19.08
C MET A 4880 -38.36 22.66 -19.22
N THR A 4881 -38.81 23.91 -19.37
CA THR A 4881 -37.85 24.99 -19.54
C THR A 4881 -37.10 25.30 -18.26
N CYS A 4882 -37.70 25.06 -17.09
CA CYS A 4882 -36.96 25.29 -15.85
C CYS A 4882 -35.91 24.21 -15.61
N TYR A 4883 -36.21 22.96 -15.98
CA TYR A 4883 -35.19 21.92 -15.92
C TYR A 4883 -34.08 22.18 -16.93
N LEU A 4884 -34.43 22.63 -18.14
CA LEU A 4884 -33.41 23.00 -19.11
C LEU A 4884 -32.54 24.14 -18.60
N PHE A 4885 -33.16 25.16 -18.02
CA PHE A 4885 -32.41 26.28 -17.47
C PHE A 4885 -31.48 25.83 -16.35
N HIS A 4886 -31.98 25.00 -15.44
CA HIS A 4886 -31.13 24.51 -14.36
C HIS A 4886 -29.96 23.70 -14.90
N MET A 4887 -30.24 22.68 -15.72
CA MET A 4887 -29.18 21.82 -16.23
C MET A 4887 -28.19 22.57 -17.11
N TYR A 4888 -28.61 23.69 -17.71
CA TYR A 4888 -27.71 24.38 -18.62
C TYR A 4888 -26.90 25.48 -17.95
N VAL A 4889 -27.47 26.21 -16.99
CA VAL A 4889 -26.76 27.33 -16.41
C VAL A 4889 -26.38 27.13 -14.94
N GLY A 4890 -27.14 26.37 -14.16
CA GLY A 4890 -26.85 26.25 -12.75
C GLY A 4890 -25.68 25.34 -12.47
N VAL A 4891 -25.45 24.37 -13.36
CA VAL A 4891 -24.32 23.47 -13.19
C VAL A 4891 -23.07 24.01 -13.88
N ARG A 4892 -23.21 24.92 -14.83
CA ARG A 4892 -22.06 25.58 -15.46
C ARG A 4892 -21.72 26.91 -14.79
N ALA A 4893 -22.51 27.37 -13.84
CA ALA A 4893 -22.19 28.56 -13.08
C ALA A 4893 -21.36 28.20 -11.85
N GLY A 4894 -20.43 29.09 -11.51
CA GLY A 4894 -19.53 28.82 -10.39
C GLY A 4894 -20.23 28.80 -9.05
N GLY A 4895 -21.21 29.68 -8.87
CA GLY A 4895 -21.96 29.76 -7.63
C GLY A 4895 -23.30 29.06 -7.63
N GLY A 4896 -23.62 28.30 -8.67
CA GLY A 4896 -24.88 27.59 -8.71
C GLY A 4896 -25.96 28.34 -9.44
N ILE A 4897 -27.21 28.17 -9.03
CA ILE A 4897 -28.29 28.86 -9.72
C ILE A 4897 -28.42 30.30 -9.21
N GLY A 4898 -27.98 30.56 -7.97
CA GLY A 4898 -28.02 31.90 -7.43
C GLY A 4898 -27.12 32.88 -8.15
N ASP A 4899 -26.18 32.38 -8.95
CA ASP A 4899 -25.43 33.25 -9.85
C ASP A 4899 -26.33 33.84 -10.92
N GLU A 4900 -27.36 33.09 -11.32
CA GLU A 4900 -28.19 33.47 -12.46
C GLU A 4900 -29.49 34.15 -12.04
N ILE A 4901 -30.16 33.64 -11.02
CA ILE A 4901 -31.51 34.12 -10.73
C ILE A 4901 -31.51 35.41 -9.91
N GLU A 4902 -32.69 35.99 -9.76
CA GLU A 4902 -32.86 37.28 -9.09
C GLU A 4902 -32.42 37.21 -7.64
N ASP A 4903 -31.87 38.34 -7.16
CA ASP A 4903 -31.45 38.44 -5.76
C ASP A 4903 -32.66 38.33 -4.84
N PRO A 4904 -32.58 37.55 -3.77
CA PRO A 4904 -33.73 37.39 -2.86
C PRO A 4904 -33.79 38.37 -1.69
N ALA A 4905 -32.92 39.38 -1.65
CA ALA A 4905 -32.94 40.31 -0.53
C ALA A 4905 -34.24 41.10 -0.50
N GLY A 4906 -34.72 41.38 0.71
CA GLY A 4906 -35.98 42.07 0.87
C GLY A 4906 -37.19 41.29 0.40
N ASP A 4907 -37.25 40.01 0.73
CA ASP A 4907 -38.33 39.13 0.30
C ASP A 4907 -38.72 38.24 1.47
N GLU A 4908 -39.97 37.79 1.47
CA GLU A 4908 -40.43 36.91 2.53
C GLU A 4908 -39.84 35.51 2.42
N TYR A 4909 -39.34 35.14 1.23
CA TYR A 4909 -38.70 33.85 1.01
C TYR A 4909 -37.18 33.95 0.99
N GLU A 4910 -36.60 34.94 1.66
CA GLU A 4910 -35.17 35.16 1.58
C GLU A 4910 -34.38 34.00 2.20
N LEU A 4911 -34.76 33.58 3.41
CA LEU A 4911 -34.04 32.48 4.05
C LEU A 4911 -34.23 31.18 3.30
N TYR A 4912 -35.44 30.89 2.84
CA TYR A 4912 -35.67 29.68 2.07
C TYR A 4912 -34.84 29.69 0.80
N ARG A 4913 -34.76 30.83 0.14
CA ARG A 4913 -34.04 30.91 -1.14
C ARG A 4913 -32.53 30.88 -0.95
N VAL A 4914 -32.00 31.43 0.14
CA VAL A 4914 -30.57 31.27 0.39
C VAL A 4914 -30.25 29.82 0.73
N VAL A 4915 -31.13 29.13 1.46
CA VAL A 4915 -30.96 27.70 1.68
C VAL A 4915 -30.98 26.96 0.35
N PHE A 4916 -31.91 27.31 -0.52
CA PHE A 4916 -32.01 26.73 -1.86
C PHE A 4916 -30.69 26.88 -2.62
N ASP A 4917 -30.19 28.10 -2.71
CA ASP A 4917 -28.98 28.37 -3.49
C ASP A 4917 -27.75 27.70 -2.88
N ILE A 4918 -27.59 27.80 -1.57
CA ILE A 4918 -26.38 27.28 -0.95
C ILE A 4918 -26.38 25.75 -0.92
N THR A 4919 -27.55 25.13 -0.77
CA THR A 4919 -27.59 23.68 -0.88
C THR A 4919 -27.27 23.24 -2.30
N PHE A 4920 -27.76 23.99 -3.30
CA PHE A 4920 -27.39 23.70 -4.68
C PHE A 4920 -25.89 23.81 -4.87
N PHE A 4921 -25.29 24.87 -4.34
CA PHE A 4921 -23.85 25.08 -4.47
C PHE A 4921 -23.06 23.97 -3.77
N PHE A 4922 -23.46 23.58 -2.56
CA PHE A 4922 -22.76 22.54 -1.84
C PHE A 4922 -22.88 21.20 -2.55
N PHE A 4923 -24.10 20.79 -2.87
CA PHE A 4923 -24.33 19.43 -3.34
C PHE A 4923 -23.93 19.25 -4.79
N VAL A 4924 -24.37 20.16 -5.66
CA VAL A 4924 -24.15 20.00 -7.09
C VAL A 4924 -22.79 20.54 -7.50
N ILE A 4925 -22.47 21.77 -7.11
CA ILE A 4925 -21.24 22.39 -7.59
C ILE A 4925 -20.02 21.76 -6.94
N VAL A 4926 -20.07 21.49 -5.65
CA VAL A 4926 -18.89 21.05 -4.90
C VAL A 4926 -18.85 19.53 -4.83
N ILE A 4927 -19.85 18.94 -4.19
CA ILE A 4927 -19.82 17.49 -3.94
C ILE A 4927 -19.87 16.72 -5.26
N LEU A 4928 -20.76 17.10 -6.16
CA LEU A 4928 -21.03 16.28 -7.34
C LEU A 4928 -20.00 16.46 -8.44
N LEU A 4929 -19.12 17.44 -8.36
CA LEU A 4929 -17.96 17.50 -9.24
C LEU A 4929 -16.69 17.00 -8.56
N ALA A 4930 -16.62 17.12 -7.23
CA ALA A 4930 -15.58 16.43 -6.49
C ALA A 4930 -15.68 14.93 -6.66
N ILE A 4931 -16.89 14.40 -6.82
CA ILE A 4931 -17.04 12.97 -7.07
C ILE A 4931 -16.39 12.58 -8.39
N ILE A 4932 -16.59 13.39 -9.44
CA ILE A 4932 -15.99 13.10 -10.74
C ILE A 4932 -14.47 13.18 -10.67
N GLN A 4933 -13.96 14.26 -10.06
CA GLN A 4933 -12.51 14.42 -9.95
C GLN A 4933 -11.90 13.29 -9.11
N GLY A 4934 -12.57 12.90 -8.03
CA GLY A 4934 -12.07 11.80 -7.23
C GLY A 4934 -12.12 10.47 -7.96
N LEU A 4935 -13.13 10.26 -8.80
CA LEU A 4935 -13.16 9.06 -9.63
C LEU A 4935 -11.96 9.01 -10.57
N ILE A 4936 -11.62 10.13 -11.19
CA ILE A 4936 -10.47 10.15 -12.10
C ILE A 4936 -9.16 9.94 -11.34
N ILE A 4937 -9.00 10.62 -10.20
CA ILE A 4937 -7.77 10.46 -9.41
C ILE A 4937 -7.63 9.04 -8.90
N ASP A 4938 -8.72 8.45 -8.40
CA ASP A 4938 -8.69 7.08 -7.94
C ASP A 4938 -8.41 6.13 -9.10
N ALA A 4939 -8.84 6.47 -10.31
CA ALA A 4939 -8.47 5.64 -11.47
C ALA A 4939 -6.97 5.67 -11.71
N PHE A 4940 -6.36 6.87 -11.65
CA PHE A 4940 -4.91 6.95 -11.78
C PHE A 4940 -4.22 6.06 -10.75
N GLY A 4941 -4.62 6.20 -9.49
CA GLY A 4941 -4.00 5.43 -8.43
C GLY A 4941 -4.22 3.93 -8.58
N GLU A 4942 -5.42 3.52 -8.97
CA GLU A 4942 -5.72 2.11 -9.11
C GLU A 4942 -4.93 1.48 -10.25
N LEU A 4943 -4.82 2.17 -11.38
CA LEU A 4943 -4.01 1.64 -12.48
C LEU A 4943 -2.55 1.54 -12.07
N ARG A 4944 -2.05 2.55 -11.35
CA ARG A 4944 -0.66 2.51 -10.90
C ARG A 4944 -0.41 1.31 -10.00
N ASP A 4945 -1.31 1.09 -9.03
CA ASP A 4945 -1.08 -0.03 -8.11
C ASP A 4945 -1.30 -1.37 -8.79
N GLN A 4946 -2.15 -1.43 -9.82
CA GLN A 4946 -2.26 -2.66 -10.59
C GLN A 4946 -0.94 -3.00 -11.28
N GLN A 4947 -0.32 -2.00 -11.91
CA GLN A 4947 0.98 -2.24 -12.54
C GLN A 4947 2.02 -2.66 -11.49
N GLU A 4948 2.03 -1.98 -10.35
CA GLU A 4948 3.00 -2.31 -9.31
C GLU A 4948 2.80 -3.72 -8.78
N GLN A 4949 1.54 -4.14 -8.57
CA GLN A 4949 1.27 -5.48 -8.08
C GLN A 4949 1.68 -6.53 -9.09
N VAL A 4950 1.43 -6.28 -10.38
CA VAL A 4950 1.85 -7.24 -11.40
C VAL A 4950 3.37 -7.38 -11.39
N LYS A 4951 4.09 -6.26 -11.35
CA LYS A 4951 5.55 -6.33 -11.33
C LYS A 4951 6.05 -7.05 -10.09
N GLU A 4952 5.47 -6.76 -8.92
CA GLU A 4952 5.91 -7.36 -7.68
C GLU A 4952 5.70 -8.86 -7.70
N ASP A 4953 4.53 -9.32 -8.14
CA ASP A 4953 4.28 -10.76 -8.22
C ASP A 4953 5.23 -11.43 -9.19
N MET A 4954 5.44 -10.81 -10.36
CA MET A 4954 6.30 -11.43 -11.36
C MET A 4954 7.74 -11.53 -10.87
N GLU A 4955 8.23 -10.51 -10.18
CA GLU A 4955 9.61 -10.55 -9.70
C GLU A 4955 9.76 -11.27 -8.37
N THR A 4956 8.66 -11.63 -7.71
CA THR A 4956 8.75 -12.38 -6.46
C THR A 4956 8.59 -13.88 -6.64
N LYS A 4957 7.69 -14.36 -7.50
CA LYS A 4957 7.48 -15.78 -7.66
C LYS A 4957 7.69 -16.19 -9.11
N CYS A 4958 8.10 -17.45 -9.30
CA CYS A 4958 8.28 -17.98 -10.64
C CYS A 4958 6.94 -18.14 -11.34
N PHE A 4959 6.92 -17.81 -12.63
CA PHE A 4959 5.68 -17.86 -13.39
C PHE A 4959 5.19 -19.30 -13.56
N ILE A 4960 6.11 -20.24 -13.78
CA ILE A 4960 5.72 -21.60 -14.13
C ILE A 4960 5.37 -22.40 -12.89
N CYS A 4961 6.28 -22.47 -11.92
CA CYS A 4961 6.11 -23.34 -10.77
C CYS A 4961 5.52 -22.64 -9.54
N GLY A 4962 5.62 -21.31 -9.47
CA GLY A 4962 5.07 -20.57 -8.35
C GLY A 4962 5.94 -20.52 -7.11
N ILE A 4963 7.10 -21.16 -7.12
CA ILE A 4963 7.99 -21.10 -5.97
C ILE A 4963 8.59 -19.71 -5.86
N GLY A 4964 8.56 -19.15 -4.66
CA GLY A 4964 9.01 -17.79 -4.47
C GLY A 4964 10.50 -17.63 -4.66
N SER A 4965 10.91 -16.37 -4.83
CA SER A 4965 12.33 -16.06 -5.00
C SER A 4965 13.12 -16.28 -3.72
N ASP A 4966 12.45 -16.33 -2.57
CA ASP A 4966 13.16 -16.55 -1.31
C ASP A 4966 13.85 -17.90 -1.31
N TYR A 4967 13.22 -18.92 -1.90
CA TYR A 4967 13.85 -20.23 -1.97
C TYR A 4967 15.12 -20.20 -2.83
N PHE A 4968 15.01 -19.64 -4.04
CA PHE A 4968 16.14 -19.68 -4.96
C PHE A 4968 17.24 -18.71 -4.58
N ASP A 4969 16.95 -17.69 -3.78
CA ASP A 4969 17.95 -16.70 -3.42
C ASP A 4969 19.02 -17.22 -2.47
N THR A 4970 18.85 -18.43 -1.93
CA THR A 4970 19.91 -19.01 -1.11
C THR A 4970 21.20 -19.15 -1.91
N THR A 4971 21.10 -19.62 -3.12
CA THR A 4971 22.20 -19.51 -4.08
C THR A 4971 22.21 -18.09 -4.65
N PRO A 4972 23.36 -17.42 -4.66
CA PRO A 4972 23.41 -16.07 -5.23
C PRO A 4972 22.97 -16.06 -6.68
N HIS A 4973 22.11 -15.08 -7.02
CA HIS A 4973 21.49 -14.98 -8.34
C HIS A 4973 20.69 -16.24 -8.68
N GLY A 4974 20.20 -16.92 -7.64
CA GLY A 4974 19.49 -18.17 -7.86
C GLY A 4974 18.17 -17.98 -8.60
N PHE A 4975 17.39 -16.97 -8.20
CA PHE A 4975 16.11 -16.74 -8.87
C PHE A 4975 16.33 -16.28 -10.30
N GLU A 4976 17.33 -15.44 -10.54
CA GLU A 4976 17.63 -15.00 -11.90
C GLU A 4976 18.02 -16.18 -12.77
N THR A 4977 18.87 -17.06 -12.26
CA THR A 4977 19.26 -18.26 -13.01
C THR A 4977 18.05 -19.15 -13.27
N HIS A 4978 17.21 -19.34 -12.26
CA HIS A 4978 16.05 -20.23 -12.41
C HIS A 4978 15.09 -19.70 -13.47
N THR A 4979 14.79 -18.41 -13.45
CA THR A 4979 13.82 -17.87 -14.40
C THR A 4979 14.42 -17.72 -15.79
N LEU A 4980 15.72 -17.45 -15.90
CA LEU A 4980 16.33 -17.30 -17.21
C LEU A 4980 16.57 -18.65 -17.89
N GLU A 4981 16.91 -19.69 -17.11
CA GLU A 4981 17.34 -20.96 -17.69
C GLU A 4981 16.39 -22.11 -17.38
N GLU A 4982 16.08 -22.33 -16.10
CA GLU A 4982 15.37 -23.55 -15.73
C GLU A 4982 13.90 -23.49 -16.13
N HIS A 4983 13.22 -22.38 -15.88
CA HIS A 4983 11.78 -22.25 -16.10
C HIS A 4983 11.47 -21.06 -16.98
N ASN A 4984 12.17 -20.94 -18.10
CA ASN A 4984 11.92 -19.86 -19.03
C ASN A 4984 10.65 -20.12 -19.82
N LEU A 4985 9.65 -19.24 -19.64
CA LEU A 4985 8.41 -19.38 -20.39
C LEU A 4985 8.66 -19.24 -21.89
N ALA A 4986 9.66 -18.44 -22.27
CA ALA A 4986 10.08 -18.41 -23.66
C ALA A 4986 10.54 -19.78 -24.13
N ASN A 4987 11.28 -20.50 -23.27
CA ASN A 4987 11.71 -21.85 -23.61
C ASN A 4987 10.51 -22.79 -23.77
N TYR A 4988 9.50 -22.65 -22.92
CA TYR A 4988 8.30 -23.47 -23.07
C TYR A 4988 7.60 -23.19 -24.40
N MET A 4989 7.49 -21.91 -24.77
CA MET A 4989 6.89 -21.57 -26.06
C MET A 4989 7.70 -22.15 -27.21
N PHE A 4990 9.03 -22.04 -27.13
CA PHE A 4990 9.88 -22.59 -28.18
C PHE A 4990 9.75 -24.10 -28.26
N PHE A 4991 9.58 -24.77 -27.12
CA PHE A 4991 9.40 -26.21 -27.14
C PHE A 4991 8.07 -26.59 -27.79
N LEU A 4992 7.02 -25.80 -27.54
CA LEU A 4992 5.78 -26.04 -28.26
C LEU A 4992 5.94 -25.86 -29.76
N MET A 4993 6.69 -24.83 -30.18
CA MET A 4993 6.99 -24.68 -31.61
C MET A 4993 7.72 -25.91 -32.13
N TYR A 4994 8.70 -26.39 -31.38
CA TYR A 4994 9.48 -27.56 -31.78
C TYR A 4994 8.60 -28.78 -31.95
N LEU A 4995 7.70 -29.01 -30.99
CA LEU A 4995 6.78 -30.14 -31.07
C LEU A 4995 5.85 -30.02 -32.27
N ILE A 4996 5.30 -28.83 -32.49
CA ILE A 4996 4.34 -28.66 -33.59
C ILE A 4996 5.02 -28.85 -34.94
N ASN A 4997 6.24 -28.33 -35.09
CA ASN A 4997 6.92 -28.38 -36.37
C ASN A 4997 7.70 -29.68 -36.58
N LYS A 4998 7.84 -30.52 -35.56
CA LYS A 4998 8.52 -31.79 -35.72
C LYS A 4998 7.52 -32.89 -36.07
N ASP A 4999 7.91 -33.76 -37.00
CA ASP A 4999 7.06 -34.88 -37.37
C ASP A 4999 6.92 -35.84 -36.20
N GLU A 5000 5.72 -36.41 -36.05
CA GLU A 5000 5.43 -37.23 -34.88
C GLU A 5000 6.21 -38.53 -34.88
N THR A 5001 6.56 -39.04 -36.07
CA THR A 5001 7.26 -40.32 -36.13
C THR A 5001 8.65 -40.22 -35.52
N GLU A 5002 9.26 -39.05 -35.53
CA GLU A 5002 10.61 -38.86 -35.01
C GLU A 5002 10.61 -38.23 -33.62
N HIS A 5003 9.46 -38.15 -32.95
CA HIS A 5003 9.45 -37.70 -31.58
C HIS A 5003 10.14 -38.71 -30.67
N THR A 5004 10.94 -38.21 -29.73
CA THR A 5004 11.50 -39.07 -28.70
C THR A 5004 10.42 -39.42 -27.69
N GLY A 5005 10.80 -40.18 -26.65
CA GLY A 5005 9.80 -40.62 -25.69
C GLY A 5005 9.18 -39.47 -24.92
N GLN A 5006 10.00 -38.58 -24.41
CA GLN A 5006 9.48 -37.44 -23.66
C GLN A 5006 8.74 -36.47 -24.57
N GLU A 5007 9.23 -36.29 -25.79
CA GLU A 5007 8.51 -35.46 -26.76
C GLU A 5007 7.13 -36.03 -27.06
N SER A 5008 7.03 -37.34 -27.24
CA SER A 5008 5.73 -37.96 -27.47
C SER A 5008 4.84 -37.85 -26.25
N TYR A 5009 5.40 -38.00 -25.06
CA TYR A 5009 4.61 -37.86 -23.84
C TYR A 5009 4.00 -36.47 -23.75
N VAL A 5010 4.81 -35.44 -23.99
CA VAL A 5010 4.31 -34.07 -23.94
C VAL A 5010 3.31 -33.83 -25.08
N TRP A 5011 3.57 -34.40 -26.25
CA TRP A 5011 2.67 -34.22 -27.39
C TRP A 5011 1.31 -34.83 -27.10
N LYS A 5012 1.28 -36.01 -26.48
CA LYS A 5012 0.00 -36.62 -26.11
C LYS A 5012 -0.71 -35.79 -25.05
N MET A 5013 0.00 -35.35 -24.02
CA MET A 5013 -0.64 -34.55 -22.98
C MET A 5013 -1.16 -33.24 -23.56
N TYR A 5014 -0.49 -32.71 -24.58
CA TYR A 5014 -0.93 -31.48 -25.23
C TYR A 5014 -2.16 -31.72 -26.09
N GLN A 5015 -2.19 -32.85 -26.82
CA GLN A 5015 -3.37 -33.18 -27.60
C GLN A 5015 -4.59 -33.43 -26.72
N GLU A 5016 -4.38 -33.93 -25.50
CA GLU A 5016 -5.48 -34.13 -24.57
C GLU A 5016 -5.81 -32.90 -23.75
N ARG A 5017 -5.11 -31.79 -23.98
CA ARG A 5017 -5.33 -30.54 -23.25
C ARG A 5017 -5.19 -30.72 -21.74
N CYS A 5018 -4.20 -31.51 -21.33
CA CYS A 5018 -3.91 -31.77 -19.92
C CYS A 5018 -2.56 -31.14 -19.59
N TRP A 5019 -2.58 -30.11 -18.76
CA TRP A 5019 -1.36 -29.37 -18.42
C TRP A 5019 -0.79 -29.87 -17.09
N ASP A 5020 -0.53 -31.17 -17.05
CA ASP A 5020 0.11 -31.79 -15.90
C ASP A 5020 1.60 -32.03 -16.11
N PHE A 5021 2.14 -31.66 -17.27
CA PHE A 5021 3.58 -31.72 -17.50
C PHE A 5021 4.27 -30.43 -17.12
N PHE A 5022 3.53 -29.38 -16.75
CA PHE A 5022 4.14 -28.18 -16.22
C PHE A 5022 4.47 -28.38 -14.76
N PRO A 5023 5.73 -28.20 -14.35
CA PRO A 5023 6.07 -28.41 -12.93
C PRO A 5023 5.39 -27.40 -12.03
N ALA A 5024 4.44 -27.87 -11.22
CA ALA A 5024 3.66 -27.00 -10.33
C ALA A 5024 4.18 -27.17 -8.92
N GLY A 5025 4.84 -26.13 -8.41
CA GLY A 5025 5.38 -26.17 -7.07
C GLY A 5025 6.64 -26.99 -6.91
N ASP A 5026 7.20 -27.49 -8.00
CA ASP A 5026 8.38 -28.34 -7.94
C ASP A 5026 9.37 -27.91 -9.01
N CYS A 5027 10.65 -28.17 -8.76
CA CYS A 5027 11.70 -27.81 -9.70
C CYS A 5027 12.86 -28.80 -9.54
N PHE A 5028 13.80 -28.70 -10.47
CA PHE A 5028 14.97 -29.58 -10.46
C PHE A 5028 15.79 -29.39 -9.19
N ARG A 5029 16.00 -28.13 -8.78
CA ARG A 5029 16.74 -27.85 -7.56
C ARG A 5029 16.05 -28.44 -6.34
N LYS A 5030 14.74 -28.22 -6.22
CA LYS A 5030 14.02 -28.74 -5.07
C LYS A 5030 14.00 -30.26 -5.07
N GLN A 5031 13.98 -30.88 -6.25
CA GLN A 5031 13.93 -32.34 -6.32
C GLN A 5031 15.26 -32.97 -5.98
N TYR A 5032 16.37 -32.41 -6.47
CA TYR A 5032 17.69 -33.00 -6.27
C TYR A 5032 18.56 -32.18 -5.32
N GLU A 5033 17.92 -31.44 -4.41
CA GLU A 5033 18.66 -30.69 -3.40
C GLU A 5033 19.55 -31.60 -2.57
N ASP A 5034 19.05 -32.77 -2.20
CA ASP A 5034 19.85 -33.68 -1.36
C ASP A 5034 21.12 -34.11 -2.08
N GLN A 5035 21.00 -34.46 -3.36
CA GLN A 5035 22.17 -34.95 -4.10
C GLN A 5035 23.12 -33.82 -4.44
N LEU A 5036 22.59 -32.65 -4.85
CA LEU A 5036 23.45 -31.55 -5.23
C LEU A 5036 24.18 -30.96 -4.03
N SER A 5037 23.52 -30.90 -2.88
CA SER A 5037 24.14 -30.34 -1.68
C SER A 5037 24.96 -31.40 -0.93
N ASN B 3950 76.49 -2.73 18.87
CA ASN B 3950 76.07 -3.68 19.88
C ASN B 3950 74.72 -4.30 19.53
N PHE B 3951 73.66 -3.83 20.20
CA PHE B 3951 72.33 -4.33 19.90
C PHE B 3951 71.79 -3.79 18.58
N SER B 3952 72.36 -2.70 18.06
CA SER B 3952 71.89 -2.14 16.80
C SER B 3952 72.06 -3.13 15.66
N LYS B 3953 73.20 -3.81 15.60
CA LYS B 3953 73.41 -4.80 14.55
C LYS B 3953 72.63 -6.08 14.82
N ALA B 3954 72.43 -6.45 16.09
CA ALA B 3954 71.67 -7.64 16.41
C ALA B 3954 70.19 -7.45 16.10
N MET B 3955 69.63 -6.27 16.39
CA MET B 3955 68.23 -6.03 16.10
C MET B 3955 67.98 -5.95 14.59
N SER B 3956 68.95 -5.46 13.82
CA SER B 3956 68.80 -5.42 12.37
C SER B 3956 68.66 -6.82 11.80
N VAL B 3957 69.44 -7.76 12.31
CA VAL B 3957 69.31 -9.15 11.87
C VAL B 3957 67.97 -9.73 12.32
N ALA B 3958 67.54 -9.38 13.54
CA ALA B 3958 66.29 -9.90 14.07
C ALA B 3958 65.09 -9.48 13.24
N LYS B 3959 65.12 -8.26 12.69
CA LYS B 3959 64.03 -7.82 11.82
C LYS B 3959 63.92 -8.70 10.59
N GLN B 3960 65.05 -9.01 9.95
CA GLN B 3960 65.01 -9.84 8.74
C GLN B 3960 64.53 -11.25 9.03
N VAL B 3961 64.82 -11.78 10.23
CA VAL B 3961 64.31 -13.08 10.60
C VAL B 3961 62.79 -13.06 10.65
N PHE B 3962 62.21 -12.00 11.22
CA PHE B 3962 60.77 -11.84 11.26
C PHE B 3962 60.19 -11.53 9.88
N ASN B 3963 60.89 -10.72 9.08
CA ASN B 3963 60.40 -10.38 7.75
C ASN B 3963 60.35 -11.61 6.85
N SER B 3964 61.36 -12.48 6.94
CA SER B 3964 61.33 -13.72 6.18
C SER B 3964 60.19 -14.61 6.65
N LEU B 3965 59.96 -14.68 7.96
CA LEU B 3965 58.83 -15.43 8.48
C LEU B 3965 57.51 -14.81 8.02
N THR B 3966 57.45 -13.48 7.98
CA THR B 3966 56.27 -12.81 7.46
C THR B 3966 56.03 -13.16 6.00
N GLU B 3967 57.10 -13.24 5.21
CA GLU B 3967 56.95 -13.47 3.77
C GLU B 3967 56.48 -14.88 3.47
N TYR B 3968 56.81 -15.84 4.34
CA TYR B 3968 56.42 -17.22 4.08
C TYR B 3968 54.91 -17.40 4.14
N ILE B 3969 54.26 -16.71 5.09
CA ILE B 3969 52.83 -16.93 5.31
C ILE B 3969 51.93 -15.92 4.60
N GLN B 3970 52.46 -14.77 4.21
CA GLN B 3970 51.67 -13.82 3.42
C GLN B 3970 51.31 -14.45 2.09
N GLY B 3971 50.12 -14.10 1.59
CA GLY B 3971 49.56 -14.83 0.49
C GLY B 3971 49.17 -16.21 0.99
N PRO B 3972 48.09 -16.25 1.79
CA PRO B 3972 47.93 -17.32 2.80
C PRO B 3972 48.24 -18.72 2.29
N CYS B 3973 49.29 -19.31 2.88
CA CYS B 3973 49.68 -20.67 2.58
C CYS B 3973 49.29 -21.52 3.78
N THR B 3974 48.38 -22.47 3.56
CA THR B 3974 47.89 -23.30 4.64
C THR B 3974 49.01 -24.13 5.25
N GLY B 3975 49.90 -24.67 4.41
CA GLY B 3975 50.96 -25.52 4.91
C GLY B 3975 51.93 -24.78 5.82
N ASN B 3976 52.37 -23.59 5.40
CA ASN B 3976 53.36 -22.85 6.17
C ASN B 3976 52.80 -22.36 7.49
N GLN B 3977 51.54 -21.91 7.50
CA GLN B 3977 50.92 -21.47 8.74
C GLN B 3977 50.81 -22.62 9.74
N GLN B 3978 50.40 -23.80 9.26
CA GLN B 3978 50.32 -24.95 10.14
C GLN B 3978 51.69 -25.35 10.67
N SER B 3979 52.72 -25.29 9.81
CA SER B 3979 54.06 -25.65 10.24
C SER B 3979 54.57 -24.69 11.31
N LEU B 3980 54.36 -23.38 11.10
CA LEU B 3980 54.81 -22.41 12.09
C LEU B 3980 54.02 -22.50 13.38
N ALA B 3981 52.75 -22.88 13.30
CA ALA B 3981 51.95 -23.08 14.52
C ALA B 3981 52.50 -24.23 15.35
N HIS B 3982 52.91 -25.32 14.69
CA HIS B 3982 53.50 -26.47 15.37
C HIS B 3982 55.02 -26.32 15.44
N SER B 3983 55.45 -25.22 16.04
CA SER B 3983 56.87 -24.90 16.14
C SER B 3983 57.12 -24.17 17.44
N ARG B 3984 58.42 -24.03 17.77
CA ARG B 3984 58.85 -23.33 18.97
C ARG B 3984 58.84 -21.82 18.79
N LEU B 3985 58.13 -21.30 17.79
CA LEU B 3985 58.05 -19.87 17.57
C LEU B 3985 57.39 -19.16 18.74
N TRP B 3986 56.42 -19.81 19.38
CA TRP B 3986 55.65 -19.16 20.44
C TRP B 3986 56.54 -18.78 21.61
N ASP B 3987 57.40 -19.70 22.04
CA ASP B 3987 58.33 -19.38 23.12
C ASP B 3987 59.36 -18.35 22.67
N ALA B 3988 59.73 -18.38 21.38
CA ALA B 3988 60.62 -17.36 20.84
C ALA B 3988 59.97 -15.99 20.89
N VAL B 3989 58.66 -15.92 20.63
CA VAL B 3989 57.94 -14.66 20.75
C VAL B 3989 57.89 -14.21 22.21
N VAL B 3990 57.64 -15.15 23.13
CA VAL B 3990 57.50 -14.80 24.55
C VAL B 3990 58.79 -14.18 25.06
N GLY B 3991 59.93 -14.78 24.73
CA GLY B 3991 61.20 -14.19 25.14
C GLY B 3991 61.42 -12.82 24.56
N PHE B 3992 61.09 -12.65 23.27
CA PHE B 3992 61.20 -11.33 22.65
C PHE B 3992 60.25 -10.34 23.29
N LEU B 3993 59.03 -10.77 23.63
CA LEU B 3993 58.09 -9.91 24.33
C LEU B 3993 58.63 -9.53 25.70
N HIS B 3994 59.25 -10.49 26.39
CA HIS B 3994 59.85 -10.19 27.69
C HIS B 3994 60.97 -9.17 27.56
N VAL B 3995 61.81 -9.32 26.54
CA VAL B 3995 62.86 -8.34 26.30
C VAL B 3995 62.26 -6.99 25.92
N PHE B 3996 61.22 -7.01 25.08
CA PHE B 3996 60.59 -5.76 24.66
C PHE B 3996 60.02 -4.99 25.86
N ALA B 3997 59.43 -5.70 26.82
CA ALA B 3997 58.80 -5.06 27.96
C ALA B 3997 59.80 -4.29 28.82
N HIS B 3998 60.80 -4.99 29.36
CA HIS B 3998 61.70 -4.36 30.32
C HIS B 3998 62.63 -3.35 29.65
N MET B 3999 63.10 -3.66 28.43
CA MET B 3999 64.08 -2.78 27.79
C MET B 3999 63.46 -1.44 27.40
N MET B 4000 62.17 -1.42 27.05
CA MET B 4000 61.52 -0.14 26.76
C MET B 4000 61.49 0.75 28.00
N MET B 4001 61.24 0.16 29.17
CA MET B 4001 61.25 0.94 30.41
C MET B 4001 62.64 1.49 30.70
N LYS B 4002 63.67 0.67 30.52
CA LYS B 4002 65.02 1.11 30.86
C LYS B 4002 65.54 2.14 29.86
N LEU B 4003 65.32 1.91 28.56
CA LEU B 4003 65.86 2.80 27.54
C LEU B 4003 65.16 4.16 27.54
N ALA B 4004 63.93 4.24 28.04
CA ALA B 4004 63.20 5.49 28.02
C ALA B 4004 63.80 6.51 28.99
N GLN B 4005 64.45 6.04 30.05
CA GLN B 4005 65.01 6.95 31.05
C GLN B 4005 66.14 7.79 30.47
N ASP B 4006 67.00 7.19 29.64
CA ASP B 4006 68.19 7.85 29.13
C ASP B 4006 67.86 8.58 27.84
N SER B 4007 68.19 9.89 27.80
CA SER B 4007 67.92 10.68 26.61
C SER B 4007 68.93 10.42 25.51
N SER B 4008 70.15 9.99 25.85
CA SER B 4008 71.16 9.71 24.86
C SER B 4008 70.99 8.36 24.18
N GLN B 4009 70.15 7.48 24.72
CA GLN B 4009 69.93 6.15 24.17
C GLN B 4009 68.59 6.06 23.44
N ILE B 4010 68.04 7.19 22.99
CA ILE B 4010 66.75 7.17 22.30
C ILE B 4010 66.86 6.44 20.97
N GLU B 4011 68.00 6.58 20.29
CA GLU B 4011 68.16 5.95 18.98
C GLU B 4011 68.05 4.43 19.07
N LEU B 4012 68.50 3.85 20.17
CA LEU B 4012 68.34 2.41 20.37
C LEU B 4012 66.87 2.05 20.55
N LEU B 4013 66.12 2.90 21.27
CA LEU B 4013 64.70 2.62 21.47
C LEU B 4013 63.93 2.68 20.15
N LYS B 4014 64.27 3.63 19.28
CA LYS B 4014 63.60 3.72 17.99
C LYS B 4014 63.83 2.46 17.16
N GLU B 4015 65.07 1.95 17.16
CA GLU B 4015 65.35 0.69 16.47
C GLU B 4015 64.62 -0.46 17.16
N LEU B 4016 64.51 -0.43 18.49
CA LEU B 4016 63.77 -1.46 19.20
C LEU B 4016 62.29 -1.40 18.84
N LEU B 4017 61.73 -0.20 18.70
CA LEU B 4017 60.30 -0.06 18.45
C LEU B 4017 59.90 -0.65 17.11
N ASP B 4018 60.67 -0.34 16.05
CA ASP B 4018 60.32 -0.87 14.74
C ASP B 4018 60.54 -2.38 14.66
N LEU B 4019 61.42 -2.92 15.49
CA LEU B 4019 61.55 -4.37 15.58
C LEU B 4019 60.27 -5.00 16.10
N GLN B 4020 59.63 -4.37 17.09
CA GLN B 4020 58.36 -4.88 17.60
C GLN B 4020 57.26 -4.77 16.57
N LYS B 4021 57.31 -3.73 15.72
CA LYS B 4021 56.36 -3.63 14.62
C LYS B 4021 56.53 -4.77 13.63
N ASP B 4022 57.76 -5.23 13.41
CA ASP B 4022 57.97 -6.36 12.52
C ASP B 4022 57.45 -7.66 13.11
N MET B 4023 57.42 -7.78 14.44
CA MET B 4023 56.87 -8.99 15.05
C MET B 4023 55.36 -9.03 14.92
N VAL B 4024 54.68 -7.93 15.21
CA VAL B 4024 53.21 -7.95 15.23
C VAL B 4024 52.66 -8.19 13.84
N VAL B 4025 53.37 -7.74 12.80
CA VAL B 4025 52.96 -8.06 11.43
C VAL B 4025 53.02 -9.56 11.20
N MET B 4026 54.06 -10.21 11.69
CA MET B 4026 54.17 -11.67 11.57
C MET B 4026 53.02 -12.36 12.29
N LEU B 4027 52.62 -11.84 13.45
CA LEU B 4027 51.47 -12.39 14.16
C LEU B 4027 50.18 -12.11 13.41
N LEU B 4028 50.05 -10.91 12.82
CA LEU B 4028 48.86 -10.59 12.04
C LEU B 4028 48.79 -11.40 10.75
N SER B 4029 49.92 -11.90 10.25
CA SER B 4029 49.93 -12.76 9.07
C SER B 4029 49.49 -14.19 9.38
N LEU B 4030 49.77 -14.68 10.59
CA LEU B 4030 49.31 -15.99 10.98
C LEU B 4030 47.80 -16.06 11.12
N LEU B 4031 47.12 -14.92 11.20
CA LEU B 4031 45.67 -14.88 11.30
C LEU B 4031 44.98 -14.78 9.95
N GLU B 4032 45.73 -14.82 8.85
CA GLU B 4032 45.12 -14.87 7.53
C GLU B 4032 44.48 -16.24 7.31
N GLY B 4033 43.24 -16.23 6.83
CA GLY B 4033 42.50 -17.47 6.74
C GLY B 4033 42.03 -18.01 8.08
N ASN B 4034 41.95 -17.16 9.08
CA ASN B 4034 41.56 -17.60 10.43
C ASN B 4034 40.11 -18.06 10.44
N VAL B 4035 39.83 -19.09 11.24
CA VAL B 4035 38.49 -19.59 11.44
C VAL B 4035 38.20 -19.59 12.94
N VAL B 4036 36.90 -19.61 13.26
CA VAL B 4036 36.49 -19.63 14.66
C VAL B 4036 37.05 -20.86 15.33
N ASN B 4037 37.63 -20.67 16.52
CA ASN B 4037 38.28 -21.73 17.28
C ASN B 4037 39.34 -22.43 16.44
N GLY B 4038 40.06 -21.63 15.66
CA GLY B 4038 41.12 -22.17 14.83
C GLY B 4038 42.32 -22.61 15.67
N MET B 4039 43.05 -23.59 15.14
CA MET B 4039 44.22 -24.11 15.85
C MET B 4039 45.27 -23.03 16.02
N ILE B 4040 45.58 -22.30 14.94
CA ILE B 4040 46.60 -21.26 15.01
C ILE B 4040 46.13 -20.12 15.91
N ALA B 4041 44.84 -19.79 15.86
CA ALA B 4041 44.30 -18.74 16.71
C ALA B 4041 44.35 -19.14 18.19
N ARG B 4042 43.94 -20.38 18.50
CA ARG B 4042 43.95 -20.82 19.88
C ARG B 4042 45.36 -20.89 20.45
N GLN B 4043 46.31 -21.40 19.66
CA GLN B 4043 47.69 -21.50 20.13
C GLN B 4043 48.28 -20.12 20.41
N MET B 4044 47.85 -19.10 19.68
CA MET B 4044 48.32 -17.75 19.95
C MET B 4044 47.73 -17.21 21.24
N VAL B 4045 46.50 -17.62 21.58
CA VAL B 4045 45.88 -17.18 22.83
C VAL B 4045 46.68 -17.68 24.03
N ASP B 4046 47.13 -18.94 23.98
CA ASP B 4046 47.94 -19.47 25.06
C ASP B 4046 49.24 -18.69 25.20
N MET B 4047 49.86 -18.32 24.07
CA MET B 4047 51.11 -17.58 24.11
C MET B 4047 50.91 -16.20 24.75
N LEU B 4048 49.80 -15.54 24.44
CA LEU B 4048 49.52 -14.25 25.07
C LEU B 4048 49.26 -14.41 26.56
N VAL B 4049 48.55 -15.47 26.95
CA VAL B 4049 48.24 -15.70 28.36
C VAL B 4049 49.52 -15.91 29.15
N GLU B 4050 50.45 -16.72 28.62
CA GLU B 4050 51.69 -17.01 29.33
C GLU B 4050 52.50 -15.75 29.55
N SER B 4051 52.58 -14.88 28.54
CA SER B 4051 53.31 -13.63 28.64
C SER B 4051 52.41 -12.44 28.89
N SER B 4052 51.31 -12.66 29.63
CA SER B 4052 50.36 -11.59 29.89
C SER B 4052 50.97 -10.46 30.72
N SER B 4053 51.97 -10.79 31.55
CA SER B 4053 52.61 -9.76 32.37
C SER B 4053 53.36 -8.75 31.51
N ASN B 4054 54.05 -9.22 30.47
CA ASN B 4054 54.83 -8.31 29.63
C ASN B 4054 53.93 -7.48 28.73
N VAL B 4055 52.82 -8.05 28.26
CA VAL B 4055 51.91 -7.33 27.37
C VAL B 4055 51.32 -6.12 28.08
N GLU B 4056 50.98 -6.27 29.36
CA GLU B 4056 50.39 -5.17 30.11
C GLU B 4056 51.32 -3.97 30.16
N MET B 4057 52.62 -4.21 30.36
CA MET B 4057 53.58 -3.12 30.34
C MET B 4057 53.69 -2.52 28.94
N ILE B 4058 53.60 -3.36 27.91
CA ILE B 4058 53.68 -2.86 26.54
C ILE B 4058 52.54 -1.89 26.25
N LEU B 4059 51.32 -2.28 26.65
CA LEU B 4059 50.19 -1.38 26.47
C LEU B 4059 50.34 -0.13 27.31
N LYS B 4060 50.93 -0.26 28.49
CA LYS B 4060 51.19 0.88 29.37
C LYS B 4060 52.34 1.74 28.82
N PRO B 4176 37.20 2.72 16.75
CA PRO B 4176 37.00 3.99 16.05
C PRO B 4176 37.83 4.09 14.78
N TYR B 4177 39.14 4.02 14.91
CA TYR B 4177 40.04 3.99 13.78
C TYR B 4177 40.22 2.59 13.20
N LEU B 4178 39.61 1.59 13.83
CA LEU B 4178 39.76 0.19 13.42
C LEU B 4178 38.51 -0.21 12.65
N GLY B 4179 38.66 -0.40 11.36
CA GLY B 4179 37.56 -0.80 10.49
C GLY B 4179 37.68 -2.27 10.14
N ARG B 4180 36.55 -2.95 10.03
CA ARG B 4180 36.50 -4.36 9.69
C ARG B 4180 35.45 -4.59 8.63
N ILE B 4181 35.75 -5.46 7.67
CA ILE B 4181 34.83 -5.85 6.63
C ILE B 4181 34.86 -7.36 6.51
N GLU B 4182 33.88 -7.91 5.81
CA GLU B 4182 33.82 -9.33 5.50
C GLU B 4182 33.83 -9.52 4.00
N ILE B 4183 34.73 -10.38 3.52
CA ILE B 4183 34.85 -10.69 2.10
C ILE B 4183 34.83 -12.20 1.94
N MET B 4184 34.48 -12.65 0.74
CA MET B 4184 34.64 -14.05 0.40
C MET B 4184 36.01 -14.27 -0.23
N GLY B 4185 36.88 -14.97 0.48
CA GLY B 4185 38.27 -15.07 0.11
C GLY B 4185 38.58 -16.25 -0.78
N ALA B 4186 39.88 -16.45 -1.01
CA ALA B 4186 40.35 -17.54 -1.86
C ALA B 4186 40.04 -18.90 -1.25
N SER B 4187 39.78 -18.96 0.05
CA SER B 4187 39.42 -20.23 0.70
C SER B 4187 37.96 -20.58 0.52
N ARG B 4188 37.21 -19.80 -0.27
CA ARG B 4188 35.80 -19.99 -0.58
C ARG B 4188 34.90 -19.85 0.65
N ARG B 4189 35.35 -19.14 1.68
CA ARG B 4189 34.57 -18.89 2.88
C ARG B 4189 34.72 -17.45 3.29
N ILE B 4190 33.71 -16.95 4.02
CA ILE B 4190 33.71 -15.56 4.45
C ILE B 4190 34.88 -15.32 5.40
N GLU B 4191 35.55 -14.18 5.22
CA GLU B 4191 36.72 -13.84 6.00
C GLU B 4191 36.59 -12.40 6.51
N ARG B 4192 37.25 -12.12 7.63
CA ARG B 4192 37.27 -10.80 8.23
C ARG B 4192 38.58 -10.11 7.91
N ILE B 4193 38.50 -8.89 7.40
CA ILE B 4193 39.67 -8.07 7.09
C ILE B 4193 39.67 -6.87 8.01
N TYR B 4194 40.80 -6.62 8.66
CA TYR B 4194 40.96 -5.51 9.58
C TYR B 4194 41.97 -4.52 9.00
N PHE B 4195 41.62 -3.24 9.04
CA PHE B 4195 42.45 -2.19 8.48
C PHE B 4195 42.20 -0.90 9.25
N GLU B 4196 43.13 0.04 9.13
CA GLU B 4196 43.06 1.28 9.88
C GLU B 4196 42.40 2.36 9.03
N ILE B 4197 41.50 3.12 9.65
CA ILE B 4197 40.79 4.22 9.00
C ILE B 4197 41.36 5.52 9.52
N SER B 4198 41.73 6.42 8.60
CA SER B 4198 42.26 7.71 9.02
C SER B 4198 41.14 8.64 9.49
N GLU B 4199 41.48 9.48 10.47
CA GLU B 4199 40.51 10.41 11.02
C GLU B 4199 40.05 11.42 9.98
N THR B 4200 40.97 11.86 9.12
CA THR B 4200 40.59 12.77 8.04
C THR B 4200 39.55 12.14 7.13
N ASN B 4201 39.77 10.88 6.75
CA ASN B 4201 38.82 10.19 5.90
C ASN B 4201 37.47 10.01 6.60
N ARG B 4202 37.50 9.69 7.89
CA ARG B 4202 36.24 9.54 8.62
C ARG B 4202 35.47 10.86 8.68
N ALA B 4203 36.17 11.97 8.93
CA ALA B 4203 35.52 13.27 8.95
C ALA B 4203 34.95 13.63 7.58
N GLN B 4204 35.71 13.34 6.52
CA GLN B 4204 35.20 13.59 5.17
C GLN B 4204 33.96 12.78 4.90
N TRP B 4205 33.91 11.54 5.39
CA TRP B 4205 32.71 10.72 5.25
C TRP B 4205 31.55 11.34 6.02
N GLU B 4206 31.80 11.83 7.22
CA GLU B 4206 30.72 12.41 8.04
C GLU B 4206 30.26 13.77 7.54
N MET B 4207 31.00 14.40 6.62
CA MET B 4207 30.59 15.71 6.11
C MET B 4207 29.18 15.65 5.52
N PRO B 4208 28.36 16.69 5.73
CA PRO B 4208 26.96 16.64 5.28
C PRO B 4208 26.79 16.48 3.78
N GLN B 4209 27.65 17.09 2.96
CA GLN B 4209 27.53 16.93 1.52
C GLN B 4209 27.78 15.47 1.11
N VAL B 4210 28.77 14.84 1.72
CA VAL B 4210 29.03 13.43 1.45
C VAL B 4210 27.86 12.58 1.91
N LYS B 4211 27.27 12.93 3.06
CA LYS B 4211 26.10 12.20 3.53
C LYS B 4211 24.95 12.31 2.53
N GLU B 4212 24.71 13.51 2.00
CA GLU B 4212 23.64 13.68 1.02
C GLU B 4212 23.91 12.90 -0.25
N SER B 4213 25.16 12.89 -0.71
CA SER B 4213 25.51 12.12 -1.90
C SER B 4213 25.27 10.63 -1.66
N LYS B 4214 25.64 10.15 -0.47
CA LYS B 4214 25.40 8.75 -0.13
C LYS B 4214 23.90 8.43 -0.12
N ARG B 4215 23.09 9.31 0.47
CA ARG B 4215 21.65 9.07 0.50
C ARG B 4215 21.07 9.05 -0.91
N GLN B 4216 21.52 9.96 -1.77
CA GLN B 4216 21.04 9.98 -3.15
C GLN B 4216 21.42 8.69 -3.87
N PHE B 4217 22.66 8.23 -3.69
CA PHE B 4217 23.07 6.97 -4.30
C PHE B 4217 22.20 5.82 -3.82
N ILE B 4218 21.96 5.75 -2.51
CA ILE B 4218 21.16 4.65 -1.96
C ILE B 4218 19.76 4.67 -2.54
N PHE B 4219 19.14 5.85 -2.59
CA PHE B 4219 17.80 5.94 -3.15
C PHE B 4219 17.77 5.53 -4.62
N ASP B 4220 18.72 6.02 -5.40
CA ASP B 4220 18.74 5.71 -6.83
C ASP B 4220 18.90 4.22 -7.06
N VAL B 4221 19.84 3.58 -6.35
CA VAL B 4221 20.10 2.16 -6.55
C VAL B 4221 18.88 1.34 -6.12
N VAL B 4222 18.31 1.65 -4.95
CA VAL B 4222 17.20 0.85 -4.47
C VAL B 4222 15.98 1.03 -5.37
N ASN B 4223 15.76 2.24 -5.89
CA ASN B 4223 14.57 2.50 -6.68
C ASN B 4223 14.68 1.90 -8.08
N GLU B 4224 15.83 2.03 -8.74
CA GLU B 4224 15.97 1.59 -10.13
C GLU B 4224 17.25 0.79 -10.34
N GLY B 4225 17.49 -0.20 -9.48
CA GLY B 4225 18.64 -1.06 -9.64
C GLY B 4225 18.30 -2.50 -9.33
N GLY B 4226 19.19 -3.39 -9.77
CA GLY B 4226 19.03 -4.81 -9.54
C GLY B 4226 20.32 -5.43 -9.03
N GLU B 4227 20.22 -6.69 -8.62
CA GLU B 4227 21.36 -7.39 -8.06
C GLU B 4227 22.48 -7.62 -9.08
N ALA B 4228 22.16 -7.60 -10.37
CA ALA B 4228 23.15 -7.92 -11.39
C ALA B 4228 24.28 -6.89 -11.39
N GLU B 4229 23.96 -5.62 -11.24
CA GLU B 4229 24.95 -4.55 -11.34
C GLU B 4229 25.07 -3.71 -10.09
N LYS B 4230 24.42 -4.10 -8.99
CA LYS B 4230 24.41 -3.26 -7.80
C LYS B 4230 25.82 -3.07 -7.25
N MET B 4231 26.63 -4.12 -7.25
CA MET B 4231 27.99 -3.99 -6.73
C MET B 4231 28.87 -3.15 -7.67
N GLU B 4232 28.65 -3.26 -8.98
CA GLU B 4232 29.37 -2.40 -9.90
C GLU B 4232 29.05 -0.92 -9.65
N LEU B 4233 27.76 -0.63 -9.47
CA LEU B 4233 27.36 0.75 -9.17
C LEU B 4233 27.92 1.20 -7.84
N PHE B 4234 27.93 0.31 -6.84
CA PHE B 4234 28.45 0.67 -5.53
C PHE B 4234 29.94 0.96 -5.58
N VAL B 4235 30.70 0.17 -6.34
CA VAL B 4235 32.13 0.42 -6.48
C VAL B 4235 32.37 1.75 -7.20
N SER B 4236 31.59 2.03 -8.25
CA SER B 4236 31.77 3.30 -8.94
C SER B 4236 31.47 4.47 -8.01
N PHE B 4237 30.41 4.35 -7.19
CA PHE B 4237 30.08 5.38 -6.22
C PHE B 4237 31.20 5.57 -5.21
N CYS B 4238 31.79 4.47 -4.75
CA CYS B 4238 32.91 4.56 -3.82
C CYS B 4238 34.08 5.29 -4.45
N GLU B 4239 34.38 5.00 -5.72
CA GLU B 4239 35.48 5.68 -6.41
C GLU B 4239 35.23 7.17 -6.51
N ASP B 4240 34.00 7.56 -6.88
CA ASP B 4240 33.66 8.98 -6.95
C ASP B 4240 33.82 9.65 -5.60
N THR B 4241 33.38 8.98 -4.53
CA THR B 4241 33.52 9.54 -3.20
C THR B 4241 34.97 9.70 -2.80
N ILE B 4242 35.82 8.72 -3.14
CA ILE B 4242 37.24 8.82 -2.82
C ILE B 4242 37.87 10.01 -3.54
N PHE B 4243 37.53 10.19 -4.82
CA PHE B 4243 38.09 11.32 -5.55
C PHE B 4243 37.62 12.65 -4.95
N GLU B 4244 36.34 12.72 -4.56
CA GLU B 4244 35.84 13.93 -3.92
C GLU B 4244 36.57 14.20 -2.62
N MET B 4245 36.85 13.17 -1.83
CA MET B 4245 37.59 13.34 -0.59
C MET B 4245 38.99 13.86 -0.87
N GLN B 4246 39.63 13.37 -1.93
CA GLN B 4246 40.95 13.88 -2.29
C GLN B 4246 40.88 15.36 -2.67
N ILE B 4247 39.85 15.75 -3.42
CA ILE B 4247 39.69 17.16 -3.79
C ILE B 4247 39.50 18.03 -2.55
N ALA B 4248 38.65 17.58 -1.63
CA ALA B 4248 38.42 18.35 -0.41
C ALA B 4248 39.69 18.48 0.41
N ALA B 4249 40.47 17.39 0.52
CA ALA B 4249 41.73 17.45 1.24
C ALA B 4249 42.70 18.42 0.59
N GLN B 4250 42.76 18.42 -0.75
CA GLN B 4250 43.65 19.33 -1.45
C GLN B 4250 43.26 20.79 -1.20
N ILE B 4251 41.96 21.09 -1.26
CA ILE B 4251 41.53 22.49 -1.11
C ILE B 4251 41.48 22.94 0.34
N SER B 4252 41.52 22.03 1.30
CA SER B 4252 41.51 22.42 2.70
C SER B 4252 42.77 23.22 3.05
N GLU B 4253 42.58 24.35 3.71
CA GLU B 4253 43.69 25.25 4.02
C GLU B 4253 44.32 24.89 5.36
N PRO B 4254 45.63 24.63 5.42
CA PRO B 4254 46.36 24.31 6.65
C PRO B 4254 46.25 25.40 7.70
N PHE B 4540 59.52 36.24 -9.03
CA PHE B 4540 58.24 36.81 -8.62
C PHE B 4540 57.10 35.86 -8.96
N TRP B 4541 57.35 34.92 -9.88
CA TRP B 4541 56.32 33.98 -10.28
C TRP B 4541 55.85 33.11 -9.14
N GLY B 4542 56.74 32.79 -8.20
CA GLY B 4542 56.34 31.96 -7.07
C GLY B 4542 55.30 32.64 -6.20
N GLU B 4543 55.48 33.93 -5.91
CA GLU B 4543 54.53 34.65 -5.08
C GLU B 4543 53.15 34.71 -5.73
N LEU B 4544 53.12 35.02 -7.03
CA LEU B 4544 51.82 35.10 -7.71
C LEU B 4544 51.17 33.74 -7.85
N GLU B 4545 51.98 32.68 -8.02
CA GLU B 4545 51.40 31.34 -8.07
C GLU B 4545 50.81 30.95 -6.72
N VAL B 4546 51.49 31.29 -5.62
CA VAL B 4546 50.95 31.00 -4.30
C VAL B 4546 49.66 31.77 -4.09
N GLN B 4547 49.64 33.05 -4.48
CA GLN B 4547 48.42 33.84 -4.38
C GLN B 4547 47.29 33.22 -5.20
N ARG B 4548 47.60 32.79 -6.41
CA ARG B 4548 46.58 32.22 -7.29
C ARG B 4548 46.01 30.93 -6.71
N VAL B 4549 46.87 30.04 -6.22
CA VAL B 4549 46.39 28.77 -5.69
C VAL B 4549 45.62 28.98 -4.41
N LYS B 4550 46.06 29.91 -3.56
CA LYS B 4550 45.31 30.21 -2.35
C LYS B 4550 43.93 30.77 -2.67
N PHE B 4551 43.86 31.68 -3.64
CA PHE B 4551 42.59 32.24 -4.06
C PHE B 4551 41.66 31.17 -4.61
N LEU B 4552 42.20 30.29 -5.46
CA LEU B 4552 41.38 29.23 -6.04
C LEU B 4552 40.90 28.25 -4.98
N ASN B 4553 41.76 27.94 -4.00
CA ASN B 4553 41.32 27.08 -2.90
C ASN B 4553 40.23 27.73 -2.08
N TYR B 4554 40.34 29.05 -1.83
CA TYR B 4554 39.28 29.75 -1.12
C TYR B 4554 37.96 29.68 -1.88
N LEU B 4555 38.02 29.89 -3.20
CA LEU B 4555 36.82 29.81 -4.02
C LEU B 4555 36.21 28.42 -3.98
N SER B 4556 37.05 27.38 -4.08
CA SER B 4556 36.55 26.02 -4.04
C SER B 4556 35.92 25.70 -2.70
N ARG B 4557 36.51 26.19 -1.61
CA ARG B 4557 35.93 25.97 -0.30
C ARG B 4557 34.57 26.66 -0.16
N ASN B 4558 34.46 27.88 -0.67
CA ASN B 4558 33.27 28.70 -0.42
C ASN B 4558 32.34 28.78 -1.63
N PHE B 4559 32.41 27.82 -2.54
CA PHE B 4559 31.47 27.78 -3.67
C PHE B 4559 30.01 27.87 -3.23
N TYR B 4560 29.60 27.08 -2.24
CA TYR B 4560 28.20 27.07 -1.85
C TYR B 4560 27.79 28.36 -1.17
N THR B 4561 28.69 28.94 -0.36
CA THR B 4561 28.39 30.23 0.25
C THR B 4561 28.28 31.31 -0.82
N LEU B 4562 29.11 31.23 -1.87
CA LEU B 4562 29.00 32.18 -2.96
C LEU B 4562 27.70 32.03 -3.73
N ARG B 4563 27.24 30.78 -3.92
CA ARG B 4563 25.94 30.57 -4.57
C ARG B 4563 24.81 31.15 -3.74
N PHE B 4564 24.86 30.94 -2.43
CA PHE B 4564 23.85 31.55 -1.55
C PHE B 4564 23.93 33.07 -1.60
N LEU B 4565 25.15 33.61 -1.67
CA LEU B 4565 25.31 35.05 -1.76
C LEU B 4565 24.73 35.59 -3.06
N ALA B 4566 24.91 34.86 -4.16
CA ALA B 4566 24.34 35.28 -5.43
C ALA B 4566 22.82 35.25 -5.39
N LEU B 4567 22.24 34.23 -4.75
CA LEU B 4567 20.78 34.21 -4.58
C LEU B 4567 20.30 35.39 -3.75
N PHE B 4568 21.02 35.71 -2.66
CA PHE B 4568 20.64 36.87 -1.85
C PHE B 4568 20.74 38.16 -2.65
N LEU B 4569 21.78 38.30 -3.46
CA LEU B 4569 21.93 39.50 -4.26
C LEU B 4569 20.84 39.60 -5.32
N ALA B 4570 20.42 38.48 -5.89
CA ALA B 4570 19.30 38.51 -6.81
C ALA B 4570 18.04 38.99 -6.11
N PHE B 4571 17.79 38.50 -4.89
CA PHE B 4571 16.61 38.94 -4.17
C PHE B 4571 16.69 40.43 -3.82
N ALA B 4572 17.88 40.91 -3.44
CA ALA B 4572 18.04 42.32 -3.13
C ALA B 4572 17.80 43.20 -4.36
N ILE B 4573 18.36 42.80 -5.51
CA ILE B 4573 18.18 43.57 -6.73
C ILE B 4573 16.73 43.57 -7.15
N ASN B 4574 16.05 42.42 -7.07
CA ASN B 4574 14.66 42.37 -7.49
C ASN B 4574 13.75 43.08 -6.51
N PHE B 4575 14.15 43.21 -5.25
CA PHE B 4575 13.40 44.07 -4.34
C PHE B 4575 13.59 45.54 -4.69
N ILE B 4576 14.81 45.93 -5.04
CA ILE B 4576 15.04 47.31 -5.49
C ILE B 4576 14.27 47.62 -6.76
N LEU B 4577 14.13 46.67 -7.66
CA LEU B 4577 13.43 46.87 -8.93
C LEU B 4577 11.93 47.04 -8.77
N LEU B 4578 11.40 46.81 -7.57
CA LEU B 4578 9.99 47.05 -7.28
C LEU B 4578 9.67 48.52 -7.11
N PHE B 4579 10.68 49.40 -7.10
CA PHE B 4579 10.47 50.84 -7.04
C PHE B 4579 10.64 51.50 -8.40
N TYR B 4580 10.64 50.70 -9.47
CA TYR B 4580 10.79 51.21 -10.81
C TYR B 4580 9.47 51.79 -11.32
N LYS B 4581 9.58 52.71 -12.27
CA LYS B 4581 8.43 53.32 -12.92
C LYS B 4581 8.79 53.64 -14.35
N VAL B 4582 7.81 54.12 -15.10
CA VAL B 4582 8.00 54.55 -16.49
C VAL B 4582 7.35 55.91 -16.65
N SER B 4583 8.01 56.79 -17.39
CA SER B 4583 7.51 58.15 -17.58
C SER B 4583 7.68 58.54 -19.04
N ASP B 4584 6.66 59.22 -19.58
CA ASP B 4584 6.79 59.78 -20.92
C ASP B 4584 7.76 60.95 -20.94
N SER B 4585 7.69 61.81 -19.93
CA SER B 4585 8.65 62.90 -19.78
C SER B 4585 9.87 62.41 -18.99
N PRO B 4586 11.06 62.94 -19.28
CA PRO B 4586 12.24 62.51 -18.53
C PRO B 4586 12.14 62.94 -17.08
N PRO B 4587 12.80 62.22 -16.16
CA PRO B 4587 12.79 62.58 -14.74
C PRO B 4587 13.57 63.86 -14.44
N ASN B 4626 7.70 60.55 -28.49
CA ASN B 4626 6.73 59.83 -27.67
C ASN B 4626 7.40 58.70 -26.89
N MET B 4627 8.73 58.74 -26.85
CA MET B 4627 9.49 57.72 -26.14
C MET B 4627 9.25 57.82 -24.63
N VAL B 4628 9.31 56.67 -23.96
CA VAL B 4628 9.07 56.57 -22.53
C VAL B 4628 10.41 56.42 -21.82
N TYR B 4629 10.51 56.99 -20.63
CA TYR B 4629 11.72 56.94 -19.82
C TYR B 4629 11.48 56.09 -18.58
N TYR B 4630 12.37 55.14 -18.34
CA TYR B 4630 12.29 54.27 -17.17
C TYR B 4630 13.25 54.79 -16.12
N PHE B 4631 12.72 55.15 -14.96
CA PHE B 4631 13.53 55.68 -13.88
C PHE B 4631 13.10 55.05 -12.57
N LEU B 4632 14.07 54.74 -11.72
CA LEU B 4632 13.78 54.17 -10.41
C LEU B 4632 13.47 55.30 -9.43
N GLU B 4633 12.26 55.29 -8.90
CA GLU B 4633 11.78 56.37 -8.03
C GLU B 4633 11.86 55.90 -6.59
N GLU B 4634 12.55 56.66 -5.75
CA GLU B 4634 12.63 56.38 -4.33
C GLU B 4634 12.93 57.66 -3.57
N SER B 4635 12.29 57.81 -2.41
CA SER B 4635 12.39 59.07 -1.67
C SER B 4635 13.81 59.29 -1.14
N THR B 4636 14.38 58.28 -0.48
CA THR B 4636 15.69 58.44 0.14
C THR B 4636 16.78 58.72 -0.89
N GLY B 4637 16.77 57.98 -2.00
CA GLY B 4637 17.74 58.15 -3.05
C GLY B 4637 18.99 57.31 -2.93
N TYR B 4638 19.19 56.64 -1.80
CA TYR B 4638 20.34 55.74 -1.67
C TYR B 4638 20.16 54.48 -2.50
N MET B 4639 18.93 54.19 -2.95
CA MET B 4639 18.66 52.95 -3.66
C MET B 4639 19.33 52.92 -5.03
N GLU B 4640 19.50 54.06 -5.68
CA GLU B 4640 20.19 54.04 -6.98
C GLU B 4640 21.65 53.62 -6.83
N PRO B 4641 22.47 54.24 -5.95
CA PRO B 4641 23.83 53.71 -5.75
C PRO B 4641 23.84 52.29 -5.21
N ALA B 4642 22.89 51.96 -4.34
CA ALA B 4642 22.81 50.59 -3.84
C ALA B 4642 22.61 49.61 -4.99
N LEU B 4643 21.72 49.93 -5.93
CA LEU B 4643 21.46 49.05 -7.06
C LEU B 4643 22.68 48.95 -7.97
N TRP B 4644 23.35 50.07 -8.23
CA TRP B 4644 24.54 50.01 -9.08
C TRP B 4644 25.61 49.10 -8.48
N CYS B 4645 25.92 49.32 -7.20
CA CYS B 4645 26.95 48.51 -6.56
C CYS B 4645 26.51 47.06 -6.43
N LEU B 4646 25.22 46.82 -6.19
CA LEU B 4646 24.74 45.44 -6.08
C LEU B 4646 24.84 44.71 -7.41
N SER B 4647 24.56 45.39 -8.52
CA SER B 4647 24.73 44.76 -9.82
C SER B 4647 26.19 44.43 -10.10
N LEU B 4648 27.10 45.36 -9.79
CA LEU B 4648 28.52 45.06 -9.99
C LEU B 4648 28.95 43.87 -9.13
N LEU B 4649 28.57 43.89 -7.85
CA LEU B 4649 28.95 42.83 -6.93
C LEU B 4649 28.33 41.49 -7.34
N HIS B 4650 27.10 41.52 -7.88
CA HIS B 4650 26.46 40.29 -8.32
C HIS B 4650 27.17 39.70 -9.52
N THR B 4651 27.56 40.52 -10.49
CA THR B 4651 28.32 39.99 -11.62
C THR B 4651 29.64 39.40 -11.16
N LEU B 4652 30.33 40.09 -10.25
CA LEU B 4652 31.59 39.57 -9.72
C LEU B 4652 31.38 38.23 -9.03
N VAL B 4653 30.34 38.12 -8.20
CA VAL B 4653 30.09 36.89 -7.47
C VAL B 4653 29.70 35.76 -8.42
N ALA B 4654 28.98 36.06 -9.50
CA ALA B 4654 28.66 35.03 -10.48
C ALA B 4654 29.92 34.51 -11.17
N PHE B 4655 30.84 35.41 -11.53
CA PHE B 4655 32.09 34.97 -12.12
C PHE B 4655 32.90 34.13 -11.14
N LEU B 4656 32.93 34.55 -9.87
CA LEU B 4656 33.63 33.77 -8.86
C LEU B 4656 32.98 32.40 -8.67
N CYS B 4657 31.65 32.31 -8.80
CA CYS B 4657 30.98 31.02 -8.74
C CYS B 4657 31.39 30.13 -9.89
N ILE B 4658 31.51 30.71 -11.09
CA ILE B 4658 31.96 29.92 -12.24
C ILE B 4658 33.37 29.36 -11.98
N ILE B 4659 34.27 30.21 -11.48
CA ILE B 4659 35.64 29.76 -11.24
C ILE B 4659 35.67 28.69 -10.14
N GLY B 4660 34.93 28.91 -9.06
CA GLY B 4660 34.89 27.92 -7.99
C GLY B 4660 34.33 26.59 -8.46
N TYR B 4661 33.32 26.62 -9.32
CA TYR B 4661 32.82 25.39 -9.92
C TYR B 4661 33.92 24.71 -10.73
N ASN B 4662 34.60 25.48 -11.58
CA ASN B 4662 35.64 24.90 -12.41
C ASN B 4662 36.75 24.27 -11.57
N CYS B 4663 37.02 24.81 -10.38
CA CYS B 4663 38.08 24.27 -9.56
C CYS B 4663 37.61 23.18 -8.60
N LEU B 4664 36.29 23.04 -8.39
CA LEU B 4664 35.78 22.08 -7.42
C LEU B 4664 35.04 20.90 -8.05
N LYS B 4665 34.10 21.15 -8.95
CA LYS B 4665 33.22 20.12 -9.46
C LYS B 4665 33.65 19.56 -10.81
N VAL B 4666 34.38 20.33 -11.61
CA VAL B 4666 34.88 19.89 -12.91
C VAL B 4666 35.83 18.70 -12.78
N PRO B 4667 36.76 18.66 -11.82
CA PRO B 4667 37.65 17.49 -11.72
C PRO B 4667 36.90 16.18 -11.58
N LEU B 4668 35.76 16.17 -10.88
CA LEU B 4668 35.00 14.92 -10.77
C LEU B 4668 34.39 14.53 -12.12
N VAL B 4669 33.94 15.50 -12.90
CA VAL B 4669 33.40 15.19 -14.22
C VAL B 4669 34.49 14.59 -15.10
N ILE B 4670 35.68 15.19 -15.09
CA ILE B 4670 36.78 14.68 -15.91
C ILE B 4670 37.22 13.31 -15.42
N PHE B 4671 37.24 13.11 -14.10
CA PHE B 4671 37.60 11.82 -13.53
C PHE B 4671 36.62 10.74 -13.95
N LYS B 4672 35.32 11.02 -13.87
CA LYS B 4672 34.33 10.04 -14.28
C LYS B 4672 34.44 9.73 -15.76
N ARG B 4673 34.67 10.76 -16.58
CA ARG B 4673 34.81 10.55 -18.02
C ARG B 4673 35.99 9.65 -18.33
N GLU B 4674 37.16 9.97 -17.76
CA GLU B 4674 38.35 9.17 -18.00
C GLU B 4674 38.20 7.74 -17.48
N LYS B 4675 37.59 7.60 -16.30
CA LYS B 4675 37.39 6.27 -15.73
C LYS B 4675 36.51 5.43 -16.62
N GLU B 4676 35.39 6.00 -17.07
CA GLU B 4676 34.47 5.25 -17.93
C GLU B 4676 35.12 4.90 -19.25
N LEU B 4677 35.86 5.85 -19.84
CA LEU B 4677 36.54 5.56 -21.10
C LEU B 4677 37.57 4.45 -20.94
N ALA B 4678 38.35 4.49 -19.85
CA ALA B 4678 39.35 3.46 -19.63
C ALA B 4678 38.69 2.09 -19.45
N ARG B 4679 37.60 2.03 -18.69
CA ARG B 4679 36.93 0.75 -18.49
C ARG B 4679 36.35 0.21 -19.79
N LYS B 4680 35.69 1.05 -20.57
CA LYS B 4680 35.06 0.57 -21.80
C LYS B 4680 36.06 0.40 -22.93
N LEU B 4681 37.28 0.90 -22.78
CA LEU B 4681 38.33 0.64 -23.76
C LEU B 4681 39.12 -0.62 -23.43
N GLU B 4682 39.35 -0.89 -22.15
CA GLU B 4682 40.09 -2.06 -21.73
C GLU B 4682 39.24 -3.32 -21.64
N PHE B 4683 37.97 -3.21 -21.25
CA PHE B 4683 37.11 -4.37 -21.06
C PHE B 4683 36.09 -4.57 -22.16
N ASP B 4684 35.90 -3.59 -23.04
CA ASP B 4684 34.98 -3.73 -24.16
C ASP B 4684 35.62 -3.55 -25.52
N GLY B 4685 36.88 -3.10 -25.58
CA GLY B 4685 37.52 -2.85 -26.85
C GLY B 4685 36.77 -1.82 -27.68
N LEU B 4686 36.45 -0.69 -27.07
CA LEU B 4686 35.55 0.27 -27.70
C LEU B 4686 36.13 0.82 -29.00
N TYR B 4687 37.42 1.14 -29.02
CA TYR B 4687 38.06 1.66 -30.22
C TYR B 4687 39.07 0.68 -30.82
N ILE B 4688 38.99 -0.59 -30.44
CA ILE B 4688 39.87 -1.62 -30.94
C ILE B 4688 39.12 -2.70 -31.70
N THR B 4689 37.96 -3.12 -31.18
CA THR B 4689 37.13 -4.12 -31.85
C THR B 4689 35.76 -3.60 -32.22
N GLU B 4690 35.04 -3.00 -31.27
CA GLU B 4690 33.64 -2.65 -31.50
C GLU B 4690 33.50 -1.43 -32.41
N GLN B 4691 34.31 -0.40 -32.18
CA GLN B 4691 34.24 0.91 -32.83
C GLN B 4691 32.97 1.64 -32.39
N PRO B 4692 33.02 2.96 -32.23
CA PRO B 4692 31.82 3.71 -31.84
C PRO B 4692 30.79 3.72 -32.96
N GLY B 4693 29.54 3.93 -32.56
CA GLY B 4693 28.43 3.85 -33.47
C GLY B 4693 28.21 5.03 -34.39
N ASP B 4694 29.05 6.07 -34.28
CA ASP B 4694 29.02 7.26 -35.13
C ASP B 4694 27.81 8.13 -34.80
N ASP B 4695 26.92 7.64 -33.96
CA ASP B 4695 25.82 8.43 -33.41
C ASP B 4695 26.04 8.78 -31.94
N ASP B 4696 27.11 8.28 -31.33
CA ASP B 4696 27.45 8.60 -29.95
C ASP B 4696 28.46 9.74 -29.97
N VAL B 4697 27.97 10.97 -29.80
CA VAL B 4697 28.86 12.11 -29.77
C VAL B 4697 29.86 11.98 -28.62
N LYS B 4698 29.44 11.37 -27.52
CA LYS B 4698 30.34 11.14 -26.39
C LYS B 4698 31.55 10.32 -26.80
N GLY B 4699 31.32 9.17 -27.43
CA GLY B 4699 32.43 8.35 -27.88
C GLY B 4699 33.25 8.99 -28.99
N GLN B 4700 32.57 9.67 -29.92
CA GLN B 4700 33.28 10.30 -31.02
C GLN B 4700 34.21 11.40 -30.52
N TRP B 4701 33.77 12.18 -29.51
CA TRP B 4701 34.64 13.19 -28.95
C TRP B 4701 35.72 12.58 -28.07
N ASP B 4702 35.41 11.48 -27.37
CA ASP B 4702 36.43 10.78 -26.60
C ASP B 4702 37.51 10.19 -27.50
N ARG B 4703 37.21 10.01 -28.79
CA ARG B 4703 38.23 9.55 -29.72
C ARG B 4703 39.43 10.49 -29.79
N LEU B 4704 39.26 11.75 -29.40
CA LEU B 4704 40.32 12.75 -29.50
C LEU B 4704 41.38 12.62 -28.42
N VAL B 4705 41.12 11.87 -27.35
CA VAL B 4705 42.01 11.88 -26.18
C VAL B 4705 42.89 10.65 -26.09
N LEU B 4706 42.64 9.62 -26.90
CA LEU B 4706 43.43 8.39 -26.80
C LEU B 4706 44.89 8.65 -27.11
N ASN B 4707 45.17 9.43 -28.15
CA ASN B 4707 46.55 9.65 -28.58
C ASN B 4707 47.31 10.58 -27.64
N THR B 4708 46.62 11.28 -26.75
CA THR B 4708 47.25 12.30 -25.93
C THR B 4708 48.26 11.68 -24.97
N PRO B 4709 49.40 12.34 -24.74
CA PRO B 4709 50.39 11.81 -23.79
C PRO B 4709 49.90 11.76 -22.35
N SER B 4710 48.85 12.48 -22.01
CA SER B 4710 48.35 12.57 -20.63
C SER B 4710 46.87 12.25 -20.58
N PHE B 4711 46.47 11.13 -21.19
CA PHE B 4711 45.06 10.76 -21.21
C PHE B 4711 44.49 10.60 -19.80
N PRO B 4712 45.07 9.83 -18.88
CA PRO B 4712 44.58 9.86 -17.50
C PRO B 4712 45.26 10.94 -16.69
N SER B 4713 44.51 11.94 -16.24
CA SER B 4713 45.05 13.00 -15.41
C SER B 4713 44.37 13.11 -14.05
N ASN B 4714 43.07 12.86 -13.98
CA ASN B 4714 42.39 12.70 -12.71
C ASN B 4714 42.21 11.24 -12.32
N TYR B 4715 41.98 10.37 -13.30
CA TYR B 4715 41.90 8.94 -13.03
C TYR B 4715 43.23 8.44 -12.49
N TRP B 4716 43.18 7.60 -11.46
CA TRP B 4716 44.39 7.13 -10.79
C TRP B 4716 44.96 5.86 -11.40
N ASP B 4717 44.37 5.35 -12.48
CA ASP B 4717 44.87 4.15 -13.15
C ASP B 4717 45.92 4.58 -14.17
N LYS B 4718 47.18 4.60 -13.75
CA LYS B 4718 48.24 5.09 -14.61
C LYS B 4718 48.59 4.11 -15.71
N PHE B 4719 48.42 2.81 -15.47
CA PHE B 4719 48.80 1.78 -16.42
C PHE B 4719 47.65 1.34 -17.31
N VAL B 4720 46.69 2.23 -17.58
CA VAL B 4720 45.53 1.84 -18.39
C VAL B 4720 45.97 1.50 -19.81
N LYS B 4721 46.85 2.31 -20.38
CA LYS B 4721 47.32 2.06 -21.74
C LYS B 4721 48.08 0.74 -21.82
N ARG B 4722 48.96 0.49 -20.85
CA ARG B 4722 49.72 -0.76 -20.86
C ARG B 4722 48.80 -1.96 -20.70
N LYS B 4723 47.79 -1.85 -19.82
CA LYS B 4723 46.86 -2.96 -19.62
C LYS B 4723 46.05 -3.25 -20.87
N VAL B 4724 45.53 -2.20 -21.52
CA VAL B 4724 44.74 -2.43 -22.73
C VAL B 4724 45.63 -2.95 -23.85
N LEU B 4725 46.88 -2.50 -23.93
CA LEU B 4725 47.80 -3.05 -24.91
C LEU B 4725 48.04 -4.53 -24.66
N ASP B 4726 48.32 -4.91 -23.41
CA ASP B 4726 48.53 -6.32 -23.10
C ASP B 4726 47.29 -7.15 -23.38
N LYS B 4727 46.10 -6.56 -23.23
CA LYS B 4727 44.88 -7.32 -23.45
C LYS B 4727 44.57 -7.49 -24.94
N HIS B 4728 44.83 -6.47 -25.77
CA HIS B 4728 44.37 -6.50 -27.15
C HIS B 4728 45.46 -6.63 -28.20
N GLY B 4729 46.74 -6.61 -27.82
CA GLY B 4729 47.80 -6.63 -28.82
C GLY B 4729 47.88 -7.93 -29.59
N ASP B 4730 47.85 -9.06 -28.88
CA ASP B 4730 48.07 -10.35 -29.53
C ASP B 4730 47.02 -10.63 -30.59
N ILE B 4731 45.89 -9.95 -30.54
CA ILE B 4731 44.85 -10.13 -31.55
C ILE B 4731 44.88 -9.01 -32.58
N PHE B 4732 45.04 -7.75 -32.15
CA PHE B 4732 44.83 -6.61 -33.03
C PHE B 4732 46.12 -5.90 -33.40
N GLY B 4733 47.27 -6.57 -33.27
CA GLY B 4733 48.52 -5.93 -33.57
C GLY B 4733 49.02 -5.11 -32.39
N ARG B 4734 50.29 -4.72 -32.47
CA ARG B 4734 50.90 -3.88 -31.45
C ARG B 4734 51.24 -2.48 -31.94
N GLU B 4735 51.75 -2.35 -33.17
CA GLU B 4735 52.02 -1.02 -33.70
C GLU B 4735 50.71 -0.23 -33.87
N ARG B 4736 49.65 -0.90 -34.31
CA ARG B 4736 48.36 -0.24 -34.46
C ARG B 4736 47.84 0.26 -33.11
N ILE B 4737 47.94 -0.57 -32.07
CA ILE B 4737 47.50 -0.15 -30.74
C ILE B 4737 48.38 0.99 -30.23
N ALA B 4738 49.68 0.91 -30.49
CA ALA B 4738 50.58 1.97 -30.04
C ALA B 4738 50.27 3.30 -30.70
N GLU B 4739 49.98 3.28 -32.01
CA GLU B 4739 49.64 4.53 -32.67
C GLU B 4739 48.26 5.03 -32.27
N LEU B 4740 47.33 4.12 -31.98
CA LEU B 4740 46.01 4.53 -31.51
C LEU B 4740 46.12 5.22 -30.15
N LEU B 4741 46.96 4.69 -29.26
CA LEU B 4741 47.10 5.22 -27.91
C LEU B 4741 48.22 6.24 -27.80
N GLY B 4742 48.89 6.58 -28.90
CA GLY B 4742 49.97 7.55 -28.82
C GLY B 4742 51.12 7.10 -27.95
N MET B 4743 51.52 5.84 -28.07
CA MET B 4743 52.54 5.25 -27.23
C MET B 4743 53.69 4.76 -28.10
N ASP B 4744 54.92 5.00 -27.62
CA ASP B 4744 56.12 4.54 -28.32
C ASP B 4744 56.51 3.18 -27.76
N LEU B 4745 56.46 2.15 -28.62
CA LEU B 4745 56.81 0.81 -28.17
C LEU B 4745 58.28 0.71 -27.79
N ALA B 4746 59.16 1.43 -28.48
CA ALA B 4746 60.59 1.34 -28.20
C ALA B 4746 60.91 1.79 -26.77
N SER B 4747 60.28 2.88 -26.32
CA SER B 4747 60.54 3.39 -24.98
C SER B 4747 59.84 2.60 -23.89
N LEU B 4748 58.96 1.66 -24.24
CA LEU B 4748 58.28 0.87 -23.23
C LEU B 4748 59.23 -0.05 -22.50
N GLU B 4749 60.17 -0.66 -23.22
CA GLU B 4749 61.06 -1.64 -22.59
C GLU B 4749 62.19 -0.96 -21.83
N ILE B 4750 63.02 -0.20 -22.52
CA ILE B 4750 64.20 0.41 -21.89
C ILE B 4750 63.88 1.81 -21.37
N ASP B 4772 49.84 20.19 -23.66
CA ASP B 4772 49.06 19.19 -24.37
C ASP B 4772 47.76 19.79 -24.89
N VAL B 4773 47.86 20.46 -26.04
CA VAL B 4773 46.74 21.22 -26.57
C VAL B 4773 45.58 20.30 -26.93
N LYS B 4774 45.88 19.10 -27.43
CA LYS B 4774 44.81 18.18 -27.79
C LYS B 4774 44.02 17.73 -26.57
N TYR B 4775 44.72 17.39 -25.48
CA TYR B 4775 44.05 17.01 -24.24
C TYR B 4775 43.25 18.18 -23.68
N GLN B 4776 43.81 19.40 -23.76
CA GLN B 4776 43.09 20.57 -23.27
C GLN B 4776 41.81 20.81 -24.08
N ILE B 4777 41.87 20.62 -25.40
CA ILE B 4777 40.69 20.77 -26.22
C ILE B 4777 39.63 19.74 -25.85
N TRP B 4778 40.06 18.49 -25.66
CA TRP B 4778 39.10 17.45 -25.27
C TRP B 4778 38.46 17.78 -23.92
N LYS B 4779 39.27 18.20 -22.94
CA LYS B 4779 38.73 18.53 -21.63
C LYS B 4779 37.76 19.70 -21.72
N PHE B 4780 38.10 20.72 -22.52
CA PHE B 4780 37.20 21.86 -22.65
C PHE B 4780 35.88 21.45 -23.31
N GLY B 4781 35.92 20.57 -24.29
CA GLY B 4781 34.68 20.06 -24.85
C GLY B 4781 33.84 19.33 -23.83
N VAL B 4782 34.49 18.48 -23.03
CA VAL B 4782 33.77 17.73 -21.99
C VAL B 4782 33.16 18.69 -20.97
N ILE B 4783 33.90 19.73 -20.58
CA ILE B 4783 33.40 20.70 -19.62
C ILE B 4783 32.22 21.48 -20.20
N PHE B 4784 32.36 21.95 -21.45
CA PHE B 4784 31.31 22.73 -22.08
C PHE B 4784 30.08 21.88 -22.42
N THR B 4785 30.19 20.56 -22.39
CA THR B 4785 29.01 19.72 -22.51
C THR B 4785 28.36 19.40 -21.17
N ASP B 4786 28.79 20.07 -20.09
CA ASP B 4786 28.31 19.76 -18.75
C ASP B 4786 27.18 20.69 -18.36
N ASN B 4787 26.09 20.11 -17.84
CA ASN B 4787 24.86 20.87 -17.63
C ASN B 4787 25.02 21.92 -16.52
N SER B 4788 25.67 21.57 -15.41
CA SER B 4788 25.82 22.52 -14.33
C SER B 4788 26.71 23.68 -14.73
N PHE B 4789 27.79 23.39 -15.47
CA PHE B 4789 28.64 24.46 -15.97
C PHE B 4789 27.88 25.35 -16.95
N LEU B 4790 27.04 24.75 -17.81
CA LEU B 4790 26.25 25.56 -18.74
C LEU B 4790 25.23 26.43 -18.00
N TYR B 4791 24.64 25.90 -16.93
CA TYR B 4791 23.71 26.70 -16.15
C TYR B 4791 24.43 27.88 -15.48
N LEU B 4792 25.62 27.64 -14.95
CA LEU B 4792 26.37 28.74 -14.34
C LEU B 4792 26.81 29.76 -15.38
N GLY B 4793 27.14 29.30 -16.59
CA GLY B 4793 27.44 30.23 -17.67
C GLY B 4793 26.24 31.06 -18.08
N TRP B 4794 25.06 30.45 -18.09
CA TRP B 4794 23.83 31.20 -18.35
C TRP B 4794 23.56 32.22 -17.25
N TYR B 4795 23.82 31.85 -16.00
CA TYR B 4795 23.71 32.80 -14.90
C TYR B 4795 24.64 33.98 -15.11
N MET B 4796 25.88 33.70 -15.51
CA MET B 4796 26.84 34.78 -15.76
C MET B 4796 26.41 35.65 -16.95
N VAL B 4797 25.83 35.04 -17.98
CA VAL B 4797 25.39 35.80 -19.14
C VAL B 4797 24.24 36.73 -18.77
N MET B 4798 23.25 36.24 -18.04
CA MET B 4798 22.15 37.11 -17.62
C MET B 4798 22.64 38.17 -16.64
N SER B 4799 23.65 37.86 -15.83
CA SER B 4799 24.23 38.86 -14.96
C SER B 4799 24.93 39.95 -15.77
N LEU B 4800 25.56 39.58 -16.89
CA LEU B 4800 26.11 40.59 -17.79
C LEU B 4800 25.02 41.44 -18.40
N LEU B 4801 23.94 40.81 -18.86
CA LEU B 4801 22.85 41.55 -19.49
C LEU B 4801 22.08 42.42 -18.51
N GLY B 4802 22.18 42.13 -17.21
CA GLY B 4802 21.58 43.03 -16.23
C GLY B 4802 22.12 44.44 -16.30
N HIS B 4803 23.41 44.60 -16.60
CA HIS B 4803 23.96 45.95 -16.76
C HIS B 4803 23.38 46.65 -17.98
N TYR B 4804 23.08 45.90 -19.04
CA TYR B 4804 22.43 46.48 -20.20
C TYR B 4804 20.98 46.87 -19.90
N ASN B 4805 20.26 46.01 -19.18
CA ASN B 4805 18.88 46.29 -18.79
C ASN B 4805 18.61 45.58 -17.47
N ASN B 4806 18.67 46.35 -16.37
CA ASN B 4806 18.51 45.83 -15.01
C ASN B 4806 17.43 44.76 -14.86
N PHE B 4807 16.37 44.81 -15.64
CA PHE B 4807 15.28 43.85 -15.45
C PHE B 4807 15.64 42.44 -15.89
N PHE B 4808 16.80 42.25 -16.54
CA PHE B 4808 17.27 40.88 -16.78
C PHE B 4808 17.66 40.18 -15.49
N PHE B 4809 17.81 40.91 -14.39
CA PHE B 4809 18.11 40.31 -13.10
C PHE B 4809 16.94 39.56 -12.51
N ALA B 4810 15.75 39.65 -13.11
CA ALA B 4810 14.63 38.86 -12.66
C ALA B 4810 14.70 37.41 -13.13
N ALA B 4811 15.55 37.12 -14.11
CA ALA B 4811 15.75 35.74 -14.55
C ALA B 4811 16.61 34.95 -13.56
N HIS B 4812 17.21 35.60 -12.59
CA HIS B 4812 17.95 34.93 -11.54
C HIS B 4812 17.07 34.47 -10.40
N LEU B 4813 15.82 34.93 -10.33
CA LEU B 4813 14.89 34.43 -9.34
C LEU B 4813 14.54 32.97 -9.59
N LEU B 4814 14.64 32.53 -10.84
CA LEU B 4814 14.41 31.13 -11.18
C LEU B 4814 15.43 30.21 -10.53
N ASP B 4815 16.53 30.76 -10.04
CA ASP B 4815 17.54 29.98 -9.34
C ASP B 4815 17.03 29.40 -8.02
N ILE B 4816 15.88 29.86 -7.52
CA ILE B 4816 15.35 29.29 -6.29
C ILE B 4816 14.97 27.82 -6.49
N ALA B 4817 14.48 27.47 -7.68
CA ALA B 4817 14.14 26.08 -7.96
C ALA B 4817 15.37 25.18 -7.87
N MET B 4818 16.50 25.64 -8.42
CA MET B 4818 17.74 24.86 -8.35
C MET B 4818 18.37 24.91 -6.97
N GLY B 4819 18.13 25.97 -6.21
CA GLY B 4819 18.76 26.13 -4.92
C GLY B 4819 18.04 25.45 -3.77
N VAL B 4820 16.78 25.79 -3.55
CA VAL B 4820 16.05 25.32 -2.37
C VAL B 4820 15.58 23.89 -2.61
N LYS B 4821 15.96 22.99 -1.69
CA LYS B 4821 15.57 21.59 -1.84
C LYS B 4821 14.07 21.40 -1.68
N THR B 4822 13.43 22.19 -0.80
CA THR B 4822 11.98 22.11 -0.66
C THR B 4822 11.27 22.49 -1.96
N LEU B 4823 11.71 23.58 -2.59
CA LEU B 4823 11.11 23.99 -3.85
C LEU B 4823 11.36 22.95 -4.94
N ARG B 4824 12.58 22.39 -4.98
CA ARG B 4824 12.85 21.39 -6.00
C ARG B 4824 12.00 20.14 -5.80
N THR B 4825 11.80 19.73 -4.54
CA THR B 4825 10.94 18.58 -4.26
C THR B 4825 9.50 18.86 -4.63
N ILE B 4826 9.01 20.07 -4.38
CA ILE B 4826 7.65 20.42 -4.78
C ILE B 4826 7.51 20.40 -6.30
N LEU B 4827 8.49 20.95 -7.02
CA LEU B 4827 8.43 20.98 -8.48
C LEU B 4827 8.63 19.61 -9.10
N SER B 4828 9.21 18.66 -8.34
CA SER B 4828 9.29 17.30 -8.84
C SER B 4828 7.91 16.69 -9.05
N SER B 4829 6.91 17.14 -8.30
CA SER B 4829 5.55 16.67 -8.54
C SER B 4829 5.06 17.09 -9.92
N VAL B 4830 5.42 18.31 -10.34
CA VAL B 4830 5.04 18.78 -11.67
C VAL B 4830 5.82 18.03 -12.73
N THR B 4831 7.14 17.84 -12.52
CA THR B 4831 7.98 17.28 -13.56
C THR B 4831 7.94 15.76 -13.64
N HIS B 4832 7.38 15.07 -12.64
CA HIS B 4832 7.36 13.62 -12.65
C HIS B 4832 6.49 13.07 -13.79
N ASN B 4833 5.35 13.70 -14.02
CA ASN B 4833 4.43 13.33 -15.10
C ASN B 4833 4.43 14.39 -16.20
N GLY B 4834 5.62 14.93 -16.52
CA GLY B 4834 5.69 16.01 -17.48
C GLY B 4834 5.22 15.62 -18.87
N LYS B 4835 5.64 14.44 -19.34
CA LYS B 4835 5.22 14.00 -20.67
C LYS B 4835 3.71 13.75 -20.71
N GLN B 4836 3.15 13.23 -19.62
CA GLN B 4836 1.70 13.05 -19.55
C GLN B 4836 0.99 14.39 -19.57
N LEU B 4837 1.54 15.39 -18.89
CA LEU B 4837 0.94 16.73 -18.93
C LEU B 4837 0.97 17.31 -20.34
N VAL B 4838 2.11 17.16 -21.03
CA VAL B 4838 2.22 17.68 -22.39
C VAL B 4838 1.23 16.97 -23.31
N MET B 4839 1.12 15.65 -23.19
CA MET B 4839 0.17 14.91 -24.02
C MET B 4839 -1.26 15.31 -23.70
N THR B 4840 -1.57 15.57 -22.43
CA THR B 4840 -2.91 16.00 -22.07
C THR B 4840 -3.23 17.37 -22.64
N VAL B 4841 -2.25 18.27 -22.67
CA VAL B 4841 -2.46 19.57 -23.30
C VAL B 4841 -2.68 19.40 -24.81
N GLY B 4842 -1.94 18.52 -25.45
CA GLY B 4842 -2.16 18.25 -26.86
C GLY B 4842 -3.53 17.65 -27.13
N LEU B 4843 -3.99 16.77 -26.23
CA LEU B 4843 -5.32 16.20 -26.35
C LEU B 4843 -6.39 17.29 -26.20
N LEU B 4844 -6.19 18.21 -25.26
CA LEU B 4844 -7.11 19.33 -25.12
C LEU B 4844 -7.12 20.18 -26.39
N ALA B 4845 -5.95 20.41 -26.98
CA ALA B 4845 -5.89 21.16 -28.24
C ALA B 4845 -6.64 20.46 -29.36
N VAL B 4846 -6.52 19.13 -29.45
CA VAL B 4846 -7.22 18.38 -30.48
C VAL B 4846 -8.74 18.46 -30.27
N VAL B 4847 -9.20 18.26 -29.04
CA VAL B 4847 -10.64 18.27 -28.82
C VAL B 4847 -11.22 19.66 -29.01
N VAL B 4848 -10.47 20.71 -28.65
CA VAL B 4848 -10.92 22.06 -28.93
C VAL B 4848 -10.94 22.32 -30.42
N TYR B 4849 -10.02 21.72 -31.18
CA TYR B 4849 -10.10 21.84 -32.64
C TYR B 4849 -11.38 21.19 -33.17
N LEU B 4850 -11.75 20.04 -32.60
CA LEU B 4850 -12.99 19.39 -33.04
C LEU B 4850 -14.20 20.28 -32.76
N TYR B 4851 -14.27 20.84 -31.56
CA TYR B 4851 -15.37 21.76 -31.25
C TYR B 4851 -15.34 22.98 -32.14
N THR B 4852 -14.14 23.48 -32.46
CA THR B 4852 -14.01 24.61 -33.37
C THR B 4852 -14.57 24.30 -34.74
N VAL B 4853 -14.29 23.10 -35.25
CA VAL B 4853 -14.81 22.70 -36.55
C VAL B 4853 -16.34 22.68 -36.52
N VAL B 4854 -16.90 22.09 -35.47
CA VAL B 4854 -18.35 22.03 -35.36
C VAL B 4854 -18.95 23.42 -35.30
N ALA B 4855 -18.32 24.32 -34.54
CA ALA B 4855 -18.82 25.69 -34.47
C ALA B 4855 -18.72 26.40 -35.80
N PHE B 4856 -17.57 26.29 -36.47
CA PHE B 4856 -17.37 26.98 -37.74
C PHE B 4856 -18.36 26.50 -38.79
N ASN B 4857 -18.83 25.26 -38.68
CA ASN B 4857 -19.80 24.77 -39.66
C ASN B 4857 -21.25 24.99 -39.26
N PHE B 4858 -21.57 25.14 -37.97
CA PHE B 4858 -22.98 25.20 -37.59
C PHE B 4858 -23.41 26.37 -36.70
N PHE B 4859 -22.48 27.10 -36.08
CA PHE B 4859 -22.83 28.09 -35.06
C PHE B 4859 -22.09 29.39 -35.30
N ARG B 4860 -21.92 29.77 -36.56
CA ARG B 4860 -21.16 30.97 -36.89
C ARG B 4860 -21.82 32.24 -36.37
N LYS B 4861 -23.15 32.23 -36.29
CA LYS B 4861 -23.88 33.45 -35.95
C LYS B 4861 -23.66 33.86 -34.50
N PHE B 4862 -23.50 32.90 -33.60
CA PHE B 4862 -23.49 33.20 -32.18
C PHE B 4862 -22.19 33.83 -31.71
N TYR B 4863 -21.14 33.83 -32.53
CA TYR B 4863 -19.80 34.23 -32.10
C TYR B 4863 -19.51 35.70 -32.38
N ASN B 4864 -20.51 36.57 -32.32
CA ASN B 4864 -20.31 38.00 -32.53
C ASN B 4864 -20.01 38.65 -31.20
N LYS B 4865 -18.82 39.25 -31.08
CA LYS B 4865 -18.36 39.83 -29.82
C LYS B 4865 -18.35 41.35 -29.85
N SER B 4866 -19.28 41.96 -30.60
CA SER B 4866 -19.41 43.40 -30.68
C SER B 4866 -20.82 43.80 -30.28
N GLU B 4867 -20.93 44.62 -29.24
CA GLU B 4867 -22.24 45.16 -28.86
C GLU B 4867 -22.74 46.15 -29.90
N ASP B 4868 -21.83 46.91 -30.51
CA ASP B 4868 -22.21 47.92 -31.50
C ASP B 4868 -22.68 47.25 -32.79
N GLU B 4869 -23.85 47.66 -33.27
CA GLU B 4869 -24.35 47.16 -34.54
C GLU B 4869 -23.71 47.85 -35.73
N ASP B 4870 -22.91 48.89 -35.51
CA ASP B 4870 -22.25 49.58 -36.60
C ASP B 4870 -21.29 48.64 -37.32
N GLU B 4871 -20.54 47.84 -36.58
CA GLU B 4871 -19.63 46.85 -37.15
C GLU B 4871 -19.79 45.53 -36.41
N PRO B 4872 -20.04 44.43 -37.09
CA PRO B 4872 -20.04 43.13 -36.44
C PRO B 4872 -18.61 42.62 -36.25
N ASP B 4873 -18.41 41.85 -35.18
CA ASP B 4873 -17.11 41.27 -34.86
C ASP B 4873 -17.22 39.77 -34.66
N MET B 4874 -17.88 39.10 -35.60
CA MET B 4874 -18.03 37.65 -35.54
C MET B 4874 -16.67 36.98 -35.49
N LYS B 4875 -16.48 36.10 -34.50
CA LYS B 4875 -15.18 35.49 -34.25
C LYS B 4875 -15.13 34.03 -34.64
N CYS B 4876 -16.00 33.59 -35.55
CA CYS B 4876 -15.93 32.22 -36.05
C CYS B 4876 -16.20 32.17 -37.55
N ASP B 4877 -15.96 33.27 -38.27
CA ASP B 4877 -16.05 33.26 -39.72
C ASP B 4877 -14.77 32.74 -40.38
N ASP B 4878 -13.75 32.45 -39.59
CA ASP B 4878 -12.52 31.85 -40.07
C ASP B 4878 -12.13 30.73 -39.11
N MET B 4879 -11.59 29.65 -39.65
CA MET B 4879 -11.18 28.53 -38.82
C MET B 4879 -10.06 28.93 -37.89
N MET B 4880 -9.11 29.72 -38.38
CA MET B 4880 -7.97 30.14 -37.56
C MET B 4880 -8.43 30.98 -36.38
N THR B 4881 -9.25 32.01 -36.65
CA THR B 4881 -9.69 32.87 -35.56
C THR B 4881 -10.68 32.18 -34.65
N CYS B 4882 -11.45 31.21 -35.15
CA CYS B 4882 -12.37 30.49 -34.26
C CYS B 4882 -11.62 29.52 -33.36
N TYR B 4883 -10.57 28.88 -33.88
CA TYR B 4883 -9.72 28.06 -33.02
C TYR B 4883 -8.98 28.91 -32.00
N LEU B 4884 -8.49 30.08 -32.40
CA LEU B 4884 -7.86 30.98 -31.44
C LEU B 4884 -8.85 31.42 -30.37
N PHE B 4885 -10.06 31.77 -30.77
CA PHE B 4885 -11.08 32.17 -29.81
C PHE B 4885 -11.41 31.04 -28.84
N HIS B 4886 -11.58 29.83 -29.36
CA HIS B 4886 -11.87 28.70 -28.49
C HIS B 4886 -10.73 28.45 -27.52
N MET B 4887 -9.50 28.29 -28.02
CA MET B 4887 -8.37 27.99 -27.16
C MET B 4887 -8.07 29.10 -26.17
N TYR B 4888 -8.48 30.34 -26.48
CA TYR B 4888 -8.14 31.44 -25.58
C TYR B 4888 -9.22 31.73 -24.56
N VAL B 4889 -10.50 31.61 -24.91
CA VAL B 4889 -11.55 32.00 -23.99
C VAL B 4889 -12.39 30.81 -23.49
N GLY B 4890 -12.57 29.76 -24.27
CA GLY B 4890 -13.45 28.68 -23.85
C GLY B 4890 -12.82 27.80 -22.81
N VAL B 4891 -11.49 27.70 -22.82
CA VAL B 4891 -10.79 26.90 -21.82
C VAL B 4891 -10.45 27.72 -20.58
N ARG B 4892 -10.41 29.04 -20.68
CA ARG B 4892 -10.21 29.91 -19.53
C ARG B 4892 -11.53 30.39 -18.92
N ALA B 4893 -12.66 30.10 -19.53
CA ALA B 4893 -13.96 30.41 -18.97
C ALA B 4893 -14.44 29.27 -18.08
N GLY B 4894 -15.12 29.64 -17.00
CA GLY B 4894 -15.58 28.64 -16.04
C GLY B 4894 -16.64 27.72 -16.58
N GLY B 4895 -17.54 28.26 -17.41
CA GLY B 4895 -18.61 27.49 -18.00
C GLY B 4895 -18.38 27.03 -19.42
N GLY B 4896 -17.18 27.22 -19.95
CA GLY B 4896 -16.89 26.78 -21.30
C GLY B 4896 -17.07 27.87 -22.33
N ILE B 4897 -17.46 27.51 -23.54
CA ILE B 4897 -17.64 28.51 -24.57
C ILE B 4897 -18.99 29.20 -24.44
N GLY B 4898 -19.97 28.52 -23.84
CA GLY B 4898 -21.28 29.11 -23.62
C GLY B 4898 -21.27 30.28 -22.67
N ASP B 4899 -20.19 30.44 -21.90
CA ASP B 4899 -20.01 31.66 -21.13
C ASP B 4899 -19.80 32.86 -22.04
N GLU B 4900 -19.20 32.63 -23.20
CA GLU B 4900 -18.78 33.72 -24.07
C GLU B 4900 -19.77 33.97 -25.21
N ILE B 4901 -20.28 32.92 -25.85
CA ILE B 4901 -21.05 33.11 -27.07
C ILE B 4901 -22.50 33.48 -26.79
N GLU B 4902 -23.21 33.83 -27.86
CA GLU B 4902 -24.60 34.30 -27.76
C GLU B 4902 -25.50 33.23 -27.19
N ASP B 4903 -26.52 33.69 -26.44
CA ASP B 4903 -27.50 32.78 -25.86
C ASP B 4903 -28.30 32.11 -26.97
N PRO B 4904 -28.53 30.80 -26.90
CA PRO B 4904 -29.27 30.10 -27.96
C PRO B 4904 -30.78 30.00 -27.75
N ALA B 4905 -31.34 30.65 -26.74
CA ALA B 4905 -32.77 30.55 -26.51
C ALA B 4905 -33.56 31.15 -27.67
N GLY B 4906 -34.69 30.53 -27.97
CA GLY B 4906 -35.50 30.96 -29.10
C GLY B 4906 -34.85 30.76 -30.45
N ASP B 4907 -34.22 29.62 -30.66
CA ASP B 4907 -33.51 29.32 -31.90
C ASP B 4907 -33.81 27.88 -32.29
N GLU B 4908 -33.73 27.61 -33.59
CA GLU B 4908 -33.97 26.25 -34.06
C GLU B 4908 -32.84 25.30 -33.70
N TYR B 4909 -31.65 25.84 -33.38
CA TYR B 4909 -30.51 25.04 -32.97
C TYR B 4909 -30.29 25.07 -31.46
N GLU B 4910 -31.34 25.30 -30.68
CA GLU B 4910 -31.17 25.46 -29.25
C GLU B 4910 -30.70 24.17 -28.58
N LEU B 4911 -31.34 23.04 -28.89
CA LEU B 4911 -30.93 21.78 -28.27
C LEU B 4911 -29.54 21.37 -28.73
N TYR B 4912 -29.24 21.52 -30.01
CA TYR B 4912 -27.90 21.19 -30.49
C TYR B 4912 -26.85 22.05 -29.81
N ARG B 4913 -27.14 23.33 -29.63
CA ARG B 4913 -26.16 24.24 -29.04
C ARG B 4913 -26.00 24.04 -27.54
N VAL B 4914 -27.06 23.66 -26.83
CA VAL B 4914 -26.88 23.32 -25.42
C VAL B 4914 -26.08 22.03 -25.28
N VAL B 4915 -26.29 21.06 -26.18
CA VAL B 4915 -25.45 19.87 -26.19
C VAL B 4915 -24.00 20.27 -26.46
N PHE B 4916 -23.78 21.15 -27.42
CA PHE B 4916 -22.45 21.66 -27.74
C PHE B 4916 -21.78 22.25 -26.49
N ASP B 4917 -22.45 23.18 -25.83
CA ASP B 4917 -21.86 23.87 -24.69
C ASP B 4917 -21.63 22.92 -23.51
N ILE B 4918 -22.60 22.07 -23.20
CA ILE B 4918 -22.47 21.23 -22.02
C ILE B 4918 -21.47 20.11 -22.25
N THR B 4919 -21.36 19.59 -23.48
CA THR B 4919 -20.30 18.63 -23.73
C THR B 4919 -18.93 19.29 -23.64
N PHE B 4920 -18.81 20.54 -24.11
CA PHE B 4920 -17.57 21.28 -23.93
C PHE B 4920 -17.24 21.43 -22.45
N PHE B 4921 -18.23 21.81 -21.65
CA PHE B 4921 -18.03 21.99 -20.22
C PHE B 4921 -17.63 20.69 -19.53
N PHE B 4922 -18.31 19.59 -19.86
CA PHE B 4922 -17.99 18.30 -19.25
C PHE B 4922 -16.60 17.84 -19.64
N PHE B 4923 -16.31 17.81 -20.94
CA PHE B 4923 -15.09 17.16 -21.41
C PHE B 4923 -13.86 18.03 -21.20
N VAL B 4924 -13.94 19.29 -21.59
CA VAL B 4924 -12.77 20.16 -21.54
C VAL B 4924 -12.60 20.79 -20.16
N ILE B 4925 -13.66 21.39 -19.62
CA ILE B 4925 -13.52 22.13 -18.37
C ILE B 4925 -13.34 21.18 -17.20
N VAL B 4926 -14.09 20.10 -17.16
CA VAL B 4926 -14.11 19.22 -15.98
C VAL B 4926 -13.13 18.07 -16.15
N ILE B 4927 -13.36 17.24 -17.16
CA ILE B 4927 -12.55 16.02 -17.32
C ILE B 4927 -11.09 16.38 -17.62
N LEU B 4928 -10.87 17.31 -18.54
CA LEU B 4928 -9.52 17.54 -19.04
C LEU B 4928 -8.67 18.41 -18.12
N LEU B 4929 -9.24 19.03 -17.10
CA LEU B 4929 -8.44 19.64 -16.04
C LEU B 4929 -8.37 18.75 -14.80
N ALA B 4930 -9.38 17.92 -14.57
CA ALA B 4930 -9.26 16.88 -13.57
C ALA B 4930 -8.14 15.92 -13.91
N ILE B 4931 -7.88 15.69 -15.20
CA ILE B 4931 -6.75 14.84 -15.59
C ILE B 4931 -5.43 15.45 -15.13
N ILE B 4932 -5.27 16.77 -15.32
CA ILE B 4932 -4.04 17.44 -14.91
C ILE B 4932 -3.88 17.40 -13.39
N GLN B 4933 -4.95 17.73 -12.67
CA GLN B 4933 -4.89 17.71 -11.21
C GLN B 4933 -4.61 16.30 -10.68
N GLY B 4934 -5.23 15.29 -11.29
CA GLY B 4934 -4.97 13.93 -10.88
C GLY B 4934 -3.56 13.48 -11.20
N LEU B 4935 -3.00 13.95 -12.31
CA LEU B 4935 -1.60 13.66 -12.60
C LEU B 4935 -0.68 14.23 -11.53
N ILE B 4936 -0.94 15.46 -11.09
CA ILE B 4936 -0.10 16.06 -10.05
C ILE B 4936 -0.27 15.34 -8.71
N ILE B 4937 -1.51 15.03 -8.34
CA ILE B 4937 -1.75 14.33 -7.07
C ILE B 4937 -1.13 12.95 -7.09
N ASP B 4938 -1.28 12.21 -8.20
CA ASP B 4938 -0.67 10.91 -8.32
C ASP B 4938 0.85 11.01 -8.31
N ALA B 4939 1.41 12.12 -8.80
CA ALA B 4939 2.86 12.31 -8.69
C ALA B 4939 3.28 12.45 -7.23
N PHE B 4940 2.54 13.24 -6.45
CA PHE B 4940 2.83 13.34 -5.02
C PHE B 4940 2.82 11.97 -4.37
N GLY B 4941 1.75 11.21 -4.61
CA GLY B 4941 1.63 9.89 -4.00
C GLY B 4941 2.71 8.93 -4.45
N GLU B 4942 3.05 8.94 -5.74
CA GLU B 4942 4.06 8.03 -6.26
C GLU B 4942 5.44 8.34 -5.69
N LEU B 4943 5.80 9.62 -5.60
CA LEU B 4943 7.08 9.97 -4.99
C LEU B 4943 7.12 9.56 -3.53
N ARG B 4944 6.01 9.78 -2.81
CA ARG B 4944 5.96 9.38 -1.40
C ARG B 4944 6.17 7.89 -1.24
N ASP B 4945 5.47 7.09 -2.06
CA ASP B 4945 5.61 5.64 -1.90
C ASP B 4945 6.97 5.15 -2.39
N GLN B 4946 7.59 5.85 -3.34
CA GLN B 4946 8.96 5.50 -3.71
C GLN B 4946 9.91 5.69 -2.53
N GLN B 4947 9.80 6.83 -1.84
CA GLN B 4947 10.64 7.04 -0.66
C GLN B 4947 10.36 5.98 0.41
N GLU B 4948 9.09 5.67 0.64
CA GLU B 4948 8.74 4.69 1.64
C GLU B 4948 9.29 3.31 1.30
N GLN B 4949 9.19 2.91 0.02
CA GLN B 4949 9.70 1.61 -0.40
C GLN B 4949 11.21 1.54 -0.25
N VAL B 4950 11.91 2.62 -0.59
CA VAL B 4950 13.37 2.63 -0.42
C VAL B 4950 13.73 2.46 1.05
N LYS B 4951 13.06 3.21 1.92
CA LYS B 4951 13.35 3.10 3.36
C LYS B 4951 13.04 1.70 3.87
N GLU B 4952 11.91 1.12 3.46
CA GLU B 4952 11.52 -0.19 3.93
C GLU B 4952 12.51 -1.25 3.50
N ASP B 4953 12.93 -1.22 2.24
CA ASP B 4953 13.91 -2.20 1.77
C ASP B 4953 15.23 -2.05 2.51
N MET B 4954 15.69 -0.80 2.68
CA MET B 4954 16.97 -0.58 3.34
C MET B 4954 16.94 -1.04 4.79
N GLU B 4955 15.84 -0.80 5.49
CA GLU B 4955 15.77 -1.21 6.90
C GLU B 4955 15.33 -2.66 7.07
N THR B 4956 14.92 -3.34 6.00
CA THR B 4956 14.55 -4.74 6.11
C THR B 4956 15.66 -5.70 5.72
N LYS B 4957 16.44 -5.41 4.67
CA LYS B 4957 17.48 -6.32 4.24
C LYS B 4957 18.84 -5.62 4.23
N CYS B 4958 19.90 -6.41 4.43
CA CYS B 4958 21.25 -5.87 4.39
C CYS B 4958 21.61 -5.45 2.98
N PHE B 4959 22.31 -4.32 2.88
CA PHE B 4959 22.67 -3.79 1.57
C PHE B 4959 23.68 -4.68 0.86
N ILE B 4960 24.64 -5.24 1.60
CA ILE B 4960 25.74 -5.96 0.98
C ILE B 4960 25.34 -7.39 0.65
N CYS B 4961 24.84 -8.14 1.63
CA CYS B 4961 24.59 -9.56 1.45
C CYS B 4961 23.13 -9.88 1.11
N GLY B 4962 22.20 -8.98 1.41
CA GLY B 4962 20.81 -9.20 1.09
C GLY B 4962 20.04 -10.06 2.08
N ILE B 4963 20.68 -10.55 3.13
CA ILE B 4963 19.98 -11.34 4.13
C ILE B 4963 19.06 -10.44 4.94
N GLY B 4964 17.82 -10.87 5.11
CA GLY B 4964 16.85 -10.03 5.77
C GLY B 4964 17.13 -9.83 7.25
N SER B 4965 16.47 -8.82 7.82
CA SER B 4965 16.64 -8.53 9.24
C SER B 4965 16.01 -9.60 10.12
N ASP B 4966 15.11 -10.42 9.57
CA ASP B 4966 14.48 -11.47 10.37
C ASP B 4966 15.52 -12.47 10.85
N TYR B 4967 16.52 -12.77 10.02
CA TYR B 4967 17.56 -13.69 10.44
C TYR B 4967 18.38 -13.12 11.60
N PHE B 4968 18.85 -11.87 11.45
CA PHE B 4968 19.73 -11.30 12.46
C PHE B 4968 19.00 -10.91 13.73
N ASP B 4969 17.69 -10.72 13.67
CA ASP B 4969 16.94 -10.28 14.84
C ASP B 4969 16.80 -11.36 15.91
N THR B 4970 17.20 -12.60 15.63
CA THR B 4970 17.20 -13.62 16.66
C THR B 4970 18.09 -13.21 17.83
N THR B 4971 19.26 -12.71 17.53
CA THR B 4971 20.06 -12.00 18.53
C THR B 4971 19.51 -10.59 18.70
N PRO B 4972 19.27 -10.13 19.93
CA PRO B 4972 18.76 -8.77 20.12
C PRO B 4972 19.72 -7.74 19.53
N HIS B 4973 19.14 -6.77 18.80
CA HIS B 4973 19.90 -5.76 18.07
C HIS B 4973 20.85 -6.41 17.06
N GLY B 4974 20.49 -7.60 16.58
CA GLY B 4974 21.37 -8.32 15.68
C GLY B 4974 21.53 -7.63 14.33
N PHE B 4975 20.43 -7.15 13.75
CA PHE B 4975 20.52 -6.47 12.47
C PHE B 4975 21.27 -5.16 12.59
N GLU B 4976 21.04 -4.42 13.68
CA GLU B 4976 21.77 -3.17 13.90
C GLU B 4976 23.27 -3.44 14.01
N THR B 4977 23.65 -4.46 14.78
CA THR B 4977 25.06 -4.81 14.91
C THR B 4977 25.64 -5.23 13.56
N HIS B 4978 24.90 -6.04 12.81
CA HIS B 4978 25.40 -6.53 11.53
C HIS B 4978 25.63 -5.39 10.54
N THR B 4979 24.69 -4.46 10.44
CA THR B 4979 24.83 -3.37 9.47
C THR B 4979 25.83 -2.33 9.94
N LEU B 4980 25.95 -2.10 11.25
CA LEU B 4980 26.90 -1.10 11.74
C LEU B 4980 28.34 -1.62 11.70
N GLU B 4981 28.55 -2.91 11.96
CA GLU B 4981 29.89 -3.44 12.13
C GLU B 4981 30.28 -4.45 11.07
N GLU B 4982 29.47 -5.49 10.86
CA GLU B 4982 29.90 -6.59 10.02
C GLU B 4982 29.89 -6.23 8.54
N HIS B 4983 28.84 -5.58 8.07
CA HIS B 4983 28.65 -5.29 6.65
C HIS B 4983 28.42 -3.80 6.43
N ASN B 4984 29.26 -2.96 7.01
CA ASN B 4984 29.15 -1.53 6.83
C ASN B 4984 29.66 -1.12 5.46
N LEU B 4985 28.76 -0.59 4.62
CA LEU B 4985 29.17 -0.12 3.30
C LEU B 4985 30.19 1.01 3.42
N ALA B 4986 30.11 1.81 4.48
CA ALA B 4986 31.15 2.79 4.75
C ALA B 4986 32.49 2.10 4.95
N ASN B 4987 32.49 0.97 5.66
CA ASN B 4987 33.73 0.22 5.85
C ASN B 4987 34.27 -0.31 4.52
N TYR B 4988 33.38 -0.76 3.64
CA TYR B 4988 33.84 -1.21 2.32
C TYR B 4988 34.48 -0.06 1.54
N MET B 4989 33.85 1.12 1.58
CA MET B 4989 34.44 2.29 0.91
C MET B 4989 35.79 2.64 1.49
N PHE B 4990 35.90 2.61 2.82
CA PHE B 4990 37.17 2.91 3.47
C PHE B 4990 38.23 1.89 3.11
N PHE B 4991 37.84 0.62 2.97
CA PHE B 4991 38.80 -0.40 2.57
C PHE B 4991 39.28 -0.18 1.14
N LEU B 4992 38.39 0.26 0.26
CA LEU B 4992 38.84 0.63 -1.08
C LEU B 4992 39.81 1.79 -1.04
N MET B 4993 39.55 2.80 -0.20
CA MET B 4993 40.52 3.89 -0.03
C MET B 4993 41.86 3.34 0.45
N TYR B 4994 41.82 2.44 1.42
CA TYR B 4994 43.03 1.85 1.98
C TYR B 4994 43.83 1.12 0.91
N LEU B 4995 43.14 0.31 0.09
CA LEU B 4995 43.80 -0.41 -0.98
C LEU B 4995 44.41 0.54 -2.00
N ILE B 4996 43.66 1.57 -2.40
CA ILE B 4996 44.17 2.48 -3.43
C ILE B 4996 45.37 3.26 -2.92
N ASN B 4997 45.35 3.70 -1.67
CA ASN B 4997 46.42 4.52 -1.14
C ASN B 4997 47.58 3.71 -0.58
N LYS B 4998 47.45 2.39 -0.46
CA LYS B 4998 48.55 1.56 0.00
C LYS B 4998 49.36 1.05 -1.17
N ASP B 4999 50.69 1.05 -1.02
CA ASP B 4999 51.56 0.54 -2.06
C ASP B 4999 51.35 -0.96 -2.22
N GLU B 5000 51.42 -1.43 -3.47
CA GLU B 5000 51.09 -2.83 -3.76
C GLU B 5000 52.11 -3.79 -3.18
N THR B 5001 53.37 -3.35 -3.04
CA THR B 5001 54.40 -4.25 -2.54
C THR B 5001 54.14 -4.66 -1.09
N GLU B 5002 53.46 -3.82 -0.32
CA GLU B 5002 53.20 -4.10 1.08
C GLU B 5002 51.78 -4.60 1.33
N HIS B 5003 51.05 -4.97 0.28
CA HIS B 5003 49.76 -5.60 0.47
C HIS B 5003 49.92 -6.98 1.10
N THR B 5004 49.05 -7.30 2.05
CA THR B 5004 49.00 -8.65 2.58
C THR B 5004 48.33 -9.57 1.57
N GLY B 5005 48.16 -10.84 1.94
CA GLY B 5005 47.61 -11.79 1.00
C GLY B 5005 46.17 -11.48 0.62
N GLN B 5006 45.34 -11.22 1.62
CA GLN B 5006 43.94 -10.90 1.36
C GLN B 5006 43.80 -9.54 0.68
N GLU B 5007 44.64 -8.58 1.06
CA GLU B 5007 44.64 -7.29 0.38
C GLU B 5007 44.99 -7.44 -1.09
N SER B 5008 45.99 -8.26 -1.41
CA SER B 5008 46.35 -8.50 -2.80
C SER B 5008 45.25 -9.23 -3.54
N TYR B 5009 44.60 -10.19 -2.88
CA TYR B 5009 43.50 -10.90 -3.51
C TYR B 5009 42.38 -9.94 -3.90
N VAL B 5010 42.00 -9.06 -2.97
CA VAL B 5010 40.94 -8.09 -3.26
C VAL B 5010 41.42 -7.09 -4.32
N TRP B 5011 42.69 -6.70 -4.27
CA TRP B 5011 43.22 -5.76 -5.25
C TRP B 5011 43.18 -6.35 -6.65
N LYS B 5012 43.53 -7.63 -6.79
CA LYS B 5012 43.46 -8.27 -8.10
C LYS B 5012 42.02 -8.39 -8.58
N MET B 5013 41.11 -8.82 -7.69
CA MET B 5013 39.71 -8.93 -8.10
C MET B 5013 39.14 -7.57 -8.48
N TYR B 5014 39.63 -6.50 -7.84
CA TYR B 5014 39.18 -5.15 -8.16
C TYR B 5014 39.74 -4.69 -9.50
N GLN B 5015 41.02 -4.99 -9.77
CA GLN B 5015 41.59 -4.64 -11.06
C GLN B 5015 40.92 -5.40 -12.20
N GLU B 5016 40.43 -6.60 -11.95
CA GLU B 5016 39.71 -7.36 -12.97
C GLU B 5016 38.23 -7.03 -13.02
N ARG B 5017 37.76 -6.10 -12.19
CA ARG B 5017 36.35 -5.69 -12.15
C ARG B 5017 35.42 -6.87 -11.87
N CYS B 5018 35.84 -7.76 -10.98
CA CYS B 5018 35.07 -8.93 -10.59
C CYS B 5018 34.64 -8.76 -9.14
N TRP B 5019 33.35 -8.59 -8.92
CA TRP B 5019 32.82 -8.34 -7.58
C TRP B 5019 32.31 -9.64 -6.95
N ASP B 5020 33.21 -10.62 -6.88
CA ASP B 5020 32.92 -11.88 -6.23
C ASP B 5020 33.49 -11.96 -4.82
N PHE B 5021 34.17 -10.90 -4.35
CA PHE B 5021 34.62 -10.84 -2.97
C PHE B 5021 33.60 -10.20 -2.06
N PHE B 5022 32.50 -9.67 -2.59
CA PHE B 5022 31.41 -9.19 -1.76
C PHE B 5022 30.56 -10.37 -1.31
N PRO B 5023 30.36 -10.56 0.00
CA PRO B 5023 29.56 -11.71 0.45
C PRO B 5023 28.12 -11.59 0.02
N ALA B 5024 27.68 -12.45 -0.90
CA ALA B 5024 26.33 -12.41 -1.45
C ALA B 5024 25.52 -13.53 -0.82
N GLY B 5025 24.57 -13.16 0.04
CA GLY B 5025 23.73 -14.13 0.70
C GLY B 5025 24.40 -14.88 1.84
N ASP B 5026 25.62 -14.50 2.21
CA ASP B 5026 26.36 -15.20 3.25
C ASP B 5026 27.00 -14.18 4.17
N CYS B 5027 27.23 -14.59 5.41
CA CYS B 5027 27.84 -13.72 6.40
C CYS B 5027 28.60 -14.58 7.41
N PHE B 5028 29.37 -13.90 8.26
CA PHE B 5028 30.16 -14.58 9.28
C PHE B 5028 29.27 -15.35 10.25
N ARG B 5029 28.16 -14.74 10.68
CA ARG B 5029 27.23 -15.41 11.58
C ARG B 5029 26.64 -16.65 10.94
N LYS B 5030 26.17 -16.53 9.69
CA LYS B 5030 25.58 -17.68 9.03
C LYS B 5030 26.61 -18.77 8.78
N GLN B 5031 27.87 -18.40 8.55
CA GLN B 5031 28.89 -19.40 8.28
C GLN B 5031 29.32 -20.14 9.53
N TYR B 5032 29.48 -19.43 10.65
CA TYR B 5032 29.98 -20.04 11.88
C TYR B 5032 28.89 -20.14 12.96
N GLU B 5033 27.63 -20.22 12.53
CA GLU B 5033 26.53 -20.40 13.47
C GLU B 5033 26.71 -21.66 14.30
N ASP B 5034 27.15 -22.75 13.68
CA ASP B 5034 27.31 -24.01 14.41
C ASP B 5034 28.34 -23.87 15.53
N GLN B 5035 29.47 -23.22 15.22
CA GLN B 5035 30.54 -23.10 16.22
C GLN B 5035 30.18 -22.09 17.29
N LEU B 5036 29.59 -20.95 16.90
CA LEU B 5036 29.26 -19.92 17.87
C LEU B 5036 28.14 -20.36 18.81
N SER B 5037 27.16 -21.09 18.28
CA SER B 5037 26.03 -21.54 19.09
C SER B 5037 26.36 -22.84 19.82
N ASN C 3950 1.90 -17.73 76.78
CA ASN C 3950 1.75 -19.11 76.33
C ASN C 3950 2.17 -19.26 74.88
N PHE C 3951 1.19 -19.34 73.98
CA PHE C 3951 1.51 -19.45 72.56
C PHE C 3951 1.99 -18.13 71.97
N SER C 3952 1.72 -17.00 72.65
CA SER C 3952 2.16 -15.71 72.13
C SER C 3952 3.67 -15.64 72.04
N LYS C 3953 4.38 -16.14 73.06
CA LYS C 3953 5.84 -16.13 73.01
C LYS C 3953 6.37 -17.20 72.07
N ALA C 3954 5.67 -18.35 71.96
CA ALA C 3954 6.12 -19.39 71.07
C ALA C 3954 5.96 -18.99 69.60
N MET C 3955 4.86 -18.32 69.26
CA MET C 3955 4.65 -17.90 67.89
C MET C 3955 5.62 -16.79 67.50
N SER C 3956 6.02 -15.94 68.45
CA SER C 3956 7.00 -14.89 68.15
C SER C 3956 8.33 -15.50 67.75
N VAL C 3957 8.74 -16.56 68.43
CA VAL C 3957 9.98 -17.26 68.06
C VAL C 3957 9.80 -17.94 66.71
N ALA C 3958 8.62 -18.51 66.45
CA ALA C 3958 8.39 -19.21 65.20
C ALA C 3958 8.47 -18.29 64.00
N LYS C 3959 8.04 -17.03 64.15
CA LYS C 3959 8.18 -16.07 63.06
C LYS C 3959 9.63 -15.85 62.68
N GLN C 3960 10.50 -15.68 63.68
CA GLN C 3960 11.92 -15.43 63.40
C GLN C 3960 12.58 -16.63 62.74
N VAL C 3961 12.14 -17.85 63.08
CA VAL C 3961 12.66 -19.03 62.42
C VAL C 3961 12.34 -19.00 60.93
N PHE C 3962 11.12 -18.61 60.59
CA PHE C 3962 10.73 -18.47 59.19
C PHE C 3962 11.40 -17.27 58.53
N ASN C 3963 11.55 -16.15 59.25
CA ASN C 3963 12.18 -14.97 58.68
C ASN C 3963 13.64 -15.23 58.35
N SER C 3964 14.34 -15.95 59.24
CA SER C 3964 15.72 -16.32 58.94
C SER C 3964 15.79 -17.24 57.73
N LEU C 3965 14.86 -18.20 57.64
CA LEU C 3965 14.80 -19.06 56.47
C LEU C 3965 14.47 -18.25 55.22
N THR C 3966 13.59 -17.26 55.35
CA THR C 3966 13.30 -16.37 54.23
C THR C 3966 14.54 -15.61 53.79
N GLU C 3967 15.34 -15.15 54.75
CA GLU C 3967 16.50 -14.32 54.42
C GLU C 3967 17.59 -15.10 53.72
N TYR C 3968 17.68 -16.41 53.99
CA TYR C 3968 18.73 -17.21 53.38
C TYR C 3968 18.54 -17.33 51.88
N ILE C 3969 17.28 -17.46 51.43
CA ILE C 3969 17.02 -17.73 50.02
C ILE C 3969 16.68 -16.48 49.21
N GLN C 3970 16.27 -15.40 49.86
CA GLN C 3970 16.05 -14.14 49.15
C GLN C 3970 17.37 -13.66 48.55
N GLY C 3971 17.28 -13.02 47.38
CA GLY C 3971 18.46 -12.76 46.62
C GLY C 3971 18.96 -14.09 46.07
N PRO C 3972 18.23 -14.63 45.09
CA PRO C 3972 18.21 -16.10 44.88
C PRO C 3972 19.57 -16.77 44.94
N CYS C 3973 19.74 -17.63 45.94
CA CYS C 3973 20.95 -18.43 46.09
C CYS C 3973 20.60 -19.85 45.70
N THR C 3974 21.23 -20.35 44.64
CA THR C 3974 20.94 -21.68 44.15
C THR C 3974 21.27 -22.74 45.19
N GLY C 3975 22.39 -22.58 45.90
CA GLY C 3975 22.80 -23.57 46.87
C GLY C 3975 21.82 -23.71 48.03
N ASN C 3976 21.39 -22.57 48.59
CA ASN C 3976 20.51 -22.61 49.76
C ASN C 3976 19.14 -23.15 49.41
N GLN C 3977 18.61 -22.79 48.24
CA GLN C 3977 17.31 -23.30 47.83
C GLN C 3977 17.36 -24.82 47.65
N GLN C 3978 18.43 -25.33 47.02
CA GLN C 3978 18.57 -26.77 46.86
C GLN C 3978 18.70 -27.47 48.21
N SER C 3979 19.46 -26.86 49.14
CA SER C 3979 19.63 -27.47 50.45
C SER C 3979 18.31 -27.53 51.20
N LEU C 3980 17.53 -26.44 51.16
CA LEU C 3980 16.25 -26.44 51.86
C LEU C 3980 15.25 -27.37 51.20
N ALA C 3981 15.34 -27.55 49.89
CA ALA C 3981 14.46 -28.51 49.20
C ALA C 3981 14.75 -29.94 49.66
N HIS C 3982 16.03 -30.27 49.83
CA HIS C 3982 16.42 -31.59 50.31
C HIS C 3982 16.55 -31.59 51.83
N SER C 3983 15.45 -31.23 52.48
CA SER C 3983 15.41 -31.11 53.94
C SER C 3983 14.03 -31.50 54.43
N ARG C 3984 13.93 -31.67 55.75
CA ARG C 3984 12.68 -32.01 56.41
C ARG C 3984 11.78 -30.81 56.61
N LEU C 3985 12.01 -29.72 55.87
CA LEU C 3985 11.18 -28.53 55.99
C LEU C 3985 9.75 -28.81 55.56
N TRP C 3986 9.57 -29.69 54.58
CA TRP C 3986 8.24 -29.92 54.02
C TRP C 3986 7.30 -30.49 55.08
N ASP C 3987 7.76 -31.48 55.83
CA ASP C 3987 6.95 -32.03 56.91
C ASP C 3987 6.75 -31.01 58.02
N ALA C 3988 7.76 -30.16 58.25
CA ALA C 3988 7.60 -29.08 59.22
C ALA C 3988 6.52 -28.10 58.79
N VAL C 3989 6.44 -27.82 57.49
CA VAL C 3989 5.36 -26.97 56.97
C VAL C 3989 4.01 -27.66 57.14
N VAL C 3990 3.95 -28.97 56.85
CA VAL C 3990 2.67 -29.69 56.91
C VAL C 3990 2.11 -29.65 58.33
N GLY C 3991 2.96 -29.89 59.33
CA GLY C 3991 2.49 -29.80 60.70
C GLY C 3991 2.02 -28.41 61.06
N PHE C 3992 2.76 -27.38 60.63
CA PHE C 3992 2.33 -26.01 60.87
C PHE C 3992 1.03 -25.70 60.14
N LEU C 3993 0.88 -26.21 58.91
CA LEU C 3993 -0.38 -26.04 58.19
C LEU C 3993 -1.53 -26.74 58.92
N HIS C 3994 -1.26 -27.93 59.46
CA HIS C 3994 -2.28 -28.64 60.23
C HIS C 3994 -2.68 -27.85 61.46
N VAL C 3995 -1.70 -27.28 62.17
CA VAL C 3995 -2.01 -26.44 63.32
C VAL C 3995 -2.76 -25.18 62.88
N PHE C 3996 -2.33 -24.58 61.77
CA PHE C 3996 -2.99 -23.37 61.29
C PHE C 3996 -4.47 -23.63 60.98
N ALA C 3997 -4.77 -24.78 60.39
CA ALA C 3997 -6.13 -25.09 59.98
C ALA C 3997 -7.09 -25.17 61.17
N HIS C 3998 -6.83 -26.08 62.11
CA HIS C 3998 -7.78 -26.32 63.18
C HIS C 3998 -7.82 -25.16 64.18
N MET C 3999 -6.66 -24.56 64.47
CA MET C 3999 -6.63 -23.52 65.49
C MET C 3999 -7.37 -22.26 65.05
N MET C 4000 -7.36 -21.95 63.74
CA MET C 4000 -8.14 -20.81 63.25
C MET C 4000 -9.62 -21.02 63.49
N MET C 4001 -10.11 -22.25 63.28
CA MET C 4001 -11.52 -22.55 63.52
C MET C 4001 -11.86 -22.41 65.00
N LYS C 4002 -10.98 -22.91 65.89
CA LYS C 4002 -11.28 -22.88 67.31
C LYS C 4002 -11.18 -21.46 67.87
N LEU C 4003 -10.14 -20.72 67.48
CA LEU C 4003 -9.92 -19.39 68.04
C LEU C 4003 -10.96 -18.38 67.55
N ALA C 4004 -11.59 -18.63 66.40
CA ALA C 4004 -12.56 -17.69 65.87
C ALA C 4004 -13.83 -17.65 66.71
N GLN C 4005 -14.15 -18.75 67.39
CA GLN C 4005 -15.38 -18.80 68.18
C GLN C 4005 -15.34 -17.83 69.35
N ASP C 4006 -14.19 -17.72 70.02
CA ASP C 4006 -14.07 -16.93 71.24
C ASP C 4006 -13.70 -15.50 70.90
N SER C 4007 -14.50 -14.55 71.40
CA SER C 4007 -14.23 -13.14 71.14
C SER C 4007 -13.09 -12.60 71.98
N SER C 4008 -12.83 -13.19 73.14
CA SER C 4008 -11.75 -12.74 74.00
C SER C 4008 -10.38 -13.24 73.56
N GLN C 4009 -10.32 -14.22 72.66
CA GLN C 4009 -9.07 -14.78 72.19
C GLN C 4009 -8.72 -14.29 70.78
N ILE C 4010 -9.26 -13.15 70.36
CA ILE C 4010 -8.98 -12.64 69.02
C ILE C 4010 -7.52 -12.25 68.88
N GLU C 4011 -6.93 -11.71 69.96
CA GLU C 4011 -5.54 -11.27 69.88
C GLU C 4011 -4.59 -12.42 69.56
N LEU C 4012 -4.91 -13.62 70.03
CA LEU C 4012 -4.10 -14.79 69.69
C LEU C 4012 -4.24 -15.12 68.20
N LEU C 4013 -5.45 -14.98 67.66
CA LEU C 4013 -5.67 -15.26 66.25
C LEU C 4013 -4.90 -14.29 65.36
N LYS C 4014 -4.87 -13.01 65.74
CA LYS C 4014 -4.13 -12.03 64.97
C LYS C 4014 -2.65 -12.37 64.93
N GLU C 4015 -2.07 -12.77 66.07
CA GLU C 4015 -0.68 -13.22 66.08
C GLU C 4015 -0.52 -14.50 65.27
N LEU C 4016 -1.51 -15.39 65.30
CA LEU C 4016 -1.45 -16.60 64.49
C LEU C 4016 -1.49 -16.26 63.01
N LEU C 4017 -2.31 -15.28 62.63
CA LEU C 4017 -2.47 -14.95 61.21
C LEU C 4017 -1.19 -14.43 60.59
N ASP C 4018 -0.51 -13.50 61.29
CA ASP C 4018 0.73 -12.96 60.73
C ASP C 4018 1.84 -14.01 60.71
N LEU C 4019 1.78 -15.00 61.59
CA LEU C 4019 2.71 -16.11 61.51
C LEU C 4019 2.55 -16.88 60.21
N GLN C 4020 1.30 -17.09 59.78
CA GLN C 4020 1.06 -17.77 58.50
C GLN C 4020 1.53 -16.93 57.33
N LYS C 4021 1.44 -15.60 57.45
CA LYS C 4021 1.98 -14.73 56.42
C LYS C 4021 3.49 -14.87 56.31
N ASP C 4022 4.18 -15.09 57.43
CA ASP C 4022 5.61 -15.30 57.38
C ASP C 4022 5.99 -16.62 56.73
N MET C 4023 5.12 -17.63 56.82
CA MET C 4023 5.40 -18.91 56.17
C MET C 4023 5.26 -18.79 54.66
N VAL C 4024 4.18 -18.18 54.18
CA VAL C 4024 3.92 -18.15 52.75
C VAL C 4024 4.98 -17.34 52.02
N VAL C 4025 5.55 -16.32 52.68
CA VAL C 4025 6.66 -15.59 52.08
C VAL C 4025 7.86 -16.51 51.89
N MET C 4026 8.13 -17.36 52.87
CA MET C 4026 9.22 -18.33 52.76
C MET C 4026 8.97 -19.29 51.60
N LEU C 4027 7.72 -19.70 51.41
CA LEU C 4027 7.38 -20.55 50.26
C LEU C 4027 7.51 -19.78 48.96
N LEU C 4028 7.09 -18.50 48.95
CA LEU C 4028 7.22 -17.69 47.75
C LEU C 4028 8.68 -17.38 47.42
N SER C 4029 9.57 -17.43 48.41
CA SER C 4029 10.99 -17.23 48.17
C SER C 4029 11.67 -18.46 47.56
N LEU C 4030 11.19 -19.66 47.89
CA LEU C 4030 11.72 -20.86 47.28
C LEU C 4030 11.40 -20.95 45.80
N LEU C 4031 10.45 -20.16 45.31
CA LEU C 4031 10.09 -20.16 43.90
C LEU C 4031 10.87 -19.12 43.10
N GLU C 4032 11.81 -18.42 43.72
CA GLU C 4032 12.68 -17.52 42.96
C GLU C 4032 13.65 -18.33 42.11
N GLY C 4033 13.77 -17.95 40.84
CA GLY C 4033 14.54 -18.75 39.92
C GLY C 4033 13.87 -20.05 39.52
N ASN C 4034 12.56 -20.13 39.67
CA ASN C 4034 11.84 -21.36 39.36
C ASN C 4034 11.88 -21.65 37.87
N VAL C 4035 11.96 -22.94 37.53
CA VAL C 4035 11.91 -23.39 36.15
C VAL C 4035 10.80 -24.41 36.02
N VAL C 4036 10.35 -24.61 34.78
CA VAL C 4036 9.29 -25.58 34.51
C VAL C 4036 9.75 -26.96 34.95
N ASN C 4037 8.87 -27.66 35.67
CA ASN C 4037 9.16 -28.97 36.23
C ASN C 4037 10.42 -28.93 37.09
N GLY C 4038 10.57 -27.84 37.83
CA GLY C 4038 11.71 -27.69 38.71
C GLY C 4038 11.62 -28.63 39.91
N MET C 4039 12.79 -28.99 40.43
CA MET C 4039 12.85 -29.90 41.57
C MET C 4039 12.18 -29.28 42.78
N ILE C 4040 12.51 -28.02 43.09
CA ILE C 4040 11.94 -27.36 44.25
C ILE C 4040 10.44 -27.14 44.05
N ALA C 4041 10.02 -26.82 42.82
CA ALA C 4041 8.61 -26.64 42.54
C ALA C 4041 7.84 -27.95 42.67
N ARG C 4042 8.38 -29.04 42.13
CA ARG C 4042 7.69 -30.31 42.21
C ARG C 4042 7.59 -30.81 43.65
N GLN C 4043 8.66 -30.67 44.42
CA GLN C 4043 8.64 -31.11 45.81
C GLN C 4043 7.60 -30.33 46.63
N MET C 4044 7.36 -29.08 46.28
CA MET C 4044 6.33 -28.31 46.97
C MET C 4044 4.94 -28.79 46.60
N VAL C 4045 4.76 -29.28 45.37
CA VAL C 4045 3.46 -29.81 44.96
C VAL C 4045 3.09 -31.02 45.79
N ASP C 4046 4.05 -31.92 46.04
CA ASP C 4046 3.78 -33.07 46.88
C ASP C 4046 3.39 -32.65 48.28
N MET C 4047 4.05 -31.63 48.82
CA MET C 4047 3.75 -31.16 50.17
C MET C 4047 2.32 -30.61 50.25
N LEU C 4048 1.89 -29.88 49.22
CA LEU C 4048 0.52 -29.38 49.20
C LEU C 4048 -0.48 -30.51 49.07
N VAL C 4049 -0.16 -31.52 48.25
CA VAL C 4049 -1.07 -32.66 48.07
C VAL C 4049 -1.26 -33.40 49.37
N GLU C 4050 -0.18 -33.65 50.11
CA GLU C 4050 -0.26 -34.39 51.36
C GLU C 4050 -1.13 -33.66 52.38
N SER C 4051 -1.00 -32.34 52.47
CA SER C 4051 -1.78 -31.53 53.39
C SER C 4051 -2.93 -30.82 52.70
N SER C 4052 -3.50 -31.46 51.67
CA SER C 4052 -4.58 -30.83 50.91
C SER C 4052 -5.82 -30.62 51.77
N SER C 4053 -6.02 -31.46 52.79
CA SER C 4053 -7.19 -31.31 53.65
C SER C 4053 -7.12 -30.01 54.45
N ASN C 4054 -5.94 -29.66 54.95
CA ASN C 4054 -5.82 -28.45 55.77
C ASN C 4054 -5.90 -27.19 54.91
N VAL C 4055 -5.37 -27.24 53.69
CA VAL C 4055 -5.39 -26.07 52.81
C VAL C 4055 -6.82 -25.67 52.48
N GLU C 4056 -7.70 -26.66 52.26
CA GLU C 4056 -9.08 -26.36 51.92
C GLU C 4056 -9.76 -25.57 53.01
N MET C 4057 -9.52 -25.92 54.28
CA MET C 4057 -10.07 -25.15 55.38
C MET C 4057 -9.47 -23.76 55.44
N ILE C 4058 -8.18 -23.65 55.11
CA ILE C 4058 -7.52 -22.34 55.12
C ILE C 4058 -8.17 -21.40 54.11
N LEU C 4059 -8.41 -21.91 52.90
CA LEU C 4059 -9.09 -21.11 51.90
C LEU C 4059 -10.51 -20.79 52.32
N LYS C 4060 -11.16 -21.73 53.01
CA LYS C 4060 -12.51 -21.52 53.52
C LYS C 4060 -12.50 -20.56 54.72
N PRO C 4176 -7.23 -10.96 38.72
CA PRO C 4176 -7.63 -9.55 38.64
C PRO C 4176 -6.64 -8.63 39.34
N TYR C 4177 -6.45 -8.82 40.64
CA TYR C 4177 -5.46 -8.09 41.40
C TYR C 4177 -4.07 -8.69 41.31
N LEU C 4178 -3.95 -9.83 40.63
CA LEU C 4178 -2.69 -10.57 40.53
C LEU C 4178 -2.08 -10.28 39.16
N GLY C 4179 -1.01 -9.52 39.14
CA GLY C 4179 -0.31 -9.17 37.91
C GLY C 4179 0.96 -9.99 37.78
N ARG C 4180 1.29 -10.36 36.55
CA ARG C 4180 2.48 -11.14 36.26
C ARG C 4180 3.21 -10.53 35.08
N ILE C 4181 4.54 -10.51 35.16
CA ILE C 4181 5.39 -10.03 34.08
C ILE C 4181 6.50 -11.04 33.88
N GLU C 4182 7.20 -10.91 32.76
CA GLU C 4182 8.37 -11.72 32.45
C GLU C 4182 9.58 -10.82 32.29
N ILE C 4183 10.66 -11.14 32.99
CA ILE C 4183 11.90 -10.38 32.92
C ILE C 4183 13.04 -11.36 32.66
N MET C 4184 14.14 -10.84 32.12
CA MET C 4184 15.36 -11.62 32.04
C MET C 4184 16.20 -11.38 33.29
N GLY C 4185 16.32 -12.41 34.12
CA GLY C 4185 16.89 -12.27 35.43
C GLY C 4185 18.39 -12.52 35.47
N ALA C 4186 18.92 -12.55 36.70
CA ALA C 4186 20.35 -12.76 36.91
C ALA C 4186 20.78 -14.15 36.47
N SER C 4187 19.85 -15.09 36.34
CA SER C 4187 20.18 -16.44 35.86
C SER C 4187 20.29 -16.51 34.35
N ARG C 4188 20.19 -15.38 33.65
CA ARG C 4188 20.29 -15.26 32.20
C ARG C 4188 19.16 -15.97 31.47
N ARG C 4189 18.03 -16.19 32.13
CA ARG C 4189 16.86 -16.82 31.51
C ARG C 4189 15.61 -16.07 31.91
N ILE C 4190 14.58 -16.18 31.07
CA ILE C 4190 13.32 -15.48 31.33
C ILE C 4190 12.69 -16.00 32.61
N GLU C 4191 12.17 -15.08 33.42
CA GLU C 4191 11.58 -15.42 34.70
C GLU C 4191 10.23 -14.73 34.83
N ARG C 4192 9.35 -15.33 35.64
CA ARG C 4192 8.04 -14.79 35.91
C ARG C 4192 8.02 -14.12 37.27
N ILE C 4193 7.54 -12.89 37.33
CA ILE C 4193 7.42 -12.12 38.57
C ILE C 4193 5.95 -11.89 38.84
N TYR C 4194 5.51 -12.20 40.05
CA TYR C 4194 4.13 -12.05 40.46
C TYR C 4194 4.06 -10.97 41.54
N PHE C 4195 3.09 -10.06 41.40
CA PHE C 4195 2.93 -8.95 42.30
C PHE C 4195 1.47 -8.55 42.33
N GLU C 4196 1.07 -7.82 43.37
CA GLU C 4196 -0.31 -7.44 43.56
C GLU C 4196 -0.56 -6.05 42.99
N ILE C 4197 -1.67 -5.90 42.28
CA ILE C 4197 -2.08 -4.63 41.68
C ILE C 4197 -3.23 -4.07 42.48
N SER C 4198 -3.12 -2.81 42.89
CA SER C 4198 -4.20 -2.18 43.64
C SER C 4198 -5.36 -1.81 42.72
N GLU C 4199 -6.57 -1.89 43.29
CA GLU C 4199 -7.77 -1.57 42.52
C GLU C 4199 -7.79 -0.11 42.12
N THR C 4200 -7.31 0.78 42.99
CA THR C 4200 -7.23 2.20 42.64
C THR C 4200 -6.33 2.41 41.43
N ASN C 4201 -5.17 1.75 41.42
CA ASN C 4201 -4.26 1.88 40.30
C ASN C 4201 -4.88 1.32 39.02
N ARG C 4202 -5.58 0.19 39.13
CA ARG C 4202 -6.22 -0.38 37.94
C ARG C 4202 -7.29 0.55 37.39
N ALA C 4203 -8.10 1.16 38.27
CA ALA C 4203 -9.11 2.10 37.82
C ALA C 4203 -8.48 3.33 37.18
N GLN C 4204 -7.39 3.83 37.76
CA GLN C 4204 -6.69 4.96 37.16
C GLN C 4204 -6.16 4.61 35.78
N TRP C 4205 -5.68 3.38 35.62
CA TRP C 4205 -5.24 2.93 34.30
C TRP C 4205 -6.41 2.88 33.33
N GLU C 4206 -7.56 2.40 33.78
CA GLU C 4206 -8.72 2.29 32.88
C GLU C 4206 -9.37 3.63 32.58
N MET C 4207 -9.01 4.69 33.30
CA MET C 4207 -9.61 6.00 33.04
C MET C 4207 -9.40 6.42 31.58
N PRO C 4208 -10.40 7.05 30.95
CA PRO C 4208 -10.29 7.38 29.52
C PRO C 4208 -9.14 8.31 29.17
N GLN C 4209 -8.82 9.28 30.03
CA GLN C 4209 -7.70 10.17 29.74
C GLN C 4209 -6.38 9.39 29.72
N VAL C 4210 -6.21 8.48 30.66
CA VAL C 4210 -5.01 7.64 30.69
C VAL C 4210 -4.97 6.75 29.46
N LYS C 4211 -6.13 6.23 29.04
CA LYS C 4211 -6.18 5.42 27.83
C LYS C 4211 -5.75 6.23 26.62
N GLU C 4212 -6.22 7.47 26.51
CA GLU C 4212 -5.83 8.31 25.38
C GLU C 4212 -4.35 8.62 25.40
N SER C 4213 -3.79 8.89 26.58
CA SER C 4213 -2.36 9.15 26.68
C SER C 4213 -1.56 7.92 26.26
N LYS C 4214 -2.02 6.73 26.67
CA LYS C 4214 -1.35 5.50 26.26
C LYS C 4214 -1.41 5.31 24.74
N ARG C 4215 -2.57 5.57 24.14
CA ARG C 4215 -2.68 5.42 22.69
C ARG C 4215 -1.76 6.40 21.96
N GLN C 4216 -1.69 7.64 22.45
CA GLN C 4216 -0.80 8.63 21.85
C GLN C 4216 0.65 8.19 21.95
N PHE C 4217 1.05 7.68 23.12
CA PHE C 4217 2.42 7.18 23.28
C PHE C 4217 2.70 6.06 22.30
N ILE C 4218 1.78 5.11 22.18
CA ILE C 4218 1.98 3.96 21.30
C ILE C 4218 2.13 4.43 19.86
N PHE C 4219 1.26 5.34 19.42
CA PHE C 4219 1.36 5.84 18.06
C PHE C 4219 2.68 6.56 17.82
N ASP C 4220 3.08 7.42 18.75
CA ASP C 4220 4.31 8.19 18.57
C ASP C 4220 5.52 7.27 18.48
N VAL C 4221 5.60 6.28 19.39
CA VAL C 4221 6.76 5.39 19.41
C VAL C 4221 6.79 4.54 18.14
N VAL C 4222 5.64 3.97 17.74
CA VAL C 4222 5.65 3.10 16.58
C VAL C 4222 5.96 3.90 15.31
N ASN C 4223 5.47 5.14 15.23
CA ASN C 4223 5.65 5.92 14.01
C ASN C 4223 7.07 6.45 13.89
N GLU C 4224 7.66 6.96 14.97
CA GLU C 4224 8.97 7.60 14.89
C GLU C 4224 9.89 7.13 16.02
N GLY C 4225 9.99 5.81 16.20
CA GLY C 4225 10.89 5.26 17.19
C GLY C 4225 11.58 4.02 16.66
N GLY C 4226 12.66 3.65 17.37
CA GLY C 4226 13.43 2.47 17.02
C GLY C 4226 13.71 1.63 18.25
N GLU C 4227 14.26 0.45 18.01
CA GLU C 4227 14.54 -0.49 19.09
C GLU C 4227 15.61 0.01 20.05
N ALA C 4228 16.46 0.94 19.60
CA ALA C 4228 17.58 1.38 20.42
C ALA C 4228 17.09 2.08 21.69
N GLU C 4229 16.06 2.90 21.58
CA GLU C 4229 15.59 3.70 22.70
C GLU C 4229 14.14 3.44 23.08
N LYS C 4230 13.51 2.42 22.48
CA LYS C 4230 12.09 2.19 22.73
C LYS C 4230 11.81 1.91 24.20
N MET C 4231 12.67 1.12 24.84
CA MET C 4231 12.45 0.81 26.25
C MET C 4231 12.71 2.03 27.14
N GLU C 4232 13.68 2.86 26.78
CA GLU C 4232 13.88 4.10 27.51
C GLU C 4232 12.64 5.00 27.44
N LEU C 4233 12.09 5.13 26.23
CA LEU C 4233 10.87 5.93 26.07
C LEU C 4233 9.71 5.31 26.83
N PHE C 4234 9.60 3.98 26.81
CA PHE C 4234 8.52 3.31 27.51
C PHE C 4234 8.62 3.51 29.02
N VAL C 4235 9.83 3.43 29.57
CA VAL C 4235 10.01 3.66 31.00
C VAL C 4235 9.66 5.11 31.36
N SER C 4236 10.09 6.07 30.53
CA SER C 4236 9.75 7.46 30.81
C SER C 4236 8.24 7.66 30.78
N PHE C 4237 7.55 7.05 29.81
CA PHE C 4237 6.10 7.13 29.74
C PHE C 4237 5.45 6.52 30.98
N CYS C 4238 5.97 5.39 31.44
CA CYS C 4238 5.44 4.77 32.65
C CYS C 4238 5.61 5.70 33.85
N GLU C 4239 6.76 6.36 33.96
CA GLU C 4239 6.99 7.28 35.07
C GLU C 4239 6.00 8.44 35.04
N ASP C 4240 5.79 9.01 33.85
CA ASP C 4240 4.82 10.10 33.71
C ASP C 4240 3.42 9.64 34.11
N THR C 4241 3.04 8.43 33.69
CA THR C 4241 1.73 7.90 34.04
C THR C 4241 1.60 7.70 35.54
N ILE C 4242 2.66 7.20 36.20
CA ILE C 4242 2.61 6.99 37.64
C ILE C 4242 2.43 8.33 38.36
N PHE C 4243 3.16 9.36 37.93
CA PHE C 4243 3.01 10.66 38.56
C PHE C 4243 1.60 11.21 38.35
N GLU C 4244 1.04 11.04 37.15
CA GLU C 4244 -0.32 11.48 36.90
C GLU C 4244 -1.31 10.75 37.80
N MET C 4245 -1.11 9.45 38.00
CA MET C 4245 -1.99 8.69 38.89
C MET C 4245 -1.89 9.21 40.31
N GLN C 4246 -0.69 9.57 40.76
CA GLN C 4246 -0.55 10.14 42.09
C GLN C 4246 -1.29 11.47 42.20
N ILE C 4247 -1.20 12.31 41.17
CA ILE C 4247 -1.92 13.58 41.18
C ILE C 4247 -3.43 13.36 41.25
N ALA C 4248 -3.93 12.43 40.45
CA ALA C 4248 -5.37 12.14 40.45
C ALA C 4248 -5.81 11.62 41.81
N ALA C 4249 -5.01 10.74 42.42
CA ALA C 4249 -5.35 10.24 43.75
C ALA C 4249 -5.37 11.35 44.78
N GLN C 4250 -4.40 12.27 44.70
CA GLN C 4250 -4.37 13.39 45.64
C GLN C 4250 -5.60 14.28 45.49
N ILE C 4251 -5.99 14.58 44.25
CA ILE C 4251 -7.12 15.50 44.05
C ILE C 4251 -8.47 14.83 44.22
N SER C 4252 -8.53 13.50 44.22
CA SER C 4252 -9.80 12.82 44.42
C SER C 4252 -10.36 13.10 45.81
N GLU C 4253 -11.64 13.46 45.86
CA GLU C 4253 -12.27 13.86 47.11
C GLU C 4253 -12.88 12.65 47.82
N PRO C 4254 -12.51 12.38 49.08
CA PRO C 4254 -13.04 11.26 49.87
C PRO C 4254 -14.55 11.33 50.03
N PHE C 4540 -7.61 30.25 62.96
CA PHE C 4540 -8.52 30.43 61.83
C PHE C 4540 -7.84 30.02 60.53
N TRP C 4541 -6.50 29.97 60.54
CA TRP C 4541 -5.76 29.61 59.35
C TRP C 4541 -6.07 28.21 58.88
N GLY C 4542 -6.36 27.30 59.80
CA GLY C 4542 -6.68 25.93 59.41
C GLY C 4542 -7.94 25.85 58.57
N GLU C 4543 -8.99 26.58 58.97
CA GLU C 4543 -10.24 26.55 58.22
C GLU C 4543 -10.06 27.09 56.81
N LEU C 4544 -9.35 28.22 56.69
CA LEU C 4544 -9.15 28.80 55.36
C LEU C 4544 -8.25 27.93 54.51
N GLU C 4545 -7.26 27.26 55.12
CA GLU C 4545 -6.41 26.35 54.35
C GLU C 4545 -7.21 25.15 53.85
N VAL C 4546 -8.11 24.61 54.68
CA VAL C 4546 -8.95 23.51 54.25
C VAL C 4546 -9.86 23.96 53.11
N GLN C 4547 -10.44 25.16 53.24
CA GLN C 4547 -11.27 25.70 52.17
C GLN C 4547 -10.47 25.86 50.88
N ARG C 4548 -9.25 26.38 50.99
CA ARG C 4548 -8.42 26.61 49.82
C ARG C 4548 -8.06 25.30 49.13
N VAL C 4549 -7.65 24.30 49.90
CA VAL C 4549 -7.25 23.03 49.29
C VAL C 4549 -8.45 22.32 48.69
N LYS C 4550 -9.60 22.38 49.35
CA LYS C 4550 -10.81 21.78 48.78
C LYS C 4550 -11.20 22.46 47.47
N PHE C 4551 -11.13 23.79 47.44
CA PHE C 4551 -11.44 24.53 46.23
C PHE C 4551 -10.49 24.18 45.10
N LEU C 4552 -9.19 24.11 45.41
CA LEU C 4552 -8.20 23.78 44.39
C LEU C 4552 -8.38 22.36 43.89
N ASN C 4553 -8.72 21.42 44.78
CA ASN C 4553 -8.99 20.06 44.34
C ASN C 4553 -10.22 19.99 43.44
N TYR C 4554 -11.26 20.77 43.77
CA TYR C 4554 -12.43 20.81 42.91
C TYR C 4554 -12.07 21.34 41.53
N LEU C 4555 -11.27 22.40 41.48
CA LEU C 4555 -10.84 22.96 40.20
C LEU C 4555 -10.03 21.95 39.40
N SER C 4556 -9.11 21.24 40.07
CA SER C 4556 -8.30 20.25 39.38
C SER C 4556 -9.15 19.11 38.84
N ARG C 4557 -10.16 18.69 39.61
CA ARG C 4557 -11.05 17.64 39.14
C ARG C 4557 -11.86 18.09 37.93
N ASN C 4558 -12.34 19.33 37.94
CA ASN C 4558 -13.28 19.79 36.91
C ASN C 4558 -12.64 20.72 35.89
N PHE C 4559 -11.33 20.65 35.72
CA PHE C 4559 -10.66 21.44 34.68
C PHE C 4559 -11.30 21.25 33.30
N TYR C 4560 -11.53 20.01 32.88
CA TYR C 4560 -12.05 19.78 31.54
C TYR C 4560 -13.48 20.25 31.40
N THR C 4561 -14.30 20.08 32.45
CA THR C 4561 -15.66 20.59 32.41
C THR C 4561 -15.65 22.12 32.36
N LEU C 4562 -14.70 22.76 33.04
CA LEU C 4562 -14.58 24.21 32.97
C LEU C 4562 -14.16 24.67 31.58
N ARG C 4563 -13.26 23.93 30.93
CA ARG C 4563 -12.88 24.27 29.55
C ARG C 4563 -14.07 24.15 28.61
N PHE C 4564 -14.86 23.08 28.77
CA PHE C 4564 -16.07 22.95 27.95
C PHE C 4564 -17.06 24.07 28.25
N LEU C 4565 -17.15 24.47 29.52
CA LEU C 4565 -18.04 25.57 29.88
C LEU C 4565 -17.58 26.88 29.26
N ALA C 4566 -16.27 27.10 29.21
CA ALA C 4566 -15.75 28.31 28.58
C ALA C 4566 -16.03 28.32 27.09
N LEU C 4567 -15.89 27.16 26.44
CA LEU C 4567 -16.25 27.08 25.02
C LEU C 4567 -17.74 27.37 24.80
N PHE C 4568 -18.60 26.82 25.66
CA PHE C 4568 -20.03 27.10 25.55
C PHE C 4568 -20.32 28.58 25.75
N LEU C 4569 -19.65 29.21 26.71
CA LEU C 4569 -19.87 30.63 26.96
C LEU C 4569 -19.38 31.47 25.79
N ALA C 4570 -18.28 31.08 25.15
CA ALA C 4570 -17.84 31.77 23.96
C ALA C 4570 -18.89 31.67 22.86
N PHE C 4571 -19.47 30.49 22.67
CA PHE C 4571 -20.50 30.35 21.65
C PHE C 4571 -21.74 31.17 21.99
N ALA C 4572 -22.12 31.21 23.26
CA ALA C 4572 -23.27 32.01 23.66
C ALA C 4572 -23.03 33.50 23.43
N ILE C 4573 -21.85 33.99 23.80
CA ILE C 4573 -21.53 35.40 23.62
C ILE C 4573 -21.49 35.75 22.14
N ASN C 4574 -20.88 34.89 21.32
CA ASN C 4574 -20.80 35.18 19.90
C ASN C 4574 -22.14 35.05 19.20
N PHE C 4575 -23.05 34.25 19.75
CA PHE C 4575 -24.41 34.27 19.24
C PHE C 4575 -25.13 35.56 19.60
N ILE C 4576 -24.93 36.05 20.82
CA ILE C 4576 -25.50 37.34 21.20
C ILE C 4576 -24.95 38.47 20.36
N LEU C 4577 -23.68 38.42 19.99
CA LEU C 4577 -23.03 39.47 19.20
C LEU C 4577 -23.53 39.53 17.77
N LEU C 4578 -24.33 38.55 17.34
CA LEU C 4578 -24.95 38.57 16.02
C LEU C 4578 -26.12 39.53 15.94
N PHE C 4579 -26.54 40.12 17.05
CA PHE C 4579 -27.60 41.12 17.07
C PHE C 4579 -27.05 42.53 17.19
N TYR C 4580 -25.74 42.70 16.97
CA TYR C 4580 -25.10 43.99 17.05
C TYR C 4580 -25.37 44.80 15.78
N LYS C 4581 -25.29 46.12 15.93
CA LYS C 4581 -25.45 47.05 14.82
C LYS C 4581 -24.58 48.26 15.08
N VAL C 4582 -24.54 49.16 14.10
CA VAL C 4582 -23.81 50.42 14.21
C VAL C 4582 -24.73 51.54 13.76
N SER C 4583 -24.68 52.67 14.46
CA SER C 4583 -25.56 53.79 14.15
C SER C 4583 -24.75 55.08 14.22
N ASP C 4584 -25.01 55.98 13.26
CA ASP C 4584 -24.41 57.30 13.33
C ASP C 4584 -25.01 58.12 14.46
N SER C 4585 -26.33 58.05 14.62
CA SER C 4585 -27.00 58.70 15.74
C SER C 4585 -27.03 57.75 16.95
N PRO C 4586 -26.96 58.29 18.17
CA PRO C 4586 -27.00 57.42 19.35
C PRO C 4586 -28.35 56.73 19.46
N PRO C 4587 -28.40 55.55 20.10
CA PRO C 4587 -29.65 54.83 20.28
C PRO C 4587 -30.60 55.51 21.28
N ASN C 4626 -19.37 63.07 13.56
CA ASN C 4626 -19.64 62.02 12.58
C ASN C 4626 -19.31 60.64 13.16
N MET C 4627 -19.13 60.60 14.48
CA MET C 4627 -18.81 59.35 15.15
C MET C 4627 -20.00 58.38 15.08
N VAL C 4628 -19.67 57.08 15.03
CA VAL C 4628 -20.68 56.03 14.94
C VAL C 4628 -20.85 55.38 16.31
N TYR C 4629 -22.07 54.96 16.61
CA TYR C 4629 -22.40 54.33 17.88
C TYR C 4629 -22.75 52.86 17.65
N TYR C 4630 -22.11 51.98 18.40
CA TYR C 4630 -22.37 50.55 18.32
C TYR C 4630 -23.31 50.16 19.46
N PHE C 4631 -24.48 49.64 19.10
CA PHE C 4631 -25.46 49.24 20.09
C PHE C 4631 -26.04 47.89 19.71
N LEU C 4632 -26.27 47.05 20.71
CA LEU C 4632 -26.87 45.74 20.47
C LEU C 4632 -28.38 45.88 20.43
N GLU C 4633 -28.98 45.55 19.30
CA GLU C 4633 -30.41 45.75 19.08
C GLU C 4633 -31.11 44.40 19.23
N GLU C 4634 -32.10 44.34 20.11
CA GLU C 4634 -32.91 43.15 20.29
C GLU C 4634 -34.26 43.53 20.86
N SER C 4635 -35.31 42.87 20.37
CA SER C 4635 -36.68 43.26 20.74
C SER C 4635 -36.95 43.00 22.22
N THR C 4636 -36.63 41.80 22.69
CA THR C 4636 -36.96 41.44 24.08
C THR C 4636 -36.21 42.31 25.07
N GLY C 4637 -34.92 42.55 24.84
CA GLY C 4637 -34.12 43.37 25.71
C GLY C 4637 -33.42 42.63 26.83
N TYR C 4638 -33.73 41.36 27.05
CA TYR C 4638 -33.01 40.57 28.05
C TYR C 4638 -31.59 40.25 27.61
N MET C 4639 -31.29 40.40 26.31
CA MET C 4639 -30.00 40.01 25.79
C MET C 4639 -28.88 40.91 26.30
N GLU C 4640 -29.16 42.18 26.57
CA GLU C 4640 -28.10 43.04 27.11
C GLU C 4640 -27.66 42.58 28.51
N PRO C 4641 -28.56 42.39 29.49
CA PRO C 4641 -28.11 41.82 30.77
C PRO C 4641 -27.53 40.42 30.63
N ALA C 4642 -28.09 39.62 29.73
CA ALA C 4642 -27.53 38.29 29.50
C ALA C 4642 -26.08 38.38 29.04
N LEU C 4643 -25.79 39.30 28.12
CA LEU C 4643 -24.43 39.46 27.62
C LEU C 4643 -23.50 39.97 28.70
N TRP C 4644 -23.95 40.93 29.50
CA TRP C 4644 -23.09 41.44 30.57
C TRP C 4644 -22.72 40.33 31.55
N CYS C 4645 -23.72 39.59 32.03
CA CYS C 4645 -23.45 38.53 32.99
C CYS C 4645 -22.64 37.41 32.36
N LEU C 4646 -22.87 37.11 31.08
CA LEU C 4646 -22.10 36.06 30.41
C LEU C 4646 -20.64 36.46 30.26
N SER C 4647 -20.36 37.73 29.98
CA SER C 4647 -18.98 38.17 29.92
C SER C 4647 -18.29 38.07 31.27
N LEU C 4648 -18.98 38.49 32.34
CA LEU C 4648 -18.39 38.36 33.68
C LEU C 4648 -18.12 36.90 34.00
N LEU C 4649 -19.11 36.03 33.77
CA LEU C 4649 -18.98 34.63 34.07
C LEU C 4649 -17.89 33.97 33.23
N HIS C 4650 -17.75 34.40 31.97
CA HIS C 4650 -16.71 33.85 31.11
C HIS C 4650 -15.32 34.23 31.60
N THR C 4651 -15.12 35.48 32.00
CA THR C 4651 -13.82 35.85 32.56
C THR C 4651 -13.52 35.07 33.82
N LEU C 4652 -14.51 34.90 34.69
CA LEU C 4652 -14.32 34.11 35.90
C LEU C 4652 -13.94 32.68 35.57
N VAL C 4653 -14.64 32.07 34.62
CA VAL C 4653 -14.37 30.68 34.26
C VAL C 4653 -12.99 30.54 33.62
N ALA C 4654 -12.55 31.53 32.85
CA ALA C 4654 -11.21 31.47 32.27
C ALA C 4654 -10.15 31.53 33.37
N PHE C 4655 -10.34 32.40 34.37
CA PHE C 4655 -9.40 32.45 35.47
C PHE C 4655 -9.38 31.14 36.25
N LEU C 4656 -10.57 30.56 36.47
CA LEU C 4656 -10.64 29.27 37.14
C LEU C 4656 -9.96 28.17 36.33
N CYS C 4657 -10.04 28.25 34.99
CA CYS C 4657 -9.33 27.31 34.14
C CYS C 4657 -7.83 27.45 34.30
N ILE C 4658 -7.34 28.68 34.38
CA ILE C 4658 -5.91 28.90 34.59
C ILE C 4658 -5.47 28.27 35.91
N ILE C 4659 -6.24 28.51 36.98
CA ILE C 4659 -5.86 27.96 38.28
C ILE C 4659 -5.92 26.43 38.27
N GLY C 4660 -6.97 25.86 37.68
CA GLY C 4660 -7.07 24.41 37.61
C GLY C 4660 -5.93 23.80 36.81
N TYR C 4661 -5.52 24.46 35.74
CA TYR C 4661 -4.34 24.00 35.01
C TYR C 4661 -3.11 24.04 35.90
N ASN C 4662 -2.90 25.15 36.60
CA ASN C 4662 -1.73 25.27 37.45
C ASN C 4662 -1.71 24.20 38.53
N CYS C 4663 -2.88 23.76 39.00
CA CYS C 4663 -2.92 22.76 40.05
C CYS C 4663 -2.93 21.33 39.52
N LEU C 4664 -3.23 21.13 38.23
CA LEU C 4664 -3.36 19.78 37.69
C LEU C 4664 -2.24 19.40 36.72
N LYS C 4665 -1.94 20.23 35.74
CA LYS C 4665 -1.03 19.88 34.66
C LYS C 4665 0.39 20.40 34.87
N VAL C 4666 0.57 21.47 35.62
CA VAL C 4666 1.89 22.04 35.91
C VAL C 4666 2.77 21.06 36.68
N PRO C 4667 2.27 20.34 37.69
CA PRO C 4667 3.15 19.39 38.40
C PRO C 4667 3.81 18.38 37.48
N LEU C 4668 3.12 17.92 36.43
CA LEU C 4668 3.75 16.98 35.52
C LEU C 4668 4.87 17.64 34.72
N VAL C 4669 4.69 18.91 34.33
CA VAL C 4669 5.75 19.62 33.63
C VAL C 4669 6.98 19.76 34.52
N ILE C 4670 6.77 20.14 35.78
CA ILE C 4670 7.89 20.30 36.70
C ILE C 4670 8.55 18.96 36.98
N PHE C 4671 7.75 17.90 37.11
CA PHE C 4671 8.28 16.56 37.33
C PHE C 4671 9.14 16.11 36.17
N LYS C 4672 8.66 16.31 34.94
CA LYS C 4672 9.45 15.91 33.78
C LYS C 4672 10.73 16.71 33.68
N ARG C 4673 10.66 18.01 33.98
CA ARG C 4673 11.85 18.86 33.93
C ARG C 4673 12.89 18.39 34.93
N GLU C 4674 12.48 18.17 36.19
CA GLU C 4674 13.40 17.73 37.22
C GLU C 4674 13.96 16.35 36.92
N LYS C 4675 13.12 15.44 36.41
CA LYS C 4675 13.57 14.10 36.08
C LYS C 4675 14.63 14.14 34.99
N GLU C 4676 14.36 14.90 33.93
CA GLU C 4676 15.32 14.99 32.83
C GLU C 4676 16.62 15.63 33.28
N LEU C 4677 16.53 16.70 34.09
CA LEU C 4677 17.73 17.34 34.58
C LEU C 4677 18.56 16.39 35.45
N ALA C 4678 17.89 15.64 36.34
CA ALA C 4678 18.62 14.71 37.19
C ALA C 4678 19.30 13.63 36.36
N ARG C 4679 18.60 13.09 35.36
CA ARG C 4679 19.21 12.05 34.53
C ARG C 4679 20.40 12.58 33.75
N LYS C 4680 20.26 13.75 33.14
CA LYS C 4680 21.36 14.28 32.32
C LYS C 4680 22.46 14.91 33.16
N LEU C 4681 22.23 15.12 34.45
CA LEU C 4681 23.29 15.57 35.35
C LEU C 4681 24.04 14.42 35.98
N GLU C 4682 23.36 13.32 36.28
CA GLU C 4682 23.98 12.16 36.88
C GLU C 4682 24.62 11.22 35.87
N PHE C 4683 24.04 11.08 34.68
CA PHE C 4683 24.54 10.14 33.69
C PHE C 4683 25.28 10.80 32.54
N ASP C 4684 25.21 12.12 32.40
CA ASP C 4684 25.95 12.82 31.36
C ASP C 4684 26.91 13.87 31.88
N GLY C 4685 26.86 14.20 33.17
CA GLY C 4685 27.72 15.24 33.71
C GLY C 4685 27.48 16.58 33.04
N LEU C 4686 26.22 16.98 32.95
CA LEU C 4686 25.85 18.14 32.15
C LEU C 4686 26.52 19.42 32.66
N TYR C 4687 26.55 19.61 33.98
CA TYR C 4687 27.16 20.80 34.56
C TYR C 4687 28.42 20.47 35.35
N ILE C 4688 29.00 19.29 35.12
CA ILE C 4688 30.21 18.87 35.79
C ILE C 4688 31.36 18.65 34.80
N THR C 4689 31.07 18.03 33.66
CA THR C 4689 32.07 17.80 32.63
C THR C 4689 31.74 18.48 31.31
N GLU C 4690 30.54 18.27 30.79
CA GLU C 4690 30.21 18.73 29.44
C GLU C 4690 30.01 20.25 29.39
N GLN C 4691 29.29 20.81 30.37
CA GLN C 4691 28.85 22.20 30.42
C GLN C 4691 27.81 22.46 29.33
N PRO C 4692 26.82 23.31 29.59
CA PRO C 4692 25.82 23.61 28.56
C PRO C 4692 26.44 24.43 27.43
N GLY C 4693 25.78 24.35 26.28
CA GLY C 4693 26.29 24.96 25.07
C GLY C 4693 26.10 26.46 24.94
N ASP C 4694 25.47 27.10 25.94
CA ASP C 4694 25.27 28.55 25.99
C ASP C 4694 24.23 28.99 24.96
N ASP C 4695 23.80 28.09 24.10
CA ASP C 4695 22.69 28.31 23.19
C ASP C 4695 21.44 27.55 23.61
N ASP C 4696 21.53 26.72 24.65
CA ASP C 4696 20.39 25.98 25.17
C ASP C 4696 19.81 26.78 26.33
N VAL C 4697 18.77 27.56 26.06
CA VAL C 4697 18.12 28.33 27.10
C VAL C 4697 17.57 27.41 28.19
N LYS C 4698 17.13 26.22 27.80
CA LYS C 4698 16.63 25.24 28.76
C LYS C 4698 17.70 24.90 29.79
N GLY C 4699 18.89 24.51 29.33
CA GLY C 4699 19.96 24.19 30.25
C GLY C 4699 20.46 25.40 31.04
N GLN C 4700 20.55 26.56 30.38
CA GLN C 4700 21.02 27.74 31.05
C GLN C 4700 20.09 28.15 32.18
N TRP C 4701 18.77 28.03 31.97
CA TRP C 4701 17.83 28.34 33.03
C TRP C 4701 17.80 27.25 34.09
N ASP C 4702 18.00 25.99 33.70
CA ASP C 4702 18.11 24.92 34.68
C ASP C 4702 19.34 25.07 35.56
N ARG C 4703 20.33 25.85 35.11
CA ARG C 4703 21.49 26.13 35.95
C ARG C 4703 21.11 26.81 37.26
N LEU C 4704 19.94 27.45 37.32
CA LEU C 4704 19.53 28.21 38.49
C LEU C 4704 19.02 27.33 39.63
N VAL C 4705 18.73 26.05 39.37
CA VAL C 4705 18.04 25.22 40.37
C VAL C 4705 18.97 24.24 41.06
N LEU C 4706 20.21 24.07 40.58
CA LEU C 4706 21.10 23.09 41.19
C LEU C 4706 21.41 23.44 42.63
N ASN C 4707 21.67 24.71 42.92
CA ASN C 4707 22.07 25.12 44.26
C ASN C 4707 20.90 25.10 45.24
N THR C 4708 19.67 25.02 44.75
CA THR C 4708 18.51 25.17 45.61
C THR C 4708 18.42 24.02 46.61
N PRO C 4709 18.01 24.29 47.85
CA PRO C 4709 17.87 23.21 48.85
C PRO C 4709 16.79 22.20 48.51
N SER C 4710 15.87 22.52 47.61
CA SER C 4710 14.74 21.64 47.28
C SER C 4710 14.65 21.44 45.78
N PHE C 4711 15.78 21.06 45.17
CA PHE C 4711 15.80 20.85 43.72
C PHE C 4711 14.80 19.79 43.28
N PRO C 4712 14.77 18.57 43.83
CA PRO C 4712 13.68 17.66 43.50
C PRO C 4712 12.48 17.85 44.41
N SER C 4713 11.36 18.29 43.86
CA SER C 4713 10.14 18.45 44.64
C SER C 4713 8.98 17.62 44.12
N ASN C 4714 8.87 17.43 42.82
CA ASN C 4714 7.94 16.46 42.26
C ASN C 4714 8.63 15.15 41.91
N TYR C 4715 9.87 15.20 41.45
CA TYR C 4715 10.63 13.99 41.19
C TYR C 4715 10.83 13.21 42.48
N TRP C 4716 10.65 11.89 42.41
CA TRP C 4716 10.71 11.05 43.60
C TRP C 4716 12.09 10.54 43.91
N ASP C 4717 13.12 10.94 43.14
CA ASP C 4717 14.49 10.53 43.39
C ASP C 4717 15.11 11.50 44.38
N LYS C 4718 15.02 11.18 45.67
CA LYS C 4718 15.48 12.09 46.70
C LYS C 4718 17.01 12.14 46.78
N PHE C 4719 17.68 11.04 46.44
CA PHE C 4719 19.13 10.94 46.57
C PHE C 4719 19.86 11.29 45.28
N VAL C 4720 19.28 12.14 44.44
CA VAL C 4720 19.91 12.46 43.16
C VAL C 4720 21.24 13.18 43.39
N LYS C 4721 21.25 14.14 44.32
CA LYS C 4721 22.47 14.88 44.60
C LYS C 4721 23.56 13.96 45.15
N ARG C 4722 23.19 13.07 46.08
CA ARG C 4722 24.17 12.16 46.64
C ARG C 4722 24.71 11.22 45.57
N LYS C 4723 23.84 10.72 44.69
CA LYS C 4723 24.27 9.81 43.64
C LYS C 4723 25.22 10.50 42.67
N VAL C 4724 24.89 11.73 42.24
CA VAL C 4724 25.77 12.42 41.30
C VAL C 4724 27.08 12.80 41.98
N LEU C 4725 27.05 13.13 43.27
CA LEU C 4725 28.28 13.38 44.00
C LEU C 4725 29.15 12.13 44.04
N ASP C 4726 28.56 10.99 44.38
CA ASP C 4726 29.34 9.75 44.42
C ASP C 4726 29.88 9.39 43.04
N LYS C 4727 29.17 9.75 41.98
CA LYS C 4727 29.62 9.40 40.64
C LYS C 4727 30.75 10.32 40.16
N HIS C 4728 30.69 11.61 40.48
CA HIS C 4728 31.61 12.57 39.88
C HIS C 4728 32.64 13.17 40.82
N GLY C 4729 32.59 12.87 42.13
CA GLY C 4729 33.50 13.51 43.07
C GLY C 4729 34.95 13.11 42.87
N ASP C 4730 35.20 11.81 42.75
CA ASP C 4730 36.58 11.32 42.71
C ASP C 4730 37.34 11.89 41.53
N ILE C 4731 36.64 12.38 40.52
CA ILE C 4731 37.30 12.99 39.36
C ILE C 4731 37.28 14.51 39.45
N PHE C 4732 36.15 15.11 39.84
CA PHE C 4732 35.96 16.55 39.71
C PHE C 4732 35.97 17.27 41.05
N GLY C 4733 36.54 16.66 42.09
CA GLY C 4733 36.54 17.29 43.39
C GLY C 4733 35.23 17.05 44.12
N ARG C 4734 35.25 17.33 45.42
CA ARG C 4734 34.06 17.21 46.25
C ARG C 4734 33.52 18.54 46.74
N GLU C 4735 34.40 19.47 47.14
CA GLU C 4735 33.93 20.79 47.53
C GLU C 4735 33.28 21.52 46.35
N ARG C 4736 33.86 21.38 45.16
CA ARG C 4736 33.29 22.00 43.98
C ARG C 4736 31.89 21.45 43.68
N ILE C 4737 31.74 20.13 43.76
CA ILE C 4737 30.43 19.52 43.53
C ILE C 4737 29.45 19.96 44.61
N ALA C 4738 29.91 20.04 45.85
CA ALA C 4738 29.03 20.45 46.94
C ALA C 4738 28.55 21.88 46.76
N GLU C 4739 29.44 22.78 46.34
CA GLU C 4739 29.01 24.16 46.13
C GLU C 4739 28.14 24.28 44.88
N LEU C 4740 28.38 23.46 43.86
CA LEU C 4740 27.53 23.48 42.68
C LEU C 4740 26.12 23.03 43.02
N LEU C 4741 25.99 22.00 43.86
CA LEU C 4741 24.70 21.45 44.22
C LEU C 4741 24.12 22.06 45.48
N GLY C 4742 24.79 23.04 46.08
CA GLY C 4742 24.27 23.65 47.29
C GLY C 4742 24.15 22.68 48.44
N MET C 4743 25.16 21.84 48.64
CA MET C 4743 25.15 20.80 49.64
C MET C 4743 26.30 21.01 50.62
N ASP C 4744 26.02 20.81 51.90
CA ASP C 4744 27.04 20.92 52.95
C ASP C 4744 27.64 19.53 53.19
N LEU C 4745 28.93 19.39 52.90
CA LEU C 4745 29.58 18.11 53.09
C LEU C 4745 29.64 17.71 54.56
N ALA C 4746 29.79 18.68 55.46
CA ALA C 4746 29.91 18.37 56.89
C ALA C 4746 28.65 17.70 57.42
N SER C 4747 27.48 18.19 57.00
CA SER C 4747 26.22 17.63 57.47
C SER C 4747 25.85 16.32 56.78
N LEU C 4748 26.58 15.92 55.74
CA LEU C 4748 26.27 14.68 55.05
C LEU C 4748 26.55 13.47 55.93
N GLU C 4749 27.64 13.50 56.69
CA GLU C 4749 28.02 12.33 57.49
C GLU C 4749 27.21 12.25 58.78
N ILE C 4750 27.33 13.25 59.64
CA ILE C 4750 26.68 13.21 60.95
C ILE C 4750 25.31 13.86 60.89
N ASP C 4772 12.00 29.18 49.55
CA ASP C 4772 13.04 28.97 48.57
C ASP C 4772 12.77 29.82 47.33
N VAL C 4773 13.16 31.09 47.41
CA VAL C 4773 12.82 32.05 46.36
C VAL C 4773 13.50 31.67 45.05
N LYS C 4774 14.72 31.15 45.11
CA LYS C 4774 15.42 30.77 43.88
C LYS C 4774 14.71 29.63 43.17
N TYR C 4775 14.29 28.60 43.93
CA TYR C 4775 13.54 27.50 43.34
C TYR C 4775 12.21 27.98 42.78
N GLN C 4776 11.54 28.89 43.50
CA GLN C 4776 10.27 29.42 43.01
C GLN C 4776 10.45 30.20 41.71
N ILE C 4777 11.54 30.98 41.61
CA ILE C 4777 11.81 31.70 40.38
C ILE C 4777 12.05 30.73 39.22
N TRP C 4778 12.85 29.68 39.48
CA TRP C 4778 13.10 28.70 38.43
C TRP C 4778 11.80 28.03 37.98
N LYS C 4779 10.96 27.62 38.94
CA LYS C 4779 9.71 26.97 38.60
C LYS C 4779 8.81 27.91 37.81
N PHE C 4780 8.75 29.18 38.20
CA PHE C 4780 7.91 30.13 37.48
C PHE C 4780 8.42 30.34 36.06
N GLY C 4781 9.73 30.38 35.86
CA GLY C 4781 10.26 30.45 34.51
C GLY C 4781 9.88 29.24 33.68
N VAL C 4782 9.99 28.05 34.27
CA VAL C 4782 9.63 26.82 33.56
C VAL C 4782 8.14 26.82 33.21
N ILE C 4783 7.30 27.27 34.13
CA ILE C 4783 5.86 27.33 33.88
C ILE C 4783 5.54 28.33 32.78
N PHE C 4784 6.14 29.53 32.85
CA PHE C 4784 5.87 30.57 31.87
C PHE C 4784 6.47 30.24 30.50
N THR C 4785 7.37 29.26 30.42
CA THR C 4785 7.81 28.78 29.12
C THR C 4785 6.96 27.64 28.58
N ASP C 4786 5.82 27.36 29.21
CA ASP C 4786 4.98 26.23 28.83
C ASP C 4786 3.87 26.67 27.90
N ASN C 4787 3.70 25.93 26.79
CA ASN C 4787 2.82 26.37 25.71
C ASN C 4787 1.34 26.35 26.14
N SER C 4788 0.91 25.31 26.83
CA SER C 4788 -0.49 25.24 27.24
C SER C 4788 -0.83 26.32 28.25
N PHE C 4789 0.09 26.59 29.18
CA PHE C 4789 -0.13 27.68 30.13
C PHE C 4789 -0.17 29.02 29.41
N LEU C 4790 0.70 29.21 28.41
CA LEU C 4790 0.68 30.46 27.66
C LEU C 4790 -0.62 30.61 26.86
N TYR C 4791 -1.13 29.52 26.31
CA TYR C 4791 -2.40 29.58 25.59
C TYR C 4791 -3.54 29.94 26.54
N LEU C 4792 -3.55 29.37 27.73
CA LEU C 4792 -4.60 29.70 28.69
C LEU C 4792 -4.46 31.14 29.18
N GLY C 4793 -3.23 31.64 29.30
CA GLY C 4793 -3.04 33.04 29.62
C GLY C 4793 -3.53 33.97 28.53
N TRP C 4794 -3.31 33.58 27.26
CA TRP C 4794 -3.85 34.34 26.14
C TRP C 4794 -5.38 34.33 26.15
N TYR C 4795 -5.97 33.18 26.48
CA TYR C 4795 -7.42 33.11 26.62
C TYR C 4795 -7.91 34.07 27.69
N MET C 4796 -7.21 34.11 28.83
CA MET C 4796 -7.60 35.02 29.91
C MET C 4796 -7.41 36.48 29.48
N VAL C 4797 -6.37 36.78 28.72
CA VAL C 4797 -6.13 38.15 28.28
C VAL C 4797 -7.23 38.61 27.33
N MET C 4798 -7.59 37.77 26.35
CA MET C 4798 -8.68 38.15 25.45
C MET C 4798 -10.01 38.22 26.18
N SER C 4799 -10.19 37.40 27.21
CA SER C 4799 -11.39 37.50 28.02
C SER C 4799 -11.43 38.82 28.78
N LEU C 4800 -10.27 39.31 29.24
CA LEU C 4800 -10.22 40.63 29.83
C LEU C 4800 -10.56 41.71 28.82
N LEU C 4801 -9.99 41.62 27.62
CA LEU C 4801 -10.23 42.62 26.60
C LEU C 4801 -11.65 42.60 26.06
N GLY C 4802 -12.37 41.49 26.25
CA GLY C 4802 -13.78 41.47 25.90
C GLY C 4802 -14.60 42.52 26.63
N HIS C 4803 -14.26 42.80 27.89
CA HIS C 4803 -14.96 43.86 28.61
C HIS C 4803 -14.67 45.22 28.02
N TYR C 4804 -13.46 45.43 27.51
CA TYR C 4804 -13.14 46.68 26.83
C TYR C 4804 -13.87 46.80 25.50
N ASN C 4805 -13.93 45.71 24.74
CA ASN C 4805 -14.64 45.69 23.46
C ASN C 4805 -15.16 44.28 23.22
N ASN C 4806 -16.45 44.06 23.51
CA ASN C 4806 -17.09 42.75 23.41
C ASN C 4806 -16.67 41.92 22.21
N PHE C 4807 -16.34 42.53 21.09
CA PHE C 4807 -16.01 41.75 19.91
C PHE C 4807 -14.68 41.02 20.01
N PHE C 4808 -13.87 41.29 21.04
CA PHE C 4808 -12.70 40.46 21.29
C PHE C 4808 -13.07 39.05 21.69
N PHE C 4809 -14.32 38.81 22.06
CA PHE C 4809 -14.79 37.47 22.41
C PHE C 4809 -14.90 36.56 21.21
N ALA C 4810 -14.75 37.08 19.99
CA ALA C 4810 -14.73 36.24 18.81
C ALA C 4810 -13.40 35.52 18.62
N ALA C 4811 -12.35 35.96 19.31
CA ALA C 4811 -11.07 35.27 19.27
C ALA C 4811 -11.08 33.98 20.09
N HIS C 4812 -12.12 33.76 20.88
CA HIS C 4812 -12.28 32.52 21.62
C HIS C 4812 -12.94 31.42 20.80
N LEU C 4813 -13.52 31.76 19.65
CA LEU C 4813 -14.05 30.74 18.76
C LEU C 4813 -12.94 29.87 18.17
N LEU C 4814 -11.73 30.42 18.07
CA LEU C 4814 -10.59 29.66 17.61
C LEU C 4814 -10.25 28.51 18.54
N ASP C 4815 -10.77 28.52 19.76
CA ASP C 4815 -10.56 27.44 20.71
C ASP C 4815 -11.20 26.13 20.26
N ILE C 4816 -12.07 26.15 19.24
CA ILE C 4816 -12.66 24.91 18.77
C ILE C 4816 -11.59 24.01 18.16
N ALA C 4817 -10.59 24.59 17.50
CA ALA C 4817 -9.50 23.80 16.94
C ALA C 4817 -8.74 23.05 18.02
N MET C 4818 -8.46 23.72 19.14
CA MET C 4818 -7.76 23.07 20.25
C MET C 4818 -8.67 22.12 21.02
N GLY C 4819 -9.98 22.37 21.02
CA GLY C 4819 -10.89 21.56 21.79
C GLY C 4819 -11.38 20.30 21.11
N VAL C 4820 -12.00 20.44 19.94
CA VAL C 4820 -12.64 19.31 19.27
C VAL C 4820 -11.58 18.47 18.58
N LYS C 4821 -11.56 17.17 18.91
CA LYS C 4821 -10.58 16.27 18.31
C LYS C 4821 -10.83 16.08 16.82
N THR C 4822 -12.10 16.07 16.40
CA THR C 4822 -12.40 15.96 14.98
C THR C 4822 -11.86 17.16 14.20
N LEU C 4823 -12.07 18.36 14.73
CA LEU C 4823 -11.56 19.55 14.07
C LEU C 4823 -10.03 19.55 14.05
N ARG C 4824 -9.40 19.13 15.16
CA ARG C 4824 -7.95 19.11 15.18
C ARG C 4824 -7.40 18.09 14.17
N THR C 4825 -8.06 16.94 14.04
CA THR C 4825 -7.63 15.94 13.07
C THR C 4825 -7.80 16.45 11.64
N ILE C 4826 -8.89 17.17 11.37
CA ILE C 4826 -9.08 17.75 10.04
C ILE C 4826 -8.01 18.79 9.74
N LEU C 4827 -7.70 19.65 10.71
CA LEU C 4827 -6.68 20.69 10.51
C LEU C 4827 -5.28 20.12 10.44
N SER C 4828 -5.08 18.89 10.95
CA SER C 4828 -3.78 18.26 10.78
C SER C 4828 -3.46 18.01 9.31
N SER C 4829 -4.48 17.85 8.47
CA SER C 4829 -4.23 17.72 7.03
C SER C 4829 -3.62 19.01 6.48
N VAL C 4830 -4.09 20.16 6.96
CA VAL C 4830 -3.52 21.43 6.52
C VAL C 4830 -2.11 21.60 7.07
N THR C 4831 -1.90 21.27 8.36
CA THR C 4831 -0.63 21.56 9.00
C THR C 4831 0.45 20.52 8.72
N HIS C 4832 0.10 19.35 8.18
CA HIS C 4832 1.09 18.31 7.94
C HIS C 4832 2.12 18.74 6.89
N ASN C 4833 1.66 19.39 5.83
CA ASN C 4833 2.52 19.91 4.77
C ASN C 4833 2.58 21.43 4.81
N GLY C 4834 2.66 22.00 6.02
CA GLY C 4834 2.62 23.44 6.15
C GLY C 4834 3.80 24.14 5.49
N LYS C 4835 5.01 23.60 5.68
CA LYS C 4835 6.18 24.22 5.06
C LYS C 4835 6.11 24.12 3.54
N GLN C 4836 5.59 23.01 3.02
CA GLN C 4836 5.40 22.89 1.58
C GLN C 4836 4.38 23.89 1.07
N LEU C 4837 3.32 24.12 1.83
CA LEU C 4837 2.33 25.13 1.44
C LEU C 4837 2.95 26.52 1.41
N VAL C 4838 3.74 26.86 2.43
CA VAL C 4838 4.38 28.17 2.48
C VAL C 4838 5.34 28.33 1.31
N MET C 4839 6.13 27.30 1.01
CA MET C 4839 7.06 27.38 -0.12
C MET C 4839 6.31 27.49 -1.43
N THR C 4840 5.17 26.82 -1.57
CA THR C 4840 4.39 26.92 -2.79
C THR C 4840 3.81 28.31 -2.95
N VAL C 4841 3.39 28.95 -1.86
CA VAL C 4841 2.92 30.32 -1.93
C VAL C 4841 4.07 31.26 -2.34
N GLY C 4842 5.26 31.04 -1.80
CA GLY C 4842 6.41 31.83 -2.21
C GLY C 4842 6.77 31.63 -3.67
N LEU C 4843 6.64 30.39 -4.16
CA LEU C 4843 6.88 30.12 -5.57
C LEU C 4843 5.85 30.83 -6.44
N LEU C 4844 4.58 30.83 -6.01
CA LEU C 4844 3.56 31.58 -6.73
C LEU C 4844 3.89 33.07 -6.75
N ALA C 4845 4.36 33.61 -5.63
CA ALA C 4845 4.77 35.01 -5.59
C ALA C 4845 5.91 35.31 -6.55
N VAL C 4846 6.89 34.41 -6.63
CA VAL C 4846 8.02 34.61 -7.54
C VAL C 4846 7.54 34.58 -9.00
N VAL C 4847 6.71 33.60 -9.35
CA VAL C 4847 6.30 33.50 -10.75
C VAL C 4847 5.39 34.66 -11.13
N VAL C 4848 4.55 35.13 -10.20
CA VAL C 4848 3.76 36.32 -10.48
C VAL C 4848 4.64 37.54 -10.61
N TYR C 4849 5.75 37.61 -9.87
CA TYR C 4849 6.70 38.70 -10.09
C TYR C 4849 7.29 38.65 -11.49
N LEU C 4850 7.60 37.44 -11.97
CA LEU C 4850 8.13 37.32 -13.33
C LEU C 4850 7.12 37.81 -14.36
N TYR C 4851 5.87 37.38 -14.22
CA TYR C 4851 4.84 37.87 -15.14
C TYR C 4851 4.64 39.36 -15.02
N THR C 4852 4.75 39.90 -13.80
CA THR C 4852 4.65 41.34 -13.59
C THR C 4852 5.74 42.08 -14.33
N VAL C 4853 6.97 41.57 -14.29
CA VAL C 4853 8.07 42.20 -15.00
C VAL C 4853 7.80 42.21 -16.50
N VAL C 4854 7.35 41.08 -17.03
CA VAL C 4854 7.05 41.01 -18.46
C VAL C 4854 5.95 41.99 -18.84
N ALA C 4855 4.92 42.09 -18.00
CA ALA C 4855 3.85 43.05 -18.28
C ALA C 4855 4.34 44.48 -18.22
N PHE C 4856 5.09 44.82 -17.17
CA PHE C 4856 5.56 46.19 -17.01
C PHE C 4856 6.46 46.61 -18.16
N ASN C 4857 7.15 45.66 -18.79
CA ASN C 4857 8.00 46.02 -19.92
C ASN C 4857 7.31 45.95 -21.27
N PHE C 4858 6.23 45.18 -21.43
CA PHE C 4858 5.68 45.01 -22.77
C PHE C 4858 4.18 45.24 -22.93
N PHE C 4859 3.40 45.31 -21.85
CA PHE C 4859 1.94 45.33 -21.94
C PHE C 4859 1.36 46.40 -21.04
N ARG C 4860 2.03 47.55 -20.95
CA ARG C 4860 1.59 48.61 -20.05
C ARG C 4860 0.24 49.19 -20.48
N LYS C 4861 -0.05 49.18 -21.77
CA LYS C 4861 -1.25 49.84 -22.27
C LYS C 4861 -2.52 49.13 -21.84
N PHE C 4862 -2.48 47.81 -21.74
CA PHE C 4862 -3.70 47.03 -21.53
C PHE C 4862 -4.23 47.12 -20.11
N TYR C 4863 -3.46 47.65 -19.16
CA TYR C 4863 -3.81 47.59 -17.74
C TYR C 4863 -4.55 48.83 -17.27
N ASN C 4864 -5.36 49.45 -18.12
CA ASN C 4864 -6.14 50.62 -17.73
C ASN C 4864 -7.48 50.16 -17.20
N LYS C 4865 -7.76 50.47 -15.94
CA LYS C 4865 -8.97 49.99 -15.27
C LYS C 4865 -9.99 51.11 -15.04
N SER C 4866 -10.02 52.09 -15.93
CA SER C 4866 -10.97 53.20 -15.85
C SER C 4866 -11.76 53.26 -17.14
N GLU C 4867 -13.09 53.13 -17.02
CA GLU C 4867 -13.95 53.31 -18.19
C GLU C 4867 -13.97 54.75 -18.65
N ASP C 4868 -13.89 55.69 -17.71
CA ASP C 4868 -13.94 57.11 -18.03
C ASP C 4868 -12.65 57.55 -18.73
N GLU C 4869 -12.79 58.21 -19.87
CA GLU C 4869 -11.63 58.76 -20.56
C GLU C 4869 -11.14 60.06 -19.96
N ASP C 4870 -11.86 60.62 -19.00
CA ASP C 4870 -11.43 61.85 -18.36
C ASP C 4870 -10.11 61.64 -17.62
N GLU C 4871 -9.97 60.52 -16.93
CA GLU C 4871 -8.73 60.17 -16.23
C GLU C 4871 -8.39 58.72 -16.51
N PRO C 4872 -7.20 58.41 -16.99
CA PRO C 4872 -6.78 57.01 -17.11
C PRO C 4872 -6.32 56.46 -15.77
N ASP C 4873 -6.52 55.17 -15.58
CA ASP C 4873 -6.13 54.48 -14.34
C ASP C 4873 -5.27 53.27 -14.65
N MET C 4874 -4.27 53.45 -15.50
CA MET C 4874 -3.35 52.37 -15.85
C MET C 4874 -2.69 51.80 -14.61
N LYS C 4875 -2.77 50.48 -14.44
CA LYS C 4875 -2.31 49.83 -13.23
C LYS C 4875 -1.02 49.04 -13.44
N CYS C 4876 -0.24 49.39 -14.46
CA CYS C 4876 1.06 48.75 -14.64
C CYS C 4876 2.12 49.76 -15.07
N ASP C 4877 1.93 51.04 -14.74
CA ASP C 4877 2.96 52.04 -14.98
C ASP C 4877 4.01 52.07 -13.88
N ASP C 4878 3.82 51.28 -12.83
CA ASP C 4878 4.79 51.14 -11.76
C ASP C 4878 4.92 49.66 -11.44
N MET C 4879 6.14 49.24 -11.13
CA MET C 4879 6.38 47.84 -10.80
C MET C 4879 5.64 47.44 -9.53
N MET C 4880 5.63 48.32 -8.54
CA MET C 4880 4.96 48.01 -7.27
C MET C 4880 3.46 47.82 -7.48
N THR C 4881 2.81 48.77 -8.16
CA THR C 4881 1.38 48.66 -8.36
C THR C 4881 1.02 47.55 -9.34
N CYS C 4882 1.89 47.24 -10.29
CA CYS C 4882 1.59 46.14 -11.22
C CYS C 4882 1.74 44.79 -10.52
N TYR C 4883 2.72 44.65 -9.63
CA TYR C 4883 2.82 43.43 -8.83
C TYR C 4883 1.65 43.31 -7.87
N LEU C 4884 1.22 44.41 -7.26
CA LEU C 4884 0.04 44.38 -6.41
C LEU C 4884 -1.19 43.98 -7.20
N PHE C 4885 -1.36 44.55 -8.39
CA PHE C 4885 -2.50 44.21 -9.23
C PHE C 4885 -2.49 42.74 -9.62
N HIS C 4886 -1.32 42.24 -10.02
CA HIS C 4886 -1.23 40.83 -10.38
C HIS C 4886 -1.55 39.93 -9.20
N MET C 4887 -0.86 40.13 -8.07
CA MET C 4887 -1.08 39.27 -6.91
C MET C 4887 -2.49 39.37 -6.35
N TYR C 4888 -3.17 40.49 -6.60
CA TYR C 4888 -4.50 40.65 -6.01
C TYR C 4888 -5.62 40.20 -6.92
N VAL C 4889 -5.52 40.40 -8.24
CA VAL C 4889 -6.62 40.07 -9.12
C VAL C 4889 -6.32 38.91 -10.07
N GLY C 4890 -5.08 38.69 -10.48
CA GLY C 4890 -4.80 37.66 -11.46
C GLY C 4890 -4.84 36.27 -10.86
N VAL C 4891 -4.53 36.16 -9.57
CA VAL C 4891 -4.57 34.87 -8.90
C VAL C 4891 -5.95 34.59 -8.32
N ARG C 4892 -6.77 35.61 -8.10
CA ARG C 4892 -8.14 35.43 -7.66
C ARG C 4892 -9.14 35.41 -8.81
N ALA C 4893 -8.70 35.65 -10.03
CA ALA C 4893 -9.55 35.53 -11.20
C ALA C 4893 -9.50 34.11 -11.75
N GLY C 4894 -10.64 33.65 -12.26
CA GLY C 4894 -10.73 32.29 -12.75
C GLY C 4894 -9.90 32.04 -14.00
N GLY C 4895 -9.84 33.03 -14.89
CA GLY C 4895 -9.08 32.93 -16.11
C GLY C 4895 -7.72 33.57 -16.10
N GLY C 4896 -7.25 34.03 -14.94
CA GLY C 4896 -5.94 34.64 -14.86
C GLY C 4896 -5.97 36.14 -14.98
N ILE C 4897 -4.93 36.74 -15.55
CA ILE C 4897 -4.92 38.18 -15.68
C ILE C 4897 -5.71 38.63 -16.90
N GLY C 4898 -5.86 37.76 -17.90
CA GLY C 4898 -6.64 38.08 -19.08
C GLY C 4898 -8.11 38.26 -18.79
N ASP C 4899 -8.58 37.81 -17.63
CA ASP C 4899 -9.93 38.14 -17.19
C ASP C 4899 -10.06 39.63 -16.90
N GLU C 4900 -8.96 40.25 -16.46
CA GLU C 4900 -9.00 41.63 -15.99
C GLU C 4900 -8.54 42.63 -17.03
N ILE C 4901 -7.46 42.33 -17.76
CA ILE C 4901 -6.85 43.35 -18.61
C ILE C 4901 -7.56 43.47 -19.96
N GLU C 4902 -7.16 44.48 -20.72
CA GLU C 4902 -7.79 44.80 -22.00
C GLU C 4902 -7.64 43.67 -22.99
N ASP C 4903 -8.66 43.51 -23.84
CA ASP C 4903 -8.63 42.49 -24.89
C ASP C 4903 -7.53 42.80 -25.89
N PRO C 4904 -6.73 41.82 -26.30
CA PRO C 4904 -5.63 42.08 -27.24
C PRO C 4904 -5.98 41.91 -28.71
N ALA C 4905 -7.24 41.71 -29.07
CA ALA C 4905 -7.59 41.52 -30.47
C ALA C 4905 -7.30 42.78 -31.28
N GLY C 4906 -6.87 42.59 -32.51
CA GLY C 4906 -6.49 43.71 -33.37
C GLY C 4906 -5.29 44.48 -32.89
N ASP C 4907 -4.25 43.78 -32.46
CA ASP C 4907 -3.04 44.40 -31.94
C ASP C 4907 -1.83 43.65 -32.48
N GLU C 4908 -0.71 44.34 -32.58
CA GLU C 4908 0.51 43.70 -33.06
C GLU C 4908 1.10 42.73 -32.05
N TYR C 4909 0.71 42.85 -30.77
CA TYR C 4909 1.16 41.96 -29.72
C TYR C 4909 0.10 40.92 -29.35
N GLU C 4910 -0.80 40.58 -30.27
CA GLU C 4910 -1.90 39.70 -29.93
C GLU C 4910 -1.42 38.29 -29.58
N LEU C 4911 -0.55 37.71 -30.41
CA LEU C 4911 -0.05 36.37 -30.13
C LEU C 4911 0.79 36.33 -28.87
N TYR C 4912 1.66 37.33 -28.68
CA TYR C 4912 2.46 37.37 -27.47
C TYR C 4912 1.58 37.48 -26.24
N ARG C 4913 0.52 38.29 -26.32
CA ARG C 4913 -0.33 38.50 -25.15
C ARG C 4913 -1.24 37.31 -24.88
N VAL C 4914 -1.68 36.58 -25.90
CA VAL C 4914 -2.42 35.36 -25.62
C VAL C 4914 -1.50 34.30 -25.01
N VAL C 4915 -0.25 34.23 -25.46
CA VAL C 4915 0.71 33.36 -24.80
C VAL C 4915 0.90 33.77 -23.35
N PHE C 4916 1.02 35.07 -23.10
CA PHE C 4916 1.13 35.61 -21.74
C PHE C 4916 -0.03 35.15 -20.88
N ASP C 4917 -1.25 35.38 -21.34
CA ASP C 4917 -2.43 35.06 -20.54
C ASP C 4917 -2.59 33.56 -20.32
N ILE C 4918 -2.40 32.77 -21.37
CA ILE C 4918 -2.65 31.34 -21.25
C ILE C 4918 -1.55 30.65 -20.45
N THR C 4919 -0.31 31.13 -20.54
CA THR C 4919 0.72 30.58 -19.67
C THR C 4919 0.44 30.94 -18.22
N PHE C 4920 -0.05 32.16 -17.97
CA PHE C 4920 -0.45 32.52 -16.61
C PHE C 4920 -1.55 31.60 -16.11
N PHE C 4921 -2.56 31.35 -16.95
CA PHE C 4921 -3.67 30.48 -16.58
C PHE C 4921 -3.21 29.06 -16.31
N PHE C 4922 -2.34 28.51 -17.17
CA PHE C 4922 -1.85 27.15 -16.98
C PHE C 4922 -1.02 27.04 -15.72
N PHE C 4923 -0.02 27.91 -15.57
CA PHE C 4923 0.97 27.73 -14.52
C PHE C 4923 0.45 28.16 -13.17
N VAL C 4924 -0.14 29.34 -13.09
CA VAL C 4924 -0.56 29.89 -11.81
C VAL C 4924 -1.94 29.38 -11.41
N ILE C 4925 -2.91 29.48 -12.30
CA ILE C 4925 -4.28 29.14 -11.93
C ILE C 4925 -4.45 27.64 -11.77
N VAL C 4926 -3.87 26.86 -12.66
CA VAL C 4926 -4.12 25.41 -12.70
C VAL C 4926 -3.05 24.67 -11.92
N ILE C 4927 -1.80 24.78 -12.37
CA ILE C 4927 -0.72 23.98 -11.77
C ILE C 4927 -0.49 24.40 -10.32
N LEU C 4928 -0.43 25.70 -10.05
CA LEU C 4928 0.01 26.16 -8.74
C LEU C 4928 -1.08 26.12 -7.68
N LEU C 4929 -2.33 25.88 -8.05
CA LEU C 4929 -3.36 25.55 -7.07
C LEU C 4929 -3.64 24.05 -6.99
N ALA C 4930 -3.41 23.34 -8.09
CA ALA C 4930 -3.39 21.88 -8.02
C ALA C 4930 -2.31 21.39 -7.10
N ILE C 4931 -1.19 22.10 -7.00
CA ILE C 4931 -0.13 21.72 -6.06
C ILE C 4931 -0.64 21.80 -4.63
N ILE C 4932 -1.37 22.87 -4.30
CA ILE C 4932 -1.90 23.03 -2.94
C ILE C 4932 -2.93 21.94 -2.63
N GLN C 4933 -3.86 21.72 -3.56
CA GLN C 4933 -4.88 20.69 -3.35
C GLN C 4933 -4.25 19.31 -3.23
N GLY C 4934 -3.24 19.02 -4.06
CA GLY C 4934 -2.56 17.75 -3.96
C GLY C 4934 -1.78 17.60 -2.67
N LEU C 4935 -1.20 18.69 -2.16
CA LEU C 4935 -0.56 18.63 -0.86
C LEU C 4935 -1.54 18.26 0.24
N ILE C 4936 -2.73 18.85 0.21
CA ILE C 4936 -3.73 18.53 1.23
C ILE C 4936 -4.23 17.09 1.10
N ILE C 4937 -4.51 16.65 -0.13
CA ILE C 4937 -4.98 15.28 -0.34
C ILE C 4937 -3.92 14.27 0.07
N ASP C 4938 -2.66 14.52 -0.30
CA ASP C 4938 -1.58 13.65 0.09
C ASP C 4938 -1.39 13.66 1.60
N ALA C 4939 -1.68 14.78 2.27
CA ALA C 4939 -1.64 14.78 3.73
C ALA C 4939 -2.70 13.86 4.32
N PHE C 4940 -3.93 13.92 3.78
CA PHE C 4940 -4.96 12.99 4.23
C PHE C 4940 -4.50 11.55 4.08
N GLY C 4941 -4.00 11.21 2.90
CA GLY C 4941 -3.57 9.84 2.64
C GLY C 4941 -2.40 9.42 3.52
N GLU C 4942 -1.43 10.31 3.73
CA GLU C 4942 -0.26 9.97 4.53
C GLU C 4942 -0.63 9.75 5.99
N LEU C 4943 -1.50 10.60 6.54
CA LEU C 4943 -1.94 10.39 7.91
C LEU C 4943 -2.71 9.08 8.05
N ARG C 4944 -3.56 8.78 7.06
CA ARG C 4944 -4.31 7.52 7.11
C ARG C 4944 -3.37 6.32 7.11
N ASP C 4945 -2.37 6.34 6.21
CA ASP C 4945 -1.48 5.18 6.16
C ASP C 4945 -0.55 5.12 7.37
N GLN C 4946 -0.25 6.26 7.99
CA GLN C 4946 0.50 6.22 9.24
C GLN C 4946 -0.30 5.50 10.33
N GLN C 4947 -1.59 5.84 10.46
CA GLN C 4947 -2.43 5.15 11.43
C GLN C 4947 -2.52 3.66 11.12
N GLU C 4948 -2.69 3.32 9.84
CA GLU C 4948 -2.81 1.93 9.45
C GLU C 4948 -1.53 1.16 9.76
N GLN C 4949 -0.36 1.75 9.47
CA GLN C 4949 0.90 1.09 9.74
C GLN C 4949 1.11 0.89 11.23
N VAL C 4950 0.75 1.88 12.04
CA VAL C 4950 0.88 1.71 13.49
C VAL C 4950 0.01 0.56 13.97
N LYS C 4951 -1.24 0.52 13.52
CA LYS C 4951 -2.14 -0.57 13.94
C LYS C 4951 -1.61 -1.92 13.48
N GLU C 4952 -1.13 -2.01 12.24
CA GLU C 4952 -0.64 -3.27 11.70
C GLU C 4952 0.56 -3.77 12.48
N ASP C 4953 1.51 -2.89 12.77
CA ASP C 4953 2.68 -3.30 13.55
C ASP C 4953 2.28 -3.75 14.94
N MET C 4954 1.40 -2.99 15.59
CA MET C 4954 1.01 -3.33 16.95
C MET C 4954 0.28 -4.66 17.01
N GLU C 4955 -0.58 -4.94 16.03
CA GLU C 4955 -1.31 -6.21 16.04
C GLU C 4955 -0.54 -7.36 15.42
N THR C 4956 0.62 -7.09 14.81
CA THR C 4956 1.43 -8.16 14.24
C THR C 4956 2.55 -8.61 15.16
N LYS C 4957 3.24 -7.71 15.86
CA LYS C 4957 4.35 -8.11 16.70
C LYS C 4957 4.12 -7.64 18.14
N CYS C 4958 4.70 -8.38 19.08
CA CYS C 4958 4.60 -8.02 20.49
C CYS C 4958 5.39 -6.75 20.76
N PHE C 4959 4.81 -5.89 21.61
CA PHE C 4959 5.45 -4.61 21.90
C PHE C 4959 6.74 -4.80 22.69
N ILE C 4960 6.76 -5.75 23.63
CA ILE C 4960 7.89 -5.88 24.54
C ILE C 4960 9.02 -6.66 23.90
N CYS C 4961 8.74 -7.87 23.41
CA CYS C 4961 9.79 -8.76 22.92
C CYS C 4961 9.99 -8.70 21.41
N GLY C 4962 9.00 -8.23 20.65
CA GLY C 4962 9.14 -8.11 19.22
C GLY C 4962 8.88 -9.39 18.44
N ILE C 4963 8.57 -10.50 19.11
CA ILE C 4963 8.27 -11.73 18.41
C ILE C 4963 6.92 -11.61 17.72
N GLY C 4964 6.87 -12.00 16.45
CA GLY C 4964 5.65 -11.81 15.69
C GLY C 4964 4.52 -12.71 16.15
N SER C 4965 3.31 -12.35 15.71
CA SER C 4965 2.13 -13.13 16.06
C SER C 4965 2.12 -14.50 15.38
N ASP C 4966 2.90 -14.66 14.31
CA ASP C 4966 2.94 -15.95 13.63
C ASP C 4966 3.45 -17.05 14.55
N TYR C 4967 4.43 -16.72 15.40
CA TYR C 4967 4.93 -17.71 16.34
C TYR C 4967 3.87 -18.13 17.34
N PHE C 4968 3.21 -17.15 17.97
CA PHE C 4968 2.26 -17.46 19.02
C PHE C 4968 0.95 -18.04 18.50
N ASP C 4969 0.64 -17.82 17.23
CA ASP C 4969 -0.62 -18.28 16.68
C ASP C 4969 -0.69 -19.80 16.49
N THR C 4970 0.43 -20.51 16.68
CA THR C 4970 0.39 -21.96 16.63
C THR C 4970 -0.57 -22.51 17.68
N THR C 4971 -0.49 -21.98 18.89
CA THR C 4971 -1.54 -22.19 19.87
C THR C 4971 -2.71 -21.27 19.55
N PRO C 4972 -3.94 -21.79 19.51
CA PRO C 4972 -5.09 -20.92 19.23
C PRO C 4972 -5.21 -19.80 20.27
N HIS C 4973 -5.44 -18.58 19.77
CA HIS C 4973 -5.47 -17.37 20.59
C HIS C 4973 -4.15 -17.17 21.33
N GLY C 4974 -3.06 -17.69 20.75
CA GLY C 4974 -1.77 -17.61 21.41
C GLY C 4974 -1.25 -16.19 21.54
N PHE C 4975 -1.36 -15.40 20.47
CA PHE C 4975 -0.88 -14.02 20.52
C PHE C 4975 -1.73 -13.19 21.46
N GLU C 4976 -3.04 -13.40 21.46
CA GLU C 4976 -3.92 -12.69 22.39
C GLU C 4976 -3.55 -13.01 23.83
N THR C 4977 -3.35 -14.29 24.13
CA THR C 4977 -2.95 -14.67 25.48
C THR C 4977 -1.60 -14.07 25.85
N HIS C 4978 -0.64 -14.10 24.92
CA HIS C 4978 0.69 -13.59 25.21
C HIS C 4978 0.66 -12.09 25.51
N THR C 4979 -0.07 -11.31 24.70
CA THR C 4979 -0.09 -9.87 24.90
C THR C 4979 -0.95 -9.47 26.09
N LEU C 4980 -2.02 -10.22 26.38
CA LEU C 4980 -2.87 -9.88 27.51
C LEU C 4980 -2.25 -10.27 28.85
N GLU C 4981 -1.52 -11.39 28.89
CA GLU C 4981 -1.04 -11.94 30.15
C GLU C 4981 0.47 -11.94 30.27
N GLU C 4982 1.18 -12.51 29.30
CA GLU C 4982 2.60 -12.75 29.48
C GLU C 4982 3.41 -11.45 29.37
N HIS C 4983 3.12 -10.62 28.38
CA HIS C 4983 3.90 -9.42 28.09
C HIS C 4983 3.01 -8.19 28.06
N ASN C 4984 2.18 -8.02 29.07
CA ASN C 4984 1.31 -6.86 29.15
C ASN C 4984 2.11 -5.64 29.58
N LEU C 4985 2.18 -4.64 28.68
CA LEU C 4985 2.88 -3.40 29.02
C LEU C 4985 2.21 -2.71 30.20
N ALA C 4986 0.89 -2.86 30.35
CA ALA C 4986 0.22 -2.38 31.54
C ALA C 4986 0.78 -3.06 32.78
N ASN C 4987 1.04 -4.37 32.69
CA ASN C 4987 1.63 -5.09 33.81
C ASN C 4987 3.03 -4.56 34.13
N TYR C 4988 3.82 -4.24 33.10
CA TYR C 4988 5.14 -3.67 33.35
C TYR C 4988 5.03 -2.32 34.06
N MET C 4989 4.09 -1.48 33.63
CA MET C 4989 3.89 -0.19 34.30
C MET C 4989 3.47 -0.40 35.75
N PHE C 4990 2.56 -1.34 35.99
CA PHE C 4990 2.11 -1.62 37.35
C PHE C 4990 3.25 -2.14 38.20
N PHE C 4991 4.14 -2.95 37.62
CA PHE C 4991 5.29 -3.44 38.38
C PHE C 4991 6.24 -2.30 38.73
N LEU C 4992 6.42 -1.34 37.83
CA LEU C 4992 7.20 -0.17 38.19
C LEU C 4992 6.56 0.61 39.32
N MET C 4993 5.23 0.76 39.30
CA MET C 4993 4.54 1.39 40.43
C MET C 4993 4.81 0.62 41.71
N TYR C 4994 4.72 -0.70 41.64
CA TYR C 4994 4.93 -1.56 42.80
C TYR C 4994 6.33 -1.37 43.37
N LEU C 4995 7.34 -1.36 42.49
CA LEU C 4995 8.72 -1.16 42.92
C LEU C 4995 8.90 0.21 43.56
N ILE C 4996 8.36 1.26 42.93
CA ILE C 4996 8.56 2.61 43.46
C ILE C 4996 7.89 2.78 44.81
N ASN C 4997 6.69 2.22 44.98
CA ASN C 4997 5.94 2.41 46.21
C ASN C 4997 6.30 1.40 47.29
N LYS C 4998 7.09 0.37 46.98
CA LYS C 4998 7.52 -0.58 47.98
C LYS C 4998 8.84 -0.17 48.59
N ASP C 4999 8.97 -0.32 49.91
CA ASP C 4999 10.21 0.00 50.59
C ASP C 4999 11.31 -0.96 50.14
N GLU C 5000 12.53 -0.44 50.01
CA GLU C 5000 13.62 -1.23 49.45
C GLU C 5000 14.04 -2.36 50.37
N THR C 5001 13.86 -2.19 51.69
CA THR C 5001 14.30 -3.22 52.63
C THR C 5001 13.49 -4.50 52.47
N GLU C 5002 12.26 -4.41 51.99
CA GLU C 5002 11.40 -5.57 51.84
C GLU C 5002 11.32 -6.06 50.39
N HIS C 5003 12.18 -5.57 49.51
CA HIS C 5003 12.25 -6.11 48.17
C HIS C 5003 12.76 -7.54 48.19
N THR C 5004 12.15 -8.40 47.38
CA THR C 5004 12.68 -9.75 47.19
C THR C 5004 13.90 -9.68 46.29
N GLY C 5005 14.47 -10.85 45.98
CA GLY C 5005 15.69 -10.86 45.19
C GLY C 5005 15.49 -10.32 43.79
N GLN C 5006 14.45 -10.80 43.11
CA GLN C 5006 14.18 -10.34 41.75
C GLN C 5006 13.72 -8.89 41.75
N GLU C 5007 12.95 -8.48 42.75
CA GLU C 5007 12.56 -7.08 42.87
C GLU C 5007 13.77 -6.19 43.05
N SER C 5008 14.73 -6.59 43.88
CA SER C 5008 15.94 -5.81 44.05
C SER C 5008 16.77 -5.79 42.78
N TYR C 5009 16.84 -6.91 42.07
CA TYR C 5009 17.58 -6.95 40.81
C TYR C 5009 17.00 -5.95 39.82
N VAL C 5010 15.68 -5.94 39.67
CA VAL C 5010 15.05 -5.01 38.74
C VAL C 5010 15.21 -3.57 39.25
N TRP C 5011 15.13 -3.37 40.56
CA TRP C 5011 15.28 -2.03 41.12
C TRP C 5011 16.67 -1.48 40.85
N LYS C 5012 17.71 -2.32 41.00
CA LYS C 5012 19.06 -1.88 40.69
C LYS C 5012 19.23 -1.58 39.21
N MET C 5013 18.73 -2.46 38.34
CA MET C 5013 18.85 -2.22 36.91
C MET C 5013 18.09 -0.95 36.51
N TYR C 5014 17.01 -0.64 37.21
CA TYR C 5014 16.24 0.57 36.94
C TYR C 5014 16.98 1.81 37.42
N GLN C 5015 17.60 1.73 38.60
CA GLN C 5015 18.39 2.86 39.08
C GLN C 5015 19.59 3.13 38.19
N GLU C 5016 20.14 2.10 37.56
CA GLU C 5016 21.25 2.29 36.64
C GLU C 5016 20.80 2.62 35.22
N ARG C 5017 19.50 2.73 34.98
CA ARG C 5017 18.95 3.04 33.67
C ARG C 5017 19.39 2.03 32.60
N CYS C 5018 19.43 0.76 32.98
CA CYS C 5018 19.80 -0.33 32.08
C CYS C 5018 18.57 -1.20 31.84
N TRP C 5019 18.08 -1.18 30.61
CA TRP C 5019 16.86 -1.91 30.27
C TRP C 5019 17.20 -3.26 29.64
N ASP C 5020 17.97 -4.05 30.39
CA ASP C 5020 18.31 -5.40 29.99
C ASP C 5020 17.46 -6.45 30.69
N PHE C 5021 16.53 -6.04 31.55
CA PHE C 5021 15.58 -6.97 32.15
C PHE C 5021 14.32 -7.10 31.33
N PHE C 5022 14.15 -6.31 30.27
CA PHE C 5022 13.04 -6.50 29.36
C PHE C 5022 13.36 -7.64 28.40
N PRO C 5023 12.53 -8.67 28.31
CA PRO C 5023 12.84 -9.78 27.40
C PRO C 5023 12.81 -9.35 25.95
N ALA C 5024 13.97 -9.32 25.30
CA ALA C 5024 14.10 -8.86 23.92
C ALA C 5024 14.26 -10.07 23.03
N GLY C 5025 13.23 -10.37 22.23
CA GLY C 5025 13.27 -11.50 21.33
C GLY C 5025 13.09 -12.85 22.00
N ASP C 5026 12.79 -12.87 23.29
CA ASP C 5026 12.65 -14.13 24.02
C ASP C 5026 11.41 -14.05 24.90
N CYS C 5027 10.84 -15.22 25.19
CA CYS C 5027 9.65 -15.30 26.03
C CYS C 5027 9.65 -16.64 26.75
N PHE C 5028 8.72 -16.77 27.69
CA PHE C 5028 8.59 -17.99 28.48
C PHE C 5028 8.27 -19.19 27.58
N ARG C 5029 7.35 -19.00 26.63
CA ARG C 5029 6.99 -20.08 25.71
C ARG C 5029 8.19 -20.51 24.88
N LYS C 5030 8.91 -19.54 24.31
CA LYS C 5030 10.07 -19.89 23.48
C LYS C 5030 11.16 -20.54 24.31
N GLN C 5031 11.30 -20.16 25.58
CA GLN C 5031 12.35 -20.72 26.41
C GLN C 5031 12.03 -22.14 26.85
N TYR C 5032 10.78 -22.41 27.23
CA TYR C 5032 10.40 -23.72 27.76
C TYR C 5032 9.51 -24.50 26.79
N GLU C 5033 9.65 -24.21 25.49
CA GLU C 5033 8.91 -24.96 24.48
C GLU C 5033 9.20 -26.45 24.56
N ASP C 5034 10.47 -26.82 24.76
CA ASP C 5034 10.82 -28.24 24.82
C ASP C 5034 10.11 -28.94 25.96
N GLN C 5035 10.09 -28.31 27.14
CA GLN C 5035 9.48 -28.96 28.30
C GLN C 5035 7.97 -28.95 28.22
N LEU C 5036 7.37 -27.84 27.76
CA LEU C 5036 5.92 -27.76 27.69
C LEU C 5036 5.35 -28.68 26.62
N SER C 5037 6.05 -28.81 25.49
CA SER C 5037 5.58 -29.66 24.40
C SER C 5037 6.00 -31.11 24.61
N ASN D 3950 -42.43 -66.05 7.18
CA ASN D 3950 -41.20 -66.72 6.79
C ASN D 3950 -39.99 -65.84 7.03
N PHE D 3951 -39.46 -65.24 5.96
CA PHE D 3951 -38.32 -64.35 6.11
C PHE D 3951 -38.71 -63.00 6.72
N SER D 3952 -40.00 -62.65 6.69
CA SER D 3952 -40.44 -61.38 7.26
C SER D 3952 -40.15 -61.32 8.75
N LYS D 3953 -40.41 -62.40 9.47
CA LYS D 3953 -40.13 -62.41 10.91
C LYS D 3953 -38.64 -62.56 11.18
N ALA D 3954 -37.91 -63.28 10.32
CA ALA D 3954 -36.48 -63.43 10.50
C ALA D 3954 -35.73 -62.12 10.25
N MET D 3955 -36.14 -61.36 9.23
CA MET D 3955 -35.48 -60.10 8.95
C MET D 3955 -35.79 -59.06 10.03
N SER D 3956 -36.97 -59.12 10.64
CA SER D 3956 -37.29 -58.20 11.73
C SER D 3956 -36.36 -58.41 12.91
N VAL D 3957 -36.06 -59.66 13.23
CA VAL D 3957 -35.10 -59.94 14.30
C VAL D 3957 -33.70 -59.49 13.89
N ALA D 3958 -33.34 -59.69 12.62
CA ALA D 3958 -32.01 -59.31 12.15
C ALA D 3958 -31.76 -57.82 12.25
N LYS D 3959 -32.80 -57.00 12.03
CA LYS D 3959 -32.65 -55.56 12.19
C LYS D 3959 -32.28 -55.19 13.61
N GLN D 3960 -32.95 -55.79 14.59
CA GLN D 3960 -32.67 -55.47 16.00
C GLN D 3960 -31.27 -55.90 16.40
N VAL D 3961 -30.76 -56.99 15.82
CA VAL D 3961 -29.40 -57.41 16.10
C VAL D 3961 -28.41 -56.34 15.64
N PHE D 3962 -28.65 -55.77 14.45
CA PHE D 3962 -27.82 -54.69 13.94
C PHE D 3962 -28.04 -53.39 14.71
N ASN D 3963 -29.29 -53.10 15.10
CA ASN D 3963 -29.56 -51.87 15.83
C ASN D 3963 -28.90 -51.89 17.20
N SER D 3964 -28.92 -53.05 17.87
CA SER D 3964 -28.21 -53.15 19.15
C SER D 3964 -26.72 -52.98 18.95
N LEU D 3965 -26.16 -53.57 17.89
CA LEU D 3965 -24.76 -53.38 17.59
C LEU D 3965 -24.47 -51.91 17.25
N THR D 3966 -25.39 -51.26 16.54
CA THR D 3966 -25.24 -49.84 16.26
C THR D 3966 -25.23 -49.02 17.56
N GLU D 3967 -26.08 -49.39 18.51
CA GLU D 3967 -26.21 -48.60 19.74
C GLU D 3967 -24.98 -48.72 20.62
N TYR D 3968 -24.27 -49.86 20.55
CA TYR D 3968 -23.11 -50.05 21.40
C TYR D 3968 -21.98 -49.09 21.03
N ILE D 3969 -21.80 -48.83 19.74
CA ILE D 3969 -20.67 -48.03 19.29
C ILE D 3969 -20.99 -46.56 19.06
N GLN D 3970 -22.26 -46.22 18.89
CA GLN D 3970 -22.64 -44.81 18.78
C GLN D 3970 -22.32 -44.09 20.08
N GLY D 3971 -21.93 -42.82 19.97
CA GLY D 3971 -21.35 -42.15 21.09
C GLY D 3971 -19.97 -42.74 21.33
N PRO D 3972 -19.03 -42.43 20.43
CA PRO D 3972 -17.89 -43.34 20.18
C PRO D 3972 -17.24 -43.90 21.42
N CYS D 3973 -17.33 -45.22 21.56
CA CYS D 3973 -16.69 -45.94 22.65
C CYS D 3973 -15.51 -46.69 22.05
N THR D 3974 -14.30 -46.34 22.50
CA THR D 3974 -13.10 -46.95 21.96
C THR D 3974 -13.07 -48.44 22.24
N GLY D 3975 -13.49 -48.86 23.43
CA GLY D 3975 -13.43 -50.26 23.79
C GLY D 3975 -14.34 -51.12 22.93
N ASN D 3976 -15.59 -50.68 22.73
CA ASN D 3976 -16.55 -51.49 21.98
C ASN D 3976 -16.17 -51.59 20.52
N GLN D 3977 -15.68 -50.49 19.93
CA GLN D 3977 -15.27 -50.53 18.53
C GLN D 3977 -14.10 -51.50 18.34
N GLN D 3978 -13.12 -51.47 19.25
CA GLN D 3978 -12.01 -52.41 19.16
C GLN D 3978 -12.47 -53.85 19.33
N SER D 3979 -13.41 -54.08 20.25
CA SER D 3979 -13.91 -55.43 20.47
C SER D 3979 -14.63 -55.95 19.24
N LEU D 3980 -15.48 -55.12 18.63
CA LEU D 3980 -16.20 -55.55 17.44
C LEU D 3980 -15.28 -55.73 16.25
N ALA D 3981 -14.20 -54.95 16.18
CA ALA D 3981 -13.22 -55.13 15.10
C ALA D 3981 -12.53 -56.49 15.23
N HIS D 3982 -12.20 -56.90 16.45
CA HIS D 3982 -11.57 -58.19 16.69
C HIS D 3982 -12.64 -59.25 16.97
N SER D 3983 -13.54 -59.40 16.01
CA SER D 3983 -14.67 -60.32 16.14
C SER D 3983 -14.99 -60.90 14.78
N ARG D 3984 -15.84 -61.93 14.79
CA ARG D 3984 -16.30 -62.59 13.57
C ARG D 3984 -17.42 -61.82 12.89
N LEU D 3985 -17.59 -60.54 13.20
CA LEU D 3985 -18.63 -59.73 12.58
C LEU D 3985 -18.39 -59.59 11.08
N TRP D 3986 -17.12 -59.53 10.67
CA TRP D 3986 -16.81 -59.27 9.27
C TRP D 3986 -17.34 -60.38 8.37
N ASP D 3987 -17.12 -61.63 8.76
CA ASP D 3987 -17.66 -62.75 7.99
C ASP D 3987 -19.18 -62.78 8.06
N ALA D 3988 -19.74 -62.36 9.20
CA ALA D 3988 -21.20 -62.25 9.31
C ALA D 3988 -21.74 -61.21 8.34
N VAL D 3989 -21.02 -60.10 8.17
CA VAL D 3989 -21.41 -59.09 7.18
C VAL D 3989 -21.31 -59.66 5.77
N VAL D 3990 -20.22 -60.39 5.49
CA VAL D 3990 -20.00 -60.92 4.13
C VAL D 3990 -21.14 -61.84 3.72
N GLY D 3991 -21.54 -62.74 4.63
CA GLY D 3991 -22.67 -63.61 4.33
C GLY D 3991 -23.95 -62.84 4.10
N PHE D 3992 -24.21 -61.83 4.94
CA PHE D 3992 -25.39 -60.99 4.74
C PHE D 3992 -25.30 -60.22 3.44
N LEU D 3993 -24.11 -59.73 3.08
CA LEU D 3993 -23.93 -59.07 1.80
C LEU D 3993 -24.18 -60.03 0.64
N HIS D 3994 -23.71 -61.27 0.79
CA HIS D 3994 -23.96 -62.28 -0.24
C HIS D 3994 -25.44 -62.55 -0.39
N VAL D 3995 -26.16 -62.66 0.72
CA VAL D 3995 -27.61 -62.85 0.66
C VAL D 3995 -28.28 -61.62 0.07
N PHE D 3996 -27.82 -60.43 0.46
CA PHE D 3996 -28.42 -59.20 -0.06
C PHE D 3996 -28.27 -59.11 -1.58
N ALA D 3997 -27.13 -59.52 -2.11
CA ALA D 3997 -26.86 -59.42 -3.54
C ALA D 3997 -27.83 -60.26 -4.37
N HIS D 3998 -27.84 -61.58 -4.15
CA HIS D 3998 -28.61 -62.47 -5.01
C HIS D 3998 -30.11 -62.32 -4.77
N MET D 3999 -30.51 -62.13 -3.52
CA MET D 3999 -31.95 -62.09 -3.22
C MET D 3999 -32.62 -60.85 -3.81
N MET D 4000 -31.90 -59.72 -3.89
CA MET D 4000 -32.46 -58.54 -4.54
C MET D 4000 -32.75 -58.80 -6.01
N MET D 4001 -31.85 -59.52 -6.69
CA MET D 4001 -32.07 -59.85 -8.09
C MET D 4001 -33.28 -60.76 -8.25
N LYS D 4002 -33.41 -61.77 -7.38
CA LYS D 4002 -34.51 -62.72 -7.52
C LYS D 4002 -35.85 -62.09 -7.15
N LEU D 4003 -35.90 -61.33 -6.05
CA LEU D 4003 -37.15 -60.77 -5.60
C LEU D 4003 -37.67 -59.66 -6.52
N ALA D 4004 -36.79 -59.03 -7.29
CA ALA D 4004 -37.22 -57.94 -8.16
C ALA D 4004 -38.08 -58.45 -9.32
N GLN D 4005 -37.87 -59.71 -9.73
CA GLN D 4005 -38.62 -60.25 -10.86
C GLN D 4005 -40.10 -60.36 -10.56
N ASP D 4006 -40.45 -60.79 -9.34
CA ASP D 4006 -41.83 -61.07 -8.98
C ASP D 4006 -42.50 -59.81 -8.44
N SER D 4007 -43.64 -59.45 -9.03
CA SER D 4007 -44.36 -58.26 -8.59
C SER D 4007 -45.13 -58.49 -7.30
N SER D 4008 -45.51 -59.74 -7.01
CA SER D 4008 -46.24 -60.04 -5.79
C SER D 4008 -45.34 -60.14 -4.56
N GLN D 4009 -44.03 -60.23 -4.74
CA GLN D 4009 -43.09 -60.35 -3.64
C GLN D 4009 -42.35 -59.03 -3.37
N ILE D 4010 -42.92 -57.91 -3.78
CA ILE D 4010 -42.26 -56.61 -3.58
C ILE D 4010 -42.17 -56.29 -2.08
N GLU D 4011 -43.20 -56.67 -1.32
CA GLU D 4011 -43.20 -56.34 0.11
C GLU D 4011 -42.02 -56.98 0.84
N LEU D 4012 -41.60 -58.17 0.40
CA LEU D 4012 -40.42 -58.79 0.99
C LEU D 4012 -39.16 -58.01 0.64
N LEU D 4013 -39.08 -57.48 -0.58
CA LEU D 4013 -37.92 -56.70 -0.99
C LEU D 4013 -37.82 -55.41 -0.17
N LYS D 4014 -38.95 -54.76 0.08
CA LYS D 4014 -38.93 -53.54 0.88
C LYS D 4014 -38.41 -53.81 2.28
N GLU D 4015 -38.84 -54.91 2.90
CA GLU D 4015 -38.30 -55.29 4.20
C GLU D 4015 -36.83 -55.65 4.10
N LEU D 4016 -36.43 -56.28 2.99
CA LEU D 4016 -35.02 -56.59 2.79
C LEU D 4016 -34.20 -55.32 2.64
N LEU D 4017 -34.73 -54.32 1.95
CA LEU D 4017 -33.97 -53.10 1.68
C LEU D 4017 -33.66 -52.34 2.96
N ASP D 4018 -34.66 -52.18 3.84
CA ASP D 4018 -34.42 -51.44 5.08
C ASP D 4018 -33.50 -52.22 6.02
N LEU D 4019 -33.46 -53.55 5.90
CA LEU D 4019 -32.49 -54.32 6.65
C LEU D 4019 -31.07 -53.97 6.24
N GLN D 4020 -30.84 -53.78 4.93
CA GLN D 4020 -29.51 -53.37 4.46
C GLN D 4020 -29.16 -51.97 4.93
N LYS D 4021 -30.16 -51.09 5.05
CA LYS D 4021 -29.92 -49.77 5.60
C LYS D 4021 -29.48 -49.85 7.06
N ASP D 4022 -30.00 -50.81 7.82
CA ASP D 4022 -29.58 -50.98 9.19
C ASP D 4022 -28.15 -51.49 9.30
N MET D 4023 -27.69 -52.25 8.30
CA MET D 4023 -26.31 -52.73 8.32
C MET D 4023 -25.33 -51.60 8.05
N VAL D 4024 -25.60 -50.78 7.02
CA VAL D 4024 -24.63 -49.76 6.62
C VAL D 4024 -24.48 -48.72 7.72
N VAL D 4025 -25.54 -48.45 8.49
CA VAL D 4025 -25.41 -47.56 9.63
C VAL D 4025 -24.44 -48.13 10.66
N MET D 4026 -24.52 -49.43 10.90
CA MET D 4026 -23.59 -50.08 11.82
C MET D 4026 -22.16 -49.96 11.31
N LEU D 4027 -21.96 -50.08 10.00
CA LEU D 4027 -20.63 -49.89 9.43
C LEU D 4027 -20.20 -48.43 9.53
N LEU D 4028 -21.13 -47.49 9.30
CA LEU D 4028 -20.80 -46.08 9.42
C LEU D 4028 -20.52 -45.68 10.87
N SER D 4029 -21.03 -46.44 11.84
CA SER D 4029 -20.74 -46.17 13.25
C SER D 4029 -19.36 -46.66 13.67
N LEU D 4030 -18.86 -47.73 13.05
CA LEU D 4030 -17.52 -48.20 13.33
C LEU D 4030 -16.45 -47.23 12.85
N LEU D 4031 -16.81 -46.29 11.98
CA LEU D 4031 -15.87 -45.29 11.49
C LEU D 4031 -15.87 -44.02 12.32
N GLU D 4032 -16.62 -43.97 13.42
CA GLU D 4032 -16.54 -42.83 14.32
C GLU D 4032 -15.21 -42.86 15.07
N GLY D 4033 -14.54 -41.71 15.11
CA GLY D 4033 -13.20 -41.68 15.66
C GLY D 4033 -12.16 -42.31 14.77
N ASN D 4034 -12.43 -42.43 13.49
CA ASN D 4034 -11.51 -43.08 12.56
C ASN D 4034 -10.24 -42.25 12.40
N VAL D 4035 -9.11 -42.94 12.26
CA VAL D 4035 -7.83 -42.31 12.00
C VAL D 4035 -7.24 -42.92 10.74
N VAL D 4036 -6.30 -42.19 10.15
CA VAL D 4036 -5.64 -42.66 8.93
C VAL D 4036 -4.94 -43.97 9.22
N ASN D 4037 -5.13 -44.95 8.33
CA ASN D 4037 -4.59 -46.29 8.48
C ASN D 4037 -5.01 -46.90 9.82
N GLY D 4038 -6.25 -46.63 10.20
CA GLY D 4038 -6.78 -47.18 11.43
C GLY D 4038 -7.01 -48.68 11.33
N MET D 4039 -6.93 -49.34 12.48
CA MET D 4039 -7.12 -50.79 12.52
C MET D 4039 -8.52 -51.16 12.08
N ILE D 4040 -9.54 -50.48 12.62
CA ILE D 4040 -10.91 -50.78 12.27
C ILE D 4040 -11.19 -50.44 10.81
N ALA D 4041 -10.60 -49.34 10.33
CA ALA D 4041 -10.77 -48.96 8.93
C ALA D 4041 -10.12 -49.97 8.00
N ARG D 4042 -8.89 -50.40 8.31
CA ARG D 4042 -8.20 -51.35 7.45
C ARG D 4042 -8.91 -52.70 7.43
N GLN D 4043 -9.37 -53.17 8.58
CA GLN D 4043 -10.07 -54.45 8.64
C GLN D 4043 -11.36 -54.42 7.82
N MET D 4044 -12.01 -53.27 7.73
CA MET D 4044 -13.20 -53.16 6.91
C MET D 4044 -12.86 -53.20 5.43
N VAL D 4045 -11.68 -52.70 5.05
CA VAL D 4045 -11.25 -52.74 3.65
C VAL D 4045 -11.09 -54.18 3.19
N ASP D 4046 -10.50 -55.03 4.03
CA ASP D 4046 -10.35 -56.43 3.69
C ASP D 4046 -11.71 -57.09 3.51
N MET D 4047 -12.68 -56.75 4.37
CA MET D 4047 -14.01 -57.34 4.27
C MET D 4047 -14.69 -56.95 2.95
N LEU D 4048 -14.52 -55.69 2.54
CA LEU D 4048 -15.09 -55.27 1.26
C LEU D 4048 -14.41 -55.96 0.09
N VAL D 4049 -13.08 -56.13 0.18
CA VAL D 4049 -12.34 -56.79 -0.90
C VAL D 4049 -12.80 -58.22 -1.07
N GLU D 4050 -12.98 -58.95 0.05
CA GLU D 4050 -13.38 -60.35 -0.03
C GLU D 4050 -14.75 -60.50 -0.67
N SER D 4051 -15.68 -59.62 -0.33
CA SER D 4051 -17.03 -59.64 -0.88
C SER D 4051 -17.22 -58.61 -1.98
N SER D 4052 -16.15 -58.33 -2.74
CA SER D 4052 -16.23 -57.32 -3.79
C SER D 4052 -17.21 -57.72 -4.89
N SER D 4053 -17.39 -59.02 -5.11
CA SER D 4053 -18.32 -59.47 -6.15
C SER D 4053 -19.76 -59.09 -5.81
N ASN D 4054 -20.15 -59.23 -4.55
CA ASN D 4054 -21.53 -58.93 -4.16
C ASN D 4054 -21.79 -57.43 -4.14
N VAL D 4055 -20.79 -56.63 -3.76
CA VAL D 4055 -20.96 -55.18 -3.69
C VAL D 4055 -21.25 -54.61 -5.08
N GLU D 4056 -20.57 -55.14 -6.10
CA GLU D 4056 -20.77 -54.64 -7.45
C GLU D 4056 -22.21 -54.81 -7.90
N MET D 4057 -22.83 -55.95 -7.58
CA MET D 4057 -24.24 -56.14 -7.89
C MET D 4057 -25.12 -55.20 -7.09
N ILE D 4058 -24.73 -54.93 -5.84
CA ILE D 4058 -25.51 -54.02 -4.99
C ILE D 4058 -25.54 -52.62 -5.60
N LEU D 4059 -24.37 -52.14 -6.04
CA LEU D 4059 -24.32 -50.84 -6.69
C LEU D 4059 -25.09 -50.86 -8.00
N LYS D 4060 -25.06 -51.98 -8.70
CA LYS D 4060 -25.81 -52.14 -9.95
C LYS D 4060 -27.30 -52.29 -9.68
N PRO D 4176 -21.47 -34.48 -4.73
CA PRO D 4176 -22.44 -33.39 -4.92
C PRO D 4176 -23.39 -33.24 -3.74
N TYR D 4177 -24.15 -34.28 -3.45
CA TYR D 4177 -25.02 -34.32 -2.29
C TYR D 4177 -24.30 -34.74 -1.02
N LEU D 4178 -23.02 -35.10 -1.14
CA LEU D 4178 -22.23 -35.60 -0.01
C LEU D 4178 -21.33 -34.46 0.48
N GLY D 4179 -21.65 -33.94 1.65
CA GLY D 4179 -20.89 -32.86 2.26
C GLY D 4179 -20.01 -33.41 3.38
N ARG D 4180 -18.83 -32.84 3.52
CA ARG D 4180 -17.88 -33.24 4.55
C ARG D 4180 -17.32 -32.01 5.23
N ILE D 4181 -17.16 -32.09 6.55
CA ILE D 4181 -16.56 -31.03 7.35
C ILE D 4181 -15.54 -31.66 8.27
N GLU D 4182 -14.70 -30.81 8.86
CA GLU D 4182 -13.73 -31.22 9.86
C GLU D 4182 -14.01 -30.50 11.16
N ILE D 4183 -14.11 -31.26 12.25
CA ILE D 4183 -14.35 -30.71 13.58
C ILE D 4183 -13.30 -31.27 14.52
N MET D 4184 -13.07 -30.56 15.63
CA MET D 4184 -12.27 -31.11 16.71
C MET D 4184 -13.17 -31.83 17.69
N GLY D 4185 -13.05 -33.15 17.75
CA GLY D 4185 -13.98 -33.99 18.47
C GLY D 4185 -13.57 -34.24 19.90
N ALA D 4186 -14.34 -35.14 20.55
CA ALA D 4186 -14.09 -35.48 21.94
C ALA D 4186 -12.75 -36.19 22.12
N SER D 4187 -12.20 -36.75 21.05
CA SER D 4187 -10.88 -37.40 21.13
C SER D 4187 -9.73 -36.41 21.07
N ARG D 4188 -10.02 -35.11 21.07
CA ARG D 4188 -9.05 -34.02 21.03
C ARG D 4188 -8.24 -33.99 19.74
N ARG D 4189 -8.76 -34.56 18.66
CA ARG D 4189 -8.10 -34.54 17.36
C ARG D 4189 -9.12 -34.24 16.28
N ILE D 4190 -8.62 -33.70 15.16
CA ILE D 4190 -9.50 -33.33 14.06
C ILE D 4190 -10.17 -34.57 13.48
N GLU D 4191 -11.47 -34.45 13.20
CA GLU D 4191 -12.26 -35.56 12.71
C GLU D 4191 -13.05 -35.10 11.49
N ARG D 4192 -13.39 -36.07 10.62
CA ARG D 4192 -14.17 -35.82 9.43
C ARG D 4192 -15.61 -36.28 9.66
N ILE D 4193 -16.56 -35.41 9.38
CA ILE D 4193 -17.99 -35.72 9.50
C ILE D 4193 -18.60 -35.69 8.11
N TYR D 4194 -19.33 -36.74 7.76
CA TYR D 4194 -19.97 -36.86 6.47
C TYR D 4194 -21.49 -36.83 6.67
N PHE D 4195 -22.17 -36.04 5.83
CA PHE D 4195 -23.60 -35.86 5.94
C PHE D 4195 -24.15 -35.54 4.55
N GLU D 4196 -25.46 -35.72 4.38
CA GLU D 4196 -26.09 -35.54 3.09
C GLU D 4196 -26.67 -34.12 3.00
N ILE D 4197 -26.46 -33.49 1.85
CA ILE D 4197 -26.97 -32.15 1.58
C ILE D 4197 -28.12 -32.26 0.61
N SER D 4198 -29.25 -31.63 0.94
CA SER D 4198 -30.40 -31.66 0.06
C SER D 4198 -30.20 -30.72 -1.13
N GLU D 4199 -30.76 -31.12 -2.27
CA GLU D 4199 -30.65 -30.32 -3.48
C GLU D 4199 -31.35 -28.99 -3.33
N THR D 4200 -32.50 -28.97 -2.64
CA THR D 4200 -33.19 -27.71 -2.38
C THR D 4200 -32.31 -26.76 -1.59
N ASN D 4201 -31.66 -27.26 -0.55
CA ASN D 4201 -30.78 -26.42 0.25
C ASN D 4201 -29.59 -25.92 -0.57
N ARG D 4202 -29.03 -26.78 -1.42
CA ARG D 4202 -27.92 -26.35 -2.25
C ARG D 4202 -28.33 -25.25 -3.24
N ALA D 4203 -29.52 -25.40 -3.84
CA ALA D 4203 -30.02 -24.37 -4.74
C ALA D 4203 -30.28 -23.07 -4.01
N GLN D 4204 -30.85 -23.15 -2.81
CA GLN D 4204 -31.06 -21.95 -2.01
C GLN D 4204 -29.74 -21.26 -1.68
N TRP D 4205 -28.71 -22.05 -1.41
CA TRP D 4205 -27.38 -21.47 -1.18
C TRP D 4205 -26.86 -20.79 -2.44
N GLU D 4206 -27.06 -21.42 -3.60
CA GLU D 4206 -26.56 -20.83 -4.84
C GLU D 4206 -27.36 -19.63 -5.32
N MET D 4207 -28.53 -19.38 -4.73
CA MET D 4207 -29.34 -18.24 -5.15
C MET D 4207 -28.55 -16.93 -5.03
N PRO D 4208 -28.71 -16.00 -5.98
CA PRO D 4208 -27.88 -14.78 -5.98
C PRO D 4208 -28.06 -13.91 -4.75
N GLN D 4209 -29.27 -13.82 -4.20
CA GLN D 4209 -29.47 -13.01 -3.00
C GLN D 4209 -28.70 -13.61 -1.82
N VAL D 4210 -28.72 -14.93 -1.69
CA VAL D 4210 -27.96 -15.59 -0.63
C VAL D 4210 -26.48 -15.38 -0.85
N LYS D 4211 -26.03 -15.43 -2.11
CA LYS D 4211 -24.62 -15.17 -2.40
C LYS D 4211 -24.23 -13.76 -1.98
N GLU D 4212 -25.08 -12.77 -2.28
CA GLU D 4212 -24.77 -11.40 -1.89
C GLU D 4212 -24.73 -11.24 -0.38
N SER D 4213 -25.66 -11.88 0.33
CA SER D 4213 -25.65 -11.82 1.78
C SER D 4213 -24.38 -12.44 2.34
N LYS D 4214 -23.95 -13.56 1.76
CA LYS D 4214 -22.71 -14.19 2.19
C LYS D 4214 -21.50 -13.27 1.96
N ARG D 4215 -21.45 -12.63 0.79
CA ARG D 4215 -20.34 -11.72 0.51
C ARG D 4215 -20.32 -10.55 1.48
N GLN D 4216 -21.50 -10.00 1.79
CA GLN D 4216 -21.58 -8.90 2.74
C GLN D 4216 -21.10 -9.34 4.12
N PHE D 4217 -21.52 -10.52 4.56
CA PHE D 4217 -21.05 -11.04 5.84
C PHE D 4217 -19.54 -11.19 5.86
N ILE D 4218 -18.98 -11.76 4.79
CA ILE D 4218 -17.53 -11.97 4.73
C ILE D 4218 -16.80 -10.65 4.81
N PHE D 4219 -17.25 -9.66 4.03
CA PHE D 4219 -16.60 -8.36 4.07
C PHE D 4219 -16.69 -7.72 5.45
N ASP D 4220 -17.86 -7.76 6.06
CA ASP D 4220 -18.04 -7.13 7.37
C ASP D 4220 -17.14 -7.77 8.41
N VAL D 4221 -17.10 -9.11 8.44
CA VAL D 4221 -16.31 -9.81 9.45
C VAL D 4221 -14.82 -9.54 9.22
N VAL D 4222 -14.36 -9.63 7.98
CA VAL D 4222 -12.93 -9.46 7.73
C VAL D 4222 -12.52 -8.01 8.02
N ASN D 4223 -13.38 -7.05 7.71
CA ASN D 4223 -13.02 -5.65 7.88
C ASN D 4223 -13.03 -5.23 9.34
N GLU D 4224 -14.05 -5.63 10.11
CA GLU D 4224 -14.20 -5.16 11.48
C GLU D 4224 -14.52 -6.32 12.43
N GLY D 4225 -13.74 -7.39 12.36
CA GLY D 4225 -13.91 -8.50 13.26
C GLY D 4225 -12.57 -9.06 13.71
N GLY D 4226 -12.63 -9.85 14.78
CA GLY D 4226 -11.45 -10.49 15.33
C GLY D 4226 -11.71 -11.96 15.61
N GLU D 4227 -10.64 -12.66 15.95
CA GLU D 4227 -10.72 -14.10 16.20
C GLU D 4227 -11.56 -14.43 17.43
N ALA D 4228 -11.72 -13.49 18.36
CA ALA D 4228 -12.40 -13.78 19.61
C ALA D 4228 -13.87 -14.14 19.36
N GLU D 4229 -14.53 -13.43 18.45
CA GLU D 4229 -15.96 -13.61 18.22
C GLU D 4229 -16.30 -14.01 16.80
N LYS D 4230 -15.30 -14.32 15.97
CA LYS D 4230 -15.57 -14.60 14.56
C LYS D 4230 -16.47 -15.81 14.40
N MET D 4231 -16.24 -16.86 15.20
CA MET D 4231 -17.08 -18.05 15.08
C MET D 4231 -18.50 -17.79 15.61
N GLU D 4232 -18.63 -16.97 16.64
CA GLU D 4232 -19.97 -16.60 17.11
C GLU D 4232 -20.74 -15.87 16.01
N LEU D 4233 -20.06 -14.91 15.36
CA LEU D 4233 -20.70 -14.18 14.26
C LEU D 4233 -21.03 -15.11 13.10
N PHE D 4234 -20.13 -16.05 12.80
CA PHE D 4234 -20.37 -16.98 11.71
C PHE D 4234 -21.56 -17.89 11.99
N VAL D 4235 -21.69 -18.36 13.23
CA VAL D 4235 -22.83 -19.20 13.59
C VAL D 4235 -24.13 -18.39 13.50
N SER D 4236 -24.11 -17.14 13.97
CA SER D 4236 -25.32 -16.33 13.87
C SER D 4236 -25.71 -16.11 12.41
N PHE D 4237 -24.72 -15.85 11.56
CA PHE D 4237 -24.98 -15.69 10.13
C PHE D 4237 -25.56 -16.96 9.53
N CYS D 4238 -25.03 -18.12 9.92
CA CYS D 4238 -25.57 -19.38 9.43
C CYS D 4238 -27.02 -19.55 9.86
N GLU D 4239 -27.35 -19.20 11.10
CA GLU D 4239 -28.73 -19.31 11.57
C GLU D 4239 -29.66 -18.41 10.77
N ASP D 4240 -29.24 -17.17 10.52
CA ASP D 4240 -30.05 -16.26 9.71
C ASP D 4240 -30.27 -16.82 8.31
N THR D 4241 -29.22 -17.38 7.72
CA THR D 4241 -29.34 -17.96 6.39
C THR D 4241 -30.30 -19.14 6.38
N ILE D 4242 -30.24 -20.00 7.41
CA ILE D 4242 -31.14 -21.14 7.49
C ILE D 4242 -32.59 -20.67 7.58
N PHE D 4243 -32.85 -19.65 8.40
CA PHE D 4243 -34.21 -19.15 8.52
C PHE D 4243 -34.68 -18.56 7.19
N GLU D 4244 -33.81 -17.83 6.49
CA GLU D 4244 -34.17 -17.29 5.19
C GLU D 4244 -34.49 -18.41 4.20
N MET D 4245 -33.72 -19.48 4.23
CA MET D 4245 -33.99 -20.62 3.34
C MET D 4245 -35.34 -21.23 3.66
N GLN D 4246 -35.68 -21.33 4.94
CA GLN D 4246 -37.00 -21.85 5.31
C GLN D 4246 -38.12 -20.94 4.78
N ILE D 4247 -37.93 -19.63 4.89
CA ILE D 4247 -38.93 -18.69 4.37
C ILE D 4247 -39.10 -18.85 2.86
N ALA D 4248 -37.98 -18.94 2.15
CA ALA D 4248 -38.04 -19.10 0.69
C ALA D 4248 -38.73 -20.40 0.32
N ALA D 4249 -38.44 -21.49 1.03
CA ALA D 4249 -39.10 -22.76 0.77
C ALA D 4249 -40.60 -22.67 1.02
N GLN D 4250 -40.99 -21.99 2.10
CA GLN D 4250 -42.41 -21.83 2.39
C GLN D 4250 -43.13 -21.05 1.30
N ILE D 4251 -42.52 -19.96 0.83
CA ILE D 4251 -43.20 -19.12 -0.17
C ILE D 4251 -43.10 -19.67 -1.58
N SER D 4252 -42.21 -20.62 -1.83
CA SER D 4252 -42.11 -21.21 -3.16
C SER D 4252 -43.40 -21.95 -3.52
N GLU D 4253 -43.91 -21.68 -4.73
CA GLU D 4253 -45.18 -22.24 -5.16
C GLU D 4253 -44.97 -23.57 -5.86
N PRO D 4254 -45.62 -24.66 -5.40
CA PRO D 4254 -45.52 -25.99 -6.01
C PRO D 4254 -45.95 -26.00 -7.47
N PHE D 4540 -66.78 -21.58 3.48
CA PHE D 4540 -66.25 -20.64 2.50
C PHE D 4540 -64.93 -20.05 2.97
N TRP D 4541 -64.67 -20.14 4.28
CA TRP D 4541 -63.44 -19.60 4.83
C TRP D 4541 -62.20 -20.27 4.26
N GLY D 4542 -62.30 -21.56 3.94
CA GLY D 4542 -61.15 -22.26 3.39
C GLY D 4542 -60.72 -21.69 2.06
N GLU D 4543 -61.68 -21.41 1.17
CA GLU D 4543 -61.35 -20.87 -0.14
C GLU D 4543 -60.68 -19.51 -0.03
N LEU D 4544 -61.24 -18.63 0.82
CA LEU D 4544 -60.64 -17.31 0.97
C LEU D 4544 -59.29 -17.37 1.64
N GLU D 4545 -59.09 -18.31 2.58
CA GLU D 4545 -57.78 -18.47 3.19
C GLU D 4545 -56.75 -18.95 2.18
N VAL D 4546 -57.14 -19.89 1.31
CA VAL D 4546 -56.23 -20.35 0.27
C VAL D 4546 -55.88 -19.20 -0.67
N GLN D 4547 -56.89 -18.41 -1.06
CA GLN D 4547 -56.63 -17.25 -1.92
C GLN D 4547 -55.68 -16.27 -1.22
N ARG D 4548 -55.91 -16.01 0.06
CA ARG D 4548 -55.07 -15.07 0.79
C ARG D 4548 -53.63 -15.54 0.88
N VAL D 4549 -53.43 -16.81 1.21
CA VAL D 4549 -52.06 -17.32 1.36
C VAL D 4549 -51.37 -17.38 0.01
N LYS D 4550 -52.08 -17.75 -1.05
CA LYS D 4550 -51.48 -17.74 -2.38
C LYS D 4550 -51.08 -16.33 -2.80
N PHE D 4551 -51.95 -15.36 -2.54
CA PHE D 4551 -51.64 -13.97 -2.86
C PHE D 4551 -50.42 -13.48 -2.09
N LEU D 4552 -50.37 -13.78 -0.79
CA LEU D 4552 -49.24 -13.35 0.03
C LEU D 4552 -47.95 -14.02 -0.41
N ASN D 4553 -48.01 -15.30 -0.80
CA ASN D 4553 -46.83 -15.97 -1.31
C ASN D 4553 -46.36 -15.35 -2.61
N TYR D 4554 -47.30 -14.98 -3.49
CA TYR D 4554 -46.92 -14.31 -4.73
C TYR D 4554 -46.23 -12.98 -4.44
N LEU D 4555 -46.77 -12.21 -3.49
CA LEU D 4555 -46.16 -10.94 -3.13
C LEU D 4555 -44.76 -11.15 -2.56
N SER D 4556 -44.60 -12.15 -1.69
CA SER D 4556 -43.29 -12.41 -1.11
C SER D 4556 -42.29 -12.84 -2.17
N ARG D 4557 -42.73 -13.64 -3.15
CA ARG D 4557 -41.84 -14.03 -4.23
C ARG D 4557 -41.42 -12.84 -5.08
N ASN D 4558 -42.35 -11.94 -5.38
CA ASN D 4558 -42.10 -10.87 -6.33
C ASN D 4558 -41.88 -9.51 -5.67
N PHE D 4559 -41.49 -9.48 -4.40
CA PHE D 4559 -41.16 -8.22 -3.74
C PHE D 4559 -40.17 -7.38 -4.54
N TYR D 4560 -39.07 -7.97 -5.00
CA TYR D 4560 -38.04 -7.18 -5.68
C TYR D 4560 -38.52 -6.71 -7.03
N THR D 4561 -39.29 -7.53 -7.75
CA THR D 4561 -39.86 -7.08 -9.01
C THR D 4561 -40.85 -5.94 -8.79
N LEU D 4562 -41.60 -5.99 -7.69
CA LEU D 4562 -42.52 -4.90 -7.36
C LEU D 4562 -41.76 -3.62 -7.02
N ARG D 4563 -40.63 -3.74 -6.32
CA ARG D 4563 -39.82 -2.55 -6.04
C ARG D 4563 -39.27 -1.94 -7.32
N PHE D 4564 -38.80 -2.79 -8.24
CA PHE D 4564 -38.35 -2.28 -9.53
C PHE D 4564 -39.49 -1.64 -10.31
N LEU D 4565 -40.69 -2.23 -10.21
CA LEU D 4565 -41.85 -1.66 -10.89
C LEU D 4565 -42.21 -0.30 -10.31
N ALA D 4566 -42.09 -0.15 -8.99
CA ALA D 4566 -42.37 1.13 -8.37
C ALA D 4566 -41.36 2.18 -8.79
N LEU D 4567 -40.08 1.80 -8.90
CA LEU D 4567 -39.08 2.73 -9.41
C LEU D 4567 -39.39 3.14 -10.85
N PHE D 4568 -39.78 2.18 -11.69
CA PHE D 4568 -40.14 2.52 -13.07
C PHE D 4568 -41.34 3.45 -13.11
N LEU D 4569 -42.33 3.21 -12.26
CA LEU D 4569 -43.51 4.07 -12.24
C LEU D 4569 -43.16 5.47 -11.75
N ALA D 4570 -42.25 5.59 -10.80
CA ALA D 4570 -41.78 6.90 -10.39
C ALA D 4570 -41.12 7.63 -11.55
N PHE D 4571 -40.29 6.93 -12.31
CA PHE D 4571 -39.64 7.57 -13.45
C PHE D 4571 -40.66 7.97 -14.52
N ALA D 4572 -41.67 7.13 -14.75
CA ALA D 4572 -42.70 7.47 -15.73
C ALA D 4572 -43.50 8.70 -15.29
N ILE D 4573 -43.89 8.75 -14.02
CA ILE D 4573 -44.65 9.88 -13.52
C ILE D 4573 -43.83 11.15 -13.58
N ASN D 4574 -42.55 11.08 -13.19
CA ASN D 4574 -41.73 12.27 -13.21
C ASN D 4574 -41.38 12.71 -14.62
N PHE D 4575 -41.39 11.79 -15.58
CA PHE D 4575 -41.27 12.21 -16.97
C PHE D 4575 -42.54 12.91 -17.45
N ILE D 4576 -43.70 12.41 -17.05
CA ILE D 4576 -44.95 13.09 -17.38
C ILE D 4576 -45.02 14.47 -16.76
N LEU D 4577 -44.49 14.64 -15.56
CA LEU D 4577 -44.53 15.92 -14.85
C LEU D 4577 -43.63 16.98 -15.48
N LEU D 4578 -42.81 16.60 -16.45
CA LEU D 4578 -41.99 17.55 -17.19
C LEU D 4578 -42.78 18.34 -18.22
N PHE D 4579 -44.06 18.01 -18.43
CA PHE D 4579 -44.93 18.75 -19.32
C PHE D 4579 -45.88 19.66 -18.56
N TYR D 4580 -45.61 19.89 -17.27
CA TYR D 4580 -46.42 20.74 -16.44
C TYR D 4580 -46.12 22.22 -16.71
N LYS D 4581 -47.11 23.06 -16.43
CA LYS D 4581 -46.97 24.51 -16.56
C LYS D 4581 -47.82 25.17 -15.50
N VAL D 4582 -47.73 26.49 -15.43
CA VAL D 4582 -48.54 27.30 -14.51
C VAL D 4582 -49.13 28.45 -15.31
N SER D 4583 -50.39 28.77 -15.02
CA SER D 4583 -51.08 29.83 -15.74
C SER D 4583 -51.86 30.68 -14.75
N ASP D 4584 -51.83 32.00 -14.97
CA ASP D 4584 -52.68 32.88 -14.18
C ASP D 4584 -54.14 32.71 -14.54
N SER D 4585 -54.44 32.60 -15.83
CA SER D 4585 -55.80 32.31 -16.28
C SER D 4585 -56.02 30.79 -16.32
N PRO D 4586 -57.25 30.34 -16.05
CA PRO D 4586 -57.51 28.89 -16.09
C PRO D 4586 -57.36 28.36 -17.50
N PRO D 4587 -57.02 27.07 -17.66
CA PRO D 4587 -56.88 26.47 -18.99
C PRO D 4587 -58.22 26.31 -19.71
N ASN D 4626 -55.86 36.70 -8.35
CA ASN D 4626 -54.50 36.63 -8.87
C ASN D 4626 -53.92 35.23 -8.69
N MET D 4627 -54.80 34.27 -8.38
CA MET D 4627 -54.37 32.90 -8.19
C MET D 4627 -53.88 32.29 -9.50
N VAL D 4628 -52.91 31.38 -9.38
CA VAL D 4628 -52.30 30.73 -10.53
C VAL D 4628 -52.87 29.31 -10.65
N TYR D 4629 -53.02 28.84 -11.89
CA TYR D 4629 -53.55 27.52 -12.17
C TYR D 4629 -52.45 26.64 -12.76
N TYR D 4630 -52.28 25.46 -12.18
CA TYR D 4630 -51.30 24.49 -12.66
C TYR D 4630 -52.01 23.46 -13.52
N PHE D 4631 -51.60 23.37 -14.78
CA PHE D 4631 -52.22 22.43 -15.71
C PHE D 4631 -51.13 21.74 -16.52
N LEU D 4632 -51.31 20.45 -16.76
CA LEU D 4632 -50.36 19.70 -17.57
C LEU D 4632 -50.70 19.88 -19.04
N GLU D 4633 -49.77 20.45 -19.79
CA GLU D 4633 -50.00 20.79 -21.19
C GLU D 4633 -49.32 19.74 -22.06
N GLU D 4634 -50.09 19.13 -22.96
CA GLU D 4634 -49.55 18.17 -23.91
C GLU D 4634 -50.45 18.10 -25.13
N SER D 4635 -49.84 17.99 -26.31
CA SER D 4635 -50.61 18.07 -27.55
C SER D 4635 -51.53 16.87 -27.71
N THR D 4636 -51.00 15.66 -27.52
CA THR D 4636 -51.80 14.45 -27.76
C THR D 4636 -52.97 14.37 -26.79
N GLY D 4637 -52.74 14.65 -25.51
CA GLY D 4637 -53.77 14.61 -24.51
C GLY D 4637 -53.95 13.28 -23.81
N TYR D 4638 -53.30 12.23 -24.28
CA TYR D 4638 -53.36 10.94 -23.59
C TYR D 4638 -52.57 10.96 -22.29
N MET D 4639 -51.69 11.96 -22.10
CA MET D 4639 -50.82 11.99 -20.94
C MET D 4639 -51.60 12.25 -19.66
N GLU D 4640 -52.70 12.99 -19.71
CA GLU D 4640 -53.49 13.19 -18.49
C GLU D 4640 -54.10 11.88 -17.98
N PRO D 4641 -54.83 11.09 -18.80
CA PRO D 4641 -55.27 9.78 -18.30
C PRO D 4641 -54.12 8.85 -17.95
N ALA D 4642 -53.04 8.91 -18.72
CA ALA D 4642 -51.87 8.10 -18.38
C ALA D 4642 -51.35 8.43 -16.99
N LEU D 4643 -51.26 9.72 -16.67
CA LEU D 4643 -50.77 10.14 -15.36
C LEU D 4643 -51.72 9.72 -14.26
N TRP D 4644 -53.04 9.87 -14.47
CA TRP D 4644 -53.99 9.47 -13.44
C TRP D 4644 -53.87 7.97 -13.14
N CYS D 4645 -53.88 7.14 -14.19
CA CYS D 4645 -53.80 5.71 -13.98
C CYS D 4645 -52.45 5.31 -13.41
N LEU D 4646 -51.38 5.99 -13.81
CA LEU D 4646 -50.05 5.67 -13.28
C LEU D 4646 -49.96 6.01 -11.80
N SER D 4647 -50.57 7.11 -11.37
CA SER D 4647 -50.58 7.42 -9.95
C SER D 4647 -51.35 6.38 -9.15
N LEU D 4648 -52.53 5.98 -9.65
CA LEU D 4648 -53.29 4.93 -8.95
C LEU D 4648 -52.48 3.64 -8.87
N LEU D 4649 -51.90 3.22 -10.00
CA LEU D 4649 -51.14 1.99 -10.04
C LEU D 4649 -49.90 2.07 -9.16
N HIS D 4650 -49.27 3.24 -9.08
CA HIS D 4650 -48.10 3.40 -8.23
C HIS D 4650 -48.46 3.29 -6.76
N THR D 4651 -49.56 3.90 -6.34
CA THR D 4651 -49.98 3.74 -4.94
C THR D 4651 -50.29 2.29 -4.64
N LEU D 4652 -50.98 1.60 -5.54
CA LEU D 4652 -51.28 0.19 -5.34
C LEU D 4652 -50.00 -0.63 -5.21
N VAL D 4653 -49.03 -0.38 -6.09
CA VAL D 4653 -47.79 -1.15 -6.07
C VAL D 4653 -46.99 -0.85 -4.80
N ALA D 4654 -47.03 0.39 -4.30
CA ALA D 4654 -46.35 0.69 -3.05
C ALA D 4654 -46.98 -0.06 -1.88
N PHE D 4655 -48.32 -0.12 -1.84
CA PHE D 4655 -48.97 -0.88 -0.79
C PHE D 4655 -48.63 -2.37 -0.90
N LEU D 4656 -48.61 -2.90 -2.12
CA LEU D 4656 -48.22 -4.29 -2.31
C LEU D 4656 -46.78 -4.54 -1.89
N CYS D 4657 -45.90 -3.55 -2.09
CA CYS D 4657 -44.52 -3.67 -1.62
C CYS D 4657 -44.47 -3.73 -0.11
N ILE D 4658 -45.28 -2.91 0.56
CA ILE D 4658 -45.31 -2.95 2.02
C ILE D 4658 -45.76 -4.34 2.50
N ILE D 4659 -46.82 -4.88 1.89
CA ILE D 4659 -47.31 -6.19 2.32
C ILE D 4659 -46.28 -7.28 2.03
N GLY D 4660 -45.66 -7.24 0.85
CA GLY D 4660 -44.63 -8.24 0.54
C GLY D 4660 -43.45 -8.17 1.48
N TYR D 4661 -43.05 -6.96 1.87
CA TYR D 4661 -42.02 -6.83 2.89
C TYR D 4661 -42.46 -7.46 4.20
N ASN D 4662 -43.68 -7.15 4.64
CA ASN D 4662 -44.16 -7.69 5.89
C ASN D 4662 -44.20 -9.22 5.87
N CYS D 4663 -44.44 -9.81 4.70
CA CYS D 4663 -44.52 -11.26 4.63
C CYS D 4663 -43.18 -11.93 4.34
N LEU D 4664 -42.18 -11.17 3.90
CA LEU D 4664 -40.90 -11.75 3.51
C LEU D 4664 -39.75 -11.40 4.45
N LYS D 4665 -39.56 -10.13 4.77
CA LYS D 4665 -38.39 -9.67 5.50
C LYS D 4665 -38.64 -9.49 7.00
N VAL D 4666 -39.87 -9.24 7.40
CA VAL D 4666 -40.23 -9.08 8.82
C VAL D 4666 -39.96 -10.35 9.62
N PRO D 4667 -40.28 -11.56 9.13
CA PRO D 4667 -39.98 -12.76 9.92
C PRO D 4667 -38.53 -12.88 10.33
N LEU D 4668 -37.60 -12.45 9.48
CA LEU D 4668 -36.19 -12.52 9.86
C LEU D 4668 -35.88 -11.53 10.98
N VAL D 4669 -36.49 -10.34 10.95
CA VAL D 4669 -36.28 -9.38 12.02
C VAL D 4669 -36.79 -9.94 13.35
N ILE D 4670 -37.99 -10.53 13.32
CA ILE D 4670 -38.56 -11.09 14.55
C ILE D 4670 -37.73 -12.28 15.03
N PHE D 4671 -37.25 -13.10 14.09
CA PHE D 4671 -36.40 -14.24 14.44
C PHE D 4671 -35.12 -13.78 15.11
N LYS D 4672 -34.46 -12.78 14.53
CA LYS D 4672 -33.22 -12.28 15.13
C LYS D 4672 -33.47 -11.68 16.50
N ARG D 4673 -34.58 -10.95 16.65
CA ARG D 4673 -34.90 -10.35 17.95
C ARG D 4673 -35.11 -11.42 19.00
N GLU D 4674 -35.94 -12.43 18.69
CA GLU D 4674 -36.21 -13.50 19.64
C GLU D 4674 -34.96 -14.30 19.96
N LYS D 4675 -34.14 -14.58 18.95
CA LYS D 4675 -32.90 -15.32 19.16
C LYS D 4675 -31.97 -14.58 20.09
N GLU D 4676 -31.78 -13.29 19.83
CA GLU D 4676 -30.88 -12.50 20.67
C GLU D 4676 -31.41 -12.39 22.09
N LEU D 4677 -32.72 -12.18 22.24
CA LEU D 4677 -33.30 -12.10 23.57
C LEU D 4677 -33.13 -13.42 24.33
N ALA D 4678 -33.37 -14.55 23.66
CA ALA D 4678 -33.22 -15.83 24.32
C ALA D 4678 -31.77 -16.06 24.75
N ARG D 4679 -30.82 -15.73 23.88
CA ARG D 4679 -29.41 -15.93 24.24
C ARG D 4679 -29.01 -15.05 25.41
N LYS D 4680 -29.39 -13.77 25.38
CA LYS D 4680 -28.98 -12.87 26.45
C LYS D 4680 -29.81 -13.03 27.72
N LEU D 4681 -30.91 -13.77 27.65
CA LEU D 4681 -31.67 -14.10 28.86
C LEU D 4681 -31.20 -15.40 29.49
N GLU D 4682 -30.80 -16.37 28.69
CA GLU D 4682 -30.32 -17.65 29.19
C GLU D 4682 -28.85 -17.64 29.58
N PHE D 4683 -28.01 -16.91 28.87
CA PHE D 4683 -26.58 -16.90 29.12
C PHE D 4683 -26.07 -15.67 29.82
N ASP D 4684 -26.88 -14.61 29.94
CA ASP D 4684 -26.49 -13.41 30.65
C ASP D 4684 -27.40 -13.05 31.81
N GLY D 4685 -28.55 -13.71 31.94
CA GLY D 4685 -29.49 -13.36 33.00
C GLY D 4685 -29.96 -11.93 32.89
N LEU D 4686 -30.39 -11.53 31.70
CA LEU D 4686 -30.67 -10.13 31.42
C LEU D 4686 -31.79 -9.59 32.32
N TYR D 4687 -32.85 -10.36 32.52
CA TYR D 4687 -33.97 -9.93 33.35
C TYR D 4687 -34.08 -10.75 34.63
N ILE D 4688 -33.02 -11.46 35.00
CA ILE D 4688 -32.99 -12.27 36.20
C ILE D 4688 -31.94 -11.80 37.19
N THR D 4689 -30.75 -11.43 36.70
CA THR D 4689 -29.68 -10.92 37.54
C THR D 4689 -29.27 -9.51 37.18
N GLU D 4690 -28.96 -9.25 35.90
CA GLU D 4690 -28.37 -7.98 35.52
C GLU D 4690 -29.40 -6.84 35.54
N GLN D 4691 -30.60 -7.09 35.02
CA GLN D 4691 -31.66 -6.11 34.80
C GLN D 4691 -31.25 -5.13 33.70
N PRO D 4692 -32.18 -4.67 32.88
CA PRO D 4692 -31.83 -3.70 31.83
C PRO D 4692 -31.47 -2.35 32.44
N GLY D 4693 -30.71 -1.58 31.66
CA GLY D 4693 -30.17 -0.32 32.13
C GLY D 4693 -31.13 0.85 32.16
N ASP D 4694 -32.39 0.64 31.73
CA ASP D 4694 -33.44 1.66 31.75
C ASP D 4694 -33.19 2.73 30.69
N ASP D 4695 -32.03 2.69 30.04
CA ASP D 4695 -31.74 3.52 28.89
C ASP D 4695 -31.74 2.72 27.59
N ASP D 4696 -31.90 1.40 27.67
CA ASP D 4696 -31.97 0.55 26.49
C ASP D 4696 -33.45 0.34 26.16
N VAL D 4697 -33.96 1.13 25.22
CA VAL D 4697 -35.35 0.98 24.81
C VAL D 4697 -35.59 -0.41 24.24
N LYS D 4698 -34.58 -0.99 23.59
CA LYS D 4698 -34.70 -2.34 23.06
C LYS D 4698 -35.01 -3.34 24.16
N GLY D 4699 -34.21 -3.34 25.22
CA GLY D 4699 -34.46 -4.25 26.33
C GLY D 4699 -35.75 -3.94 27.08
N GLN D 4700 -36.05 -2.65 27.27
CA GLN D 4700 -37.26 -2.28 27.98
C GLN D 4700 -38.50 -2.74 27.23
N TRP D 4701 -38.50 -2.63 25.90
CA TRP D 4701 -39.63 -3.11 25.13
C TRP D 4701 -39.66 -4.63 25.06
N ASP D 4702 -38.49 -5.28 25.02
CA ASP D 4702 -38.44 -6.73 25.07
C ASP D 4702 -38.95 -7.27 26.39
N ARG D 4703 -38.99 -6.43 27.43
CA ARG D 4703 -39.57 -6.85 28.71
C ARG D 4703 -41.03 -7.25 28.57
N LEU D 4704 -41.72 -6.80 27.52
CA LEU D 4704 -43.14 -7.05 27.34
C LEU D 4704 -43.45 -8.46 26.84
N VAL D 4705 -42.45 -9.19 26.33
CA VAL D 4705 -42.73 -10.45 25.65
C VAL D 4705 -42.38 -11.67 26.48
N LEU D 4706 -41.70 -11.50 27.62
CA LEU D 4706 -41.32 -12.66 28.42
C LEU D 4706 -42.53 -13.42 28.92
N ASN D 4707 -43.55 -12.71 29.40
CA ASN D 4707 -44.71 -13.36 29.98
C ASN D 4707 -45.61 -14.01 28.94
N THR D 4708 -45.42 -13.69 27.67
CA THR D 4708 -46.34 -14.14 26.63
C THR D 4708 -46.29 -15.66 26.48
N PRO D 4709 -47.44 -16.30 26.24
CA PRO D 4709 -47.44 -17.77 26.05
C PRO D 4709 -46.70 -18.23 24.80
N SER D 4710 -46.44 -17.34 23.85
CA SER D 4710 -45.81 -17.70 22.58
C SER D 4710 -44.61 -16.81 22.31
N PHE D 4711 -43.72 -16.69 23.29
CA PHE D 4711 -42.54 -15.84 23.13
C PHE D 4711 -41.68 -16.26 21.95
N PRO D 4712 -41.26 -17.52 21.80
CA PRO D 4712 -40.59 -17.91 20.55
C PRO D 4712 -41.58 -18.36 19.50
N SER D 4713 -41.69 -17.63 18.40
CA SER D 4713 -42.57 -18.01 17.31
C SER D 4713 -41.84 -18.21 15.99
N ASN D 4714 -40.81 -17.43 15.72
CA ASN D 4714 -39.91 -17.71 14.61
C ASN D 4714 -38.65 -18.44 15.05
N TYR D 4715 -38.14 -18.13 16.24
CA TYR D 4715 -37.00 -18.84 16.77
C TYR D 4715 -37.35 -20.31 16.99
N TRP D 4716 -36.45 -21.20 16.61
CA TRP D 4716 -36.71 -22.63 16.66
C TRP D 4716 -36.34 -23.27 17.99
N ASP D 4717 -35.88 -22.48 18.97
CA ASP D 4717 -35.53 -23.00 20.29
C ASP D 4717 -36.80 -23.00 21.14
N LYS D 4718 -37.51 -24.12 21.14
CA LYS D 4718 -38.79 -24.20 21.84
C LYS D 4718 -38.61 -24.28 23.35
N PHE D 4719 -37.49 -24.86 23.82
CA PHE D 4719 -37.27 -25.07 25.24
C PHE D 4719 -36.45 -23.95 25.88
N VAL D 4720 -36.54 -22.73 25.35
CA VAL D 4720 -35.73 -21.63 25.88
C VAL D 4720 -36.15 -21.32 27.32
N LYS D 4721 -37.46 -21.28 27.57
CA LYS D 4721 -37.94 -20.98 28.91
C LYS D 4721 -37.52 -22.06 29.90
N ARG D 4722 -37.65 -23.34 29.50
CA ARG D 4722 -37.25 -24.42 30.39
C ARG D 4722 -35.76 -24.37 30.67
N LYS D 4723 -34.95 -24.09 29.65
CA LYS D 4723 -33.50 -24.03 29.83
C LYS D 4723 -33.11 -22.89 30.77
N VAL D 4724 -33.70 -21.70 30.57
CA VAL D 4724 -33.34 -20.58 31.45
C VAL D 4724 -33.85 -20.83 32.86
N LEU D 4725 -35.00 -21.48 33.02
CA LEU D 4725 -35.47 -21.85 34.34
C LEU D 4725 -34.50 -22.81 35.01
N ASP D 4726 -34.08 -23.85 34.30
CA ASP D 4726 -33.12 -24.79 34.89
C ASP D 4726 -31.80 -24.12 35.22
N LYS D 4727 -31.42 -23.09 34.47
CA LYS D 4727 -30.14 -22.44 34.72
C LYS D 4727 -30.22 -21.48 35.92
N HIS D 4728 -31.34 -20.77 36.08
CA HIS D 4728 -31.40 -19.69 37.07
C HIS D 4728 -32.30 -19.96 38.28
N GLY D 4729 -33.03 -21.07 38.31
CA GLY D 4729 -33.97 -21.29 39.39
C GLY D 4729 -33.30 -21.50 40.74
N ASP D 4730 -32.29 -22.36 40.78
CA ASP D 4730 -31.69 -22.73 42.06
C ASP D 4730 -31.09 -21.53 42.77
N ILE D 4731 -30.83 -20.45 42.06
CA ILE D 4731 -30.31 -19.24 42.67
C ILE D 4731 -31.40 -18.20 42.89
N PHE D 4732 -32.28 -18.00 41.90
CA PHE D 4732 -33.20 -16.87 41.92
C PHE D 4732 -34.65 -17.27 42.17
N GLY D 4733 -34.88 -18.46 42.75
CA GLY D 4733 -36.22 -18.91 42.98
C GLY D 4733 -36.81 -19.54 41.73
N ARG D 4734 -37.93 -20.23 41.92
CA ARG D 4734 -38.65 -20.86 40.82
C ARG D 4734 -40.00 -20.22 40.53
N GLU D 4735 -40.76 -19.86 41.57
CA GLU D 4735 -42.01 -19.16 41.35
C GLU D 4735 -41.78 -17.79 40.70
N ARG D 4736 -40.74 -17.09 41.12
CA ARG D 4736 -40.42 -15.80 40.54
C ARG D 4736 -40.07 -15.95 39.05
N ILE D 4737 -39.27 -16.95 38.71
CA ILE D 4737 -38.92 -17.18 37.31
C ILE D 4737 -40.16 -17.58 36.52
N ALA D 4738 -41.02 -18.40 37.11
CA ALA D 4738 -42.23 -18.83 36.42
C ALA D 4738 -43.16 -17.66 36.14
N GLU D 4739 -43.31 -16.74 37.11
CA GLU D 4739 -44.17 -15.59 36.86
C GLU D 4739 -43.52 -14.60 35.90
N LEU D 4740 -42.19 -14.50 35.91
CA LEU D 4740 -41.51 -13.64 34.95
C LEU D 4740 -41.69 -14.15 33.53
N LEU D 4741 -41.62 -15.47 33.34
CA LEU D 4741 -41.73 -16.07 32.02
C LEU D 4741 -43.15 -16.48 31.68
N GLY D 4742 -44.12 -16.21 32.54
CA GLY D 4742 -45.49 -16.60 32.25
C GLY D 4742 -45.68 -18.09 32.11
N MET D 4743 -45.07 -18.86 33.00
CA MET D 4743 -45.08 -20.31 32.94
C MET D 4743 -45.72 -20.87 34.20
N ASP D 4744 -46.55 -21.90 34.03
CA ASP D 4744 -47.18 -22.58 35.15
C ASP D 4744 -46.32 -23.77 35.56
N LEU D 4745 -45.79 -23.71 36.78
CA LEU D 4745 -44.93 -24.80 37.26
C LEU D 4745 -45.71 -26.10 37.41
N ALA D 4746 -46.98 -26.03 37.79
CA ALA D 4746 -47.77 -27.25 38.01
C ALA D 4746 -47.91 -28.05 36.72
N SER D 4747 -48.15 -27.37 35.60
CA SER D 4747 -48.33 -28.06 34.33
C SER D 4747 -47.02 -28.50 33.71
N LEU D 4748 -45.87 -28.09 34.25
CA LEU D 4748 -44.59 -28.51 33.70
C LEU D 4748 -44.35 -29.99 33.88
N GLU D 4749 -44.72 -30.54 35.04
CA GLU D 4749 -44.43 -31.95 35.32
C GLU D 4749 -45.43 -32.87 34.64
N ILE D 4750 -46.71 -32.75 35.00
CA ILE D 4750 -47.73 -33.67 34.49
C ILE D 4750 -48.38 -33.11 33.23
N ASP D 4772 -53.03 -13.75 21.22
CA ASP D 4772 -52.00 -13.25 22.12
C ASP D 4772 -51.73 -11.77 21.85
N VAL D 4773 -52.58 -10.93 22.43
CA VAL D 4773 -52.54 -9.50 22.13
C VAL D 4773 -51.23 -8.88 22.60
N LYS D 4774 -50.71 -9.35 23.73
CA LYS D 4774 -49.45 -8.80 24.24
C LYS D 4774 -48.29 -9.10 23.30
N TYR D 4775 -48.21 -10.35 22.81
CA TYR D 4775 -47.18 -10.71 21.85
C TYR D 4775 -47.34 -9.92 20.55
N GLN D 4776 -48.59 -9.74 20.11
CA GLN D 4776 -48.83 -8.98 18.89
C GLN D 4776 -48.39 -7.53 19.05
N ILE D 4777 -48.65 -6.93 20.21
CA ILE D 4777 -48.22 -5.57 20.46
C ILE D 4777 -46.70 -5.48 20.44
N TRP D 4778 -46.03 -6.44 21.09
CA TRP D 4778 -44.56 -6.42 21.09
C TRP D 4778 -44.02 -6.55 19.67
N LYS D 4779 -44.58 -7.48 18.88
CA LYS D 4779 -44.11 -7.67 17.52
C LYS D 4779 -44.34 -6.42 16.69
N PHE D 4780 -45.50 -5.77 16.86
CA PHE D 4780 -45.77 -4.56 16.10
C PHE D 4780 -44.80 -3.44 16.48
N GLY D 4781 -44.47 -3.32 17.76
CA GLY D 4781 -43.46 -2.35 18.14
C GLY D 4781 -42.11 -2.63 17.51
N VAL D 4782 -41.71 -3.90 17.51
CA VAL D 4782 -40.43 -4.28 16.90
C VAL D 4782 -40.44 -3.98 15.40
N ILE D 4783 -41.56 -4.27 14.73
CA ILE D 4783 -41.67 -4.01 13.30
C ILE D 4783 -41.62 -2.51 13.02
N PHE D 4784 -42.38 -1.72 13.79
CA PHE D 4784 -42.42 -0.28 13.58
C PHE D 4784 -41.12 0.41 13.98
N THR D 4785 -40.24 -0.27 14.70
CA THR D 4785 -38.91 0.27 14.94
C THR D 4785 -37.91 -0.15 13.87
N ASP D 4786 -38.36 -0.74 12.77
CA ASP D 4786 -37.47 -1.27 11.74
C ASP D 4786 -37.29 -0.27 10.61
N ASN D 4787 -36.04 -0.02 10.23
CA ASN D 4787 -35.73 1.07 9.32
C ASN D 4787 -36.28 0.82 7.91
N SER D 4788 -36.14 -0.40 7.40
CA SER D 4788 -36.63 -0.68 6.06
C SER D 4788 -38.15 -0.59 5.98
N PHE D 4789 -38.84 -1.08 7.02
CA PHE D 4789 -40.29 -0.95 7.07
C PHE D 4789 -40.69 0.52 7.15
N LEU D 4790 -39.95 1.33 7.93
CA LEU D 4790 -40.27 2.75 8.01
C LEU D 4790 -40.03 3.45 6.68
N TYR D 4791 -38.98 3.07 5.96
CA TYR D 4791 -38.74 3.65 4.65
C TYR D 4791 -39.86 3.29 3.67
N LEU D 4792 -40.33 2.05 3.71
CA LEU D 4792 -41.43 1.67 2.82
C LEU D 4792 -42.72 2.37 3.22
N GLY D 4793 -42.93 2.59 4.51
CA GLY D 4793 -44.07 3.37 4.94
C GLY D 4793 -44.01 4.81 4.49
N TRP D 4794 -42.81 5.41 4.51
CA TRP D 4794 -42.62 6.75 3.98
C TRP D 4794 -42.89 6.79 2.48
N TYR D 4795 -42.44 5.76 1.76
CA TYR D 4795 -42.75 5.65 0.33
C TYR D 4795 -44.26 5.62 0.11
N MET D 4796 -44.96 4.84 0.91
CA MET D 4796 -46.43 4.76 0.78
C MET D 4796 -47.08 6.10 1.13
N VAL D 4797 -46.55 6.81 2.13
CA VAL D 4797 -47.13 8.10 2.52
C VAL D 4797 -46.95 9.12 1.41
N MET D 4798 -45.75 9.21 0.82
CA MET D 4798 -45.56 10.15 -0.28
C MET D 4798 -46.37 9.73 -1.51
N SER D 4799 -46.58 8.43 -1.70
CA SER D 4799 -47.43 7.99 -2.78
C SER D 4799 -48.88 8.41 -2.55
N LEU D 4800 -49.33 8.41 -1.29
CA LEU D 4800 -50.64 8.95 -0.98
C LEU D 4800 -50.71 10.43 -1.25
N LEU D 4801 -49.69 11.18 -0.84
CA LEU D 4801 -49.68 12.62 -1.03
C LEU D 4801 -49.54 13.02 -2.49
N GLY D 4802 -49.05 12.12 -3.34
CA GLY D 4802 -49.03 12.40 -4.76
C GLY D 4802 -50.40 12.68 -5.34
N HIS D 4803 -51.44 11.99 -4.84
CA HIS D 4803 -52.79 12.28 -5.29
C HIS D 4803 -53.25 13.67 -4.87
N TYR D 4804 -52.81 14.13 -3.69
CA TYR D 4804 -53.11 15.48 -3.26
C TYR D 4804 -52.37 16.52 -4.11
N ASN D 4805 -51.10 16.27 -4.41
CA ASN D 4805 -50.30 17.16 -5.24
C ASN D 4805 -49.27 16.32 -5.98
N ASN D 4806 -49.55 16.02 -7.25
CA ASN D 4806 -48.71 15.16 -8.09
C ASN D 4806 -47.22 15.38 -7.92
N PHE D 4807 -46.77 16.58 -7.62
CA PHE D 4807 -45.34 16.83 -7.54
C PHE D 4807 -44.68 16.19 -6.32
N PHE D 4808 -45.46 15.64 -5.38
CA PHE D 4808 -44.86 14.83 -4.33
C PHE D 4808 -44.26 13.55 -4.86
N PHE D 4809 -44.58 13.16 -6.08
CA PHE D 4809 -44.01 11.97 -6.69
C PHE D 4809 -42.55 12.15 -7.07
N ALA D 4810 -42.01 13.37 -6.97
CA ALA D 4810 -40.60 13.58 -7.20
C ALA D 4810 -39.74 13.14 -6.02
N ALA D 4811 -40.34 12.95 -4.85
CA ALA D 4811 -39.61 12.43 -3.70
C ALA D 4811 -39.33 10.94 -3.82
N HIS D 4812 -39.93 10.27 -4.78
CA HIS D 4812 -39.64 8.87 -5.05
C HIS D 4812 -38.43 8.67 -5.94
N LEU D 4813 -37.94 9.73 -6.58
CA LEU D 4813 -36.71 9.63 -7.35
C LEU D 4813 -35.51 9.37 -6.44
N LEU D 4814 -35.60 9.79 -5.19
CA LEU D 4814 -34.54 9.53 -4.22
C LEU D 4814 -34.37 8.04 -3.96
N ASP D 4815 -35.34 7.22 -4.35
CA ASP D 4815 -35.25 5.78 -4.20
C ASP D 4815 -34.15 5.17 -5.07
N ILE D 4816 -33.59 5.92 -6.03
CA ILE D 4816 -32.52 5.38 -6.84
C ILE D 4816 -31.28 5.11 -5.98
N ALA D 4817 -31.03 5.95 -4.98
CA ALA D 4817 -29.90 5.74 -4.09
C ALA D 4817 -30.03 4.41 -3.34
N MET D 4818 -31.23 4.11 -2.84
CA MET D 4818 -31.46 2.85 -2.14
C MET D 4818 -31.53 1.67 -3.09
N GLY D 4819 -31.93 1.89 -4.34
CA GLY D 4819 -32.09 0.81 -5.28
C GLY D 4819 -30.84 0.39 -6.02
N VAL D 4820 -30.21 1.32 -6.72
CA VAL D 4820 -29.08 1.00 -7.59
C VAL D 4820 -27.82 0.83 -6.75
N LYS D 4821 -27.17 -0.34 -6.89
CA LYS D 4821 -25.96 -0.60 -6.11
C LYS D 4821 -24.81 0.30 -6.54
N THR D 4822 -24.73 0.63 -7.83
CA THR D 4822 -23.70 1.55 -8.30
C THR D 4822 -23.86 2.93 -7.66
N LEU D 4823 -25.09 3.44 -7.64
CA LEU D 4823 -25.34 4.74 -7.03
C LEU D 4823 -25.05 4.69 -5.53
N ARG D 4824 -25.45 3.61 -4.86
CA ARG D 4824 -25.19 3.52 -3.44
C ARG D 4824 -23.69 3.47 -3.14
N THR D 4825 -22.93 2.75 -3.98
CA THR D 4825 -21.49 2.69 -3.81
C THR D 4825 -20.84 4.05 -4.05
N ILE D 4826 -21.32 4.80 -5.04
CA ILE D 4826 -20.80 6.15 -5.28
C ILE D 4826 -21.11 7.06 -4.10
N LEU D 4827 -22.33 7.00 -3.57
CA LEU D 4827 -22.71 7.85 -2.44
C LEU D 4827 -22.03 7.44 -1.14
N SER D 4828 -21.52 6.20 -1.07
CA SER D 4828 -20.74 5.81 0.09
C SER D 4828 -19.46 6.64 0.22
N SER D 4829 -18.93 7.14 -0.90
CA SER D 4829 -17.78 8.04 -0.82
C SER D 4829 -18.15 9.33 -0.09
N VAL D 4830 -19.35 9.84 -0.33
CA VAL D 4830 -19.80 11.04 0.38
C VAL D 4830 -20.07 10.73 1.84
N THR D 4831 -20.72 9.59 2.13
CA THR D 4831 -21.15 9.31 3.49
C THR D 4831 -20.05 8.71 4.37
N HIS D 4832 -18.94 8.26 3.80
CA HIS D 4832 -17.89 7.64 4.60
C HIS D 4832 -17.25 8.64 5.56
N ASN D 4833 -17.02 9.87 5.09
CA ASN D 4833 -16.46 10.95 5.91
C ASN D 4833 -17.50 12.01 6.20
N GLY D 4834 -18.74 11.58 6.48
CA GLY D 4834 -19.82 12.53 6.67
C GLY D 4834 -19.62 13.45 7.87
N LYS D 4835 -19.17 12.88 8.99
CA LYS D 4835 -18.94 13.71 10.17
C LYS D 4835 -17.81 14.70 9.93
N GLN D 4836 -16.77 14.28 9.20
CA GLN D 4836 -15.69 15.20 8.85
C GLN D 4836 -16.19 16.31 7.95
N LEU D 4837 -17.08 15.98 7.01
CA LEU D 4837 -17.66 17.02 6.15
C LEU D 4837 -18.47 18.02 6.96
N VAL D 4838 -19.28 17.52 7.89
CA VAL D 4838 -20.10 18.41 8.72
C VAL D 4838 -19.20 19.31 9.57
N MET D 4839 -18.15 18.74 10.17
CA MET D 4839 -17.24 19.55 10.97
C MET D 4839 -16.50 20.57 10.11
N THR D 4840 -16.15 20.21 8.88
CA THR D 4840 -15.49 21.16 8.00
C THR D 4840 -16.42 22.30 7.62
N VAL D 4841 -17.70 22.01 7.41
CA VAL D 4841 -18.66 23.07 7.15
C VAL D 4841 -18.80 23.99 8.37
N GLY D 4842 -18.83 23.41 9.56
CA GLY D 4842 -18.87 24.23 10.77
C GLY D 4842 -17.63 25.08 10.94
N LEU D 4843 -16.47 24.54 10.59
CA LEU D 4843 -15.24 25.30 10.63
C LEU D 4843 -15.28 26.46 9.63
N LEU D 4844 -15.81 26.20 8.44
CA LEU D 4844 -15.98 27.28 7.47
C LEU D 4844 -16.92 28.36 8.01
N ALA D 4845 -18.00 27.95 8.67
CA ALA D 4845 -18.91 28.92 9.27
C ALA D 4845 -18.23 29.76 10.34
N VAL D 4846 -17.38 29.13 11.17
CA VAL D 4846 -16.67 29.87 12.21
C VAL D 4846 -15.69 30.87 11.59
N VAL D 4847 -14.92 30.44 10.59
CA VAL D 4847 -13.93 31.35 10.03
C VAL D 4847 -14.61 32.48 9.26
N VAL D 4848 -15.74 32.21 8.61
CA VAL D 4848 -16.48 33.28 7.97
C VAL D 4848 -17.06 34.22 9.01
N TYR D 4849 -17.44 33.72 10.18
CA TYR D 4849 -17.86 34.62 11.26
C TYR D 4849 -16.72 35.54 11.68
N LEU D 4850 -15.50 34.99 11.76
CA LEU D 4850 -14.35 35.83 12.12
C LEU D 4850 -14.13 36.93 11.10
N TYR D 4851 -14.16 36.57 9.82
CA TYR D 4851 -14.02 37.59 8.78
C TYR D 4851 -15.15 38.59 8.82
N THR D 4852 -16.37 38.12 9.13
CA THR D 4852 -17.51 39.03 9.27
C THR D 4852 -17.29 40.04 10.37
N VAL D 4853 -16.76 39.59 11.51
CA VAL D 4853 -16.49 40.50 12.62
C VAL D 4853 -15.47 41.56 12.19
N VAL D 4854 -14.41 41.12 11.53
CA VAL D 4854 -13.39 42.07 11.08
C VAL D 4854 -13.98 43.08 10.11
N ALA D 4855 -14.83 42.61 9.19
CA ALA D 4855 -15.46 43.53 8.25
C ALA D 4855 -16.39 44.50 8.95
N PHE D 4856 -17.24 44.00 9.85
CA PHE D 4856 -18.20 44.85 10.53
C PHE D 4856 -17.50 45.92 11.36
N ASN D 4857 -16.28 45.64 11.82
CA ASN D 4857 -15.58 46.66 12.60
C ASN D 4857 -14.69 47.57 11.77
N PHE D 4858 -14.24 47.17 10.58
CA PHE D 4858 -13.27 47.99 9.87
C PHE D 4858 -13.58 48.32 8.41
N PHE D 4859 -14.54 47.65 7.77
CA PHE D 4859 -14.74 47.77 6.33
C PHE D 4859 -16.21 47.95 6.01
N ARG D 4860 -16.93 48.69 6.85
CA ARG D 4860 -18.37 48.84 6.66
C ARG D 4860 -18.70 49.60 5.38
N LYS D 4861 -17.82 50.50 4.96
CA LYS D 4861 -18.13 51.37 3.82
C LYS D 4861 -18.17 50.60 2.51
N PHE D 4862 -17.34 49.58 2.37
CA PHE D 4862 -17.18 48.92 1.07
C PHE D 4862 -18.34 48.02 0.71
N TYR D 4863 -19.25 47.71 1.64
CA TYR D 4863 -20.28 46.70 1.44
C TYR D 4863 -21.59 47.29 0.94
N ASN D 4864 -21.55 48.35 0.15
CA ASN D 4864 -22.76 48.96 -0.40
C ASN D 4864 -23.06 48.30 -1.74
N LYS D 4865 -24.22 47.66 -1.84
CA LYS D 4865 -24.59 46.89 -3.02
C LYS D 4865 -25.69 47.57 -3.84
N SER D 4866 -25.72 48.90 -3.82
CA SER D 4866 -26.70 49.68 -4.58
C SER D 4866 -25.95 50.64 -5.49
N GLU D 4867 -26.20 50.51 -6.80
CA GLU D 4867 -25.63 51.48 -7.74
C GLU D 4867 -26.29 52.84 -7.59
N ASP D 4868 -27.58 52.86 -7.28
CA ASP D 4868 -28.32 54.11 -7.15
C ASP D 4868 -27.89 54.86 -5.89
N GLU D 4869 -27.55 56.14 -6.05
CA GLU D 4869 -27.21 56.97 -4.91
C GLU D 4869 -28.45 57.47 -4.16
N ASP D 4870 -29.64 57.23 -4.69
CA ASP D 4870 -30.86 57.66 -4.02
C ASP D 4870 -31.01 56.95 -2.67
N GLU D 4871 -30.72 55.66 -2.63
CA GLU D 4871 -30.76 54.89 -1.39
C GLU D 4871 -29.51 54.02 -1.30
N PRO D 4872 -28.75 54.08 -0.21
CA PRO D 4872 -27.64 53.15 -0.03
C PRO D 4872 -28.15 51.81 0.48
N ASP D 4873 -27.44 50.75 0.12
CA ASP D 4873 -27.79 49.38 0.52
C ASP D 4873 -26.60 48.69 1.16
N MET D 4874 -25.94 49.38 2.08
CA MET D 4874 -24.79 48.82 2.79
C MET D 4874 -25.18 47.52 3.48
N LYS D 4875 -24.41 46.46 3.23
CA LYS D 4875 -24.75 45.13 3.72
C LYS D 4875 -23.84 44.67 4.84
N CYS D 4876 -23.21 45.59 5.56
CA CYS D 4876 -22.42 45.21 6.72
C CYS D 4876 -22.61 46.20 7.87
N ASP D 4877 -23.75 46.90 7.90
CA ASP D 4877 -24.07 47.76 9.04
C ASP D 4877 -24.69 46.98 10.19
N ASP D 4878 -24.94 45.69 9.99
CA ASP D 4878 -25.44 44.81 11.04
C ASP D 4878 -24.64 43.51 10.99
N MET D 4879 -24.36 42.95 12.16
CA MET D 4879 -23.60 41.71 12.21
C MET D 4879 -24.37 40.57 11.56
N MET D 4880 -25.68 40.52 11.78
CA MET D 4880 -26.49 39.44 11.21
C MET D 4880 -26.47 39.49 9.68
N THR D 4881 -26.75 40.68 9.12
CA THR D 4881 -26.78 40.78 7.67
C THR D 4881 -25.40 40.68 7.05
N CYS D 4882 -24.35 41.08 7.77
CA CYS D 4882 -23.00 40.94 7.21
C CYS D 4882 -22.55 39.48 7.23
N TYR D 4883 -22.92 38.73 8.27
CA TYR D 4883 -22.65 37.30 8.27
C TYR D 4883 -23.45 36.58 7.19
N LEU D 4884 -24.72 36.97 7.01
CA LEU D 4884 -25.51 36.39 5.93
C LEU D 4884 -24.89 36.70 4.57
N PHE D 4885 -24.47 37.94 4.36
CA PHE D 4885 -23.83 38.32 3.11
C PHE D 4885 -22.56 37.53 2.87
N HIS D 4886 -21.72 37.41 3.90
CA HIS D 4886 -20.49 36.64 3.74
C HIS D 4886 -20.79 35.19 3.41
N MET D 4887 -21.61 34.52 4.24
CA MET D 4887 -21.89 33.10 4.02
C MET D 4887 -22.61 32.84 2.71
N TYR D 4888 -23.31 33.84 2.17
CA TYR D 4888 -24.07 33.59 0.95
C TYR D 4888 -23.31 33.94 -0.32
N VAL D 4889 -22.49 34.99 -0.32
CA VAL D 4889 -21.83 35.41 -1.54
C VAL D 4889 -20.31 35.22 -1.52
N GLY D 4890 -19.65 35.30 -0.37
CA GLY D 4890 -18.20 35.23 -0.35
C GLY D 4890 -17.70 33.82 -0.53
N VAL D 4891 -18.49 32.83 -0.11
CA VAL D 4891 -18.10 31.44 -0.28
C VAL D 4891 -18.57 30.88 -1.61
N ARG D 4892 -19.57 31.49 -2.24
CA ARG D 4892 -20.00 31.10 -3.57
C ARG D 4892 -19.34 31.92 -4.68
N ALA D 4893 -18.55 32.93 -4.34
CA ALA D 4893 -17.79 33.69 -5.31
C ALA D 4893 -16.42 33.04 -5.53
N GLY D 4894 -15.95 33.10 -6.77
CA GLY D 4894 -14.69 32.47 -7.11
C GLY D 4894 -13.48 33.12 -6.46
N GLY D 4895 -13.51 34.45 -6.34
CA GLY D 4895 -12.43 35.20 -5.74
C GLY D 4895 -12.64 35.60 -4.30
N GLY D 4896 -13.70 35.11 -3.65
CA GLY D 4896 -13.93 35.45 -2.27
C GLY D 4896 -14.87 36.62 -2.09
N ILE D 4897 -14.68 37.41 -1.04
CA ILE D 4897 -15.57 38.53 -0.82
C ILE D 4897 -15.14 39.73 -1.67
N GLY D 4898 -13.86 39.80 -2.04
CA GLY D 4898 -13.38 40.88 -2.88
C GLY D 4898 -13.97 40.86 -4.28
N ASP D 4899 -14.57 39.75 -4.68
CA ASP D 4899 -15.35 39.73 -5.92
C ASP D 4899 -16.59 40.60 -5.79
N GLU D 4900 -17.13 40.71 -4.58
CA GLU D 4900 -18.41 41.37 -4.37
C GLU D 4900 -18.26 42.80 -3.87
N ILE D 4901 -17.35 43.05 -2.93
CA ILE D 4901 -17.32 44.36 -2.27
C ILE D 4901 -16.56 45.40 -3.08
N GLU D 4902 -16.64 46.64 -2.62
CA GLU D 4902 -16.05 47.79 -3.33
C GLU D 4902 -14.55 47.65 -3.45
N ASP D 4903 -14.02 48.16 -4.56
CA ASP D 4903 -12.58 48.15 -4.79
C ASP D 4903 -11.88 49.03 -3.76
N PRO D 4904 -10.78 48.57 -3.16
CA PRO D 4904 -10.09 49.37 -2.14
C PRO D 4904 -8.99 50.29 -2.66
N ALA D 4905 -8.82 50.43 -3.97
CA ALA D 4905 -7.76 51.28 -4.49
C ALA D 4905 -7.98 52.74 -4.11
N GLY D 4906 -6.89 53.44 -3.83
CA GLY D 4906 -6.98 54.83 -3.39
C GLY D 4906 -7.62 55.01 -2.04
N ASP D 4907 -7.27 54.17 -1.07
CA ASP D 4907 -7.85 54.21 0.26
C ASP D 4907 -6.74 54.00 1.28
N GLU D 4908 -6.95 54.53 2.48
CA GLU D 4908 -5.95 54.36 3.53
C GLU D 4908 -5.91 52.94 4.07
N TYR D 4909 -6.97 52.16 3.84
CA TYR D 4909 -7.04 50.77 4.26
C TYR D 4909 -6.79 49.80 3.11
N GLU D 4910 -6.06 50.22 2.08
CA GLU D 4910 -5.90 49.39 0.89
C GLU D 4910 -5.11 48.12 1.20
N LEU D 4911 -3.97 48.25 1.88
CA LEU D 4911 -3.17 47.07 2.20
C LEU D 4911 -3.89 46.14 3.16
N TYR D 4912 -4.55 46.70 4.17
CA TYR D 4912 -5.30 45.86 5.10
C TYR D 4912 -6.41 45.12 4.37
N ARG D 4913 -7.09 45.79 3.45
CA ARG D 4913 -8.22 45.17 2.75
C ARG D 4913 -7.77 44.15 1.71
N VAL D 4914 -6.62 44.35 1.07
CA VAL D 4914 -6.12 43.30 0.18
C VAL D 4914 -5.67 42.09 1.00
N VAL D 4915 -5.09 42.30 2.18
CA VAL D 4915 -4.79 41.18 3.06
C VAL D 4915 -6.08 40.47 3.45
N PHE D 4916 -7.11 41.23 3.79
CA PHE D 4916 -8.43 40.67 4.12
C PHE D 4916 -8.95 39.77 3.00
N ASP D 4917 -8.99 40.31 1.78
CA ASP D 4917 -9.55 39.57 0.66
C ASP D 4917 -8.71 38.34 0.30
N ILE D 4918 -7.39 38.49 0.26
CA ILE D 4918 -6.56 37.39 -0.18
C ILE D 4918 -6.47 36.30 0.88
N THR D 4919 -6.50 36.66 2.17
CA THR D 4919 -6.57 35.62 3.18
C THR D 4919 -7.90 34.89 3.11
N PHE D 4920 -9.00 35.61 2.84
CA PHE D 4920 -10.28 34.95 2.63
C PHE D 4920 -10.20 33.98 1.47
N PHE D 4921 -9.62 34.41 0.36
CA PHE D 4921 -9.49 33.57 -0.82
C PHE D 4921 -8.63 32.34 -0.55
N PHE D 4922 -7.50 32.51 0.13
CA PHE D 4922 -6.62 31.39 0.43
C PHE D 4922 -7.29 30.40 1.36
N PHE D 4923 -7.81 30.89 2.49
CA PHE D 4923 -8.26 30.00 3.54
C PHE D 4923 -9.62 29.39 3.24
N VAL D 4924 -10.58 30.21 2.84
CA VAL D 4924 -11.94 29.73 2.64
C VAL D 4924 -12.13 29.13 1.25
N ILE D 4925 -11.72 29.86 0.21
CA ILE D 4925 -12.00 29.41 -1.15
C ILE D 4925 -11.13 28.22 -1.51
N VAL D 4926 -9.86 28.25 -1.16
CA VAL D 4926 -8.90 27.24 -1.61
C VAL D 4926 -8.76 26.13 -0.59
N ILE D 4927 -8.29 26.48 0.61
CA ILE D 4927 -7.99 25.45 1.61
C ILE D 4927 -9.27 24.74 2.05
N LEU D 4928 -10.33 25.48 2.33
CA LEU D 4928 -11.50 24.90 2.97
C LEU D 4928 -12.42 24.17 1.99
N LEU D 4929 -12.21 24.30 0.69
CA LEU D 4929 -12.88 23.41 -0.27
C LEU D 4929 -11.96 22.29 -0.75
N ALA D 4930 -10.65 22.53 -0.75
CA ALA D 4930 -9.71 21.44 -0.94
C ALA D 4930 -9.84 20.40 0.15
N ILE D 4931 -10.20 20.81 1.37
CA ILE D 4931 -10.42 19.85 2.44
C ILE D 4931 -11.59 18.93 2.11
N ILE D 4932 -12.69 19.50 1.58
CA ILE D 4932 -13.85 18.69 1.23
C ILE D 4932 -13.52 17.73 0.08
N GLN D 4933 -12.86 18.25 -0.96
CA GLN D 4933 -12.50 17.40 -2.09
C GLN D 4933 -11.53 16.29 -1.66
N GLY D 4934 -10.57 16.62 -0.80
CA GLY D 4934 -9.66 15.61 -0.31
C GLY D 4934 -10.34 14.58 0.57
N LEU D 4935 -11.34 15.00 1.35
CA LEU D 4935 -12.12 14.03 2.11
C LEU D 4935 -12.82 13.04 1.20
N ILE D 4936 -13.41 13.52 0.11
CA ILE D 4936 -14.10 12.62 -0.81
C ILE D 4936 -13.12 11.69 -1.53
N ILE D 4937 -11.99 12.24 -1.99
CA ILE D 4937 -10.99 11.41 -2.68
C ILE D 4937 -10.42 10.37 -1.74
N ASP D 4938 -10.10 10.76 -0.51
CA ASP D 4938 -9.60 9.82 0.47
C ASP D 4938 -10.65 8.77 0.82
N ALA D 4939 -11.93 9.13 0.76
CA ALA D 4939 -12.98 8.12 0.95
C ALA D 4939 -12.95 7.08 -0.17
N PHE D 4940 -12.83 7.54 -1.42
CA PHE D 4940 -12.70 6.59 -2.53
C PHE D 4940 -11.54 5.64 -2.30
N GLY D 4941 -10.37 6.20 -1.98
CA GLY D 4941 -9.19 5.38 -1.78
C GLY D 4941 -9.32 4.42 -0.60
N GLU D 4942 -9.90 4.89 0.50
CA GLU D 4942 -10.04 4.05 1.68
C GLU D 4942 -11.00 2.89 1.44
N LEU D 4943 -12.12 3.15 0.76
CA LEU D 4943 -13.03 2.07 0.44
C LEU D 4943 -12.38 1.06 -0.50
N ARG D 4944 -11.62 1.55 -1.48
CA ARG D 4944 -10.93 0.64 -2.40
C ARG D 4944 -9.95 -0.25 -1.65
N ASP D 4945 -9.15 0.34 -0.76
CA ASP D 4945 -8.16 -0.48 -0.05
C ASP D 4945 -8.83 -1.40 0.97
N GLN D 4946 -9.99 -1.02 1.51
CA GLN D 4946 -10.72 -1.94 2.37
C GLN D 4946 -11.15 -3.18 1.58
N GLN D 4947 -11.70 -2.98 0.38
CA GLN D 4947 -12.08 -4.13 -0.45
C GLN D 4947 -10.86 -4.98 -0.79
N GLU D 4948 -9.75 -4.33 -1.14
CA GLU D 4948 -8.55 -5.06 -1.50
C GLU D 4948 -8.01 -5.87 -0.32
N GLN D 4949 -8.01 -5.29 0.88
CA GLN D 4949 -7.53 -5.99 2.06
C GLN D 4949 -8.42 -7.18 2.38
N VAL D 4950 -9.73 -7.02 2.26
CA VAL D 4950 -10.63 -8.15 2.52
C VAL D 4950 -10.35 -9.28 1.53
N LYS D 4951 -10.22 -8.95 0.25
CA LYS D 4951 -9.94 -9.99 -0.75
C LYS D 4951 -8.60 -10.67 -0.48
N GLU D 4952 -7.57 -9.89 -0.14
CA GLU D 4952 -6.25 -10.44 0.10
C GLU D 4952 -6.25 -11.38 1.28
N ASP D 4953 -6.88 -10.98 2.38
CA ASP D 4953 -6.95 -11.86 3.55
C ASP D 4953 -7.71 -13.13 3.24
N MET D 4954 -8.85 -13.00 2.54
CA MET D 4954 -9.66 -14.18 2.25
C MET D 4954 -8.92 -15.16 1.34
N GLU D 4955 -8.19 -14.65 0.36
CA GLU D 4955 -7.47 -15.54 -0.55
C GLU D 4955 -6.11 -15.97 -0.02
N THR D 4956 -5.64 -15.39 1.08
CA THR D 4956 -4.37 -15.80 1.67
C THR D 4956 -4.52 -16.80 2.80
N LYS D 4957 -5.52 -16.66 3.69
CA LYS D 4957 -5.66 -17.56 4.81
C LYS D 4957 -7.04 -18.22 4.80
N CYS D 4958 -7.10 -19.42 5.36
CA CYS D 4958 -8.37 -20.13 5.46
C CYS D 4958 -9.29 -19.44 6.45
N PHE D 4959 -10.58 -19.38 6.10
CA PHE D 4959 -11.54 -18.69 6.94
C PHE D 4959 -11.74 -19.42 8.27
N ILE D 4960 -11.77 -20.75 8.24
CA ILE D 4960 -12.13 -21.52 9.42
C ILE D 4960 -10.94 -21.67 10.36
N CYS D 4961 -9.82 -22.19 9.86
CA CYS D 4961 -8.69 -22.54 10.71
C CYS D 4961 -7.62 -21.45 10.76
N GLY D 4962 -7.57 -20.55 9.78
CA GLY D 4962 -6.60 -19.48 9.78
C GLY D 4962 -5.23 -19.85 9.25
N ILE D 4963 -5.00 -21.10 8.86
CA ILE D 4963 -3.72 -21.49 8.31
C ILE D 4963 -3.55 -20.88 6.93
N GLY D 4964 -2.39 -20.28 6.69
CA GLY D 4964 -2.18 -19.58 5.43
C GLY D 4964 -2.11 -20.50 4.24
N SER D 4965 -2.25 -19.90 3.06
CA SER D 4965 -2.18 -20.66 1.82
C SER D 4965 -0.77 -21.17 1.53
N ASP D 4966 0.24 -20.58 2.17
CA ASP D 4966 1.61 -21.03 1.95
C ASP D 4966 1.79 -22.48 2.39
N TYR D 4967 1.13 -22.87 3.48
CA TYR D 4967 1.22 -24.25 3.93
C TYR D 4967 0.60 -25.21 2.93
N PHE D 4968 -0.63 -24.91 2.48
CA PHE D 4968 -1.33 -25.84 1.61
C PHE D 4968 -0.80 -25.84 0.19
N ASP D 4969 -0.10 -24.79 -0.22
CA ASP D 4969 0.39 -24.70 -1.59
C ASP D 4969 1.53 -25.66 -1.89
N THR D 4970 2.08 -26.34 -0.88
CA THR D 4970 3.09 -27.35 -1.14
C THR D 4970 2.54 -28.44 -2.05
N THR D 4971 1.34 -28.89 -1.78
CA THR D 4971 0.60 -29.70 -2.73
C THR D 4971 -0.01 -28.77 -3.79
N PRO D 4972 0.16 -29.07 -5.07
CA PRO D 4972 -0.44 -28.21 -6.11
C PRO D 4972 -1.95 -28.12 -5.95
N HIS D 4973 -2.47 -26.89 -6.05
CA HIS D 4973 -3.88 -26.59 -5.82
C HIS D 4973 -4.31 -27.00 -4.41
N GLY D 4974 -3.35 -27.01 -3.47
CA GLY D 4974 -3.65 -27.46 -2.13
C GLY D 4974 -4.61 -26.54 -1.39
N PHE D 4975 -4.40 -25.23 -1.50
CA PHE D 4975 -5.29 -24.29 -0.82
C PHE D 4975 -6.68 -24.31 -1.43
N GLU D 4976 -6.76 -24.42 -2.75
CA GLU D 4976 -8.06 -24.51 -3.42
C GLU D 4976 -8.81 -25.75 -2.96
N THR D 4977 -8.12 -26.89 -2.91
CA THR D 4977 -8.75 -28.12 -2.43
C THR D 4977 -9.19 -27.99 -0.98
N HIS D 4978 -8.34 -27.40 -0.14
CA HIS D 4978 -8.66 -27.28 1.28
C HIS D 4978 -9.89 -26.40 1.50
N THR D 4979 -9.97 -25.26 0.82
CA THR D 4979 -11.09 -24.36 1.03
C THR D 4979 -12.36 -24.87 0.36
N LEU D 4980 -12.25 -25.57 -0.77
CA LEU D 4980 -13.44 -26.07 -1.44
C LEU D 4980 -14.02 -27.31 -0.75
N GLU D 4981 -13.15 -28.17 -0.19
CA GLU D 4981 -13.60 -29.45 0.33
C GLU D 4981 -13.42 -29.60 1.83
N GLU D 4982 -12.21 -29.36 2.34
CA GLU D 4982 -11.93 -29.70 3.72
C GLU D 4982 -12.59 -28.72 4.70
N HIS D 4983 -12.50 -27.42 4.43
CA HIS D 4983 -12.97 -26.39 5.35
C HIS D 4983 -13.93 -25.45 4.65
N ASN D 4984 -14.92 -26.00 3.96
CA ASN D 4984 -15.92 -25.19 3.29
C ASN D 4984 -16.91 -24.63 4.30
N LEU D 4985 -16.93 -23.29 4.43
CA LEU D 4985 -17.89 -22.66 5.32
C LEU D 4985 -19.32 -22.96 4.90
N ALA D 4986 -19.55 -23.12 3.58
CA ALA D 4986 -20.85 -23.58 3.12
C ALA D 4986 -21.17 -24.95 3.70
N ASN D 4987 -20.18 -25.84 3.76
CA ASN D 4987 -20.39 -27.15 4.35
C ASN D 4987 -20.72 -27.04 5.83
N TYR D 4988 -20.07 -26.13 6.55
CA TYR D 4988 -20.40 -25.94 7.96
C TYR D 4988 -21.84 -25.45 8.13
N MET D 4989 -22.27 -24.51 7.28
CA MET D 4989 -23.66 -24.05 7.34
C MET D 4989 -24.63 -25.18 7.05
N PHE D 4990 -24.31 -26.00 6.03
CA PHE D 4990 -25.18 -27.12 5.69
C PHE D 4990 -25.23 -28.13 6.83
N PHE D 4991 -24.11 -28.34 7.53
CA PHE D 4991 -24.11 -29.25 8.65
C PHE D 4991 -24.97 -28.71 9.80
N LEU D 4992 -24.95 -27.40 10.02
CA LEU D 4992 -25.86 -26.84 11.01
C LEU D 4992 -27.31 -27.04 10.60
N MET D 4993 -27.63 -26.87 9.32
CA MET D 4993 -28.99 -27.18 8.85
C MET D 4993 -29.33 -28.63 9.13
N TYR D 4994 -28.40 -29.53 8.84
CA TYR D 4994 -28.62 -30.96 9.05
C TYR D 4994 -28.90 -31.26 10.51
N LEU D 4995 -28.10 -30.68 11.41
CA LEU D 4995 -28.30 -30.89 12.84
C LEU D 4995 -29.66 -30.35 13.29
N ILE D 4996 -30.01 -29.14 12.84
CA ILE D 4996 -31.26 -28.54 13.29
C ILE D 4996 -32.46 -29.33 12.80
N ASN D 4997 -32.42 -29.81 11.56
CA ASN D 4997 -33.55 -30.49 10.97
C ASN D 4997 -33.58 -31.99 11.29
N LYS D 4998 -32.52 -32.54 11.88
CA LYS D 4998 -32.52 -33.93 12.26
C LYS D 4998 -33.00 -34.10 13.70
N ASP D 4999 -33.81 -35.13 13.93
CA ASP D 4999 -34.29 -35.42 15.27
C ASP D 4999 -33.12 -35.84 16.16
N GLU D 5000 -33.17 -35.42 17.42
CA GLU D 5000 -32.04 -35.64 18.33
C GLU D 5000 -31.86 -37.10 18.67
N THR D 5001 -32.95 -37.88 18.65
CA THR D 5001 -32.84 -39.29 19.03
C THR D 5001 -32.00 -40.07 18.03
N GLU D 5002 -31.94 -39.63 16.78
CA GLU D 5002 -31.20 -40.34 15.75
C GLU D 5002 -29.85 -39.68 15.44
N HIS D 5003 -29.40 -38.75 16.28
CA HIS D 5003 -28.06 -38.21 16.12
C HIS D 5003 -27.02 -39.28 16.42
N THR D 5004 -25.96 -39.31 15.60
CA THR D 5004 -24.82 -40.16 15.91
C THR D 5004 -24.01 -39.54 17.02
N GLY D 5005 -22.90 -40.18 17.39
CA GLY D 5005 -22.11 -39.69 18.50
C GLY D 5005 -21.50 -38.32 18.23
N GLN D 5006 -20.88 -38.16 17.08
CA GLN D 5006 -20.28 -36.88 16.74
C GLN D 5006 -21.34 -35.81 16.50
N GLU D 5007 -22.47 -36.19 15.90
CA GLU D 5007 -23.57 -35.25 15.73
C GLU D 5007 -24.09 -34.77 17.08
N SER D 5008 -24.24 -35.67 18.04
CA SER D 5008 -24.67 -35.28 19.38
C SER D 5008 -23.64 -34.41 20.07
N TYR D 5009 -22.36 -34.72 19.89
CA TYR D 5009 -21.30 -33.91 20.48
C TYR D 5009 -21.37 -32.48 19.96
N VAL D 5010 -21.50 -32.32 18.65
CA VAL D 5010 -21.59 -30.98 18.06
C VAL D 5010 -22.90 -30.30 18.49
N TRP D 5011 -23.98 -31.07 18.58
CA TRP D 5011 -25.26 -30.50 18.98
C TRP D 5011 -25.20 -29.96 20.40
N LYS D 5012 -24.55 -30.70 21.31
CA LYS D 5012 -24.40 -30.22 22.68
C LYS D 5012 -23.50 -28.99 22.72
N MET D 5013 -22.38 -29.00 22.02
CA MET D 5013 -21.50 -27.84 22.02
C MET D 5013 -22.21 -26.62 21.43
N TYR D 5014 -23.11 -26.85 20.48
CA TYR D 5014 -23.87 -25.76 19.87
C TYR D 5014 -24.93 -25.22 20.83
N GLN D 5015 -25.61 -26.12 21.56
CA GLN D 5015 -26.57 -25.67 22.55
C GLN D 5015 -25.91 -24.90 23.68
N GLU D 5016 -24.67 -25.22 24.00
CA GLU D 5016 -23.94 -24.49 25.03
C GLU D 5016 -23.23 -23.26 24.49
N ARG D 5017 -23.37 -22.96 23.20
CA ARG D 5017 -22.74 -21.81 22.57
C ARG D 5017 -21.22 -21.81 22.74
N CYS D 5018 -20.61 -22.99 22.63
CA CYS D 5018 -19.17 -23.17 22.74
C CYS D 5018 -18.63 -23.58 21.38
N TRP D 5019 -17.85 -22.70 20.77
CA TRP D 5019 -17.33 -22.94 19.43
C TRP D 5019 -15.90 -23.49 19.50
N ASP D 5020 -15.76 -24.61 20.22
CA ASP D 5020 -14.50 -25.31 20.31
C ASP D 5020 -14.44 -26.52 19.39
N PHE D 5021 -15.50 -26.80 18.63
CA PHE D 5021 -15.46 -27.84 17.62
C PHE D 5021 -15.01 -27.33 16.27
N PHE D 5022 -14.82 -26.02 16.11
CA PHE D 5022 -14.24 -25.49 14.90
C PHE D 5022 -12.72 -25.65 14.95
N PRO D 5023 -12.11 -26.30 13.97
CA PRO D 5023 -10.65 -26.48 14.02
C PRO D 5023 -9.92 -25.16 13.90
N ALA D 5024 -9.27 -24.74 14.98
CA ALA D 5024 -8.57 -23.45 15.03
C ALA D 5024 -7.08 -23.71 14.92
N GLY D 5025 -6.49 -23.34 13.78
CA GLY D 5025 -5.08 -23.53 13.56
C GLY D 5025 -4.67 -24.96 13.25
N ASP D 5026 -5.63 -25.86 13.08
CA ASP D 5026 -5.33 -27.26 12.84
C ASP D 5026 -6.22 -27.78 11.72
N CYS D 5027 -5.74 -28.79 11.02
CA CYS D 5027 -6.49 -29.39 9.93
C CYS D 5027 -6.10 -30.86 9.80
N PHE D 5028 -6.85 -31.57 8.96
CA PHE D 5028 -6.60 -32.99 8.74
C PHE D 5028 -5.21 -33.22 8.15
N ARG D 5029 -4.82 -32.40 7.17
CA ARG D 5029 -3.49 -32.52 6.57
C ARG D 5029 -2.40 -32.30 7.60
N LYS D 5030 -2.52 -31.23 8.40
CA LYS D 5030 -1.50 -30.95 9.39
C LYS D 5030 -1.45 -32.03 10.46
N GLN D 5031 -2.59 -32.64 10.78
CA GLN D 5031 -2.61 -33.66 11.82
C GLN D 5031 -2.02 -34.97 11.34
N TYR D 5032 -2.33 -35.39 10.11
CA TYR D 5032 -1.88 -36.68 9.60
C TYR D 5032 -0.82 -36.54 8.51
N GLU D 5033 -0.06 -35.44 8.55
CA GLU D 5033 1.04 -35.25 7.61
C GLU D 5033 2.03 -36.39 7.68
N ASP D 5034 2.37 -36.84 8.90
CA ASP D 5034 3.35 -37.91 9.04
C ASP D 5034 2.88 -39.19 8.36
N GLN D 5035 1.61 -39.54 8.55
CA GLN D 5035 1.11 -40.80 7.98
C GLN D 5035 0.90 -40.68 6.48
N LEU D 5036 0.37 -39.54 6.01
CA LEU D 5036 0.11 -39.38 4.59
C LEU D 5036 1.40 -39.29 3.78
N SER D 5037 2.41 -38.62 4.33
CA SER D 5037 3.68 -38.46 3.63
C SER D 5037 4.60 -39.67 3.86
#